data_8Q72
#
_entry.id   8Q72
#
_cell.length_a   1.00
_cell.length_b   1.00
_cell.length_c   1.00
_cell.angle_alpha   90.00
_cell.angle_beta   90.00
_cell.angle_gamma   90.00
#
_symmetry.space_group_name_H-M   'P 1'
#
loop_
_entity.id
_entity.type
_entity.pdbx_description
1 polymer JetC
2 polymer JetB
3 polymer JetA
4 polymer JetD(E248A)
5 polymer 'Circular plasmid DNA (1840-MER)'
6 non-polymer "ADENOSINE-5'-DIPHOSPHATE"
#
loop_
_entity_poly.entity_id
_entity_poly.type
_entity_poly.pdbx_seq_one_letter_code
_entity_poly.pdbx_strand_id
1 'polypeptide(L)'
;MNQVSGLAGKESFILTRIELFNWGGFHGLHQAAIHQDGTAVIGPTGSGKTTLVDALMTLLCANPRYNLASTGGHESDRDL
ISYVRGVSGPGDGGEGQSHIARPGKTVTGIAATLEREGKQVRLGALLWFDSTSSSVTDMKRLWLFSDNPGQTLEHWLNVY
HEGGTRLLRQMEKEAIGLWTYPNKKQYLARLRDFFEVGENAFTLLNRAAGLKQLNSIDEIFRELVLDDHSAFDRAAEVAN
SFDGLTEIHQELETARKQQQSLQPVALSWEKYQKQERQLADWLTLESLLPLWFAQQASHLWREKINLLNARLAEAQTSEE
QLQSQLDLQKKVVSDCMQRYLQVGGANIDELNERIKDWQKTLGSREALARQYQQLTRNLGLPSDLSQPQLEANQHEAEAR
CEQIAVDIKLKQEEAYQKGALSHHITEELRERENERAEIARRPDSNLPAHYQAFRSELAKALNVDESELPFVAELIQVKP
EEAQWRGAIERAVGSNRLRILVAPESAQEALRWVNQRNNRLHVRLLEVKLPHSPARFFDDGFTRKLLWKDHPWREAVKAL
LAESDRHCVDSPEQLHDTPHAMTVQGLMSGKQRFYDKHDQKRLDEDWLTGFDNRDRLNFLAKEIATLQEQVKTANAAFEF
AKGEVGLLQNQAASFQKIEQIDFDSIDVPGAKSQLDALRERLENLTRPDSDASVAKAKLDEAQTIESELDKQLRAANKVT
NVLDTELTLARAAERKAQQTAQQGMKEEERELCASHFPVVTLEQLPDIRDLERQHERGIQHEIERVKAELHRLNIELTKR
MSEAKRVDTGALVEAGADLDDIPVYLQRLQELTEEALPEKLNRFLDYLNRSSDDGVTQLLSHIEHEVLVIEERLNELNET
MFRVDFQPDRYLRLDTKKVVHESLRTLEKAQRQLNAARFVDDNGESHYKALQVLVAQLRDACERNRTLGAKALLDPRFRL
EFAVSVMDRQSGNVIESRTGSQGGSGGEKEIIASYVLTASLSYALCPAGSRYPLFGTIILDEAFSRSSHAVAGRIIAALR
EFGLHAVFITPNKEMRLLRDHTRSAIVVHRRGQNSNMASLSWEELERHYQRRGNAG
;
A,B,F,G
2 'polypeptide(L)'
;MAGFFDKLINRSVTANAGCEPEPSDEEVTDESVEDSLASSETRTLQKIREATQELLKYGLLEEASKPNLYRIVLSHPEEV
TRILEPLDLDIGIDEIRGLLYVKVRLDETPAQDEWAHPLVRRQRLNLEQSLLVAILRQHFVAWEQESGTGASQAQIAIDD
LLPQLQIYLGDPGSESKERTRLLTLLDQLKGHGLVTSPDAHERIVIRPIIAHLADPINLQALLAWLREQIAQQTSPNDAP
EKDSSEEDVG
;
C,D,H,I
3 'polypeptide(L)'
;GPAAMEENTRQRTENYISAKNQHPAWILLATRRAPLVLSCLKTLFEKSHDGIPLEEAIQSLSSILIEHVSQEQYDINQDN
PFLQASRELREWIKRRLIVERDGRIFATDALEVAITFVESLDNRFMTSTASRLSTVQREIENLETRLNPNPANRVATLRR
RISELERELQEAEAGHIEVLETHQAVEHIRDVYNLASSLRADFRRVEDSWREADRALRQSIIGEQYHRGDIVERLLNDQD
ALLNTPEGRVFDSFQQQLRQSSELKAMSERLRVILSHPSASDALNRLQRHDLRWLVKRLVDESQTVLQARARSERDVRGF
MKTGLAAEHHRVGHLLNEFLNLALKLDWQRQMIRKQEVPLPAVGVAVTGIPAIERLRFKEVDDEAEQTLDLSNHAADLTQ
IGDDFWDAFNGLDREVLIQQTLQLLAKENRPVGLAELAELLPPAHDLETFAVWIGMAREAGIEVIDSQREFAELSDGEGR
RWRFNLPTTGLESQALMDIDWEG
;
E,J
4 'polypeptide(L)'
;MYSPDELREKLARQWDSAKLRAERLLSPGNWPLCLPIGKPSTKIFAEQTQRVLQHVQRWRQVAVGHVEWEAVSFRASDTP
VLMPLRWILNSPSEWINAAADPVVSREFRLLEGIIEQVNPIFHPLLVKHRSLWRHKDPQGVISAATLACRLEPGCAKGLP
LRLLSGQGVDTKFIENNISLLTRLLDVRFSGEASEQGLTTFLDAFDESSHWVLVVPLSPGLLPFKKCRVTTAELAETTLP
ASQVLVVANEQCLHHLPALSDTIAILGCGLDVQWLSSSVLDEKRVAYWGDMDSWGLLMLARARRCRPTLDALLMNRELFE
QYASHSAVPEPVIAKEAVPDGLLNEEADFYRYLTRLPRGRLEQEFLPVGIAEEALLRWGKESGSLEVLFQ
;
M,N
5 'polydeoxyribonucleotide'
;(DA)(DT)(DA)(DT)(DA)(DT)(DA)(DT)(DA)(DT)(DA)(DT)(DA)(DT)(DA)(DT)(DA)(DT)(DA)(DT)
(DA)(DT)(DA)(DT)(DA)(DT)(DA)(DT)(DA)(DT)(DA)(DT)(DA)(DT)(DA)(DT)(DA)(DT)(DA)(DT)
;
P,Q,R,S
#
loop_
_chem_comp.id
_chem_comp.type
_chem_comp.name
_chem_comp.formula
ADP non-polymer ADENOSINE-5'-DIPHOSPHATE 'C10 H15 N5 O10 P2'
DA DNA linking 2'-DEOXYADENOSINE-5'-MONOPHOSPHATE 'C10 H14 N5 O6 P'
DT DNA linking THYMIDINE-5'-MONOPHOSPHATE 'C10 H15 N2 O8 P'
#
# COMPACT_ATOMS: atom_id res chain seq x y z
N MET A 1 -45.70 -35.48 -52.11
CA MET A 1 -45.69 -34.25 -51.25
C MET A 1 -46.71 -34.38 -50.12
N ASN A 2 -47.82 -35.09 -50.40
CA ASN A 2 -48.88 -35.20 -49.41
C ASN A 2 -48.41 -35.88 -48.14
N GLN A 3 -47.33 -36.67 -48.22
CA GLN A 3 -46.87 -37.42 -47.05
C GLN A 3 -46.31 -36.50 -45.97
N VAL A 4 -45.78 -35.33 -46.36
CA VAL A 4 -45.21 -34.43 -45.37
C VAL A 4 -46.28 -33.96 -44.39
N SER A 5 -47.51 -33.79 -44.88
CA SER A 5 -48.66 -33.46 -44.04
C SER A 5 -49.52 -34.66 -43.71
N GLY A 6 -49.17 -35.85 -44.19
CA GLY A 6 -49.94 -37.05 -43.92
C GLY A 6 -50.29 -37.27 -42.47
N LEU A 7 -49.56 -36.64 -41.55
CA LEU A 7 -49.92 -36.70 -40.14
C LEU A 7 -51.29 -36.08 -39.88
N ALA A 8 -51.79 -35.26 -40.80
CA ALA A 8 -53.13 -34.69 -40.64
C ALA A 8 -54.17 -35.79 -40.56
N GLY A 9 -55.17 -35.58 -39.70
CA GLY A 9 -56.17 -36.59 -39.46
C GLY A 9 -55.71 -37.61 -38.45
N LYS A 10 -54.45 -38.03 -38.57
CA LYS A 10 -53.90 -39.00 -37.63
C LYS A 10 -53.83 -38.44 -36.21
N GLU A 11 -53.32 -37.22 -36.05
CA GLU A 11 -52.93 -36.73 -34.75
C GLU A 11 -53.80 -35.55 -34.33
N SER A 12 -53.85 -34.48 -35.11
CA SER A 12 -54.18 -33.19 -34.52
C SER A 12 -55.46 -32.60 -35.09
N PHE A 13 -56.02 -31.65 -34.32
CA PHE A 13 -56.98 -30.71 -34.87
C PHE A 13 -56.27 -29.70 -35.76
N ILE A 14 -57.04 -29.05 -36.63
CA ILE A 14 -56.50 -28.11 -37.60
C ILE A 14 -57.46 -26.94 -37.74
N LEU A 15 -56.94 -25.82 -38.22
CA LEU A 15 -57.76 -24.64 -38.48
C LEU A 15 -58.04 -24.53 -39.97
N THR A 16 -59.31 -24.38 -40.33
CA THR A 16 -59.73 -24.51 -41.71
C THR A 16 -60.44 -23.26 -42.24
N ARG A 17 -61.31 -22.67 -41.43
CA ARG A 17 -62.30 -21.73 -41.95
C ARG A 17 -62.57 -20.65 -40.92
N ILE A 18 -62.55 -19.40 -41.35
CA ILE A 18 -62.71 -18.24 -40.48
C ILE A 18 -63.92 -17.45 -40.95
N GLU A 19 -64.85 -17.18 -40.03
CA GLU A 19 -66.02 -16.35 -40.32
C GLU A 19 -65.81 -14.99 -39.65
N LEU A 20 -66.04 -13.92 -40.41
CA LEU A 20 -65.86 -12.56 -39.93
C LEU A 20 -67.12 -11.75 -40.21
N PHE A 21 -67.45 -10.82 -39.30
CA PHE A 21 -68.58 -9.94 -39.50
C PHE A 21 -68.32 -8.62 -38.79
N ASN A 22 -68.19 -7.55 -39.56
CA ASN A 22 -68.01 -6.20 -39.00
C ASN A 22 -66.76 -6.13 -38.12
N TRP A 23 -65.73 -6.86 -38.52
CA TRP A 23 -64.43 -6.82 -37.86
C TRP A 23 -63.44 -6.07 -38.74
N GLY A 24 -62.60 -5.26 -38.12
CA GLY A 24 -61.60 -4.52 -38.88
C GLY A 24 -62.26 -3.78 -40.02
N GLY A 25 -61.53 -3.62 -41.12
CA GLY A 25 -62.06 -2.94 -42.28
C GLY A 25 -62.89 -3.82 -43.19
N PHE A 26 -63.65 -4.75 -42.59
CA PHE A 26 -64.61 -5.57 -43.32
C PHE A 26 -66.02 -5.27 -42.82
N HIS A 27 -66.99 -5.40 -43.73
CA HIS A 27 -68.38 -5.13 -43.44
C HIS A 27 -69.24 -6.29 -43.93
N GLY A 28 -70.37 -6.50 -43.26
CA GLY A 28 -71.20 -7.64 -43.58
C GLY A 28 -70.47 -8.94 -43.27
N LEU A 29 -70.91 -10.00 -43.94
CA LEU A 29 -70.27 -11.30 -43.77
C LEU A 29 -69.12 -11.45 -44.76
N HIS A 30 -68.11 -12.21 -44.36
CA HIS A 30 -66.99 -12.56 -45.22
C HIS A 30 -66.48 -13.92 -44.79
N GLN A 31 -65.79 -14.61 -45.69
CA GLN A 31 -65.28 -15.93 -45.40
C GLN A 31 -63.93 -16.15 -46.05
N ALA A 32 -63.19 -17.10 -45.48
CA ALA A 32 -62.00 -17.67 -46.09
C ALA A 32 -61.92 -19.13 -45.70
N ALA A 33 -61.28 -19.92 -46.55
CA ALA A 33 -61.06 -21.34 -46.29
C ALA A 33 -59.58 -21.62 -46.40
N ILE A 34 -59.11 -22.60 -45.63
CA ILE A 34 -57.71 -22.95 -45.56
C ILE A 34 -57.57 -24.42 -45.92
N HIS A 35 -56.82 -24.70 -46.99
CA HIS A 35 -56.64 -26.06 -47.46
C HIS A 35 -55.83 -26.86 -46.44
N GLN A 36 -56.12 -28.16 -46.38
CA GLN A 36 -55.59 -28.97 -45.27
C GLN A 36 -54.07 -29.07 -45.29
N ASP A 37 -53.44 -28.70 -46.40
CA ASP A 37 -51.99 -28.76 -46.51
C ASP A 37 -51.32 -27.39 -46.39
N GLY A 38 -51.95 -26.45 -45.71
CA GLY A 38 -51.40 -25.13 -45.55
C GLY A 38 -51.87 -24.17 -46.63
N THR A 39 -51.42 -22.93 -46.53
CA THR A 39 -51.88 -21.89 -47.42
C THR A 39 -51.11 -20.61 -47.13
N ALA A 40 -51.08 -19.73 -48.13
CA ALA A 40 -50.53 -18.40 -47.98
C ALA A 40 -51.64 -17.37 -48.18
N VAL A 41 -51.43 -16.19 -47.61
CA VAL A 41 -52.36 -15.06 -47.74
C VAL A 41 -51.61 -13.95 -48.47
N ILE A 42 -52.24 -13.39 -49.50
CA ILE A 42 -51.56 -12.49 -50.42
C ILE A 42 -52.47 -11.31 -50.74
N GLY A 43 -51.86 -10.14 -50.89
CA GLY A 43 -52.56 -8.90 -51.14
C GLY A 43 -51.65 -7.73 -50.84
N PRO A 44 -51.82 -6.62 -51.55
CA PRO A 44 -50.88 -5.51 -51.40
C PRO A 44 -50.96 -4.91 -50.01
N THR A 45 -49.88 -4.25 -49.60
CA THR A 45 -49.85 -3.56 -48.33
C THR A 45 -51.12 -2.70 -48.19
N GLY A 46 -51.69 -2.67 -47.00
CA GLY A 46 -53.01 -2.09 -46.81
C GLY A 46 -54.15 -3.01 -47.16
N SER A 47 -53.88 -4.27 -47.49
CA SER A 47 -54.94 -5.20 -47.88
C SER A 47 -55.74 -5.66 -46.67
N GLY A 48 -55.07 -6.01 -45.58
CA GLY A 48 -55.78 -6.48 -44.40
C GLY A 48 -55.12 -7.65 -43.71
N LYS A 49 -54.05 -8.20 -44.28
CA LYS A 49 -53.46 -9.42 -43.74
C LYS A 49 -53.14 -9.29 -42.26
N THR A 50 -52.51 -8.18 -41.87
CA THR A 50 -52.20 -7.98 -40.46
C THR A 50 -53.47 -7.98 -39.62
N THR A 51 -54.60 -7.57 -40.21
CA THR A 51 -55.89 -7.69 -39.56
C THR A 51 -56.41 -9.13 -39.54
N LEU A 52 -56.26 -9.87 -40.63
CA LEU A 52 -56.76 -11.23 -40.66
C LEU A 52 -56.02 -12.12 -39.67
N VAL A 53 -54.75 -11.79 -39.39
CA VAL A 53 -54.02 -12.56 -38.39
C VAL A 53 -54.63 -12.35 -37.01
N ASP A 54 -54.70 -11.10 -36.58
CA ASP A 54 -55.27 -10.80 -35.26
C ASP A 54 -56.69 -11.33 -35.14
N ALA A 55 -57.47 -11.28 -36.23
CA ALA A 55 -58.86 -11.70 -36.16
C ALA A 55 -59.00 -13.13 -35.65
N LEU A 56 -57.95 -13.92 -35.69
CA LEU A 56 -57.92 -15.24 -35.07
C LEU A 56 -57.30 -15.20 -33.69
N MET A 57 -56.44 -14.21 -33.42
CA MET A 57 -55.65 -14.22 -32.19
C MET A 57 -56.55 -14.16 -30.96
N THR A 58 -57.62 -13.38 -31.02
CA THR A 58 -58.47 -13.19 -29.85
C THR A 58 -58.91 -14.52 -29.24
N LEU A 59 -59.31 -15.47 -30.07
CA LEU A 59 -59.87 -16.72 -29.56
C LEU A 59 -58.86 -17.52 -28.76
N LEU A 60 -57.55 -17.30 -28.97
CA LEU A 60 -56.54 -18.18 -28.40
C LEU A 60 -55.77 -17.55 -27.23
N CYS A 61 -55.61 -16.24 -27.20
CA CYS A 61 -54.77 -15.59 -26.19
C CYS A 61 -55.57 -14.54 -25.45
N ALA A 62 -55.21 -14.33 -24.19
CA ALA A 62 -55.86 -13.31 -23.38
C ALA A 62 -55.26 -11.92 -23.59
N ASN A 63 -54.13 -11.82 -24.26
CA ASN A 63 -53.40 -10.55 -24.40
C ASN A 63 -52.96 -10.38 -25.85
N PRO A 64 -53.90 -10.08 -26.75
CA PRO A 64 -53.55 -9.88 -28.16
C PRO A 64 -52.64 -8.68 -28.36
N ARG A 65 -51.44 -8.94 -28.88
CA ARG A 65 -50.52 -7.89 -29.30
C ARG A 65 -50.75 -7.59 -30.78
N TYR A 66 -51.77 -6.78 -31.03
CA TYR A 66 -52.19 -6.50 -32.39
C TYR A 66 -51.04 -5.88 -33.18
N ASN A 67 -50.87 -6.33 -34.42
CA ASN A 67 -49.88 -5.76 -35.34
C ASN A 67 -48.48 -5.82 -34.72
N LEU A 68 -48.11 -7.01 -34.24
CA LEU A 68 -46.79 -7.19 -33.63
C LEU A 68 -45.70 -7.31 -34.68
N ALA A 69 -46.03 -7.87 -35.86
CA ALA A 69 -44.99 -8.26 -36.80
C ALA A 69 -44.16 -7.08 -37.26
N SER A 70 -44.79 -5.95 -37.58
CA SER A 70 -44.07 -4.77 -38.04
C SER A 70 -43.67 -3.85 -36.90
N THR A 71 -43.95 -4.23 -35.64
CA THR A 71 -43.73 -3.34 -34.51
C THR A 71 -43.13 -4.01 -33.29
N GLY A 72 -42.67 -5.25 -33.36
CA GLY A 72 -42.12 -5.93 -32.20
C GLY A 72 -41.07 -5.10 -31.51
N GLY A 73 -41.37 -4.63 -30.31
CA GLY A 73 -40.47 -3.78 -29.56
C GLY A 73 -41.18 -2.61 -28.90
N HIS A 74 -42.32 -2.20 -29.45
CA HIS A 74 -43.10 -1.11 -28.89
C HIS A 74 -44.58 -1.46 -28.98
N GLU A 75 -45.38 -0.75 -28.19
CA GLU A 75 -46.78 -1.12 -28.00
C GLU A 75 -47.55 -0.99 -29.31
N SER A 76 -48.60 -1.81 -29.42
CA SER A 76 -49.42 -1.82 -30.63
C SER A 76 -50.18 -0.51 -30.79
N ASP A 77 -50.23 -0.03 -32.02
CA ASP A 77 -50.98 1.17 -32.38
C ASP A 77 -52.48 0.90 -32.46
N ARG A 78 -52.93 -0.27 -31.99
CA ARG A 78 -54.29 -0.73 -32.22
C ARG A 78 -54.81 -1.40 -30.96
N ASP A 79 -56.13 -1.58 -30.90
CA ASP A 79 -56.76 -2.18 -29.73
C ASP A 79 -58.09 -2.80 -30.16
N LEU A 80 -58.71 -3.52 -29.22
CA LEU A 80 -59.98 -4.17 -29.50
C LEU A 80 -61.04 -3.14 -29.89
N ILE A 81 -61.06 -2.01 -29.18
CA ILE A 81 -62.02 -0.95 -29.48
C ILE A 81 -61.92 -0.53 -30.94
N SER A 82 -60.74 -0.05 -31.34
CA SER A 82 -60.58 0.47 -32.70
C SER A 82 -61.02 -0.54 -33.75
N TYR A 83 -60.61 -1.79 -33.59
CA TYR A 83 -61.03 -2.82 -34.54
C TYR A 83 -62.55 -2.94 -34.55
N VAL A 84 -63.17 -3.10 -33.38
CA VAL A 84 -64.60 -3.36 -33.34
C VAL A 84 -65.37 -2.20 -33.96
N ARG A 85 -64.98 -0.98 -33.62
CA ARG A 85 -65.64 0.21 -34.18
C ARG A 85 -65.26 0.46 -35.62
N GLY A 86 -64.32 -0.28 -36.18
CA GLY A 86 -63.90 -0.06 -37.55
C GLY A 86 -63.19 1.27 -37.74
N VAL A 87 -62.33 1.64 -36.80
CA VAL A 87 -61.58 2.89 -36.89
C VAL A 87 -60.43 2.71 -37.86
N SER A 88 -60.41 3.52 -38.92
CA SER A 88 -59.34 3.44 -39.90
C SER A 88 -58.08 4.17 -39.47
N GLY A 89 -58.19 5.13 -38.56
CA GLY A 89 -57.04 5.90 -38.13
C GLY A 89 -56.41 6.61 -39.31
N PRO A 90 -55.09 6.80 -39.27
CA PRO A 90 -54.40 7.40 -40.43
C PRO A 90 -54.72 6.69 -41.73
N GLY A 91 -55.20 5.44 -41.65
CA GLY A 91 -55.59 4.70 -42.83
C GLY A 91 -56.97 5.02 -43.36
N ASP A 92 -57.59 6.10 -42.88
CA ASP A 92 -58.90 6.48 -43.38
C ASP A 92 -58.89 6.83 -44.86
N GLY A 93 -57.78 7.33 -45.38
CA GLY A 93 -57.66 7.61 -46.79
C GLY A 93 -57.87 9.06 -47.18
N GLY A 94 -57.52 10.00 -46.32
CA GLY A 94 -57.65 11.41 -46.66
C GLY A 94 -58.11 12.28 -45.50
N GLU A 95 -58.71 11.67 -44.48
CA GLU A 95 -59.19 12.40 -43.32
C GLU A 95 -58.09 12.44 -42.25
N GLY A 96 -58.28 13.31 -41.27
CA GLY A 96 -57.35 13.41 -40.16
C GLY A 96 -57.52 12.27 -39.18
N GLN A 97 -57.25 11.05 -39.63
CA GLN A 97 -57.46 9.84 -38.83
C GLN A 97 -58.81 9.91 -38.12
N SER A 98 -59.85 10.29 -38.86
CA SER A 98 -61.17 10.54 -38.29
C SER A 98 -62.21 9.49 -38.68
N HIS A 99 -62.00 8.75 -39.77
CA HIS A 99 -63.02 7.82 -40.24
C HIS A 99 -63.37 6.81 -39.15
N ILE A 100 -64.67 6.58 -38.98
CA ILE A 100 -65.18 5.54 -38.08
C ILE A 100 -66.43 4.97 -38.72
N ALA A 101 -66.36 3.71 -39.15
CA ALA A 101 -67.43 3.15 -39.97
C ALA A 101 -68.61 2.68 -39.13
N ARG A 102 -68.41 2.37 -37.85
CA ARG A 102 -69.47 1.84 -37.00
C ARG A 102 -69.47 2.58 -35.67
N PRO A 103 -69.79 3.88 -35.68
CA PRO A 103 -69.83 4.63 -34.43
C PRO A 103 -71.10 4.44 -33.62
N GLY A 104 -72.25 4.26 -34.26
CA GLY A 104 -73.51 4.13 -33.56
C GLY A 104 -73.69 2.74 -32.97
N LYS A 105 -74.90 2.48 -32.49
CA LYS A 105 -75.23 1.17 -31.96
C LYS A 105 -74.87 0.11 -32.99
N THR A 106 -73.93 -0.76 -32.64
CA THR A 106 -73.36 -1.68 -33.60
C THR A 106 -73.12 -3.03 -32.94
N VAL A 107 -72.95 -4.05 -33.77
CA VAL A 107 -72.70 -5.42 -33.33
C VAL A 107 -71.59 -6.01 -34.19
N THR A 108 -70.70 -6.77 -33.55
CA THR A 108 -69.56 -7.38 -34.23
C THR A 108 -69.47 -8.84 -33.81
N GLY A 109 -68.98 -9.67 -34.72
CA GLY A 109 -68.87 -11.09 -34.46
C GLY A 109 -67.65 -11.70 -35.11
N ILE A 110 -67.19 -12.81 -34.51
CA ILE A 110 -66.09 -13.60 -35.04
C ILE A 110 -66.30 -15.05 -34.65
N ALA A 111 -65.80 -15.95 -35.49
CA ALA A 111 -65.90 -17.38 -35.22
C ALA A 111 -64.85 -18.12 -36.03
N ALA A 112 -64.14 -19.02 -35.37
CA ALA A 112 -63.18 -19.91 -36.01
C ALA A 112 -63.69 -21.34 -35.92
N THR A 113 -63.33 -22.15 -36.90
CA THR A 113 -63.88 -23.50 -37.05
C THR A 113 -62.75 -24.51 -37.15
N LEU A 114 -62.30 -25.01 -36.00
CA LEU A 114 -61.34 -26.10 -35.95
C LEU A 114 -62.04 -27.41 -36.28
N GLU A 115 -61.27 -28.40 -36.73
CA GLU A 115 -61.86 -29.64 -37.22
C GLU A 115 -60.82 -30.75 -37.24
N ARG A 116 -61.30 -31.98 -37.01
CA ARG A 116 -60.48 -33.18 -37.24
C ARG A 116 -61.43 -34.35 -37.47
N GLU A 117 -61.45 -34.87 -38.68
CA GLU A 117 -62.13 -36.12 -39.00
C GLU A 117 -63.58 -36.08 -38.54
N GLY A 118 -64.33 -35.15 -39.13
CA GLY A 118 -65.78 -35.11 -38.92
C GLY A 118 -66.23 -34.70 -37.54
N LYS A 119 -65.46 -33.85 -36.84
CA LYS A 119 -65.85 -33.34 -35.53
C LYS A 119 -65.57 -31.83 -35.52
N GLN A 120 -66.57 -31.05 -35.91
CA GLN A 120 -66.44 -29.60 -35.82
C GLN A 120 -66.32 -29.18 -34.36
N VAL A 121 -65.54 -28.13 -34.13
CA VAL A 121 -65.50 -27.45 -32.84
C VAL A 121 -65.27 -25.98 -33.13
N ARG A 122 -66.17 -25.12 -32.66
CA ARG A 122 -66.24 -23.74 -33.09
C ARG A 122 -66.02 -22.83 -31.89
N LEU A 123 -65.06 -21.92 -32.00
CA LEU A 123 -64.81 -20.89 -31.01
C LEU A 123 -65.23 -19.55 -31.58
N GLY A 124 -66.26 -18.95 -30.98
CA GLY A 124 -66.83 -17.72 -31.52
C GLY A 124 -67.16 -16.75 -30.41
N ALA A 125 -67.20 -15.47 -30.78
CA ALA A 125 -67.45 -14.40 -29.83
C ALA A 125 -68.40 -13.39 -30.46
N LEU A 126 -68.98 -12.55 -29.62
CA LEU A 126 -69.86 -11.47 -30.07
C LEU A 126 -69.62 -10.24 -29.20
N LEU A 127 -69.41 -9.10 -29.86
CA LEU A 127 -69.18 -7.82 -29.20
C LEU A 127 -70.08 -6.78 -29.83
N TRP A 128 -70.76 -5.99 -29.00
CA TRP A 128 -71.74 -5.02 -29.50
C TRP A 128 -71.78 -3.81 -28.59
N PHE A 129 -72.30 -2.71 -29.15
CA PHE A 129 -72.38 -1.43 -28.46
C PHE A 129 -73.82 -0.94 -28.49
N ASP A 130 -74.22 -0.22 -27.43
CA ASP A 130 -75.56 0.34 -27.36
C ASP A 130 -75.63 1.80 -27.80
N SER A 131 -74.55 2.54 -27.67
CA SER A 131 -74.57 3.98 -27.92
C SER A 131 -73.24 4.40 -28.53
N THR A 132 -73.05 5.71 -28.66
CA THR A 132 -71.80 6.27 -29.14
C THR A 132 -70.72 6.30 -28.06
N SER A 133 -71.06 5.96 -26.82
CA SER A 133 -70.07 5.89 -25.77
C SER A 133 -68.96 4.91 -26.15
N SER A 134 -67.81 5.06 -25.49
CA SER A 134 -66.64 4.24 -25.79
C SER A 134 -66.01 3.69 -24.52
N SER A 135 -66.83 3.42 -23.50
CA SER A 135 -66.31 2.83 -22.28
C SER A 135 -65.96 1.36 -22.51
N VAL A 136 -65.00 0.87 -21.72
CA VAL A 136 -64.67 -0.54 -21.75
C VAL A 136 -65.90 -1.38 -21.42
N THR A 137 -66.72 -0.90 -20.48
CA THR A 137 -67.94 -1.60 -20.10
C THR A 137 -69.01 -1.55 -21.19
N ASP A 138 -69.00 -0.51 -22.04
CA ASP A 138 -70.00 -0.43 -23.09
C ASP A 138 -69.97 -1.65 -24.00
N MET A 139 -68.79 -2.21 -24.23
CA MET A 139 -68.66 -3.38 -25.09
C MET A 139 -69.16 -4.63 -24.36
N LYS A 140 -70.46 -4.89 -24.45
CA LYS A 140 -71.02 -6.09 -23.82
C LYS A 140 -70.54 -7.33 -24.58
N ARG A 141 -70.32 -8.40 -23.82
CA ARG A 141 -69.53 -9.52 -24.28
C ARG A 141 -70.29 -10.83 -24.17
N LEU A 142 -69.90 -11.79 -25.00
CA LEU A 142 -70.27 -13.19 -24.78
C LEU A 142 -69.40 -14.06 -25.67
N TRP A 143 -68.67 -15.00 -25.06
CA TRP A 143 -67.98 -16.02 -25.83
C TRP A 143 -68.95 -17.15 -26.17
N LEU A 144 -68.55 -17.97 -27.15
CA LEU A 144 -69.24 -19.21 -27.46
C LEU A 144 -68.23 -20.35 -27.52
N PHE A 145 -68.74 -21.56 -27.36
CA PHE A 145 -67.94 -22.77 -27.51
C PHE A 145 -68.89 -23.92 -27.77
N SER A 146 -68.80 -24.51 -28.96
CA SER A 146 -69.74 -25.55 -29.35
C SER A 146 -69.04 -26.54 -30.27
N ASP A 147 -69.60 -27.74 -30.34
CA ASP A 147 -69.15 -28.78 -31.25
C ASP A 147 -70.33 -29.37 -32.00
N ASN A 148 -71.39 -28.59 -32.15
CA ASN A 148 -72.60 -29.01 -32.85
C ASN A 148 -72.68 -28.28 -34.17
N PRO A 149 -72.83 -28.98 -35.31
CA PRO A 149 -72.85 -28.26 -36.61
C PRO A 149 -73.97 -27.26 -36.74
N GLY A 150 -74.95 -27.24 -35.84
CA GLY A 150 -76.09 -26.37 -35.99
C GLY A 150 -75.85 -24.93 -35.57
N GLN A 151 -74.65 -24.61 -35.08
CA GLN A 151 -74.33 -23.27 -34.58
C GLN A 151 -73.38 -22.57 -35.54
N THR A 152 -73.73 -21.33 -35.89
CA THR A 152 -72.92 -20.52 -36.79
C THR A 152 -73.09 -19.06 -36.41
N LEU A 153 -72.11 -18.24 -36.81
CA LEU A 153 -72.23 -16.80 -36.54
C LEU A 153 -73.47 -16.23 -37.20
N GLU A 154 -73.88 -16.77 -38.34
CA GLU A 154 -75.09 -16.31 -39.00
C GLU A 154 -76.32 -16.59 -38.11
N HIS A 155 -76.41 -17.81 -37.58
CA HIS A 155 -77.51 -18.14 -36.68
C HIS A 155 -77.48 -17.27 -35.43
N TRP A 156 -76.29 -17.06 -34.88
CA TRP A 156 -76.17 -16.25 -33.67
C TRP A 156 -76.60 -14.81 -33.92
N LEU A 157 -76.23 -14.26 -35.08
CA LEU A 157 -76.70 -12.93 -35.45
C LEU A 157 -78.22 -12.92 -35.59
N ASN A 158 -78.79 -13.96 -36.21
CA ASN A 158 -80.23 -14.03 -36.38
C ASN A 158 -80.94 -14.02 -35.02
N VAL A 159 -80.44 -14.81 -34.07
CA VAL A 159 -81.06 -14.85 -32.76
C VAL A 159 -80.86 -13.53 -32.03
N TYR A 160 -79.64 -13.00 -32.05
CA TYR A 160 -79.38 -11.72 -31.41
C TYR A 160 -80.31 -10.63 -31.94
N HIS A 161 -80.67 -10.69 -33.22
CA HIS A 161 -81.76 -9.87 -33.72
C HIS A 161 -83.09 -10.28 -33.10
N GLU A 162 -83.32 -11.59 -32.94
CA GLU A 162 -84.60 -12.08 -32.44
C GLU A 162 -84.80 -11.75 -30.97
N GLY A 163 -83.71 -11.59 -30.21
CA GLY A 163 -83.84 -11.31 -28.79
C GLY A 163 -82.50 -10.90 -28.20
N GLY A 164 -82.55 -10.53 -26.93
CA GLY A 164 -81.37 -10.10 -26.23
C GLY A 164 -80.51 -11.27 -25.77
N THR A 165 -79.50 -10.94 -24.96
CA THR A 165 -78.62 -11.97 -24.44
C THR A 165 -79.41 -13.02 -23.66
N ARG A 166 -80.55 -12.64 -23.09
CA ARG A 166 -81.41 -13.63 -22.46
C ARG A 166 -81.85 -14.68 -23.45
N LEU A 167 -82.18 -14.28 -24.68
CA LEU A 167 -82.57 -15.25 -25.70
C LEU A 167 -81.43 -16.20 -26.04
N LEU A 168 -80.21 -15.66 -26.15
CA LEU A 168 -79.06 -16.51 -26.44
C LEU A 168 -78.83 -17.51 -25.31
N ARG A 169 -78.91 -17.04 -24.07
CA ARG A 169 -78.74 -17.92 -22.93
C ARG A 169 -79.86 -18.96 -22.87
N GLN A 170 -81.08 -18.57 -23.27
CA GLN A 170 -82.18 -19.53 -23.36
C GLN A 170 -81.90 -20.59 -24.41
N MET A 171 -81.34 -20.19 -25.55
CA MET A 171 -80.94 -21.18 -26.55
C MET A 171 -79.91 -22.14 -25.96
N GLU A 172 -78.93 -21.60 -25.25
CA GLU A 172 -77.93 -22.46 -24.62
C GLU A 172 -78.58 -23.46 -23.66
N LYS A 173 -79.49 -22.97 -22.82
CA LYS A 173 -80.14 -23.86 -21.86
C LYS A 173 -80.97 -24.92 -22.56
N GLU A 174 -81.77 -24.52 -23.55
CA GLU A 174 -82.69 -25.43 -24.21
C GLU A 174 -81.94 -26.43 -25.09
N ALA A 175 -81.01 -25.95 -25.91
CA ALA A 175 -80.35 -26.80 -26.89
C ALA A 175 -79.28 -27.64 -26.20
N ILE A 176 -78.52 -28.41 -26.98
CA ILE A 176 -77.49 -29.28 -26.47
C ILE A 176 -76.23 -29.04 -27.30
N GLY A 177 -75.07 -29.38 -26.73
CA GLY A 177 -73.82 -29.17 -27.41
C GLY A 177 -73.47 -27.70 -27.59
N LEU A 178 -73.87 -26.86 -26.65
CA LEU A 178 -73.52 -25.45 -26.69
C LEU A 178 -73.22 -24.96 -25.28
N TRP A 179 -72.22 -24.09 -25.17
CA TRP A 179 -71.85 -23.48 -23.90
C TRP A 179 -71.55 -22.01 -24.16
N THR A 180 -71.79 -21.17 -23.17
CA THR A 180 -71.46 -19.76 -23.27
C THR A 180 -70.95 -19.28 -21.92
N TYR A 181 -70.17 -18.19 -21.96
CA TYR A 181 -69.47 -17.72 -20.77
C TYR A 181 -69.33 -16.21 -20.87
N PRO A 182 -69.75 -15.44 -19.85
CA PRO A 182 -69.50 -13.99 -19.87
C PRO A 182 -68.09 -13.61 -19.45
N ASN A 183 -67.31 -14.56 -18.93
CA ASN A 183 -65.95 -14.33 -18.48
C ASN A 183 -64.99 -15.15 -19.34
N LYS A 184 -63.89 -14.50 -19.75
CA LYS A 184 -62.91 -15.19 -20.59
C LYS A 184 -62.06 -16.16 -19.79
N LYS A 185 -62.01 -16.03 -18.46
CA LYS A 185 -61.20 -16.94 -17.66
C LYS A 185 -61.74 -18.36 -17.73
N GLN A 186 -63.04 -18.52 -17.53
CA GLN A 186 -63.66 -19.84 -17.60
C GLN A 186 -63.57 -20.41 -19.02
N TYR A 187 -63.73 -19.55 -20.03
CA TYR A 187 -63.63 -20.00 -21.41
C TYR A 187 -62.22 -20.49 -21.73
N LEU A 188 -61.21 -19.75 -21.26
CA LEU A 188 -59.83 -20.17 -21.47
C LEU A 188 -59.53 -21.46 -20.74
N ALA A 189 -60.08 -21.63 -19.53
CA ALA A 189 -59.95 -22.90 -18.84
C ALA A 189 -60.58 -24.02 -19.64
N ARG A 190 -61.75 -23.76 -20.25
CA ARG A 190 -62.35 -24.71 -21.16
C ARG A 190 -61.37 -25.13 -22.24
N LEU A 191 -60.77 -24.14 -22.91
CA LEU A 191 -59.80 -24.44 -23.96
C LEU A 191 -58.66 -25.31 -23.43
N ARG A 192 -58.04 -24.89 -22.34
CA ARG A 192 -56.87 -25.61 -21.85
C ARG A 192 -57.23 -27.04 -21.47
N ASP A 193 -58.35 -27.24 -20.78
CA ASP A 193 -58.73 -28.60 -20.42
C ASP A 193 -59.01 -29.44 -21.65
N PHE A 194 -59.66 -28.86 -22.66
CA PHE A 194 -59.91 -29.62 -23.88
C PHE A 194 -58.61 -30.05 -24.55
N PHE A 195 -57.66 -29.12 -24.66
CA PHE A 195 -56.45 -29.36 -25.45
C PHE A 195 -55.30 -29.92 -24.65
N GLU A 196 -55.43 -30.04 -23.33
CA GLU A 196 -54.40 -30.65 -22.49
C GLU A 196 -53.06 -29.96 -22.66
N VAL A 197 -53.02 -28.67 -22.31
CA VAL A 197 -51.79 -27.87 -22.30
C VAL A 197 -51.97 -26.74 -21.31
N GLY A 198 -50.86 -26.32 -20.73
CA GLY A 198 -50.89 -25.25 -19.76
C GLY A 198 -51.33 -23.93 -20.40
N GLU A 199 -51.13 -22.86 -19.63
CA GLU A 199 -51.43 -21.52 -20.10
C GLU A 199 -50.24 -20.88 -20.79
N ASN A 200 -49.11 -21.59 -20.88
CA ASN A 200 -47.91 -21.02 -21.48
C ASN A 200 -47.98 -21.08 -23.00
N ALA A 201 -48.18 -22.27 -23.56
CA ALA A 201 -48.01 -22.46 -25.00
C ALA A 201 -48.87 -21.49 -25.79
N PHE A 202 -50.14 -21.33 -25.41
CA PHE A 202 -51.04 -20.48 -26.18
C PHE A 202 -50.69 -19.00 -26.05
N THR A 203 -49.59 -18.68 -25.38
CA THR A 203 -49.03 -17.33 -25.40
C THR A 203 -47.86 -17.23 -26.37
N LEU A 204 -46.86 -18.11 -26.21
CA LEU A 204 -45.72 -18.10 -27.12
C LEU A 204 -46.18 -18.08 -28.57
N LEU A 205 -47.19 -18.87 -28.90
CA LEU A 205 -47.78 -18.84 -30.23
C LEU A 205 -48.02 -17.41 -30.69
N ASN A 206 -48.45 -16.54 -29.77
CA ASN A 206 -48.77 -15.17 -30.12
C ASN A 206 -47.55 -14.25 -30.11
N ARG A 207 -46.36 -14.80 -29.86
CA ARG A 207 -45.12 -14.10 -30.16
C ARG A 207 -44.33 -14.82 -31.25
N ALA A 208 -44.89 -15.87 -31.83
CA ALA A 208 -44.28 -16.48 -33.01
C ALA A 208 -44.09 -15.44 -34.11
N ALA A 209 -45.10 -14.57 -34.30
CA ALA A 209 -45.03 -13.59 -35.39
C ALA A 209 -43.80 -12.69 -35.27
N GLY A 210 -43.31 -12.46 -34.06
CA GLY A 210 -42.22 -11.54 -33.84
C GLY A 210 -40.84 -12.05 -34.19
N LEU A 211 -40.75 -13.13 -34.98
CA LEU A 211 -39.44 -13.67 -35.34
C LEU A 211 -38.58 -12.65 -36.06
N LYS A 212 -39.20 -11.67 -36.72
CA LYS A 212 -38.44 -10.68 -37.47
C LYS A 212 -37.40 -9.97 -36.62
N GLN A 213 -37.57 -9.97 -35.30
CA GLN A 213 -36.78 -9.14 -34.41
C GLN A 213 -35.75 -9.92 -33.60
N LEU A 214 -35.22 -11.03 -34.13
CA LEU A 214 -34.22 -11.79 -33.41
C LEU A 214 -32.85 -11.13 -33.47
N ASN A 215 -32.17 -11.09 -32.32
CA ASN A 215 -30.77 -10.68 -32.21
C ASN A 215 -29.85 -11.88 -32.19
N SER A 216 -30.26 -12.96 -31.53
CA SER A 216 -29.45 -14.17 -31.45
C SER A 216 -30.24 -15.24 -30.73
N ILE A 217 -29.68 -16.45 -30.70
CA ILE A 217 -30.22 -17.51 -29.86
C ILE A 217 -30.30 -17.05 -28.42
N ASP A 218 -29.39 -16.16 -28.03
CA ASP A 218 -29.30 -15.73 -26.64
C ASP A 218 -30.58 -15.08 -26.14
N GLU A 219 -31.42 -14.58 -27.05
CA GLU A 219 -32.71 -14.01 -26.66
C GLU A 219 -33.82 -15.05 -26.62
N ILE A 220 -33.79 -16.02 -27.52
CA ILE A 220 -34.92 -16.96 -27.64
C ILE A 220 -35.11 -17.75 -26.36
N PHE A 221 -34.06 -17.89 -25.54
CA PHE A 221 -34.17 -18.51 -24.23
C PHE A 221 -34.08 -17.49 -23.09
N ARG A 222 -34.48 -16.25 -23.34
CA ARG A 222 -34.58 -15.25 -22.28
C ARG A 222 -35.84 -14.40 -22.33
N GLU A 223 -36.63 -14.48 -23.41
CA GLU A 223 -37.85 -13.69 -23.50
C GLU A 223 -39.05 -14.47 -24.04
N LEU A 224 -38.84 -15.60 -24.69
CA LEU A 224 -39.95 -16.30 -25.34
C LEU A 224 -40.15 -17.71 -24.80
N VAL A 225 -39.09 -18.52 -24.81
CA VAL A 225 -39.24 -19.95 -24.52
C VAL A 225 -39.40 -20.20 -23.02
N LEU A 226 -38.52 -19.64 -22.21
CA LEU A 226 -38.55 -19.91 -20.78
C LEU A 226 -39.61 -19.08 -20.07
N ASP A 227 -40.16 -19.65 -19.00
CA ASP A 227 -41.16 -18.98 -18.18
C ASP A 227 -40.45 -18.06 -17.19
N ASP A 228 -41.18 -17.53 -16.21
CA ASP A 228 -40.62 -16.60 -15.23
C ASP A 228 -40.71 -17.20 -13.84
N HIS A 229 -39.57 -17.19 -13.14
CA HIS A 229 -39.51 -17.61 -11.74
C HIS A 229 -38.71 -16.63 -10.90
N SER A 230 -38.67 -15.36 -11.28
CA SER A 230 -37.81 -14.40 -10.61
C SER A 230 -38.20 -14.27 -9.14
N ALA A 231 -37.29 -13.66 -8.36
CA ALA A 231 -37.52 -13.51 -6.93
C ALA A 231 -37.11 -12.15 -6.39
N PHE A 232 -37.20 -11.08 -7.17
CA PHE A 232 -36.83 -9.77 -6.64
C PHE A 232 -37.68 -9.41 -5.43
N ASP A 233 -38.99 -9.66 -5.48
CA ASP A 233 -39.85 -9.34 -4.35
C ASP A 233 -39.43 -10.10 -3.10
N ARG A 234 -39.21 -11.41 -3.23
CA ARG A 234 -38.79 -12.20 -2.08
C ARG A 234 -37.43 -11.73 -1.57
N ALA A 235 -36.44 -11.62 -2.46
CA ALA A 235 -35.12 -11.17 -2.04
C ALA A 235 -35.19 -9.83 -1.32
N ALA A 236 -36.09 -8.95 -1.74
CA ALA A 236 -36.26 -7.68 -1.04
C ALA A 236 -36.88 -7.90 0.33
N GLU A 237 -37.77 -8.90 0.45
CA GLU A 237 -38.53 -9.07 1.68
C GLU A 237 -37.62 -9.43 2.85
N VAL A 238 -36.63 -10.31 2.61
CA VAL A 238 -35.81 -10.79 3.71
C VAL A 238 -35.05 -9.66 4.36
N ALA A 239 -34.59 -8.68 3.59
CA ALA A 239 -33.84 -7.57 4.17
C ALA A 239 -34.61 -6.87 5.27
N ASN A 240 -35.94 -6.83 5.18
CA ASN A 240 -36.74 -6.16 6.20
C ASN A 240 -36.57 -6.82 7.56
N SER A 241 -36.93 -8.10 7.66
CA SER A 241 -36.85 -8.80 8.95
C SER A 241 -35.50 -8.63 9.61
N PHE A 242 -34.43 -8.64 8.80
CA PHE A 242 -33.09 -8.41 9.33
C PHE A 242 -33.00 -7.05 10.01
N ASP A 243 -33.55 -6.02 9.37
CA ASP A 243 -33.49 -4.68 9.96
C ASP A 243 -34.33 -4.61 11.23
N GLY A 244 -35.50 -5.23 11.23
CA GLY A 244 -36.31 -5.23 12.45
C GLY A 244 -35.60 -5.90 13.62
N LEU A 245 -34.95 -7.03 13.36
CA LEU A 245 -34.25 -7.72 14.43
C LEU A 245 -33.05 -6.93 14.92
N THR A 246 -32.31 -6.30 14.00
CA THR A 246 -31.28 -5.36 14.41
C THR A 246 -31.85 -4.24 15.25
N GLU A 247 -33.08 -3.81 14.95
CA GLU A 247 -33.75 -2.78 15.74
C GLU A 247 -33.97 -3.24 17.17
N ILE A 248 -34.48 -4.45 17.34
CA ILE A 248 -34.66 -5.00 18.69
C ILE A 248 -33.32 -5.02 19.42
N HIS A 249 -32.27 -5.46 18.73
CA HIS A 249 -30.94 -5.51 19.34
C HIS A 249 -30.51 -4.13 19.83
N GLN A 250 -30.62 -3.12 18.97
CA GLN A 250 -30.20 -1.78 19.36
C GLN A 250 -31.07 -1.19 20.45
N GLU A 251 -32.35 -1.59 20.52
CA GLU A 251 -33.17 -1.20 21.67
C GLU A 251 -32.59 -1.74 22.96
N LEU A 252 -32.20 -3.01 22.96
CA LEU A 252 -31.54 -3.56 24.15
C LEU A 252 -30.30 -2.76 24.49
N GLU A 253 -29.48 -2.45 23.48
CA GLU A 253 -28.25 -1.70 23.71
C GLU A 253 -28.53 -0.36 24.38
N THR A 254 -29.46 0.42 23.81
CA THR A 254 -29.79 1.72 24.38
C THR A 254 -30.37 1.61 25.78
N ALA A 255 -31.17 0.57 26.05
CA ALA A 255 -31.68 0.39 27.40
C ALA A 255 -30.54 0.21 28.39
N ARG A 256 -29.55 -0.61 28.04
CA ARG A 256 -28.39 -0.78 28.92
C ARG A 256 -27.67 0.55 29.12
N LYS A 257 -27.43 1.27 28.02
CA LYS A 257 -26.73 2.55 28.10
C LYS A 257 -27.43 3.47 29.09
N GLN A 258 -28.75 3.61 28.96
CA GLN A 258 -29.47 4.49 29.89
C GLN A 258 -29.39 3.98 31.32
N GLN A 259 -29.55 2.67 31.53
CA GLN A 259 -29.54 2.17 32.91
C GLN A 259 -28.21 2.43 33.58
N GLN A 260 -27.12 2.49 32.82
CA GLN A 260 -25.83 2.80 33.43
C GLN A 260 -25.87 4.13 34.19
N SER A 261 -26.37 5.18 33.54
CA SER A 261 -26.19 6.53 34.05
C SER A 261 -26.75 6.73 35.45
N LEU A 262 -27.98 6.27 35.70
CA LEU A 262 -28.67 6.62 36.92
C LEU A 262 -28.03 6.03 38.17
N GLN A 263 -27.19 5.00 38.04
CA GLN A 263 -26.60 4.36 39.22
C GLN A 263 -25.84 5.35 40.08
N PRO A 264 -24.78 6.01 39.60
CA PRO A 264 -24.09 7.00 40.44
C PRO A 264 -25.02 8.10 40.92
N VAL A 265 -26.09 8.39 40.20
CA VAL A 265 -27.03 9.41 40.66
C VAL A 265 -27.70 8.95 41.95
N ALA A 266 -28.18 7.71 41.98
CA ALA A 266 -28.77 7.18 43.21
C ALA A 266 -27.73 7.13 44.34
N LEU A 267 -26.51 6.70 44.00
CA LEU A 267 -25.44 6.68 45.00
C LEU A 267 -25.26 8.05 45.64
N SER A 268 -25.12 9.08 44.79
CA SER A 268 -24.89 10.43 45.29
C SER A 268 -26.10 10.94 46.05
N TRP A 269 -27.30 10.53 45.65
CA TRP A 269 -28.49 10.93 46.40
C TRP A 269 -28.43 10.39 47.83
N GLU A 270 -28.07 9.11 47.98
CA GLU A 270 -27.92 8.55 49.32
C GLU A 270 -26.85 9.30 50.11
N LYS A 271 -25.70 9.54 49.48
CA LYS A 271 -24.62 10.23 50.17
C LYS A 271 -25.08 11.61 50.63
N TYR A 272 -25.78 12.34 49.76
CA TYR A 272 -26.29 13.67 50.11
C TYR A 272 -27.26 13.59 51.28
N GLN A 273 -28.17 12.61 51.24
CA GLN A 273 -29.12 12.43 52.34
C GLN A 273 -28.39 12.24 53.66
N LYS A 274 -27.22 11.58 53.63
CA LYS A 274 -26.51 11.37 54.89
C LYS A 274 -26.21 12.70 55.59
N GLN A 275 -25.51 13.60 54.92
CA GLN A 275 -25.19 14.89 55.53
C GLN A 275 -26.46 15.70 55.78
N GLU A 276 -27.47 15.55 54.91
CA GLU A 276 -28.70 16.29 55.12
C GLU A 276 -29.33 15.94 56.46
N ARG A 277 -29.37 14.64 56.79
CA ARG A 277 -29.91 14.25 58.09
C ARG A 277 -28.94 14.59 59.21
N GLN A 278 -27.64 14.65 58.92
CA GLN A 278 -26.67 15.00 59.97
C GLN A 278 -26.85 16.43 60.44
N LEU A 279 -27.13 17.36 59.51
CA LEU A 279 -27.12 18.78 59.86
C LEU A 279 -28.04 19.09 61.04
N ALA A 280 -29.17 18.38 61.12
CA ALA A 280 -30.16 18.67 62.17
C ALA A 280 -29.55 18.51 63.56
N ASP A 281 -28.67 17.52 63.74
CA ASP A 281 -28.09 17.28 65.06
C ASP A 281 -27.33 18.50 65.55
N TRP A 282 -26.45 19.05 64.71
CA TRP A 282 -25.62 20.15 65.17
C TRP A 282 -26.40 21.46 65.23
N LEU A 283 -27.40 21.65 64.37
CA LEU A 283 -28.23 22.84 64.58
C LEU A 283 -29.03 22.73 65.87
N THR A 284 -29.46 21.52 66.23
CA THR A 284 -30.14 21.33 67.51
C THR A 284 -29.20 21.59 68.67
N LEU A 285 -27.94 21.17 68.55
CA LEU A 285 -26.95 21.49 69.58
C LEU A 285 -26.79 23.00 69.73
N GLU A 286 -26.71 23.71 68.61
CA GLU A 286 -26.63 25.17 68.66
C GLU A 286 -27.84 25.74 69.39
N SER A 287 -29.04 25.21 69.10
CA SER A 287 -30.23 25.69 69.78
C SER A 287 -30.15 25.43 71.29
N LEU A 288 -29.67 24.26 71.68
CA LEU A 288 -29.74 23.81 73.07
C LEU A 288 -28.63 24.36 73.95
N LEU A 289 -27.52 24.82 73.36
CA LEU A 289 -26.33 25.11 74.16
C LEU A 289 -26.59 26.05 75.34
N PRO A 290 -27.27 27.20 75.17
CA PRO A 290 -27.44 28.10 76.32
C PRO A 290 -28.19 27.47 77.48
N LEU A 291 -29.15 26.60 77.21
CA LEU A 291 -29.99 26.07 78.28
C LEU A 291 -29.20 25.21 79.25
N TRP A 292 -28.29 24.37 78.72
CA TRP A 292 -27.48 23.52 79.58
C TRP A 292 -26.61 24.36 80.52
N PHE A 293 -25.92 25.36 79.95
CA PHE A 293 -25.08 26.22 80.75
C PHE A 293 -25.90 26.95 81.80
N ALA A 294 -27.10 27.43 81.42
CA ALA A 294 -27.94 28.16 82.36
C ALA A 294 -28.43 27.26 83.48
N GLN A 295 -28.79 26.01 83.16
CA GLN A 295 -29.25 25.10 84.20
C GLN A 295 -28.14 24.78 85.19
N GLN A 296 -26.90 24.62 84.71
CA GLN A 296 -25.80 24.50 85.66
C GLN A 296 -25.59 25.79 86.45
N ALA A 297 -25.71 26.92 85.78
CA ALA A 297 -25.42 28.21 86.40
C ALA A 297 -26.40 28.53 87.51
N SER A 298 -27.66 28.14 87.34
CA SER A 298 -28.66 28.44 88.36
C SER A 298 -28.31 27.77 89.68
N HIS A 299 -27.96 26.49 89.64
CA HIS A 299 -27.60 25.80 90.88
C HIS A 299 -26.25 26.27 91.41
N LEU A 300 -25.31 26.60 90.52
CA LEU A 300 -24.04 27.15 90.99
C LEU A 300 -24.26 28.47 91.74
N TRP A 301 -25.09 29.35 91.17
CA TRP A 301 -25.37 30.63 91.80
C TRP A 301 -26.17 30.45 93.08
N ARG A 302 -27.04 29.44 93.15
CA ARG A 302 -27.79 29.22 94.39
C ARG A 302 -26.87 28.70 95.49
N GLU A 303 -25.93 27.82 95.14
CA GLU A 303 -24.88 27.44 96.09
C GLU A 303 -24.10 28.66 96.55
N LYS A 304 -23.72 29.51 95.60
CA LYS A 304 -23.00 30.74 95.94
C LYS A 304 -23.82 31.62 96.86
N ILE A 305 -25.13 31.68 96.64
CA ILE A 305 -25.98 32.56 97.43
C ILE A 305 -26.13 32.02 98.85
N ASN A 306 -26.26 30.70 98.99
CA ASN A 306 -26.31 30.13 100.33
C ASN A 306 -24.99 30.37 101.07
N LEU A 307 -23.86 30.17 100.38
CA LEU A 307 -22.57 30.42 101.00
C LEU A 307 -22.43 31.89 101.40
N LEU A 308 -22.87 32.80 100.54
CA LEU A 308 -22.79 34.22 100.84
C LEU A 308 -23.75 34.61 101.95
N ASN A 309 -24.90 33.93 102.06
CA ASN A 309 -25.79 34.16 103.19
C ASN A 309 -25.10 33.78 104.50
N ALA A 310 -24.43 32.62 104.50
CA ALA A 310 -23.68 32.22 105.68
C ALA A 310 -22.57 33.23 106.00
N ARG A 311 -21.84 33.67 104.97
CA ARG A 311 -20.76 34.63 105.18
C ARG A 311 -21.29 35.94 105.74
N LEU A 312 -22.39 36.44 105.16
CA LEU A 312 -22.97 37.70 105.62
C LEU A 312 -23.50 37.57 107.03
N ALA A 313 -24.10 36.42 107.37
CA ALA A 313 -24.54 36.21 108.74
C ALA A 313 -23.37 36.24 109.71
N GLU A 314 -22.26 35.58 109.36
CA GLU A 314 -21.09 35.58 110.23
C GLU A 314 -20.53 36.99 110.38
N ALA A 315 -20.44 37.73 109.27
CA ALA A 315 -19.90 39.08 109.34
C ALA A 315 -20.80 39.99 110.15
N GLN A 316 -22.12 39.86 109.98
CA GLN A 316 -23.04 40.65 110.79
C GLN A 316 -22.94 40.30 112.25
N THR A 317 -22.77 39.01 112.58
CA THR A 317 -22.61 38.60 113.97
C THR A 317 -21.34 39.22 114.55
N SER A 318 -20.24 39.20 113.81
CA SER A 318 -19.01 39.79 114.29
C SER A 318 -19.15 41.30 114.49
N GLU A 319 -19.79 41.98 113.52
CA GLU A 319 -19.98 43.41 113.63
C GLU A 319 -20.85 43.76 114.83
N GLU A 320 -21.91 42.97 115.06
CA GLU A 320 -22.79 43.23 116.19
C GLU A 320 -22.10 42.93 117.51
N GLN A 321 -21.24 41.91 117.54
CA GLN A 321 -20.46 41.64 118.74
C GLN A 321 -19.52 42.81 119.04
N LEU A 322 -18.87 43.35 118.02
CA LEU A 322 -18.00 44.51 118.22
C LEU A 322 -18.82 45.72 118.67
N GLN A 323 -20.02 45.91 118.11
CA GLN A 323 -20.89 47.00 118.54
C GLN A 323 -21.28 46.83 120.00
N SER A 324 -21.60 45.61 120.41
CA SER A 324 -21.93 45.36 121.81
C SER A 324 -20.73 45.65 122.71
N GLN A 325 -19.53 45.24 122.28
CA GLN A 325 -18.34 45.53 123.07
C GLN A 325 -18.12 47.03 123.19
N LEU A 326 -18.31 47.76 122.09
CA LEU A 326 -18.14 49.22 122.11
C LEU A 326 -19.17 49.87 123.03
N ASP A 327 -20.42 49.43 122.97
CA ASP A 327 -21.45 49.97 123.85
C ASP A 327 -21.13 49.69 125.30
N LEU A 328 -20.67 48.48 125.61
CA LEU A 328 -20.29 48.15 126.97
C LEU A 328 -19.09 48.97 127.43
N GLN A 329 -18.17 49.26 126.51
CA GLN A 329 -17.02 50.09 126.86
C GLN A 329 -17.46 51.52 127.18
N LYS A 330 -18.41 52.06 126.41
CA LYS A 330 -18.94 53.38 126.72
C LYS A 330 -19.71 53.36 128.05
N LYS A 331 -20.42 52.26 128.33
CA LYS A 331 -21.05 52.11 129.63
C LYS A 331 -20.03 52.10 130.75
N VAL A 332 -18.88 51.46 130.51
CA VAL A 332 -17.80 51.46 131.51
C VAL A 332 -17.23 52.86 131.67
N VAL A 333 -17.16 53.61 130.57
CA VAL A 333 -16.75 55.02 130.65
C VAL A 333 -17.69 55.78 131.58
N SER A 334 -19.00 55.57 131.41
CA SER A 334 -19.98 56.23 132.27
C SER A 334 -19.83 55.77 133.72
N ASP A 335 -19.55 54.48 133.93
CA ASP A 335 -19.35 53.96 135.27
C ASP A 335 -18.15 54.61 135.94
N CYS A 336 -17.06 54.79 135.19
CA CYS A 336 -15.89 55.47 135.73
C CYS A 336 -16.22 56.93 136.05
N MET A 337 -16.96 57.60 135.17
CA MET A 337 -17.50 58.91 135.50
C MET A 337 -18.19 58.91 136.86
N GLN A 338 -19.14 58.00 137.04
CA GLN A 338 -19.98 58.06 138.23
C GLN A 338 -19.21 57.64 139.47
N ARG A 339 -18.19 56.79 139.32
CA ARG A 339 -17.33 56.47 140.46
C ARG A 339 -16.48 57.68 140.84
N TYR A 340 -15.87 58.34 139.86
CA TYR A 340 -15.09 59.53 140.15
C TYR A 340 -15.95 60.58 140.85
N LEU A 341 -17.18 60.76 140.39
CA LEU A 341 -18.10 61.68 141.05
C LEU A 341 -18.44 61.22 142.46
N GLN A 342 -18.64 59.92 142.65
CA GLN A 342 -19.04 59.40 143.95
C GLN A 342 -17.91 59.50 144.97
N VAL A 343 -16.70 59.11 144.59
CA VAL A 343 -15.58 59.13 145.52
C VAL A 343 -15.06 60.55 145.69
N ASP A 689 -2.79 59.48 143.47
CA ASP A 689 -2.98 58.12 143.93
C ASP A 689 -4.27 57.98 144.74
N SER A 690 -5.06 59.04 144.77
CA SER A 690 -6.33 59.00 145.48
C SER A 690 -7.37 58.22 144.68
N ASP A 691 -8.46 57.86 145.37
CA ASP A 691 -9.55 57.17 144.69
C ASP A 691 -10.02 57.94 143.46
N ALA A 692 -10.05 59.27 143.56
CA ALA A 692 -10.41 60.09 142.41
C ALA A 692 -9.40 59.90 141.27
N SER A 693 -8.11 59.86 141.60
CA SER A 693 -7.09 59.66 140.57
C SER A 693 -7.24 58.29 139.91
N VAL A 694 -7.52 57.25 140.70
CA VAL A 694 -7.72 55.92 140.13
C VAL A 694 -8.93 55.91 139.21
N ALA A 695 -10.02 56.56 139.63
CA ALA A 695 -11.19 56.64 138.78
C ALA A 695 -10.89 57.38 137.48
N LYS A 696 -10.11 58.46 137.56
CA LYS A 696 -9.74 59.20 136.35
C LYS A 696 -8.91 58.33 135.41
N ALA A 697 -7.95 57.58 135.96
CA ALA A 697 -7.14 56.70 135.13
C ALA A 697 -7.99 55.63 134.46
N LYS A 698 -8.92 55.05 135.21
CA LYS A 698 -9.81 54.04 134.63
C LYS A 698 -10.69 54.64 133.55
N LEU A 699 -11.15 55.88 133.75
CA LEU A 699 -11.95 56.56 132.74
C LEU A 699 -11.16 56.77 131.45
N ASP A 700 -9.90 57.21 131.60
CA ASP A 700 -9.05 57.39 130.43
C ASP A 700 -8.83 56.08 129.70
N GLU A 701 -8.57 55.00 130.46
CA GLU A 701 -8.39 53.68 129.83
C GLU A 701 -9.65 53.26 129.10
N ALA A 702 -10.82 53.51 129.70
CA ALA A 702 -12.08 53.14 129.07
C ALA A 702 -12.27 53.88 127.75
N GLN A 703 -11.98 55.18 127.73
CA GLN A 703 -12.07 55.92 126.47
C GLN A 703 -11.08 55.39 125.43
N THR A 704 -9.86 55.08 125.85
CA THR A 704 -8.87 54.55 124.92
C THR A 704 -9.34 53.23 124.32
N ILE A 705 -9.91 52.35 125.13
CA ILE A 705 -10.43 51.09 124.61
C ILE A 705 -11.64 51.33 123.71
N GLU A 706 -12.45 52.33 124.03
CA GLU A 706 -13.59 52.67 123.18
C GLU A 706 -13.13 53.05 121.78
N SER A 707 -12.04 53.82 121.69
CA SER A 707 -11.52 54.19 120.38
C SER A 707 -11.15 52.96 119.56
N GLU A 708 -10.41 52.01 120.16
CA GLU A 708 -10.01 50.82 119.45
C GLU A 708 -11.21 49.98 119.03
N LEU A 709 -12.19 49.85 119.93
CA LEU A 709 -13.39 49.07 119.58
C LEU A 709 -14.15 49.71 118.43
N ASP A 710 -14.26 51.04 118.41
CA ASP A 710 -14.91 51.70 117.28
C ASP A 710 -14.13 51.46 115.99
N LYS A 711 -12.80 51.53 116.06
CA LYS A 711 -12.00 51.29 114.87
C LYS A 711 -12.22 49.88 114.32
N GLN A 712 -12.26 48.88 115.20
CA GLN A 712 -12.51 47.51 114.76
C GLN A 712 -13.92 47.36 114.20
N LEU A 713 -14.90 48.01 114.85
CA LEU A 713 -16.27 47.97 114.35
C LEU A 713 -16.38 48.55 112.95
N ARG A 714 -15.55 49.54 112.64
CA ARG A 714 -15.57 50.10 111.28
C ARG A 714 -15.17 49.05 110.25
N ALA A 715 -14.10 48.28 110.54
CA ALA A 715 -13.69 47.21 109.63
C ALA A 715 -14.78 46.15 109.52
N ALA A 716 -15.41 45.81 110.64
CA ALA A 716 -16.49 44.83 110.59
C ALA A 716 -17.65 45.32 109.72
N ASN A 717 -17.98 46.61 109.83
CA ASN A 717 -19.03 47.18 108.99
C ASN A 717 -18.65 47.13 107.52
N LYS A 718 -17.37 47.43 107.22
CA LYS A 718 -16.89 47.31 105.85
C LYS A 718 -17.10 45.91 105.32
N VAL A 719 -16.69 44.90 106.10
CA VAL A 719 -16.82 43.52 105.66
C VAL A 719 -18.28 43.17 105.44
N THR A 720 -19.15 43.57 106.36
CA THR A 720 -20.57 43.24 106.24
C THR A 720 -21.16 43.87 105.00
N ASN A 721 -20.85 45.14 104.73
CA ASN A 721 -21.39 45.82 103.56
C ASN A 721 -20.89 45.19 102.27
N VAL A 722 -19.60 44.85 102.22
CA VAL A 722 -19.06 44.21 101.02
C VAL A 722 -19.74 42.88 100.77
N LEU A 723 -19.91 42.09 101.83
CA LEU A 723 -20.56 40.79 101.67
C LEU A 723 -22.01 40.96 101.23
N ASP A 724 -22.71 41.97 101.76
CA ASP A 724 -24.08 42.22 101.34
C ASP A 724 -24.15 42.57 99.87
N THR A 725 -23.23 43.42 99.40
CA THR A 725 -23.21 43.78 97.98
C THR A 725 -22.93 42.55 97.12
N GLU A 726 -21.98 41.72 97.54
CA GLU A 726 -21.69 40.50 96.79
C GLU A 726 -22.89 39.57 96.75
N LEU A 727 -23.61 39.47 97.87
CA LEU A 727 -24.82 38.64 97.89
C LEU A 727 -25.88 39.19 96.93
N THR A 728 -26.02 40.52 96.88
CA THR A 728 -26.97 41.12 95.94
C THR A 728 -26.60 40.79 94.50
N LEU A 729 -25.31 40.92 94.16
CA LEU A 729 -24.88 40.60 92.80
C LEU A 729 -25.11 39.13 92.50
N ALA A 730 -24.81 38.26 93.45
CA ALA A 730 -25.04 36.83 93.25
C ALA A 730 -26.51 36.54 93.04
N ARG A 731 -27.39 37.22 93.78
CA ARG A 731 -28.83 37.02 93.60
C ARG A 731 -29.29 37.48 92.23
N ALA A 732 -28.78 38.62 91.76
CA ALA A 732 -29.13 39.07 90.42
C ALA A 732 -28.70 38.05 89.36
N ALA A 733 -27.45 37.59 89.45
CA ALA A 733 -26.97 36.61 88.48
C ALA A 733 -27.75 35.31 88.57
N GLU A 734 -28.12 34.91 89.79
CA GLU A 734 -28.90 33.70 89.99
C GLU A 734 -30.27 33.82 89.35
N ARG A 735 -30.90 34.99 89.49
CA ARG A 735 -32.20 35.20 88.86
C ARG A 735 -32.07 35.12 87.34
N LYS A 736 -31.01 35.71 86.78
CA LYS A 736 -30.80 35.59 85.35
C LYS A 736 -30.64 34.14 84.93
N ALA A 737 -29.81 33.38 85.66
CA ALA A 737 -29.58 31.99 85.30
C ALA A 737 -30.86 31.17 85.43
N GLN A 738 -31.64 31.42 86.48
CA GLN A 738 -32.90 30.73 86.67
C GLN A 738 -33.86 31.02 85.51
N GLN A 739 -33.91 32.28 85.07
CA GLN A 739 -34.74 32.61 83.92
C GLN A 739 -34.27 31.85 82.69
N THR A 740 -32.95 31.79 82.48
CA THR A 740 -32.42 31.01 81.35
C THR A 740 -32.44 29.51 81.64
N ALA A 741 -32.36 29.11 82.91
CA ALA A 741 -32.36 27.70 83.25
C ALA A 741 -33.75 27.10 83.16
N GLN A 742 -34.79 27.93 83.34
CA GLN A 742 -36.15 27.42 83.40
C GLN A 742 -36.66 26.91 82.06
N GLN A 743 -35.92 27.12 80.97
CA GLN A 743 -36.37 26.71 79.66
C GLN A 743 -36.48 25.20 79.50
N GLY A 744 -35.77 24.42 80.32
CA GLY A 744 -35.98 22.99 80.40
C GLY A 744 -35.42 22.21 79.21
N MET A 745 -35.46 20.89 79.35
CA MET A 745 -34.98 19.96 78.34
C MET A 745 -35.67 18.62 78.53
N LYS A 746 -35.59 17.78 77.49
CA LYS A 746 -35.88 16.36 77.63
C LYS A 746 -34.58 15.58 77.71
N GLU A 747 -34.65 14.38 78.28
CA GLU A 747 -33.44 13.67 78.64
C GLU A 747 -32.58 13.32 77.42
N GLU A 748 -33.20 13.16 76.25
CA GLU A 748 -32.40 12.99 75.04
C GLU A 748 -31.52 14.22 74.79
N GLU A 749 -32.12 15.41 74.91
CA GLU A 749 -31.35 16.64 74.73
C GLU A 749 -30.31 16.81 75.82
N ARG A 750 -30.64 16.39 77.04
CA ARG A 750 -29.67 16.47 78.14
C ARG A 750 -28.48 15.54 77.87
N GLU A 751 -28.75 14.33 77.36
CA GLU A 751 -27.66 13.43 76.98
C GLU A 751 -26.81 14.05 75.89
N LEU A 752 -27.46 14.65 74.88
CA LEU A 752 -26.71 15.30 73.81
C LEU A 752 -25.84 16.41 74.34
N CYS A 753 -26.39 17.26 75.22
CA CYS A 753 -25.62 18.37 75.78
C CYS A 753 -24.46 17.88 76.62
N ALA A 754 -24.71 16.89 77.48
CA ALA A 754 -23.66 16.38 78.35
C ALA A 754 -22.53 15.77 77.53
N SER A 755 -22.87 15.04 76.47
CA SER A 755 -21.86 14.42 75.63
C SER A 755 -20.95 15.45 74.97
N HIS A 756 -21.35 16.73 74.92
CA HIS A 756 -20.55 17.78 74.30
C HIS A 756 -20.39 19.02 75.16
N PHE A 757 -21.15 19.18 76.23
CA PHE A 757 -21.06 20.37 77.07
C PHE A 757 -20.59 19.99 78.47
N PRO A 758 -19.82 20.85 79.13
CA PRO A 758 -19.15 20.45 80.38
C PRO A 758 -20.02 20.69 81.61
N VAL A 759 -19.43 20.41 82.76
CA VAL A 759 -20.00 20.76 84.06
C VAL A 759 -19.16 21.88 84.65
N VAL A 760 -19.64 23.12 84.50
CA VAL A 760 -18.88 24.26 84.98
C VAL A 760 -18.87 24.27 86.49
N THR A 761 -17.73 24.66 87.06
CA THR A 761 -17.54 24.66 88.51
C THR A 761 -18.00 26.00 89.10
N LEU A 762 -18.09 26.03 90.44
CA LEU A 762 -18.50 27.24 91.13
C LEU A 762 -17.51 28.37 90.90
N GLU A 763 -16.20 28.05 90.90
CA GLU A 763 -15.19 29.09 90.70
C GLU A 763 -15.37 29.79 89.37
N GLN A 764 -15.61 29.01 88.31
CA GLN A 764 -15.79 29.57 86.97
C GLN A 764 -17.17 30.18 86.76
N LEU A 765 -17.99 30.26 87.81
CA LEU A 765 -19.38 30.66 87.64
C LEU A 765 -19.55 32.03 87.00
N PRO A 766 -18.86 33.09 87.44
CA PRO A 766 -19.03 34.39 86.77
C PRO A 766 -18.63 34.38 85.30
N ASP A 767 -17.64 33.58 84.91
CA ASP A 767 -17.13 33.55 83.55
C ASP A 767 -17.88 32.56 82.66
N ILE A 768 -19.00 32.01 83.13
CA ILE A 768 -19.64 30.89 82.44
C ILE A 768 -20.06 31.26 81.03
N ARG A 769 -20.44 32.52 80.80
CA ARG A 769 -20.99 32.88 79.51
C ARG A 769 -19.94 32.92 78.40
N ASP A 770 -18.69 33.24 78.74
CA ASP A 770 -17.64 33.18 77.72
C ASP A 770 -17.38 31.74 77.28
N LEU A 771 -17.44 30.80 78.22
CA LEU A 771 -17.33 29.38 77.84
C LEU A 771 -18.49 28.97 76.95
N GLU A 772 -19.69 29.47 77.27
CA GLU A 772 -20.84 29.23 76.41
C GLU A 772 -20.60 29.77 75.01
N ARG A 773 -20.01 30.97 74.92
CA ARG A 773 -19.69 31.54 73.61
C ARG A 773 -18.68 30.68 72.87
N GLN A 774 -17.69 30.14 73.58
CA GLN A 774 -16.70 29.28 72.95
C GLN A 774 -17.35 28.02 72.38
N HIS A 775 -18.23 27.38 73.16
CA HIS A 775 -18.94 26.21 72.67
C HIS A 775 -19.83 26.55 71.48
N GLU A 776 -20.49 27.71 71.55
CA GLU A 776 -21.32 28.17 70.45
C GLU A 776 -20.49 28.37 69.19
N ARG A 777 -19.29 28.93 69.35
CA ARG A 777 -18.40 29.12 68.22
C ARG A 777 -17.97 27.78 67.62
N GLY A 778 -17.71 26.79 68.48
CA GLY A 778 -17.39 25.47 67.98
C GLY A 778 -18.53 24.89 67.15
N ILE A 779 -19.75 24.96 67.67
CA ILE A 779 -20.91 24.43 66.93
C ILE A 779 -21.07 25.19 65.62
N GLN A 780 -20.90 26.51 65.65
CA GLN A 780 -21.04 27.32 64.45
C GLN A 780 -20.00 26.93 63.40
N HIS A 781 -18.76 26.70 63.84
CA HIS A 781 -17.72 26.25 62.92
C HIS A 781 -18.10 24.92 62.30
N GLU A 782 -18.61 23.99 63.11
CA GLU A 782 -18.98 22.68 62.57
C GLU A 782 -20.09 22.80 61.54
N ILE A 783 -21.09 23.66 61.81
CA ILE A 783 -22.17 23.85 60.84
C ILE A 783 -21.65 24.43 59.54
N GLU A 784 -20.83 25.50 59.65
CA GLU A 784 -20.32 26.14 58.45
C GLU A 784 -19.34 25.25 57.70
N ARG A 785 -18.84 24.19 58.34
CA ARG A 785 -18.02 23.20 57.65
C ARG A 785 -18.89 22.18 56.91
N VAL A 786 -19.93 21.68 57.57
CA VAL A 786 -20.75 20.63 56.96
C VAL A 786 -21.56 21.17 55.79
N LYS A 787 -22.04 22.41 55.91
CA LYS A 787 -22.82 22.99 54.82
C LYS A 787 -22.03 22.99 53.52
N ALA A 788 -20.70 23.16 53.62
CA ALA A 788 -19.85 23.12 52.43
C ALA A 788 -19.84 21.74 51.78
N GLU A 789 -19.80 20.68 52.59
CA GLU A 789 -19.89 19.34 52.03
C GLU A 789 -21.21 19.14 51.31
N LEU A 790 -22.30 19.67 51.88
CA LEU A 790 -23.58 19.59 51.18
C LEU A 790 -23.52 20.34 49.85
N HIS A 791 -22.89 21.50 49.83
CA HIS A 791 -22.65 22.23 48.59
C HIS A 791 -21.96 21.34 47.55
N ARG A 792 -20.86 20.71 47.94
CA ARG A 792 -20.11 19.89 47.00
C ARG A 792 -20.97 18.75 46.45
N LEU A 793 -21.71 18.08 47.34
CA LEU A 793 -22.55 16.97 46.90
C LEU A 793 -23.61 17.44 45.92
N ASN A 794 -24.22 18.60 46.20
CA ASN A 794 -25.20 19.14 45.27
C ASN A 794 -24.58 19.38 43.90
N ILE A 795 -23.38 19.95 43.87
CA ILE A 795 -22.72 20.23 42.60
C ILE A 795 -22.54 18.93 41.81
N GLU A 796 -21.98 17.92 42.47
CA GLU A 796 -21.71 16.65 41.77
C GLU A 796 -23.02 16.02 41.29
N LEU A 797 -24.06 16.08 42.11
CA LEU A 797 -25.33 15.45 41.74
C LEU A 797 -25.94 16.14 40.54
N THR A 798 -25.84 17.47 40.46
CA THR A 798 -26.31 18.16 39.26
C THR A 798 -25.50 17.76 38.04
N LYS A 799 -24.18 17.66 38.16
CA LYS A 799 -23.40 17.17 37.03
C LYS A 799 -23.92 15.82 36.55
N ARG A 800 -24.18 14.92 37.48
CA ARG A 800 -24.60 13.57 37.09
C ARG A 800 -25.99 13.60 36.44
N MET A 801 -26.91 14.41 36.97
CA MET A 801 -28.22 14.50 36.32
C MET A 801 -28.09 15.01 34.89
N SER A 802 -27.25 16.02 34.69
CA SER A 802 -27.06 16.54 33.33
C SER A 802 -26.49 15.47 32.41
N GLU A 803 -25.49 14.72 32.90
CA GLU A 803 -24.94 13.65 32.08
C GLU A 803 -26.01 12.63 31.72
N ALA A 804 -26.88 12.29 32.68
CA ALA A 804 -27.97 11.38 32.37
C ALA A 804 -28.90 11.96 31.31
N LYS A 805 -29.25 13.24 31.44
CA LYS A 805 -30.11 13.88 30.45
C LYS A 805 -29.50 13.79 29.06
N ARG A 806 -28.18 13.89 28.97
CA ARG A 806 -27.55 13.90 27.64
C ARG A 806 -27.88 12.63 26.86
N VAL A 807 -27.83 11.47 27.51
CA VAL A 807 -27.98 10.20 26.82
C VAL A 807 -29.42 9.69 26.84
N ASP A 808 -30.33 10.35 27.55
CA ASP A 808 -31.70 9.89 27.65
C ASP A 808 -32.39 9.90 26.29
N THR A 809 -33.51 9.18 26.21
CA THR A 809 -34.36 9.23 25.02
C THR A 809 -35.81 9.03 25.46
N GLY A 810 -36.51 10.14 25.71
CA GLY A 810 -37.94 10.12 25.86
C GLY A 810 -38.50 10.21 27.28
N ALA A 811 -37.68 9.99 28.30
CA ALA A 811 -38.22 9.96 29.66
C ALA A 811 -37.77 11.15 30.49
N LEU A 812 -36.45 11.35 30.62
CA LEU A 812 -35.96 12.55 31.30
C LEU A 812 -36.26 13.81 30.51
N VAL A 813 -36.71 13.68 29.26
CA VAL A 813 -37.08 14.82 28.44
C VAL A 813 -38.03 15.75 29.18
N GLU A 814 -38.86 15.21 30.07
CA GLU A 814 -39.89 16.00 30.72
C GLU A 814 -39.30 16.88 31.83
N ALA A 815 -38.71 16.26 32.85
CA ALA A 815 -38.28 17.00 34.02
C ALA A 815 -36.95 17.72 33.77
N GLY A 816 -36.62 18.64 34.67
CA GLY A 816 -35.36 19.34 34.64
C GLY A 816 -34.29 18.59 35.42
N ALA A 817 -33.34 19.36 35.97
CA ALA A 817 -32.26 18.81 36.77
C ALA A 817 -32.02 19.76 37.95
N ASP A 818 -32.53 19.37 39.12
CA ASP A 818 -32.33 20.12 40.34
C ASP A 818 -32.51 19.18 41.52
N LEU A 819 -32.11 19.65 42.70
CA LEU A 819 -32.23 18.85 43.92
C LEU A 819 -33.67 18.59 44.31
N ASP A 820 -34.65 19.09 43.55
CA ASP A 820 -36.05 18.73 43.74
C ASP A 820 -36.60 17.82 42.66
N ASP A 821 -35.93 17.71 41.51
CA ASP A 821 -36.39 16.82 40.46
C ASP A 821 -36.05 15.37 40.76
N ILE A 822 -35.11 15.12 41.65
CA ILE A 822 -34.46 13.82 41.81
C ILE A 822 -35.43 12.66 41.73
N PRO A 823 -36.58 12.69 42.43
CA PRO A 823 -37.42 11.48 42.48
C PRO A 823 -37.73 10.86 41.13
N VAL A 824 -37.87 11.67 40.07
CA VAL A 824 -38.17 11.10 38.76
C VAL A 824 -37.04 10.19 38.30
N TYR A 825 -35.79 10.62 38.46
CA TYR A 825 -34.66 9.80 38.04
C TYR A 825 -34.72 8.42 38.69
N LEU A 826 -34.86 8.39 40.02
CA LEU A 826 -34.84 7.12 40.73
C LEU A 826 -36.00 6.23 40.31
N GLN A 827 -37.17 6.82 40.04
CA GLN A 827 -38.29 6.03 39.55
C GLN A 827 -37.95 5.36 38.22
N ARG A 828 -37.32 6.11 37.30
CA ARG A 828 -36.93 5.53 36.02
C ARG A 828 -35.93 4.41 36.22
N LEU A 829 -34.96 4.61 37.12
CA LEU A 829 -33.98 3.54 37.37
C LEU A 829 -34.67 2.30 37.92
N GLN A 830 -35.62 2.49 38.84
CA GLN A 830 -36.36 1.35 39.36
C GLN A 830 -37.11 0.63 38.24
N GLU A 831 -37.74 1.39 37.35
CA GLU A 831 -38.45 0.76 36.24
C GLU A 831 -37.49 -0.05 35.36
N LEU A 832 -36.35 0.52 35.02
CA LEU A 832 -35.42 -0.16 34.12
C LEU A 832 -34.67 -1.26 34.85
N THR A 833 -34.87 -1.36 36.17
CA THR A 833 -34.43 -2.52 36.91
C THR A 833 -35.50 -3.61 36.97
N GLU A 834 -36.78 -3.24 37.03
CA GLU A 834 -37.83 -4.24 37.05
C GLU A 834 -37.82 -5.08 35.79
N GLU A 835 -37.72 -4.43 34.63
CA GLU A 835 -37.79 -5.16 33.36
C GLU A 835 -36.62 -6.09 33.17
N ALA A 836 -35.51 -5.88 33.87
CA ALA A 836 -34.29 -6.66 33.68
C ALA A 836 -33.92 -6.77 32.20
N LEU A 837 -34.30 -5.76 31.42
CA LEU A 837 -34.18 -5.84 29.97
C LEU A 837 -32.73 -5.92 29.52
N PRO A 838 -31.82 -5.09 30.04
CA PRO A 838 -30.44 -5.09 29.49
C PRO A 838 -29.71 -6.42 29.59
N GLU A 839 -30.30 -7.43 30.23
CA GLU A 839 -29.60 -8.68 30.51
C GLU A 839 -30.13 -9.84 29.67
N LYS A 840 -30.90 -9.58 28.62
CA LYS A 840 -31.28 -10.59 27.65
C LYS A 840 -30.31 -10.67 26.48
N LEU A 841 -29.28 -9.83 26.46
CA LEU A 841 -28.59 -9.48 25.22
C LEU A 841 -27.99 -10.70 24.53
N ASN A 842 -27.21 -11.48 25.27
CA ASN A 842 -26.40 -12.53 24.67
C ASN A 842 -27.18 -13.82 24.46
N ARG A 843 -28.49 -13.85 24.76
CA ARG A 843 -29.35 -14.90 24.25
C ARG A 843 -30.10 -14.45 22.99
N PHE A 844 -30.37 -13.15 22.88
CA PHE A 844 -31.07 -12.64 21.70
C PHE A 844 -30.14 -12.58 20.49
N LEU A 845 -28.85 -12.29 20.72
CA LEU A 845 -27.92 -12.27 19.61
C LEU A 845 -27.77 -13.65 18.97
N ASP A 846 -28.26 -14.70 19.62
CA ASP A 846 -28.30 -16.03 19.02
C ASP A 846 -29.51 -16.19 18.12
N TYR A 847 -30.70 -15.88 18.64
CA TYR A 847 -31.93 -16.02 17.87
C TYR A 847 -31.86 -15.20 16.58
N LEU A 848 -31.32 -13.98 16.67
CA LEU A 848 -31.20 -13.16 15.45
C LEU A 848 -30.41 -13.90 14.38
N ASN A 849 -29.23 -14.39 14.74
CA ASN A 849 -28.40 -15.10 13.78
C ASN A 849 -29.16 -16.28 13.19
N ARG A 850 -29.75 -17.11 14.05
CA ARG A 850 -30.38 -18.31 13.52
C ARG A 850 -31.48 -17.96 12.53
N SER A 851 -32.38 -17.04 12.89
CA SER A 851 -33.51 -16.75 12.01
C SER A 851 -33.05 -16.13 10.70
N SER A 852 -32.26 -15.05 10.77
CA SER A 852 -31.85 -14.39 9.55
C SER A 852 -30.99 -15.28 8.68
N ASP A 853 -30.20 -16.17 9.29
CA ASP A 853 -29.37 -17.07 8.52
C ASP A 853 -30.21 -18.12 7.79
N ASP A 854 -31.18 -18.71 8.49
CA ASP A 854 -32.09 -19.62 7.81
C ASP A 854 -32.78 -18.94 6.64
N GLY A 855 -33.14 -17.66 6.80
CA GLY A 855 -33.73 -16.97 5.67
C GLY A 855 -32.79 -16.81 4.49
N VAL A 856 -31.59 -16.30 4.78
CA VAL A 856 -30.63 -16.02 3.71
C VAL A 856 -30.13 -17.30 3.07
N THR A 857 -30.39 -18.45 3.69
CA THR A 857 -30.06 -19.72 3.04
C THR A 857 -31.24 -20.28 2.26
N GLN A 858 -32.46 -20.11 2.79
CA GLN A 858 -33.63 -20.58 2.06
C GLN A 858 -33.86 -19.77 0.79
N LEU A 859 -33.23 -18.60 0.67
CA LEU A 859 -33.24 -17.94 -0.63
C LEU A 859 -32.23 -18.56 -1.57
N LEU A 860 -30.95 -18.51 -1.20
CA LEU A 860 -29.88 -18.91 -2.11
C LEU A 860 -29.82 -20.42 -2.31
N SER A 861 -30.72 -21.19 -1.73
CA SER A 861 -30.98 -22.52 -2.25
C SER A 861 -31.91 -22.42 -3.45
N HIS A 862 -33.08 -21.85 -3.21
CA HIS A 862 -34.14 -21.76 -4.22
C HIS A 862 -33.62 -21.15 -5.52
N ILE A 863 -32.93 -20.02 -5.42
CA ILE A 863 -32.43 -19.34 -6.61
C ILE A 863 -31.67 -20.32 -7.49
N GLU A 864 -30.62 -20.93 -6.93
CA GLU A 864 -29.83 -21.89 -7.71
C GLU A 864 -30.68 -23.04 -8.20
N HIS A 865 -31.48 -23.64 -7.31
CA HIS A 865 -32.14 -24.90 -7.62
C HIS A 865 -33.08 -24.73 -8.81
N GLU A 866 -33.60 -23.52 -9.00
CA GLU A 866 -34.32 -23.22 -10.23
C GLU A 866 -33.48 -23.57 -11.46
N VAL A 867 -32.16 -23.34 -11.39
CA VAL A 867 -31.30 -23.67 -12.52
C VAL A 867 -31.29 -25.18 -12.78
N LEU A 868 -31.22 -25.97 -11.71
CA LEU A 868 -31.26 -27.42 -11.87
C LEU A 868 -32.62 -27.90 -12.32
N VAL A 869 -33.65 -27.07 -12.22
CA VAL A 869 -34.92 -27.35 -12.89
C VAL A 869 -34.86 -26.99 -14.37
N ILE A 870 -34.32 -25.82 -14.70
CA ILE A 870 -34.24 -25.42 -16.10
C ILE A 870 -33.45 -26.45 -16.90
N GLU A 871 -32.38 -26.97 -16.33
CA GLU A 871 -31.50 -27.86 -17.08
C GLU A 871 -32.09 -29.27 -17.22
N GLU A 872 -33.38 -29.44 -16.92
CA GLU A 872 -34.10 -30.62 -17.34
C GLU A 872 -34.96 -30.37 -18.57
N ARG A 873 -35.52 -29.16 -18.71
CA ARG A 873 -36.28 -28.86 -19.91
C ARG A 873 -35.41 -28.97 -21.15
N LEU A 874 -34.20 -28.40 -21.11
CA LEU A 874 -33.33 -28.44 -22.27
C LEU A 874 -33.03 -29.86 -22.71
N ASN A 875 -33.05 -30.83 -21.79
CA ASN A 875 -32.94 -32.23 -22.19
C ASN A 875 -34.09 -32.62 -23.11
N GLU A 876 -35.30 -32.19 -22.78
CA GLU A 876 -36.46 -32.55 -23.60
C GLU A 876 -36.33 -32.01 -25.01
N LEU A 877 -35.88 -30.76 -25.16
CA LEU A 877 -35.69 -30.22 -26.51
C LEU A 877 -34.59 -30.98 -27.25
N ASN A 878 -33.46 -31.20 -26.58
CA ASN A 878 -32.40 -32.02 -27.19
C ASN A 878 -32.91 -33.42 -27.52
N GLU A 879 -33.90 -33.90 -26.76
CA GLU A 879 -34.55 -35.16 -27.11
C GLU A 879 -35.38 -35.00 -28.39
N THR A 880 -36.16 -33.93 -28.47
CA THR A 880 -37.01 -33.71 -29.64
C THR A 880 -36.16 -33.48 -30.89
N MET A 881 -35.18 -32.58 -30.81
CA MET A 881 -34.41 -32.21 -31.99
C MET A 881 -33.51 -33.33 -32.48
N PHE A 882 -33.51 -34.49 -31.82
CA PHE A 882 -32.74 -35.62 -32.32
C PHE A 882 -33.47 -36.38 -33.40
N ARG A 883 -34.79 -36.13 -33.55
CA ARG A 883 -35.60 -36.90 -34.48
C ARG A 883 -35.61 -36.33 -35.89
N VAL A 884 -35.03 -35.15 -36.10
CA VAL A 884 -35.10 -34.46 -37.37
C VAL A 884 -33.69 -34.18 -37.86
N ASP A 885 -33.48 -34.34 -39.17
CA ASP A 885 -32.17 -34.11 -39.77
C ASP A 885 -32.06 -32.66 -40.20
N PHE A 886 -31.26 -31.88 -39.46
CA PHE A 886 -31.03 -30.49 -39.84
C PHE A 886 -30.28 -30.40 -41.16
N GLN A 887 -29.22 -31.19 -41.31
CA GLN A 887 -28.49 -31.34 -42.55
C GLN A 887 -28.40 -32.83 -42.84
N PRO A 888 -28.10 -33.22 -44.09
CA PRO A 888 -28.38 -34.59 -44.54
C PRO A 888 -28.11 -35.67 -43.51
N ASP A 889 -27.08 -35.51 -42.68
CA ASP A 889 -26.86 -36.44 -41.57
C ASP A 889 -26.37 -35.73 -40.31
N ARG A 890 -26.82 -34.50 -40.08
CA ARG A 890 -26.48 -33.76 -38.87
C ARG A 890 -27.74 -33.31 -38.16
N TYR A 891 -27.65 -33.21 -36.84
CA TYR A 891 -28.75 -32.75 -36.00
C TYR A 891 -28.22 -31.77 -34.98
N LEU A 892 -29.13 -30.94 -34.46
CA LEU A 892 -28.73 -29.92 -33.50
C LEU A 892 -28.70 -30.49 -32.09
N ARG A 893 -28.17 -29.68 -31.17
CA ARG A 893 -28.16 -30.00 -29.76
C ARG A 893 -27.83 -28.73 -28.98
N LEU A 894 -28.35 -28.66 -27.75
CA LEU A 894 -28.22 -27.48 -26.92
C LEU A 894 -27.35 -27.79 -25.69
N ASP A 895 -26.46 -26.85 -25.36
CA ASP A 895 -25.58 -26.97 -24.21
C ASP A 895 -25.64 -25.68 -23.41
N THR A 896 -24.99 -25.68 -22.25
CA THR A 896 -25.03 -24.54 -21.36
C THR A 896 -23.71 -24.38 -20.62
N LYS A 897 -23.40 -23.14 -20.26
CA LYS A 897 -22.24 -22.79 -19.46
C LYS A 897 -22.68 -21.99 -18.24
N LYS A 898 -21.92 -22.08 -17.16
CA LYS A 898 -22.20 -21.29 -15.98
C LYS A 898 -21.68 -19.86 -16.17
N VAL A 899 -22.56 -18.88 -15.95
CA VAL A 899 -22.18 -17.49 -16.17
C VAL A 899 -20.96 -17.15 -15.32
N VAL A 900 -20.18 -16.18 -15.81
CA VAL A 900 -19.10 -15.58 -15.05
C VAL A 900 -19.33 -14.08 -15.03
N HIS A 901 -19.45 -13.51 -13.85
CA HIS A 901 -19.63 -12.07 -13.69
C HIS A 901 -19.14 -11.66 -12.32
N GLU A 902 -18.85 -10.37 -12.17
CA GLU A 902 -18.21 -9.86 -10.97
C GLU A 902 -19.04 -10.15 -9.72
N SER A 903 -20.30 -9.68 -9.70
CA SER A 903 -21.08 -9.71 -8.47
C SER A 903 -21.32 -11.13 -8.00
N LEU A 904 -21.54 -12.07 -8.93
CA LEU A 904 -21.74 -13.46 -8.53
C LEU A 904 -20.49 -14.01 -7.85
N ARG A 905 -19.31 -13.66 -8.35
CA ARG A 905 -18.07 -14.07 -7.72
C ARG A 905 -17.96 -13.46 -6.31
N THR A 906 -18.33 -12.20 -6.18
CA THR A 906 -18.32 -11.56 -4.86
C THR A 906 -19.24 -12.31 -3.90
N LEU A 907 -20.42 -12.72 -4.37
CA LEU A 907 -21.31 -13.51 -3.53
C LEU A 907 -20.69 -14.84 -3.15
N GLU A 908 -20.02 -15.49 -4.10
CA GLU A 908 -19.31 -16.73 -3.75
C GLU A 908 -18.37 -16.49 -2.59
N LYS A 909 -17.55 -15.45 -2.66
CA LYS A 909 -16.60 -15.17 -1.59
C LYS A 909 -17.33 -14.89 -0.27
N ALA A 910 -18.38 -14.08 -0.34
CA ALA A 910 -19.10 -13.73 0.88
C ALA A 910 -19.74 -14.96 1.53
N GLN A 911 -20.33 -15.84 0.73
CA GLN A 911 -20.90 -17.06 1.28
C GLN A 911 -19.82 -17.94 1.91
N ARG A 912 -18.67 -18.08 1.24
CA ARG A 912 -17.59 -18.83 1.86
C ARG A 912 -17.26 -18.27 3.23
N GLN A 913 -17.14 -16.94 3.33
CA GLN A 913 -16.92 -16.32 4.62
C GLN A 913 -18.03 -16.70 5.61
N LEU A 914 -19.28 -16.61 5.17
CA LEU A 914 -20.39 -16.86 6.10
C LEU A 914 -20.35 -18.28 6.65
N ASN A 915 -19.89 -19.25 5.85
CA ASN A 915 -19.63 -20.56 6.41
C ASN A 915 -18.55 -20.49 7.48
N ALA A 916 -17.51 -19.68 7.24
CA ALA A 916 -16.36 -19.65 8.15
C ALA A 916 -16.77 -19.21 9.54
N ALA A 917 -17.52 -18.11 9.64
CA ALA A 917 -17.82 -17.51 10.93
C ALA A 917 -18.71 -18.39 11.81
N ARG A 918 -19.26 -19.46 11.26
CA ARG A 918 -20.16 -20.31 12.04
C ARG A 918 -19.45 -20.93 13.23
N PHE A 919 -18.22 -21.42 13.03
CA PHE A 919 -17.58 -22.28 14.01
C PHE A 919 -16.60 -21.56 14.91
N VAL A 920 -16.07 -20.40 14.50
CA VAL A 920 -15.15 -19.67 15.36
C VAL A 920 -15.83 -19.41 16.71
N ASP A 921 -15.17 -19.81 17.79
CA ASP A 921 -15.76 -19.69 19.11
C ASP A 921 -15.80 -18.24 19.55
N ASP A 922 -17.01 -17.72 19.76
CA ASP A 922 -17.21 -16.36 20.21
C ASP A 922 -18.66 -16.24 20.65
N ASN A 923 -18.97 -15.13 21.32
CA ASN A 923 -20.35 -14.91 21.74
C ASN A 923 -21.27 -14.66 20.56
N GLY A 924 -20.74 -14.43 19.35
CA GLY A 924 -21.56 -14.44 18.16
C GLY A 924 -21.24 -13.37 17.13
N GLU A 925 -20.21 -12.55 17.38
CA GLU A 925 -20.03 -11.34 16.60
C GLU A 925 -19.76 -11.65 15.12
N SER A 926 -18.77 -12.50 14.84
CA SER A 926 -18.33 -12.69 13.46
C SER A 926 -19.44 -13.27 12.59
N HIS A 927 -20.22 -14.20 13.13
CA HIS A 927 -21.41 -14.68 12.42
C HIS A 927 -22.29 -13.51 12.00
N TYR A 928 -22.52 -12.58 12.92
CA TYR A 928 -23.32 -11.40 12.61
C TYR A 928 -22.66 -10.55 11.53
N LYS A 929 -21.33 -10.40 11.59
CA LYS A 929 -20.64 -9.59 10.60
C LYS A 929 -20.86 -10.15 9.19
N ALA A 930 -20.67 -11.46 9.04
CA ALA A 930 -20.89 -12.09 7.74
C ALA A 930 -22.35 -11.98 7.32
N LEU A 931 -23.27 -12.25 8.24
CA LEU A 931 -24.69 -12.23 7.91
C LEU A 931 -25.22 -10.83 7.71
N GLN A 932 -24.42 -9.81 7.99
CA GLN A 932 -24.74 -8.43 7.63
C GLN A 932 -24.18 -8.08 6.25
N VAL A 933 -22.89 -8.37 6.04
CA VAL A 933 -22.29 -8.02 4.76
C VAL A 933 -23.00 -8.72 3.62
N LEU A 934 -23.48 -9.96 3.85
CA LEU A 934 -24.16 -10.68 2.79
C LEU A 934 -25.46 -9.99 2.39
N VAL A 935 -26.27 -9.59 3.37
CA VAL A 935 -27.53 -8.91 3.05
C VAL A 935 -27.26 -7.56 2.43
N ALA A 936 -26.12 -6.95 2.73
CA ALA A 936 -25.79 -5.67 2.11
C ALA A 936 -25.93 -5.74 0.61
N GLN A 937 -25.45 -6.82 -0.01
CA GLN A 937 -25.56 -6.96 -1.46
C GLN A 937 -27.01 -7.21 -1.89
N LEU A 938 -27.74 -8.04 -1.15
CA LEU A 938 -29.11 -8.33 -1.56
C LEU A 938 -29.97 -7.08 -1.59
N ARG A 939 -29.88 -6.21 -0.58
CA ARG A 939 -30.65 -4.98 -0.64
C ARG A 939 -30.20 -4.11 -1.80
N ASP A 940 -28.89 -4.03 -2.03
CA ASP A 940 -28.37 -3.19 -3.11
C ASP A 940 -28.86 -3.67 -4.47
N ALA A 941 -28.85 -4.98 -4.71
CA ALA A 941 -29.25 -5.51 -6.00
C ALA A 941 -30.74 -5.28 -6.28
N CYS A 942 -31.53 -4.96 -5.27
CA CYS A 942 -32.94 -4.63 -5.49
C CYS A 942 -33.13 -3.15 -5.78
N GLU A 943 -32.08 -2.33 -5.60
CA GLU A 943 -32.20 -0.90 -5.87
C GLU A 943 -31.94 -0.59 -7.34
N ARG A 944 -31.06 -1.35 -7.98
CA ARG A 944 -30.65 -1.12 -9.36
C ARG A 944 -30.96 -2.35 -10.21
N ASN A 945 -32.20 -2.82 -10.12
CA ASN A 945 -32.58 -4.12 -10.68
C ASN A 945 -32.47 -4.18 -12.20
N ARG A 946 -32.05 -3.10 -12.85
CA ARG A 946 -31.92 -3.08 -14.30
C ARG A 946 -30.56 -3.55 -14.80
N THR A 947 -29.47 -3.15 -14.14
CA THR A 947 -28.14 -3.51 -14.61
C THR A 947 -27.97 -5.02 -14.66
N LEU A 948 -26.99 -5.47 -15.44
CA LEU A 948 -26.77 -6.90 -15.66
C LEU A 948 -26.50 -7.62 -14.34
N GLY A 949 -25.62 -7.06 -13.53
CA GLY A 949 -25.27 -7.72 -12.27
C GLY A 949 -26.49 -7.99 -11.41
N ALA A 950 -27.31 -6.97 -11.19
CA ALA A 950 -28.50 -7.12 -10.39
C ALA A 950 -29.53 -8.05 -11.02
N LYS A 951 -29.31 -8.49 -12.26
CA LYS A 951 -30.07 -9.63 -12.79
C LYS A 951 -29.40 -10.93 -12.41
N ALA A 952 -28.07 -11.01 -12.55
CA ALA A 952 -27.36 -12.24 -12.27
C ALA A 952 -27.61 -12.71 -10.85
N LEU A 953 -27.65 -11.79 -9.89
CA LEU A 953 -27.64 -12.15 -8.48
C LEU A 953 -29.02 -12.56 -7.95
N LEU A 954 -30.09 -12.38 -8.71
CA LEU A 954 -31.41 -12.64 -8.16
C LEU A 954 -32.40 -13.29 -9.11
N ASP A 955 -32.00 -13.68 -10.33
CA ASP A 955 -32.97 -14.22 -11.29
C ASP A 955 -32.42 -15.50 -11.92
N PRO A 956 -33.19 -16.60 -11.92
CA PRO A 956 -32.61 -17.88 -12.37
C PRO A 956 -32.10 -17.84 -13.80
N ARG A 957 -32.95 -17.51 -14.77
CA ARG A 957 -32.60 -17.69 -16.17
C ARG A 957 -31.51 -16.72 -16.67
N PHE A 958 -30.91 -15.88 -15.84
CA PHE A 958 -29.79 -15.05 -16.23
C PHE A 958 -28.44 -15.59 -15.75
N ARG A 959 -28.41 -16.82 -15.21
CA ARG A 959 -27.17 -17.43 -14.76
C ARG A 959 -26.57 -18.40 -15.78
N LEU A 960 -27.13 -18.47 -16.99
CA LEU A 960 -26.67 -19.40 -18.00
C LEU A 960 -26.40 -18.68 -19.32
N GLU A 961 -25.36 -19.10 -20.02
CA GLU A 961 -25.16 -18.74 -21.43
C GLU A 961 -25.65 -19.89 -22.29
N PHE A 962 -26.36 -19.58 -23.37
CA PHE A 962 -26.89 -20.59 -24.25
C PHE A 962 -26.02 -20.73 -25.49
N ALA A 963 -25.95 -21.95 -26.02
CA ALA A 963 -25.10 -22.24 -27.16
C ALA A 963 -25.74 -23.34 -27.99
N VAL A 964 -25.38 -23.36 -29.28
CA VAL A 964 -25.92 -24.32 -30.23
C VAL A 964 -24.77 -25.16 -30.77
N SER A 965 -25.03 -26.45 -30.98
CA SER A 965 -24.03 -27.39 -31.48
C SER A 965 -24.65 -28.27 -32.56
N VAL A 966 -23.78 -28.71 -33.48
CA VAL A 966 -24.18 -29.59 -34.57
C VAL A 966 -23.51 -30.94 -34.38
N MET A 967 -24.29 -32.02 -34.45
CA MET A 967 -23.79 -33.36 -34.24
C MET A 967 -24.15 -34.23 -35.43
N ASP A 968 -23.27 -35.18 -35.73
CA ASP A 968 -23.42 -36.07 -36.87
C ASP A 968 -24.17 -37.33 -36.45
N ARG A 969 -25.01 -37.85 -37.35
CA ARG A 969 -25.74 -39.08 -37.05
C ARG A 969 -24.79 -40.24 -36.79
N GLN A 970 -23.70 -40.31 -37.55
CA GLN A 970 -22.75 -41.42 -37.46
C GLN A 970 -21.65 -41.19 -36.44
N SER A 971 -21.56 -39.99 -35.87
CA SER A 971 -20.50 -39.68 -34.91
C SER A 971 -21.02 -38.64 -33.94
N GLY A 972 -20.77 -38.85 -32.65
CA GLY A 972 -21.19 -37.90 -31.63
C GLY A 972 -20.23 -36.75 -31.49
N ASN A 973 -19.20 -36.71 -32.33
CA ASN A 973 -18.22 -35.64 -32.29
C ASN A 973 -18.82 -34.34 -32.81
N VAL A 974 -18.38 -33.23 -32.21
CA VAL A 974 -18.87 -31.92 -32.63
C VAL A 974 -18.55 -31.69 -34.11
N ILE A 975 -19.55 -31.30 -34.87
CA ILE A 975 -19.33 -30.84 -36.24
C ILE A 975 -19.18 -29.33 -36.27
N GLU A 976 -19.96 -28.62 -35.47
CA GLU A 976 -19.81 -27.18 -35.30
C GLU A 976 -20.66 -26.73 -34.12
N SER A 977 -20.12 -25.81 -33.33
CA SER A 977 -20.82 -25.25 -32.18
C SER A 977 -20.54 -23.76 -32.12
N ARG A 978 -21.57 -23.00 -31.77
CA ARG A 978 -21.53 -21.55 -31.88
C ARG A 978 -22.03 -20.91 -30.60
N THR A 979 -21.31 -19.90 -30.12
CA THR A 979 -21.79 -19.03 -29.06
C THR A 979 -20.88 -17.81 -28.93
N GLY A 980 -21.46 -16.62 -29.00
CA GLY A 980 -20.68 -15.40 -28.89
C GLY A 980 -19.87 -15.14 -30.14
N SER A 981 -19.67 -13.87 -30.49
CA SER A 981 -18.93 -13.48 -31.68
C SER A 981 -19.39 -14.30 -32.88
N GLN A 982 -20.68 -14.18 -33.20
CA GLN A 982 -21.28 -15.00 -34.22
C GLN A 982 -20.49 -14.91 -35.52
N GLY A 983 -20.26 -13.69 -35.99
CA GLY A 983 -19.50 -13.49 -37.21
C GLY A 983 -20.09 -14.25 -38.37
N GLY A 984 -21.42 -14.27 -38.44
CA GLY A 984 -22.11 -15.04 -39.45
C GLY A 984 -23.10 -14.18 -40.19
N SER A 985 -23.27 -14.50 -41.47
CA SER A 985 -24.17 -13.76 -42.32
C SER A 985 -25.57 -13.71 -41.71
N GLY A 986 -26.34 -12.71 -42.14
CA GLY A 986 -27.72 -12.61 -41.67
C GLY A 986 -28.53 -13.86 -41.93
N GLY A 987 -28.37 -14.47 -43.10
CA GLY A 987 -29.06 -15.72 -43.39
C GLY A 987 -28.71 -16.85 -42.46
N GLU A 988 -27.47 -16.88 -41.96
CA GLU A 988 -27.11 -17.90 -40.97
C GLU A 988 -27.96 -17.77 -39.73
N LYS A 989 -28.19 -16.55 -39.26
CA LYS A 989 -28.95 -16.36 -38.02
C LYS A 989 -30.37 -16.89 -38.16
N GLU A 990 -31.09 -16.44 -39.19
CA GLU A 990 -32.54 -16.68 -39.27
C GLU A 990 -32.87 -18.16 -39.29
N ILE A 991 -32.03 -19.01 -39.86
CA ILE A 991 -32.27 -20.45 -39.81
C ILE A 991 -32.31 -20.87 -38.35
N ILE A 992 -31.17 -20.74 -37.67
CA ILE A 992 -31.08 -21.10 -36.25
C ILE A 992 -32.29 -20.57 -35.50
N ALA A 993 -32.65 -19.32 -35.75
CA ALA A 993 -33.79 -18.69 -35.11
C ALA A 993 -35.04 -19.52 -35.30
N SER A 994 -35.45 -19.65 -36.55
CA SER A 994 -36.70 -20.34 -36.87
C SER A 994 -36.70 -21.77 -36.36
N TYR A 995 -35.58 -22.47 -36.47
CA TYR A 995 -35.54 -23.87 -36.08
C TYR A 995 -35.70 -24.01 -34.56
N VAL A 996 -34.94 -23.24 -33.78
CA VAL A 996 -35.07 -23.34 -32.33
C VAL A 996 -36.48 -22.95 -31.90
N LEU A 997 -37.02 -21.88 -32.47
CA LEU A 997 -38.36 -21.44 -32.06
C LEU A 997 -39.41 -22.48 -32.41
N THR A 998 -39.32 -23.06 -33.61
CA THR A 998 -40.28 -24.07 -34.03
C THR A 998 -40.19 -25.29 -33.13
N ALA A 999 -38.97 -25.73 -32.83
CA ALA A 999 -38.81 -26.89 -31.95
C ALA A 999 -39.42 -26.62 -30.58
N SER A 1000 -39.15 -25.44 -30.02
CA SER A 1000 -39.74 -25.08 -28.74
C SER A 1000 -41.25 -25.15 -28.80
N LEU A 1001 -41.86 -24.35 -29.69
CA LEU A 1001 -43.32 -24.30 -29.72
C LEU A 1001 -43.93 -25.65 -30.04
N SER A 1002 -43.21 -26.51 -30.78
CA SER A 1002 -43.67 -27.88 -30.95
C SER A 1002 -43.71 -28.61 -29.63
N TYR A 1003 -42.63 -28.51 -28.86
CA TYR A 1003 -42.59 -29.22 -27.58
C TYR A 1003 -43.69 -28.73 -26.66
N ALA A 1004 -43.81 -27.41 -26.50
CA ALA A 1004 -44.69 -26.87 -25.48
C ALA A 1004 -46.14 -27.30 -25.68
N LEU A 1005 -46.54 -27.56 -26.93
CA LEU A 1005 -47.91 -27.96 -27.21
C LEU A 1005 -48.14 -29.46 -27.08
N CYS A 1006 -47.09 -30.24 -26.89
CA CYS A 1006 -47.25 -31.69 -26.83
C CYS A 1006 -47.84 -32.10 -25.49
N PRO A 1007 -48.98 -32.80 -25.47
CA PRO A 1007 -49.49 -33.32 -24.20
C PRO A 1007 -48.53 -34.32 -23.59
N ALA A 1008 -48.60 -34.44 -22.26
CA ALA A 1008 -47.65 -35.25 -21.52
C ALA A 1008 -47.61 -36.67 -22.08
N GLY A 1009 -46.39 -37.19 -22.23
CA GLY A 1009 -46.19 -38.54 -22.71
C GLY A 1009 -46.14 -38.64 -24.22
N SER A 1010 -47.07 -37.98 -24.89
CA SER A 1010 -47.12 -38.01 -26.35
C SER A 1010 -46.19 -36.95 -26.93
N ARG A 1011 -45.84 -37.15 -28.21
CA ARG A 1011 -45.05 -36.17 -28.95
C ARG A 1011 -45.72 -35.80 -30.27
N TYR A 1012 -47.05 -35.78 -30.30
CA TYR A 1012 -47.83 -35.27 -31.42
C TYR A 1012 -48.81 -34.24 -30.89
N PRO A 1013 -48.54 -32.94 -31.03
CA PRO A 1013 -49.40 -31.94 -30.39
C PRO A 1013 -50.83 -32.01 -30.89
N LEU A 1014 -51.75 -31.67 -30.00
CA LEU A 1014 -53.18 -31.73 -30.31
C LEU A 1014 -53.64 -30.49 -31.07
N PHE A 1015 -53.26 -29.30 -30.61
CA PHE A 1015 -53.41 -28.10 -31.41
C PHE A 1015 -52.29 -28.03 -32.44
N GLY A 1016 -52.62 -27.58 -33.65
CA GLY A 1016 -51.68 -27.67 -34.76
C GLY A 1016 -51.32 -26.39 -35.51
N THR A 1017 -52.18 -25.37 -35.48
CA THR A 1017 -52.08 -24.27 -36.44
C THR A 1017 -51.16 -23.18 -35.91
N ILE A 1018 -49.87 -23.32 -36.21
CA ILE A 1018 -48.88 -22.29 -35.88
C ILE A 1018 -48.78 -21.29 -37.02
N ILE A 1019 -48.95 -20.01 -36.69
CA ILE A 1019 -48.92 -18.95 -37.70
C ILE A 1019 -47.50 -18.44 -37.89
N LEU A 1020 -47.29 -17.70 -38.99
CA LEU A 1020 -46.08 -16.93 -39.22
C LEU A 1020 -46.45 -15.72 -40.07
N ASP A 1021 -45.51 -14.78 -40.18
CA ASP A 1021 -45.76 -13.56 -40.93
C ASP A 1021 -44.45 -12.88 -41.27
N GLU A 1022 -44.29 -12.55 -42.55
CA GLU A 1022 -43.18 -11.71 -43.03
C GLU A 1022 -41.86 -12.16 -42.42
N ALA A 1023 -41.47 -13.38 -42.77
CA ALA A 1023 -40.44 -14.11 -42.03
C ALA A 1023 -39.06 -14.05 -42.66
N PHE A 1024 -38.96 -14.00 -43.99
CA PHE A 1024 -37.72 -14.37 -44.67
C PHE A 1024 -37.00 -13.19 -45.30
N SER A 1025 -37.05 -12.03 -44.67
CA SER A 1025 -36.48 -10.82 -45.29
C SER A 1025 -34.96 -10.73 -45.16
N ARG A 1026 -34.22 -11.74 -44.71
CA ARG A 1026 -32.76 -11.68 -44.69
C ARG A 1026 -32.14 -12.99 -45.16
N SER A 1027 -32.77 -13.69 -46.11
CA SER A 1027 -32.32 -15.01 -46.52
C SER A 1027 -32.62 -15.21 -47.99
N SER A 1028 -31.90 -16.14 -48.59
CA SER A 1028 -32.07 -16.45 -50.01
C SER A 1028 -33.14 -17.52 -50.20
N HIS A 1029 -33.69 -17.56 -51.43
CA HIS A 1029 -34.65 -18.60 -51.75
C HIS A 1029 -34.06 -19.99 -51.57
N ALA A 1030 -32.73 -20.10 -51.67
CA ALA A 1030 -32.09 -21.40 -51.51
C ALA A 1030 -32.21 -21.91 -50.07
N VAL A 1031 -31.90 -21.05 -49.10
CA VAL A 1031 -31.91 -21.50 -47.71
C VAL A 1031 -33.33 -21.53 -47.17
N ALA A 1032 -34.18 -20.59 -47.57
CA ALA A 1032 -35.55 -20.55 -47.06
C ALA A 1032 -36.26 -21.87 -47.32
N GLY A 1033 -35.91 -22.55 -48.41
CA GLY A 1033 -36.51 -23.85 -48.70
C GLY A 1033 -36.29 -24.86 -47.59
N ARG A 1034 -35.22 -24.70 -46.80
CA ARG A 1034 -34.99 -25.59 -45.68
C ARG A 1034 -36.06 -25.43 -44.61
N ILE A 1035 -36.33 -24.18 -44.21
CA ILE A 1035 -37.23 -23.93 -43.10
C ILE A 1035 -38.63 -24.45 -43.41
N ILE A 1036 -39.10 -24.21 -44.63
CA ILE A 1036 -40.46 -24.62 -44.99
C ILE A 1036 -40.62 -26.13 -44.83
N ALA A 1037 -39.62 -26.90 -45.27
CA ALA A 1037 -39.69 -28.34 -45.16
C ALA A 1037 -39.55 -28.78 -43.70
N ALA A 1038 -38.66 -28.15 -42.96
CA ALA A 1038 -38.45 -28.53 -41.57
C ALA A 1038 -39.71 -28.31 -40.74
N LEU A 1039 -40.35 -27.14 -40.89
CA LEU A 1039 -41.52 -26.81 -40.09
C LEU A 1039 -42.59 -27.87 -40.20
N ARG A 1040 -42.92 -28.26 -41.44
CA ARG A 1040 -43.91 -29.33 -41.64
C ARG A 1040 -43.41 -30.65 -41.10
N GLU A 1041 -42.08 -30.83 -41.03
CA GLU A 1041 -41.53 -32.10 -40.57
C GLU A 1041 -41.86 -32.34 -39.10
N PHE A 1042 -41.78 -31.31 -38.27
CA PHE A 1042 -41.99 -31.48 -36.84
C PHE A 1042 -43.40 -31.95 -36.52
N GLY A 1043 -44.35 -31.82 -37.46
CA GLY A 1043 -45.71 -32.24 -37.26
C GLY A 1043 -46.72 -31.11 -37.24
N LEU A 1044 -46.29 -29.88 -37.42
CA LEU A 1044 -47.19 -28.73 -37.36
C LEU A 1044 -47.73 -28.39 -38.75
N HIS A 1045 -48.59 -27.38 -38.80
CA HIS A 1045 -49.35 -27.05 -39.99
C HIS A 1045 -49.59 -25.54 -40.01
N ALA A 1046 -48.88 -24.83 -40.90
CA ALA A 1046 -48.69 -23.40 -40.74
C ALA A 1046 -49.28 -22.64 -41.91
N VAL A 1047 -50.20 -21.72 -41.62
CA VAL A 1047 -50.54 -20.67 -42.57
C VAL A 1047 -49.32 -19.80 -42.79
N PHE A 1048 -49.28 -19.08 -43.92
CA PHE A 1048 -48.19 -18.16 -44.23
C PHE A 1048 -48.74 -16.82 -44.67
N ILE A 1049 -48.37 -15.77 -43.95
CA ILE A 1049 -48.57 -14.42 -44.46
C ILE A 1049 -47.32 -13.99 -45.22
N THR A 1050 -47.49 -13.13 -46.20
CA THR A 1050 -46.35 -12.58 -46.93
C THR A 1050 -46.83 -11.46 -47.82
N PRO A 1051 -46.02 -10.41 -48.01
CA PRO A 1051 -46.37 -9.39 -49.02
C PRO A 1051 -46.24 -9.95 -50.42
N ASN A 1052 -46.40 -9.08 -51.43
CA ASN A 1052 -46.45 -9.54 -52.81
C ASN A 1052 -45.22 -10.34 -53.20
N LYS A 1053 -44.06 -10.00 -52.68
CA LYS A 1053 -42.82 -10.50 -53.26
C LYS A 1053 -42.71 -12.01 -53.10
N GLU A 1054 -41.92 -12.60 -54.02
CA GLU A 1054 -41.60 -14.02 -54.02
C GLU A 1054 -42.82 -14.91 -53.80
N MET A 1055 -43.87 -14.70 -54.59
CA MET A 1055 -44.96 -15.67 -54.63
C MET A 1055 -44.51 -16.96 -55.28
N ARG A 1056 -43.44 -16.91 -56.08
CA ARG A 1056 -42.88 -18.12 -56.67
C ARG A 1056 -42.58 -19.16 -55.60
N LEU A 1057 -41.95 -18.73 -54.51
CA LEU A 1057 -41.60 -19.66 -53.44
C LEU A 1057 -42.85 -20.31 -52.86
N LEU A 1058 -43.91 -19.53 -52.65
CA LEU A 1058 -45.11 -20.05 -52.02
C LEU A 1058 -45.87 -20.97 -52.95
N ARG A 1059 -45.81 -20.71 -54.26
CA ARG A 1059 -46.42 -21.63 -55.22
C ARG A 1059 -45.79 -23.02 -55.12
N ASP A 1060 -44.57 -23.10 -54.59
CA ASP A 1060 -43.88 -24.39 -54.51
C ASP A 1060 -44.25 -25.18 -53.27
N HIS A 1061 -44.96 -24.58 -52.31
CA HIS A 1061 -45.19 -25.25 -51.03
C HIS A 1061 -46.61 -25.05 -50.50
N THR A 1062 -47.61 -24.93 -51.39
CA THR A 1062 -48.96 -24.66 -50.95
C THR A 1062 -49.95 -25.22 -51.96
N ARG A 1063 -51.22 -25.24 -51.57
CA ARG A 1063 -52.30 -25.72 -52.42
C ARG A 1063 -53.42 -24.72 -52.61
N SER A 1064 -53.44 -23.63 -51.85
CA SER A 1064 -54.44 -22.59 -52.02
C SER A 1064 -53.88 -21.28 -51.50
N ALA A 1065 -54.52 -20.19 -51.89
CA ALA A 1065 -54.15 -18.86 -51.43
C ALA A 1065 -55.40 -18.03 -51.23
N ILE A 1066 -55.30 -17.02 -50.37
CA ILE A 1066 -56.41 -16.13 -50.05
C ILE A 1066 -55.99 -14.72 -50.43
N VAL A 1067 -56.67 -14.17 -51.44
CA VAL A 1067 -56.45 -12.79 -51.87
C VAL A 1067 -57.32 -11.89 -51.02
N VAL A 1068 -56.80 -10.73 -50.64
CA VAL A 1068 -57.50 -9.77 -49.79
C VAL A 1068 -57.40 -8.42 -50.50
N HIS A 1069 -58.52 -7.93 -51.02
CA HIS A 1069 -58.55 -6.72 -51.83
C HIS A 1069 -58.84 -5.49 -50.98
N ARG A 1070 -58.22 -4.37 -51.35
CA ARG A 1070 -58.44 -3.10 -50.69
C ARG A 1070 -59.00 -2.11 -51.70
N ARG A 1071 -60.06 -1.40 -51.30
CA ARG A 1071 -60.72 -0.44 -52.19
C ARG A 1071 -61.41 0.60 -51.32
N GLY A 1072 -60.82 1.78 -51.22
CA GLY A 1072 -61.37 2.81 -50.36
C GLY A 1072 -61.39 2.39 -48.91
N GLN A 1073 -62.57 2.10 -48.37
CA GLN A 1073 -62.72 1.62 -47.00
C GLN A 1073 -63.54 0.33 -46.94
N ASN A 1074 -63.62 -0.40 -48.05
CA ASN A 1074 -64.17 -1.75 -48.06
C ASN A 1074 -63.11 -2.71 -48.58
N SER A 1075 -62.81 -3.74 -47.78
CA SER A 1075 -61.80 -4.72 -48.12
C SER A 1075 -62.45 -6.10 -48.16
N ASN A 1076 -62.17 -6.83 -49.24
CA ASN A 1076 -62.78 -8.13 -49.49
C ASN A 1076 -61.70 -9.18 -49.72
N MET A 1077 -62.08 -10.43 -49.49
CA MET A 1077 -61.17 -11.56 -49.61
C MET A 1077 -61.80 -12.64 -50.47
N ALA A 1078 -60.94 -13.51 -51.00
CA ALA A 1078 -61.40 -14.67 -51.74
C ALA A 1078 -60.39 -15.78 -51.59
N SER A 1079 -60.88 -17.00 -51.41
CA SER A 1079 -60.03 -18.18 -51.32
C SER A 1079 -60.00 -18.87 -52.67
N LEU A 1080 -58.81 -18.94 -53.26
CA LEU A 1080 -58.63 -19.50 -54.59
C LEU A 1080 -57.53 -20.55 -54.56
N SER A 1081 -57.75 -21.65 -55.28
CA SER A 1081 -56.67 -22.58 -55.55
C SER A 1081 -55.72 -21.97 -56.59
N TRP A 1082 -54.47 -22.46 -56.58
CA TRP A 1082 -53.48 -21.90 -57.50
C TRP A 1082 -53.93 -22.02 -58.95
N GLU A 1083 -54.62 -23.11 -59.28
CA GLU A 1083 -55.07 -23.31 -60.66
C GLU A 1083 -56.04 -22.22 -61.09
N GLU A 1084 -57.01 -21.89 -60.23
CA GLU A 1084 -57.95 -20.83 -60.56
C GLU A 1084 -57.24 -19.50 -60.71
N LEU A 1085 -56.27 -19.21 -59.84
CA LEU A 1085 -55.51 -17.97 -59.95
C LEU A 1085 -54.76 -17.93 -61.27
N GLU A 1086 -54.16 -19.05 -61.67
CA GLU A 1086 -53.41 -19.08 -62.93
C GLU A 1086 -54.35 -18.85 -64.12
N ARG A 1087 -55.52 -19.47 -64.10
CA ARG A 1087 -56.46 -19.27 -65.20
C ARG A 1087 -56.96 -17.83 -65.27
N HIS A 1088 -57.24 -17.22 -64.11
CA HIS A 1088 -57.68 -15.83 -64.14
C HIS A 1088 -56.55 -14.92 -64.59
N TYR A 1089 -55.30 -15.24 -64.25
CA TYR A 1089 -54.18 -14.48 -64.78
C TYR A 1089 -54.11 -14.62 -66.30
N GLN A 1090 -54.35 -15.84 -66.80
CA GLN A 1090 -54.35 -16.05 -68.24
C GLN A 1090 -55.40 -15.16 -68.89
N ARG A 1091 -56.58 -15.09 -68.28
CA ARG A 1091 -57.64 -14.23 -68.81
C ARG A 1091 -57.22 -12.76 -68.77
N ARG A 1092 -56.56 -12.34 -67.70
CA ARG A 1092 -56.00 -10.98 -67.67
C ARG A 1092 -55.04 -10.76 -68.83
N GLY A 1093 -54.17 -11.74 -69.09
CA GLY A 1093 -53.35 -11.69 -70.29
C GLY A 1093 -54.19 -11.56 -71.55
N ASN A 1094 -55.39 -12.13 -71.55
CA ASN A 1094 -56.36 -11.89 -72.60
C ASN A 1094 -57.06 -10.55 -72.45
N ALA A 1095 -57.12 -10.01 -71.23
CA ALA A 1095 -57.76 -8.72 -70.99
C ALA A 1095 -56.94 -7.59 -71.62
N MET B 1 -34.12 7.37 -66.64
CA MET B 1 -33.45 8.01 -65.46
C MET B 1 -31.98 7.57 -65.37
N ASN B 2 -31.65 6.47 -66.04
CA ASN B 2 -30.34 5.86 -65.90
C ASN B 2 -29.22 6.77 -66.37
N GLN B 3 -29.40 7.41 -67.53
CA GLN B 3 -28.30 8.13 -68.18
C GLN B 3 -28.07 9.52 -67.59
N VAL B 4 -28.99 10.05 -66.79
CA VAL B 4 -28.79 11.37 -66.22
C VAL B 4 -27.69 11.38 -65.17
N SER B 5 -27.28 10.22 -64.69
CA SER B 5 -26.29 10.16 -63.61
C SER B 5 -24.96 10.78 -64.01
N GLY B 6 -24.72 10.93 -65.32
CA GLY B 6 -23.45 11.43 -65.81
C GLY B 6 -22.97 12.71 -65.14
N LEU B 7 -23.88 13.48 -64.55
CA LEU B 7 -23.46 14.71 -63.87
C LEU B 7 -22.51 14.39 -62.72
N ALA B 8 -22.81 13.35 -61.94
CA ALA B 8 -21.86 12.88 -60.94
C ALA B 8 -20.57 12.49 -61.61
N GLY B 9 -19.45 12.85 -61.01
CA GLY B 9 -18.16 12.80 -61.67
C GLY B 9 -17.73 14.12 -62.27
N LYS B 10 -18.58 15.14 -62.23
CA LYS B 10 -18.19 16.50 -62.57
C LYS B 10 -18.42 17.39 -61.35
N GLU B 11 -19.59 17.25 -60.73
CA GLU B 11 -19.87 17.91 -59.46
C GLU B 11 -19.38 17.10 -58.26
N SER B 12 -18.83 15.90 -58.49
CA SER B 12 -18.49 15.01 -57.40
C SER B 12 -17.46 14.00 -57.88
N PHE B 13 -16.86 13.29 -56.92
CA PHE B 13 -16.02 12.14 -57.23
C PHE B 13 -16.83 10.86 -57.02
N ILE B 14 -16.95 10.06 -58.07
CA ILE B 14 -17.78 8.88 -58.05
C ILE B 14 -16.92 7.65 -57.84
N LEU B 15 -17.57 6.53 -57.52
CA LEU B 15 -16.87 5.27 -57.33
C LEU B 15 -16.55 4.61 -58.66
N THR B 16 -15.35 4.03 -58.76
CA THR B 16 -14.91 3.45 -60.03
C THR B 16 -14.44 2.01 -59.91
N ARG B 17 -13.76 1.65 -58.81
CA ARG B 17 -13.18 0.32 -58.73
C ARG B 17 -12.78 0.03 -57.28
N ILE B 18 -12.90 -1.24 -56.90
CA ILE B 18 -12.55 -1.72 -55.57
C ILE B 18 -11.76 -3.01 -55.71
N GLU B 19 -10.72 -3.16 -54.89
CA GLU B 19 -9.82 -4.30 -54.97
C GLU B 19 -9.50 -4.81 -53.57
N LEU B 20 -9.07 -6.07 -53.49
CA LEU B 20 -8.74 -6.71 -52.22
C LEU B 20 -7.49 -7.56 -52.39
N PHE B 21 -6.86 -7.90 -51.27
CA PHE B 21 -5.71 -8.80 -51.25
C PHE B 21 -5.68 -9.52 -49.91
N ASN B 22 -6.03 -10.81 -49.92
CA ASN B 22 -6.03 -11.62 -48.70
C ASN B 22 -6.95 -11.04 -47.64
N TRP B 23 -8.12 -10.58 -48.06
CA TRP B 23 -9.14 -10.04 -47.18
C TRP B 23 -10.28 -11.05 -47.05
N GLY B 24 -10.67 -11.35 -45.82
CA GLY B 24 -11.79 -12.24 -45.57
C GLY B 24 -11.69 -13.55 -46.32
N GLY B 25 -12.78 -13.93 -46.98
CA GLY B 25 -12.82 -15.18 -47.72
C GLY B 25 -12.29 -15.05 -49.13
N PHE B 26 -11.59 -13.95 -49.40
CA PHE B 26 -10.99 -13.70 -50.72
C PHE B 26 -9.48 -13.87 -50.63
N HIS B 27 -9.02 -15.08 -50.91
CA HIS B 27 -7.59 -15.35 -50.93
C HIS B 27 -6.91 -14.59 -52.06
N GLY B 28 -5.73 -14.06 -51.78
CA GLY B 28 -4.95 -13.39 -52.82
C GLY B 28 -5.63 -12.11 -53.28
N LEU B 29 -5.18 -11.66 -54.46
CA LEU B 29 -5.71 -10.44 -55.04
C LEU B 29 -7.08 -10.70 -55.67
N HIS B 30 -7.93 -9.67 -55.66
CA HIS B 30 -9.25 -9.76 -56.27
C HIS B 30 -9.67 -8.36 -56.70
N GLN B 31 -10.63 -8.31 -57.62
CA GLN B 31 -11.00 -7.06 -58.28
C GLN B 31 -12.50 -7.02 -58.51
N ALA B 32 -12.99 -5.82 -58.82
CA ALA B 32 -14.39 -5.62 -59.18
C ALA B 32 -14.55 -4.25 -59.83
N ALA B 33 -15.20 -4.22 -60.98
CA ALA B 33 -15.48 -2.96 -61.65
C ALA B 33 -16.83 -2.42 -61.23
N ILE B 34 -17.05 -1.13 -61.50
CA ILE B 34 -18.32 -0.46 -61.19
C ILE B 34 -18.59 0.56 -62.27
N HIS B 35 -19.85 0.64 -62.70
CA HIS B 35 -20.23 1.59 -63.74
C HIS B 35 -20.55 2.94 -63.12
N GLN B 36 -20.61 3.96 -63.99
CA GLN B 36 -20.84 5.33 -63.55
C GLN B 36 -22.23 5.52 -62.94
N ASP B 37 -23.20 4.67 -63.29
CA ASP B 37 -24.60 5.04 -63.10
C ASP B 37 -25.42 3.97 -62.38
N GLY B 38 -24.96 3.50 -61.22
CA GLY B 38 -25.76 2.58 -60.42
C GLY B 38 -25.50 1.13 -60.76
N THR B 39 -25.19 0.33 -59.76
CA THR B 39 -24.84 -1.08 -59.96
C THR B 39 -25.55 -1.92 -58.90
N ALA B 40 -25.15 -3.19 -58.82
CA ALA B 40 -25.70 -4.12 -57.82
C ALA B 40 -24.63 -5.13 -57.46
N VAL B 41 -24.76 -5.70 -56.26
CA VAL B 41 -23.86 -6.73 -55.76
C VAL B 41 -24.74 -7.87 -55.25
N ILE B 42 -24.85 -8.93 -56.04
CA ILE B 42 -25.84 -9.97 -55.79
C ILE B 42 -25.13 -11.31 -55.61
N GLY B 43 -25.68 -12.15 -54.74
CA GLY B 43 -25.16 -13.48 -54.53
C GLY B 43 -25.84 -14.23 -53.41
N PRO B 44 -25.79 -15.56 -53.45
CA PRO B 44 -26.45 -16.36 -52.42
C PRO B 44 -25.79 -16.20 -51.06
N THR B 45 -26.55 -16.56 -50.03
CA THR B 45 -26.13 -16.37 -48.64
C THR B 45 -24.72 -16.91 -48.39
N GLY B 46 -24.05 -16.32 -47.41
CA GLY B 46 -22.74 -16.79 -47.00
C GLY B 46 -21.68 -16.70 -48.07
N SER B 47 -21.57 -15.53 -48.71
CA SER B 47 -20.61 -15.35 -49.78
C SER B 47 -19.79 -14.08 -49.64
N GLY B 48 -19.69 -13.50 -48.44
CA GLY B 48 -18.89 -12.30 -48.27
C GLY B 48 -19.46 -11.08 -48.95
N LYS B 49 -20.69 -11.16 -49.48
CA LYS B 49 -21.24 -10.06 -50.26
C LYS B 49 -21.52 -8.83 -49.40
N THR B 50 -21.44 -8.94 -48.08
CA THR B 50 -21.33 -7.78 -47.21
C THR B 50 -19.91 -7.60 -46.68
N THR B 51 -19.14 -8.68 -46.59
CA THR B 51 -17.71 -8.57 -46.31
C THR B 51 -17.03 -7.60 -47.27
N LEU B 52 -17.39 -7.64 -48.56
CA LEU B 52 -16.87 -6.66 -49.50
C LEU B 52 -17.17 -5.24 -49.03
N VAL B 53 -18.41 -4.98 -48.60
CA VAL B 53 -18.79 -3.65 -48.16
C VAL B 53 -18.02 -3.28 -46.90
N ASP B 54 -17.83 -4.24 -46.00
CA ASP B 54 -17.01 -3.98 -44.81
C ASP B 54 -15.62 -3.54 -45.21
N ALA B 55 -15.01 -4.23 -46.17
CA ALA B 55 -13.66 -3.87 -46.61
C ALA B 55 -13.62 -2.41 -47.07
N LEU B 56 -14.55 -2.03 -47.94
CA LEU B 56 -14.60 -0.64 -48.41
C LEU B 56 -14.83 0.31 -47.24
N MET B 57 -15.71 -0.06 -46.32
CA MET B 57 -16.07 0.83 -45.23
C MET B 57 -14.90 1.17 -44.33
N THR B 58 -13.88 0.30 -44.27
CA THR B 58 -12.73 0.57 -43.42
C THR B 58 -12.00 1.83 -43.85
N LEU B 59 -12.18 2.26 -45.10
CA LEU B 59 -11.44 3.39 -45.64
C LEU B 59 -12.13 4.72 -45.38
N LEU B 60 -13.46 4.76 -45.42
CA LEU B 60 -14.18 6.04 -45.37
C LEU B 60 -14.48 6.51 -43.96
N CYS B 61 -14.33 5.66 -42.95
CA CYS B 61 -14.90 5.89 -41.63
C CYS B 61 -13.83 5.98 -40.56
N ALA B 62 -14.16 6.69 -39.48
CA ALA B 62 -13.28 6.76 -38.33
C ALA B 62 -13.31 5.46 -37.54
N ASN B 63 -14.50 4.90 -37.34
CA ASN B 63 -14.68 3.66 -36.56
C ASN B 63 -15.86 2.90 -37.13
N PRO B 64 -15.72 2.37 -38.35
CA PRO B 64 -16.88 1.74 -39.01
C PRO B 64 -17.40 0.56 -38.22
N ARG B 65 -18.72 0.40 -38.23
CA ARG B 65 -19.40 -0.67 -37.50
C ARG B 65 -19.61 -1.82 -38.48
N TYR B 66 -18.78 -2.84 -38.37
CA TYR B 66 -18.82 -3.95 -39.30
C TYR B 66 -20.08 -4.79 -39.10
N ASN B 67 -20.61 -5.31 -40.20
CA ASN B 67 -21.74 -6.23 -40.17
C ASN B 67 -22.98 -5.62 -39.51
N LEU B 68 -23.17 -4.31 -39.67
CA LEU B 68 -24.28 -3.64 -38.98
C LEU B 68 -25.63 -4.20 -39.40
N ALA B 69 -25.82 -4.43 -40.70
CA ALA B 69 -27.12 -4.84 -41.21
C ALA B 69 -27.55 -6.21 -40.70
N SER B 70 -26.73 -6.89 -39.92
CA SER B 70 -27.13 -8.17 -39.34
C SER B 70 -28.10 -8.00 -38.18
N THR B 71 -27.98 -6.90 -37.42
CA THR B 71 -28.80 -6.70 -36.23
C THR B 71 -29.74 -5.50 -36.37
N GLY B 72 -30.08 -5.11 -37.59
CA GLY B 72 -31.04 -4.03 -37.79
C GLY B 72 -30.62 -2.71 -37.19
N GLY B 73 -29.34 -2.50 -36.95
CA GLY B 73 -28.84 -1.27 -36.38
C GLY B 73 -28.56 -1.31 -34.90
N HIS B 74 -28.53 -2.51 -34.29
CA HIS B 74 -28.34 -2.61 -32.85
C HIS B 74 -26.87 -2.61 -32.48
N GLU B 75 -26.12 -3.59 -32.97
CA GLU B 75 -24.75 -3.80 -32.50
C GLU B 75 -23.93 -4.48 -33.58
N SER B 76 -22.61 -4.33 -33.47
CA SER B 76 -21.65 -4.96 -34.37
C SER B 76 -21.05 -6.18 -33.69
N ASP B 77 -20.75 -7.22 -34.47
CA ASP B 77 -20.29 -8.49 -33.93
C ASP B 77 -18.81 -8.76 -34.19
N ARG B 78 -18.27 -8.32 -35.32
CA ARG B 78 -16.94 -8.70 -35.75
C ARG B 78 -15.93 -7.59 -35.51
N ASP B 79 -14.68 -8.01 -35.30
CA ASP B 79 -13.55 -7.09 -35.18
C ASP B 79 -12.97 -6.81 -36.56
N LEU B 80 -11.80 -6.16 -36.59
CA LEU B 80 -11.10 -5.92 -37.86
C LEU B 80 -10.13 -7.04 -38.18
N ILE B 81 -9.40 -7.52 -37.17
CA ILE B 81 -8.29 -8.44 -37.44
C ILE B 81 -8.78 -9.74 -38.07
N SER B 82 -9.92 -10.27 -37.62
CA SER B 82 -10.38 -11.55 -38.12
C SER B 82 -10.50 -11.56 -39.63
N TYR B 83 -10.82 -10.41 -40.24
CA TYR B 83 -10.79 -10.32 -41.69
C TYR B 83 -9.39 -10.59 -42.23
N VAL B 84 -8.37 -9.96 -41.62
CA VAL B 84 -6.99 -10.22 -42.03
C VAL B 84 -6.65 -11.68 -41.82
N ARG B 85 -6.98 -12.21 -40.64
CA ARG B 85 -6.72 -13.61 -40.33
C ARG B 85 -7.58 -14.56 -41.16
N GLY B 86 -8.64 -14.05 -41.80
CA GLY B 86 -9.52 -14.91 -42.56
C GLY B 86 -10.19 -15.96 -41.70
N VAL B 87 -10.72 -15.56 -40.54
CA VAL B 87 -11.33 -16.50 -39.61
C VAL B 87 -12.70 -16.91 -40.12
N SER B 88 -12.78 -18.09 -40.72
CA SER B 88 -14.03 -18.59 -41.30
C SER B 88 -14.92 -19.10 -40.18
N GLY B 89 -15.57 -18.17 -39.50
CA GLY B 89 -16.52 -18.49 -38.46
C GLY B 89 -15.86 -18.99 -37.20
N PRO B 90 -16.66 -19.28 -36.17
CA PRO B 90 -16.12 -19.83 -34.93
C PRO B 90 -15.95 -21.34 -35.02
N GLY B 91 -14.71 -21.78 -34.88
CA GLY B 91 -14.40 -23.20 -35.02
C GLY B 91 -14.86 -24.01 -33.82
N ASP B 92 -14.80 -25.33 -33.99
CA ASP B 92 -15.17 -26.23 -32.91
C ASP B 92 -14.18 -26.11 -31.76
N GLY B 93 -14.65 -26.43 -30.55
CA GLY B 93 -13.84 -26.25 -29.36
C GLY B 93 -12.77 -27.30 -29.15
N GLY B 94 -12.78 -28.37 -29.94
CA GLY B 94 -11.78 -29.41 -29.79
C GLY B 94 -10.42 -28.99 -30.32
N GLU B 95 -9.91 -27.88 -29.80
CA GLU B 95 -8.64 -27.29 -30.19
C GLU B 95 -8.72 -26.61 -31.56
N GLY B 96 -9.81 -26.83 -32.28
CA GLY B 96 -10.05 -26.16 -33.56
C GLY B 96 -8.85 -26.03 -34.47
N GLN B 97 -8.51 -24.78 -34.81
CA GLN B 97 -7.44 -24.42 -35.74
C GLN B 97 -7.83 -24.66 -37.19
N SER B 98 -9.02 -25.23 -37.41
CA SER B 98 -9.52 -25.39 -38.77
C SER B 98 -10.35 -24.19 -39.21
N HIS B 99 -10.55 -23.22 -38.32
CA HIS B 99 -11.41 -22.07 -38.58
C HIS B 99 -10.64 -20.81 -38.96
N ILE B 100 -9.32 -20.89 -39.10
CA ILE B 100 -8.48 -19.72 -39.34
C ILE B 100 -7.69 -19.96 -40.62
N ALA B 101 -7.69 -18.94 -41.49
CA ALA B 101 -7.04 -19.09 -42.80
C ALA B 101 -5.60 -18.61 -42.78
N ARG B 102 -5.33 -17.49 -42.11
CA ARG B 102 -3.99 -16.88 -42.10
C ARG B 102 -3.55 -16.66 -40.65
N PRO B 103 -3.22 -17.73 -39.93
CA PRO B 103 -2.76 -17.57 -38.54
C PRO B 103 -1.34 -17.04 -38.43
N GLY B 104 -0.52 -17.21 -39.46
CA GLY B 104 0.87 -16.82 -39.38
C GLY B 104 1.13 -15.39 -39.80
N LYS B 105 2.40 -15.00 -39.67
CA LYS B 105 2.85 -13.69 -40.13
C LYS B 105 2.42 -13.47 -41.58
N THR B 106 1.58 -12.47 -41.80
CA THR B 106 0.95 -12.30 -43.10
C THR B 106 0.79 -10.81 -43.42
N VAL B 107 0.32 -10.55 -44.64
CA VAL B 107 0.08 -9.19 -45.13
C VAL B 107 -1.32 -9.13 -45.71
N THR B 108 -1.86 -7.93 -45.78
CA THR B 108 -3.20 -7.71 -46.33
C THR B 108 -3.29 -6.29 -46.84
N GLY B 109 -4.02 -6.12 -47.94
CA GLY B 109 -4.13 -4.81 -48.56
C GLY B 109 -5.51 -4.59 -49.14
N ILE B 110 -5.94 -3.34 -49.14
CA ILE B 110 -7.26 -2.95 -49.62
C ILE B 110 -7.18 -1.53 -50.16
N ALA B 111 -7.90 -1.27 -51.25
CA ALA B 111 -7.85 0.04 -51.89
C ALA B 111 -9.12 0.27 -52.70
N ALA B 112 -9.45 1.54 -52.89
CA ALA B 112 -10.56 1.98 -53.72
C ALA B 112 -10.10 3.11 -54.61
N THR B 113 -10.82 3.34 -55.70
CA THR B 113 -10.50 4.38 -56.65
C THR B 113 -11.74 5.19 -56.97
N LEU B 114 -11.58 6.51 -57.05
CA LEU B 114 -12.68 7.40 -57.38
C LEU B 114 -12.26 8.29 -58.55
N GLU B 115 -13.22 9.04 -59.09
CA GLU B 115 -12.96 9.83 -60.29
C GLU B 115 -13.89 11.04 -60.35
N ARG B 116 -13.38 12.14 -60.90
CA ARG B 116 -14.17 13.31 -61.23
C ARG B 116 -13.54 13.99 -62.42
N GLU B 117 -14.29 14.08 -63.52
CA GLU B 117 -13.78 14.67 -64.76
C GLU B 117 -12.52 13.96 -65.24
N GLY B 118 -12.48 12.63 -65.07
CA GLY B 118 -11.31 11.84 -65.39
C GLY B 118 -10.21 11.89 -64.36
N LYS B 119 -10.18 12.91 -63.50
CA LYS B 119 -9.17 13.01 -62.48
C LYS B 119 -9.31 11.87 -61.48
N GLN B 120 -8.24 11.12 -61.27
CA GLN B 120 -8.28 9.89 -60.48
C GLN B 120 -7.70 10.15 -59.09
N VAL B 121 -8.47 9.84 -58.06
CA VAL B 121 -8.01 9.82 -56.68
C VAL B 121 -8.14 8.39 -56.17
N ARG B 122 -7.08 7.88 -55.55
CA ARG B 122 -7.04 6.51 -55.06
C ARG B 122 -6.78 6.51 -53.55
N LEU B 123 -7.51 5.66 -52.85
CA LEU B 123 -7.29 5.41 -51.43
C LEU B 123 -6.82 3.97 -51.25
N GLY B 124 -5.89 3.77 -50.33
CA GLY B 124 -5.36 2.44 -50.08
C GLY B 124 -4.80 2.34 -48.68
N ALA B 125 -4.79 1.11 -48.16
CA ALA B 125 -4.26 0.82 -46.84
C ALA B 125 -3.61 -0.56 -46.87
N LEU B 126 -2.58 -0.72 -46.05
CA LEU B 126 -1.84 -1.97 -45.95
C LEU B 126 -1.84 -2.43 -44.50
N LEU B 127 -2.22 -3.68 -44.29
CA LEU B 127 -2.27 -4.30 -42.97
C LEU B 127 -1.49 -5.60 -43.02
N TRP B 128 -0.55 -5.78 -42.10
CA TRP B 128 0.28 -6.98 -42.09
C TRP B 128 0.71 -7.32 -40.68
N PHE B 129 0.50 -8.58 -40.30
CA PHE B 129 0.94 -9.09 -39.01
C PHE B 129 2.42 -9.44 -39.09
N ASP B 130 3.18 -9.08 -38.05
CA ASP B 130 4.57 -9.52 -37.92
C ASP B 130 4.70 -10.76 -37.05
N SER B 131 3.61 -11.28 -36.51
CA SER B 131 3.66 -12.41 -35.59
C SER B 131 2.32 -13.12 -35.60
N THR B 132 2.32 -14.36 -35.11
CA THR B 132 1.08 -15.11 -34.97
C THR B 132 0.18 -14.53 -33.89
N SER B 133 0.75 -13.82 -32.92
CA SER B 133 -0.04 -13.14 -31.91
C SER B 133 -0.92 -12.08 -32.57
N SER B 134 -2.02 -11.73 -31.89
CA SER B 134 -3.08 -10.94 -32.49
C SER B 134 -3.40 -9.71 -31.66
N SER B 135 -2.37 -8.98 -31.23
CA SER B 135 -2.60 -7.66 -30.65
C SER B 135 -2.70 -6.62 -31.76
N VAL B 136 -3.39 -5.52 -31.45
CA VAL B 136 -3.52 -4.45 -32.43
C VAL B 136 -2.16 -3.92 -32.83
N THR B 137 -1.19 -3.95 -31.93
CA THR B 137 0.19 -3.61 -32.27
C THR B 137 0.86 -4.65 -33.15
N ASP B 138 0.51 -5.93 -32.98
CA ASP B 138 1.07 -6.97 -33.85
C ASP B 138 0.72 -6.72 -35.30
N MET B 139 -0.50 -6.26 -35.57
CA MET B 139 -0.90 -5.91 -36.93
C MET B 139 -0.31 -4.54 -37.28
N LYS B 140 0.75 -4.54 -38.06
CA LYS B 140 1.34 -3.30 -38.55
C LYS B 140 0.48 -2.70 -39.65
N ARG B 141 0.56 -1.38 -39.80
CA ARG B 141 -0.40 -0.66 -40.63
C ARG B 141 0.29 0.47 -41.37
N LEU B 142 -0.37 0.93 -42.43
CA LEU B 142 0.07 2.08 -43.22
C LEU B 142 -1.07 2.49 -44.14
N TRP B 143 -1.28 3.80 -44.24
CA TRP B 143 -2.35 4.37 -45.06
C TRP B 143 -1.76 5.16 -46.21
N LEU B 144 -2.47 5.18 -47.33
CA LEU B 144 -2.01 5.84 -48.54
C LEU B 144 -3.10 6.75 -49.10
N PHE B 145 -2.67 7.88 -49.65
CA PHE B 145 -3.54 8.77 -50.42
C PHE B 145 -2.79 9.16 -51.68
N SER B 146 -3.19 8.63 -52.82
CA SER B 146 -2.45 8.76 -54.07
C SER B 146 -3.30 9.51 -55.09
N ASP B 147 -2.81 10.67 -55.52
CA ASP B 147 -3.37 11.36 -56.68
C ASP B 147 -2.69 10.94 -57.97
N ASN B 148 -1.65 10.12 -57.90
CA ASN B 148 -0.94 9.67 -59.08
C ASN B 148 -1.66 8.50 -59.73
N PRO B 149 -2.05 8.60 -61.00
CA PRO B 149 -2.73 7.45 -61.63
C PRO B 149 -1.91 6.18 -61.65
N GLY B 150 -0.58 6.27 -61.73
CA GLY B 150 0.25 5.10 -61.89
C GLY B 150 0.44 4.27 -60.63
N GLN B 151 -0.07 4.74 -59.49
CA GLN B 151 0.10 4.05 -58.22
C GLN B 151 -1.15 3.22 -57.93
N THR B 152 -0.95 1.93 -57.69
CA THR B 152 -2.07 1.00 -57.53
C THR B 152 -1.74 0.00 -56.42
N LEU B 153 -2.78 -0.70 -55.97
CA LEU B 153 -2.64 -1.58 -54.81
C LEU B 153 -1.65 -2.71 -55.07
N GLU B 154 -1.84 -3.45 -56.17
CA GLU B 154 -0.98 -4.60 -56.44
C GLU B 154 0.47 -4.17 -56.65
N HIS B 155 0.68 -3.02 -57.30
CA HIS B 155 2.04 -2.50 -57.45
C HIS B 155 2.66 -2.22 -56.10
N TRP B 156 1.89 -1.65 -55.18
CA TRP B 156 2.41 -1.38 -53.84
C TRP B 156 2.72 -2.67 -53.10
N LEU B 157 1.88 -3.70 -53.29
CA LEU B 157 2.17 -4.99 -52.67
C LEU B 157 3.48 -5.57 -53.20
N ASN B 158 3.70 -5.45 -54.52
CA ASN B 158 4.97 -5.93 -55.09
C ASN B 158 6.15 -5.16 -54.50
N VAL B 159 6.03 -3.83 -54.40
CA VAL B 159 7.11 -3.04 -53.82
C VAL B 159 7.35 -3.44 -52.38
N TYR B 160 6.27 -3.66 -51.62
CA TYR B 160 6.41 -4.14 -50.25
C TYR B 160 7.19 -5.45 -50.21
N HIS B 161 6.86 -6.39 -51.09
CA HIS B 161 7.64 -7.62 -51.19
C HIS B 161 9.10 -7.31 -51.45
N GLU B 162 9.39 -6.34 -52.33
CA GLU B 162 10.76 -5.92 -52.55
C GLU B 162 11.38 -5.31 -51.30
N GLY B 163 10.64 -4.47 -50.58
CA GLY B 163 11.15 -3.82 -49.39
C GLY B 163 10.04 -3.30 -48.50
N GLY B 164 10.30 -3.26 -47.20
CA GLY B 164 9.26 -2.88 -46.25
C GLY B 164 8.94 -1.40 -46.24
N THR B 165 8.58 -0.87 -45.06
CA THR B 165 8.19 0.53 -44.97
C THR B 165 9.28 1.45 -45.51
N ARG B 166 10.54 1.03 -45.40
CA ARG B 166 11.65 1.84 -45.88
C ARG B 166 11.49 2.14 -47.37
N LEU B 167 11.31 1.10 -48.17
CA LEU B 167 11.24 1.28 -49.62
C LEU B 167 9.99 2.07 -50.01
N LEU B 168 8.87 1.81 -49.36
CA LEU B 168 7.64 2.54 -49.68
C LEU B 168 7.79 4.02 -49.36
N ARG B 169 8.37 4.33 -48.21
CA ARG B 169 8.63 5.73 -47.87
C ARG B 169 9.60 6.36 -48.87
N GLN B 170 10.62 5.62 -49.29
CA GLN B 170 11.59 6.15 -50.23
C GLN B 170 10.92 6.48 -51.57
N MET B 171 10.07 5.58 -52.07
CA MET B 171 9.37 5.87 -53.32
C MET B 171 8.38 7.01 -53.14
N GLU B 172 7.81 7.15 -51.94
CA GLU B 172 7.02 8.35 -51.66
C GLU B 172 7.86 9.61 -51.80
N LYS B 173 9.09 9.59 -51.29
CA LYS B 173 10.00 10.69 -51.53
C LYS B 173 10.19 10.91 -53.03
N GLU B 174 10.42 9.83 -53.77
CA GLU B 174 10.61 9.94 -55.22
C GLU B 174 9.34 10.44 -55.90
N ALA B 175 8.18 9.90 -55.51
CA ALA B 175 6.96 10.10 -56.25
C ALA B 175 6.33 11.46 -55.93
N ILE B 176 5.48 11.91 -56.84
CA ILE B 176 4.69 13.13 -56.68
C ILE B 176 3.23 12.77 -56.85
N GLY B 177 2.37 13.41 -56.04
CA GLY B 177 0.97 13.05 -56.03
C GLY B 177 0.65 11.87 -55.14
N LEU B 178 1.59 11.45 -54.29
CA LEU B 178 1.42 10.30 -53.42
C LEU B 178 1.82 10.68 -52.00
N TRP B 179 1.02 10.27 -51.02
CA TRP B 179 1.31 10.53 -49.62
C TRP B 179 0.88 9.33 -48.79
N THR B 180 1.66 9.03 -47.75
CA THR B 180 1.39 7.92 -46.87
C THR B 180 1.64 8.35 -45.43
N TYR B 181 1.00 7.65 -44.50
CA TYR B 181 1.07 8.02 -43.09
C TYR B 181 1.09 6.75 -42.25
N PRO B 182 1.62 6.81 -41.02
CA PRO B 182 1.69 5.60 -40.19
C PRO B 182 0.41 5.34 -39.40
N ASN B 183 -0.37 6.39 -39.17
CA ASN B 183 -1.57 6.32 -38.34
C ASN B 183 -2.75 6.90 -39.10
N LYS B 184 -3.94 6.36 -38.81
CA LYS B 184 -5.12 6.69 -39.61
C LYS B 184 -5.55 8.14 -39.43
N LYS B 185 -5.15 8.79 -38.34
CA LYS B 185 -5.60 10.17 -38.12
C LYS B 185 -5.08 11.10 -39.20
N GLN B 186 -3.80 10.95 -39.59
CA GLN B 186 -3.27 11.80 -40.64
C GLN B 186 -3.98 11.57 -41.97
N TYR B 187 -4.23 10.30 -42.31
CA TYR B 187 -4.93 9.98 -43.54
C TYR B 187 -6.33 10.60 -43.54
N LEU B 188 -7.04 10.45 -42.42
CA LEU B 188 -8.40 11.00 -42.33
C LEU B 188 -8.37 12.53 -42.44
N ALA B 189 -7.42 13.17 -41.76
CA ALA B 189 -7.32 14.62 -41.79
C ALA B 189 -7.05 15.11 -43.20
N ARG B 190 -6.10 14.45 -43.89
CA ARG B 190 -5.80 14.84 -45.27
C ARG B 190 -7.02 14.64 -46.17
N LEU B 191 -7.70 13.50 -46.01
CA LEU B 191 -8.86 13.21 -46.86
C LEU B 191 -9.95 14.25 -46.66
N ARG B 192 -10.23 14.59 -45.40
CA ARG B 192 -11.28 15.57 -45.13
C ARG B 192 -10.87 16.97 -45.56
N ASP B 193 -9.60 17.32 -45.38
CA ASP B 193 -9.12 18.61 -45.89
C ASP B 193 -9.33 18.69 -47.39
N PHE B 194 -9.00 17.63 -48.12
CA PHE B 194 -9.26 17.60 -49.55
C PHE B 194 -10.75 17.74 -49.84
N PHE B 195 -11.58 17.01 -49.10
CA PHE B 195 -13.03 17.04 -49.32
C PHE B 195 -13.70 18.24 -48.68
N GLU B 196 -13.09 18.83 -47.64
CA GLU B 196 -13.58 20.08 -47.06
C GLU B 196 -14.97 19.92 -46.43
N VAL B 197 -15.15 18.86 -45.64
CA VAL B 197 -16.45 18.57 -45.03
C VAL B 197 -16.23 18.07 -43.61
N GLY B 198 -17.25 18.22 -42.77
CA GLY B 198 -17.13 17.84 -41.37
C GLY B 198 -17.13 16.33 -41.19
N GLU B 199 -16.67 15.92 -40.00
CA GLU B 199 -16.58 14.50 -39.69
C GLU B 199 -17.95 13.85 -39.55
N ASN B 200 -18.97 14.63 -39.16
CA ASN B 200 -20.27 14.04 -38.87
C ASN B 200 -20.81 13.26 -40.07
N ALA B 201 -20.68 13.83 -41.27
CA ALA B 201 -21.21 13.18 -42.46
C ALA B 201 -20.56 11.82 -42.68
N PHE B 202 -19.24 11.73 -42.46
CA PHE B 202 -18.52 10.49 -42.70
C PHE B 202 -18.67 9.48 -41.58
N THR B 203 -19.61 9.70 -40.66
CA THR B 203 -20.11 8.67 -39.76
C THR B 203 -21.60 8.41 -39.97
N LEU B 204 -22.37 9.47 -40.26
CA LEU B 204 -23.74 9.29 -40.72
C LEU B 204 -23.79 8.30 -41.87
N LEU B 205 -22.90 8.46 -42.86
CA LEU B 205 -22.76 7.48 -43.92
C LEU B 205 -22.74 6.07 -43.35
N ASN B 206 -21.81 5.82 -42.41
CA ASN B 206 -21.72 4.50 -41.81
C ASN B 206 -23.06 4.07 -41.20
N ARG B 207 -23.80 5.02 -40.62
CA ARG B 207 -25.12 4.68 -40.10
C ARG B 207 -26.03 4.22 -41.23
N ALA B 208 -25.97 4.89 -42.38
CA ALA B 208 -26.90 4.57 -43.47
C ALA B 208 -26.79 3.11 -43.89
N ALA B 209 -25.59 2.52 -43.79
CA ALA B 209 -25.40 1.15 -44.26
C ALA B 209 -26.33 0.18 -43.55
N GLY B 210 -26.74 0.49 -42.32
CA GLY B 210 -27.60 -0.38 -41.54
C GLY B 210 -28.96 0.18 -41.21
N LEU B 211 -29.52 1.06 -42.03
CA LEU B 211 -30.80 1.68 -41.71
C LEU B 211 -31.94 0.70 -41.94
N LYS B 212 -32.62 0.33 -40.84
CA LYS B 212 -33.80 -0.52 -40.94
C LYS B 212 -34.94 -0.03 -40.05
N GLN B 213 -34.64 0.81 -39.08
CA GLN B 213 -35.62 1.19 -38.07
C GLN B 213 -36.18 2.58 -38.37
N LEU B 214 -37.48 2.67 -38.58
CA LEU B 214 -38.14 3.92 -38.96
C LEU B 214 -39.46 4.09 -38.22
N ASN B 215 -39.45 3.85 -36.90
CA ASN B 215 -40.69 3.90 -36.14
C ASN B 215 -41.34 5.29 -36.18
N SER B 216 -40.55 6.35 -36.04
CA SER B 216 -41.12 7.70 -36.02
C SER B 216 -40.17 8.67 -36.71
N ILE B 217 -40.76 9.70 -37.33
CA ILE B 217 -39.97 10.72 -38.01
C ILE B 217 -39.13 11.48 -37.00
N ASP B 218 -39.74 11.92 -35.91
CA ASP B 218 -38.99 12.62 -34.87
C ASP B 218 -37.93 11.71 -34.25
N GLU B 219 -38.27 10.43 -34.06
CA GLU B 219 -37.29 9.48 -33.57
C GLU B 219 -36.11 9.38 -34.53
N ILE B 220 -36.40 9.32 -35.83
CA ILE B 220 -35.33 9.25 -36.82
C ILE B 220 -34.45 10.49 -36.73
N PHE B 221 -35.07 11.67 -36.62
CA PHE B 221 -34.29 12.89 -36.44
C PHE B 221 -33.37 12.75 -35.23
N ARG B 222 -33.93 12.39 -34.08
CA ARG B 222 -33.16 12.37 -32.84
C ARG B 222 -32.03 11.35 -32.89
N GLU B 223 -32.21 10.26 -33.63
CA GLU B 223 -31.24 9.17 -33.62
C GLU B 223 -30.18 9.30 -34.71
N LEU B 224 -30.54 9.81 -35.89
CA LEU B 224 -29.61 9.89 -37.01
C LEU B 224 -29.26 11.32 -37.39
N VAL B 225 -30.24 12.21 -37.48
CA VAL B 225 -30.01 13.52 -38.07
C VAL B 225 -29.18 14.40 -37.13
N LEU B 226 -29.63 14.52 -35.89
CA LEU B 226 -29.04 15.48 -34.96
C LEU B 226 -27.83 14.88 -34.24
N ASP B 227 -27.34 15.60 -33.23
CA ASP B 227 -26.28 15.14 -32.36
C ASP B 227 -26.73 15.33 -30.92
N ASP B 228 -26.08 14.62 -30.00
CA ASP B 228 -26.58 14.51 -28.63
C ASP B 228 -26.03 15.61 -27.73
N HIS B 229 -24.71 15.67 -27.59
CA HIS B 229 -24.04 16.68 -26.76
C HIS B 229 -24.68 16.85 -25.39
N SER B 230 -25.29 15.80 -24.85
CA SER B 230 -25.94 15.91 -23.55
C SER B 230 -24.91 16.23 -22.47
N ALA B 231 -25.33 17.02 -21.48
CA ALA B 231 -24.41 17.60 -20.52
C ALA B 231 -24.47 16.95 -19.14
N PHE B 232 -24.76 15.65 -19.08
CA PHE B 232 -24.72 14.96 -17.80
C PHE B 232 -23.38 15.15 -17.10
N ASP B 233 -22.29 15.02 -17.86
CA ASP B 233 -20.95 15.19 -17.31
C ASP B 233 -20.81 16.55 -16.61
N ARG B 234 -21.26 17.62 -17.26
CA ARG B 234 -21.16 18.94 -16.65
C ARG B 234 -21.91 19.00 -15.33
N ALA B 235 -23.14 18.47 -15.29
CA ALA B 235 -23.95 18.55 -14.09
C ALA B 235 -23.30 17.79 -12.94
N ALA B 236 -22.70 16.63 -13.23
CA ALA B 236 -22.07 15.85 -12.17
C ALA B 236 -21.04 16.67 -11.43
N GLU B 237 -20.09 17.26 -12.16
CA GLU B 237 -19.01 18.01 -11.51
C GLU B 237 -19.53 19.31 -10.90
N VAL B 238 -20.53 19.93 -11.52
CA VAL B 238 -21.10 21.14 -10.93
C VAL B 238 -21.67 20.83 -9.54
N ALA B 239 -22.46 19.77 -9.44
CA ALA B 239 -23.04 19.39 -8.16
C ALA B 239 -21.94 18.98 -7.17
N ASN B 240 -20.91 18.28 -7.65
CA ASN B 240 -19.85 17.87 -6.75
C ASN B 240 -19.09 19.07 -6.18
N SER B 241 -18.89 20.13 -6.96
CA SER B 241 -18.29 21.34 -6.41
C SER B 241 -19.25 22.03 -5.44
N PHE B 242 -20.55 22.01 -5.76
CA PHE B 242 -21.53 22.53 -4.82
C PHE B 242 -21.42 21.82 -3.47
N ASP B 243 -21.08 20.54 -3.48
CA ASP B 243 -20.87 19.83 -2.21
C ASP B 243 -19.74 20.47 -1.40
N GLY B 244 -18.62 20.75 -2.06
CA GLY B 244 -17.53 21.40 -1.37
C GLY B 244 -17.94 22.73 -0.76
N LEU B 245 -18.72 23.51 -1.52
CA LEU B 245 -19.23 24.76 -0.96
C LEU B 245 -20.15 24.51 0.24
N THR B 246 -21.00 23.48 0.14
CA THR B 246 -21.90 23.15 1.23
C THR B 246 -21.12 22.83 2.50
N GLU B 247 -19.93 22.23 2.36
CA GLU B 247 -19.14 21.92 3.55
C GLU B 247 -18.77 23.20 4.30
N ILE B 248 -18.33 24.23 3.57
CA ILE B 248 -17.99 25.50 4.22
C ILE B 248 -19.25 26.10 4.87
N HIS B 249 -20.36 26.07 4.14
CA HIS B 249 -21.60 26.63 4.69
C HIS B 249 -21.98 25.92 5.99
N GLN B 250 -21.84 24.59 6.02
CA GLN B 250 -22.15 23.84 7.24
C GLN B 250 -21.19 24.22 8.37
N GLU B 251 -19.90 24.34 8.06
CA GLU B 251 -18.93 24.68 9.09
C GLU B 251 -19.24 26.03 9.73
N LEU B 252 -19.79 26.96 8.96
CA LEU B 252 -20.15 28.26 9.54
C LEU B 252 -21.12 28.07 10.71
N GLU B 253 -22.22 27.37 10.49
CA GLU B 253 -23.18 27.15 11.57
C GLU B 253 -22.61 26.24 12.64
N THR B 254 -21.72 25.33 12.26
CA THR B 254 -21.03 24.51 13.25
C THR B 254 -20.34 25.38 14.29
N ALA B 255 -19.54 26.34 13.83
CA ALA B 255 -18.88 27.26 14.75
C ALA B 255 -19.90 28.13 15.49
N ARG B 256 -20.92 28.61 14.76
CA ARG B 256 -21.89 29.53 15.35
C ARG B 256 -22.61 28.89 16.54
N LYS B 257 -22.93 27.60 16.44
CA LYS B 257 -23.67 26.95 17.52
C LYS B 257 -22.86 26.95 18.81
N GLN B 258 -21.59 26.57 18.73
CA GLN B 258 -20.74 26.61 19.91
C GLN B 258 -20.61 28.03 20.45
N GLN B 259 -20.41 29.00 19.55
CA GLN B 259 -20.32 30.38 19.99
C GLN B 259 -21.56 30.77 20.80
N GLN B 260 -22.74 30.50 20.24
CA GLN B 260 -23.98 30.88 20.91
C GLN B 260 -24.11 30.18 22.25
N SER B 261 -23.73 28.90 22.31
CA SER B 261 -23.78 28.19 23.58
C SER B 261 -22.87 28.83 24.63
N LEU B 262 -21.69 29.31 24.21
CA LEU B 262 -20.74 29.85 25.18
C LEU B 262 -21.13 31.22 25.72
N GLN B 263 -22.01 31.95 25.03
CA GLN B 263 -22.30 33.32 25.42
C GLN B 263 -22.70 33.49 26.88
N PRO B 264 -23.63 32.71 27.43
CA PRO B 264 -24.05 32.96 28.82
C PRO B 264 -22.94 32.79 29.82
N VAL B 265 -21.87 32.06 29.48
CA VAL B 265 -20.78 31.83 30.43
C VAL B 265 -20.20 33.17 30.88
N ALA B 266 -19.94 34.06 29.93
CA ALA B 266 -19.31 35.34 30.26
C ALA B 266 -20.20 36.16 31.20
N LEU B 267 -21.50 36.20 30.92
CA LEU B 267 -22.42 36.96 31.78
C LEU B 267 -22.47 36.36 33.19
N SER B 268 -22.66 35.05 33.29
CA SER B 268 -22.72 34.40 34.58
C SER B 268 -21.43 34.60 35.36
N TRP B 269 -20.29 34.39 34.69
CA TRP B 269 -19.00 34.59 35.34
C TRP B 269 -18.84 36.02 35.81
N GLU B 270 -19.24 36.98 34.98
CA GLU B 270 -19.09 38.39 35.33
C GLU B 270 -19.86 38.71 36.60
N LYS B 271 -21.14 38.34 36.64
CA LYS B 271 -21.93 38.70 37.82
C LYS B 271 -21.50 37.87 39.04
N TYR B 272 -21.04 36.65 38.83
CA TYR B 272 -20.48 35.87 39.95
C TYR B 272 -19.28 36.59 40.55
N GLN B 273 -18.36 37.05 39.69
CA GLN B 273 -17.22 37.80 40.18
C GLN B 273 -17.67 39.05 40.92
N LYS B 274 -18.65 39.76 40.36
CA LYS B 274 -19.14 40.98 41.00
C LYS B 274 -19.62 40.69 42.42
N GLN B 275 -20.46 39.66 42.58
CA GLN B 275 -20.95 39.33 43.91
C GLN B 275 -19.82 38.83 44.80
N GLU B 276 -18.89 38.04 44.26
CA GLU B 276 -17.78 37.52 45.05
C GLU B 276 -16.99 38.67 45.67
N ARG B 277 -16.69 39.70 44.88
CA ARG B 277 -16.02 40.87 45.43
C ARG B 277 -16.83 41.46 46.59
N GLN B 278 -18.15 41.56 46.42
CA GLN B 278 -18.99 42.13 47.46
C GLN B 278 -18.89 41.36 48.77
N LEU B 279 -18.64 40.05 48.70
CA LEU B 279 -18.63 39.25 49.92
C LEU B 279 -17.53 39.68 50.87
N ALA B 280 -16.33 39.95 50.34
CA ALA B 280 -15.22 40.35 51.21
C ALA B 280 -15.56 41.58 52.04
N ASP B 281 -16.42 42.45 51.52
CA ASP B 281 -16.81 43.64 52.27
C ASP B 281 -17.44 43.25 53.60
N TRP B 282 -18.35 42.28 53.59
CA TRP B 282 -18.94 41.82 54.85
C TRP B 282 -17.92 41.06 55.68
N LEU B 283 -17.01 40.33 55.03
CA LEU B 283 -15.89 39.75 55.75
C LEU B 283 -15.05 40.85 56.41
N THR B 284 -14.84 41.95 55.69
CA THR B 284 -14.10 43.08 56.25
C THR B 284 -14.81 43.64 57.47
N LEU B 285 -16.14 43.81 57.38
CA LEU B 285 -16.90 44.30 58.52
C LEU B 285 -16.80 43.35 59.70
N GLU B 286 -16.90 42.04 59.45
CA GLU B 286 -16.77 41.06 60.52
C GLU B 286 -15.41 41.17 61.20
N SER B 287 -14.35 41.27 60.39
CA SER B 287 -13.02 41.40 60.96
C SER B 287 -12.85 42.67 61.77
N LEU B 288 -13.40 43.79 61.28
CA LEU B 288 -13.20 45.08 61.95
C LEU B 288 -14.09 45.27 63.16
N LEU B 289 -15.17 44.50 63.27
CA LEU B 289 -16.21 44.76 64.28
C LEU B 289 -15.67 44.88 65.70
N PRO B 290 -14.84 43.97 66.21
CA PRO B 290 -14.42 44.08 67.61
C PRO B 290 -13.64 45.35 67.92
N LEU B 291 -12.86 45.86 66.96
CA LEU B 291 -11.93 46.96 67.26
C LEU B 291 -12.66 48.28 67.44
N TRP B 292 -13.70 48.54 66.63
CA TRP B 292 -14.47 49.76 66.81
C TRP B 292 -15.04 49.84 68.23
N PHE B 293 -15.73 48.77 68.65
CA PHE B 293 -16.31 48.77 69.99
C PHE B 293 -15.23 48.70 71.06
N ALA B 294 -14.06 48.15 70.74
CA ALA B 294 -12.96 48.16 71.70
C ALA B 294 -12.46 49.58 71.96
N GLN B 295 -12.25 50.36 70.90
CA GLN B 295 -11.85 51.75 71.07
C GLN B 295 -12.94 52.53 71.81
N GLN B 296 -14.20 52.31 71.43
CA GLN B 296 -15.29 52.98 72.12
C GLN B 296 -15.30 52.62 73.60
N ALA B 297 -15.07 51.35 73.91
CA ALA B 297 -15.06 50.90 75.30
C ALA B 297 -13.90 51.53 76.06
N SER B 298 -12.72 51.60 75.45
CA SER B 298 -11.58 52.21 76.13
C SER B 298 -11.87 53.67 76.44
N HIS B 299 -12.39 54.41 75.47
CA HIS B 299 -12.70 55.82 75.69
C HIS B 299 -13.78 55.98 76.76
N LEU B 300 -14.82 55.14 76.70
CA LEU B 300 -15.92 55.27 77.65
C LEU B 300 -15.49 54.86 79.06
N TRP B 301 -14.62 53.87 79.17
CA TRP B 301 -14.08 53.50 80.48
C TRP B 301 -13.18 54.60 81.02
N ARG B 302 -12.45 55.29 80.15
CA ARG B 302 -11.66 56.43 80.60
C ARG B 302 -12.56 57.56 81.11
N GLU B 303 -13.67 57.82 80.40
CA GLU B 303 -14.63 58.82 80.87
C GLU B 303 -15.26 58.40 82.19
N LYS B 304 -15.61 57.12 82.31
CA LYS B 304 -16.16 56.60 83.57
C LYS B 304 -15.15 56.74 84.69
N ILE B 305 -13.86 56.51 84.39
CA ILE B 305 -12.81 56.70 85.38
C ILE B 305 -12.76 58.16 85.80
N ASN B 306 -12.86 59.07 84.82
CA ASN B 306 -12.83 60.49 85.13
C ASN B 306 -13.97 60.87 86.07
N LEU B 307 -15.17 60.39 85.80
CA LEU B 307 -16.32 60.73 86.64
C LEU B 307 -16.20 60.08 88.01
N LEU B 308 -15.84 58.78 88.03
CA LEU B 308 -15.75 58.07 89.30
C LEU B 308 -14.60 58.58 90.15
N ASN B 309 -13.58 59.19 89.55
CA ASN B 309 -12.53 59.81 90.34
C ASN B 309 -13.11 60.94 91.18
N ALA B 310 -13.86 61.83 90.55
CA ALA B 310 -14.48 62.92 91.30
C ALA B 310 -15.49 62.38 92.32
N ARG B 311 -16.27 61.38 91.92
CA ARG B 311 -17.29 60.86 92.83
C ARG B 311 -16.66 60.17 94.04
N LEU B 312 -15.61 59.38 93.82
CA LEU B 312 -14.92 58.71 94.92
C LEU B 312 -14.18 59.74 95.78
N ALA B 313 -13.65 60.78 95.17
CA ALA B 313 -13.02 61.84 95.94
C ALA B 313 -14.04 62.53 96.84
N GLU B 314 -15.24 62.79 96.32
CA GLU B 314 -16.29 63.38 97.14
C GLU B 314 -16.72 62.44 98.26
N ALA B 315 -16.83 61.15 97.95
CA ALA B 315 -17.22 60.17 98.97
C ALA B 315 -16.17 60.09 100.07
N GLN B 316 -14.88 60.09 99.70
CA GLN B 316 -13.82 60.04 100.69
C GLN B 316 -13.74 61.35 101.47
N THR B 317 -14.04 62.47 100.81
CA THR B 317 -14.10 63.75 101.52
C THR B 317 -15.23 63.74 102.54
N SER B 318 -16.38 63.20 102.18
CA SER B 318 -17.48 63.07 103.14
C SER B 318 -17.09 62.15 104.29
N GLU B 319 -16.41 61.04 103.98
CA GLU B 319 -15.95 60.13 105.02
C GLU B 319 -14.97 60.83 105.96
N GLU B 320 -14.04 61.59 105.40
CA GLU B 320 -13.07 62.31 106.21
C GLU B 320 -13.75 63.37 107.05
N GLN B 321 -14.72 64.08 106.49
CA GLN B 321 -15.45 65.09 107.24
C GLN B 321 -16.21 64.46 108.38
N LEU B 322 -16.87 63.32 108.12
CA LEU B 322 -17.60 62.63 109.18
C LEU B 322 -16.66 62.12 110.27
N GLN B 323 -15.50 61.59 109.87
CA GLN B 323 -14.54 61.10 110.87
C GLN B 323 -13.97 62.25 111.69
N SER B 324 -13.66 63.38 111.05
CA SER B 324 -13.14 64.53 111.79
C SER B 324 -14.19 65.09 112.74
N GLN B 325 -15.43 65.20 112.27
CA GLN B 325 -16.51 65.67 113.15
C GLN B 325 -16.78 64.66 114.25
N LEU B 326 -16.56 63.37 113.99
CA LEU B 326 -16.72 62.35 115.02
C LEU B 326 -15.66 62.50 116.10
N ASP B 327 -14.41 62.73 115.70
CA ASP B 327 -13.35 62.98 116.66
C ASP B 327 -13.61 64.26 117.44
N LEU B 328 -14.09 65.30 116.75
CA LEU B 328 -14.41 66.55 117.44
C LEU B 328 -15.57 66.38 118.40
N GLN B 329 -16.53 65.52 118.05
CA GLN B 329 -17.66 65.26 118.93
C GLN B 329 -17.21 64.45 120.14
N LYS B 330 -16.27 63.52 119.95
CA LYS B 330 -15.68 62.84 121.09
C LYS B 330 -14.90 63.82 121.98
N LYS B 331 -14.24 64.79 121.37
CA LYS B 331 -13.57 65.83 122.14
C LYS B 331 -14.58 66.64 122.94
N VAL B 332 -15.72 66.98 122.33
CA VAL B 332 -16.79 67.69 123.03
C VAL B 332 -17.33 66.83 124.17
N VAL B 333 -17.44 65.52 123.93
CA VAL B 333 -17.88 64.59 124.97
C VAL B 333 -16.91 64.63 126.14
N SER B 334 -15.61 64.62 125.84
CA SER B 334 -14.60 64.68 126.89
C SER B 334 -14.65 66.01 127.63
N ASP B 335 -14.90 67.10 126.92
CA ASP B 335 -14.99 68.40 127.57
C ASP B 335 -16.19 68.47 128.50
N CYS B 336 -17.35 67.98 128.04
CA CYS B 336 -18.51 67.92 128.92
C CYS B 336 -18.26 66.98 130.10
N MET B 337 -17.54 65.90 129.86
CA MET B 337 -17.12 65.00 130.94
C MET B 337 -16.34 65.75 132.01
N GLN B 338 -15.31 66.48 131.58
CA GLN B 338 -14.45 67.17 132.53
C GLN B 338 -15.19 68.31 133.21
N ARG B 339 -16.16 68.92 132.52
CA ARG B 339 -16.97 69.95 133.17
C ARG B 339 -17.89 69.35 134.21
N TYR B 340 -18.58 68.26 133.87
CA TYR B 340 -19.41 67.55 134.85
C TYR B 340 -18.60 67.17 136.08
N LEU B 341 -17.33 66.80 135.88
CA LEU B 341 -16.48 66.50 137.03
C LEU B 341 -16.10 67.77 137.79
N GLN B 342 -15.80 68.86 137.07
CA GLN B 342 -15.20 70.03 137.70
C GLN B 342 -16.25 70.90 138.39
N VAL B 343 -17.47 70.96 137.87
CA VAL B 343 -18.51 71.77 138.48
C VAL B 343 -19.02 71.10 139.75
N ASP B 689 -31.66 70.23 137.83
CA ASP B 689 -31.42 71.39 136.97
C ASP B 689 -30.14 72.13 137.35
N SER B 690 -29.38 71.54 138.27
CA SER B 690 -28.14 72.17 138.72
C SER B 690 -27.12 72.19 137.59
N ASP B 691 -25.99 72.87 137.85
CA ASP B 691 -24.94 72.95 136.86
C ASP B 691 -24.39 71.56 136.52
N ALA B 692 -24.25 70.70 137.53
CA ALA B 692 -23.82 69.34 137.29
C ALA B 692 -24.82 68.61 136.40
N SER B 693 -26.12 68.83 136.64
CA SER B 693 -27.14 68.24 135.78
C SER B 693 -27.04 68.77 134.35
N VAL B 694 -26.74 70.06 134.19
CA VAL B 694 -26.59 70.63 132.87
C VAL B 694 -25.42 69.96 132.15
N ALA B 695 -24.30 69.79 132.85
CA ALA B 695 -23.15 69.12 132.25
C ALA B 695 -23.49 67.68 131.88
N LYS B 696 -24.25 66.99 132.74
CA LYS B 696 -24.67 65.62 132.46
C LYS B 696 -25.51 65.56 131.17
N ALA B 697 -26.49 66.47 131.06
CA ALA B 697 -27.33 66.48 129.86
C ALA B 697 -26.52 66.80 128.61
N LYS B 698 -25.59 67.76 128.70
CA LYS B 698 -24.76 68.09 127.56
C LYS B 698 -23.89 66.91 127.16
N LEU B 699 -23.36 66.18 128.15
CA LEU B 699 -22.58 64.99 127.87
C LEU B 699 -23.42 63.95 127.14
N ASP B 700 -24.65 63.74 127.59
CA ASP B 700 -25.53 62.76 126.94
C ASP B 700 -25.80 63.17 125.50
N GLU B 701 -26.10 64.45 125.27
CA GLU B 701 -26.37 64.91 123.91
C GLU B 701 -25.13 64.76 123.02
N ALA B 702 -23.95 65.08 123.56
CA ALA B 702 -22.73 64.94 122.78
C ALA B 702 -22.48 63.49 122.41
N GLN B 703 -22.72 62.57 123.35
CA GLN B 703 -22.54 61.15 123.04
C GLN B 703 -23.55 60.68 121.99
N THR B 704 -24.78 61.19 122.04
CA THR B 704 -25.76 60.85 121.02
C THR B 704 -25.31 61.34 119.64
N ILE B 705 -24.80 62.57 119.58
CA ILE B 705 -24.29 63.09 118.31
C ILE B 705 -23.11 62.27 117.84
N GLU B 706 -22.26 61.82 118.76
CA GLU B 706 -21.13 60.96 118.42
C GLU B 706 -21.61 59.66 117.79
N SER B 707 -22.63 59.04 118.38
CA SER B 707 -23.17 57.80 117.83
C SER B 707 -23.74 58.03 116.44
N GLU B 708 -24.48 59.12 116.25
CA GLU B 708 -25.04 59.40 114.93
C GLU B 708 -23.93 59.61 113.90
N LEU B 709 -22.88 60.34 114.27
CA LEU B 709 -21.77 60.59 113.35
C LEU B 709 -21.06 59.29 113.00
N ASP B 710 -20.88 58.40 113.98
CA ASP B 710 -20.24 57.12 113.70
C ASP B 710 -21.08 56.28 112.74
N LYS B 711 -22.40 56.24 112.98
CA LYS B 711 -23.26 55.45 112.10
C LYS B 711 -23.34 56.04 110.70
N GLN B 712 -23.19 57.37 110.58
CA GLN B 712 -23.11 57.97 109.24
C GLN B 712 -21.75 57.69 108.61
N LEU B 713 -20.69 57.63 109.41
CA LEU B 713 -19.36 57.33 108.88
C LEU B 713 -19.31 55.91 108.34
N ARG B 714 -20.05 54.99 108.95
CA ARG B 714 -20.11 53.64 108.41
C ARG B 714 -20.71 53.64 107.00
N ALA B 715 -21.81 54.37 106.79
CA ALA B 715 -22.41 54.45 105.48
C ALA B 715 -21.47 55.15 104.49
N ALA B 716 -20.75 56.18 104.96
CA ALA B 716 -19.77 56.84 104.12
C ALA B 716 -18.68 55.85 103.70
N ASN B 717 -18.24 55.00 104.62
CA ASN B 717 -17.27 53.97 104.29
C ASN B 717 -17.81 53.03 103.22
N LYS B 718 -19.09 52.63 103.36
CA LYS B 718 -19.69 51.75 102.35
C LYS B 718 -19.71 52.43 100.99
N VAL B 719 -20.11 53.70 100.96
CA VAL B 719 -20.19 54.42 99.68
C VAL B 719 -18.80 54.54 99.06
N THR B 720 -17.80 54.87 99.87
CA THR B 720 -16.44 54.97 99.37
C THR B 720 -15.97 53.63 98.81
N ASN B 721 -16.25 52.53 99.52
CA ASN B 721 -15.84 51.22 99.05
C ASN B 721 -16.53 50.87 97.73
N VAL B 722 -17.82 51.18 97.62
CA VAL B 722 -18.56 50.85 96.39
C VAL B 722 -17.99 51.64 95.22
N LEU B 723 -17.77 52.95 95.42
CA LEU B 723 -17.24 53.78 94.35
C LEU B 723 -15.82 53.34 93.97
N ASP B 724 -15.00 53.00 94.95
CA ASP B 724 -13.65 52.52 94.67
C ASP B 724 -13.67 51.21 93.90
N THR B 725 -14.57 50.30 94.27
CA THR B 725 -14.68 49.03 93.56
C THR B 725 -15.10 49.26 92.11
N GLU B 726 -16.10 50.10 91.90
CA GLU B 726 -16.55 50.38 90.53
C GLU B 726 -15.45 51.07 89.73
N LEU B 727 -14.71 51.98 90.36
CA LEU B 727 -13.61 52.66 89.68
C LEU B 727 -12.49 51.68 89.30
N THR B 728 -12.15 50.77 90.21
CA THR B 728 -11.11 49.80 89.92
C THR B 728 -11.53 48.86 88.79
N LEU B 729 -12.79 48.42 88.82
CA LEU B 729 -13.28 47.57 87.74
C LEU B 729 -13.33 48.32 86.41
N ALA B 730 -13.68 49.61 86.46
CA ALA B 730 -13.65 50.43 85.25
C ALA B 730 -12.23 50.55 84.71
N ARG B 731 -11.25 50.70 85.60
CA ARG B 731 -9.86 50.79 85.17
C ARG B 731 -9.40 49.47 84.55
N ALA B 732 -9.79 48.34 85.15
CA ALA B 732 -9.44 47.05 84.56
C ALA B 732 -10.09 46.88 83.20
N ALA B 733 -11.36 47.28 83.07
CA ALA B 733 -12.03 47.19 81.78
C ALA B 733 -11.38 48.12 80.77
N GLU B 734 -10.91 49.28 81.21
CA GLU B 734 -10.17 50.18 80.34
C GLU B 734 -8.89 49.52 79.85
N ARG B 735 -8.17 48.85 80.76
CA ARG B 735 -6.97 48.13 80.35
C ARG B 735 -7.29 47.08 79.30
N LYS B 736 -8.35 46.31 79.52
CA LYS B 736 -8.75 45.30 78.54
C LYS B 736 -9.11 45.94 77.21
N ALA B 737 -9.89 47.01 77.24
CA ALA B 737 -10.33 47.66 76.00
C ALA B 737 -9.15 48.22 75.23
N GLN B 738 -8.21 48.86 75.92
CA GLN B 738 -7.02 49.38 75.25
C GLN B 738 -6.18 48.25 74.68
N GLN B 739 -6.00 47.17 75.45
CA GLN B 739 -5.32 46.00 74.91
C GLN B 739 -6.00 45.51 73.65
N THR B 740 -7.32 45.64 73.57
CA THR B 740 -8.06 45.35 72.35
C THR B 740 -8.04 46.52 71.38
N ALA B 741 -8.13 47.75 71.89
CA ALA B 741 -8.09 48.92 71.01
C ALA B 741 -6.69 49.16 70.47
N GLN B 742 -5.68 48.57 71.09
CA GLN B 742 -4.32 48.69 70.57
C GLN B 742 -4.16 48.04 69.21
N GLN B 743 -5.09 47.16 68.82
CA GLN B 743 -4.99 46.49 67.53
C GLN B 743 -4.98 47.49 66.38
N GLY B 744 -5.70 48.59 66.52
CA GLY B 744 -5.62 49.67 65.55
C GLY B 744 -6.49 49.50 64.33
N MET B 745 -6.90 50.62 63.74
CA MET B 745 -7.68 50.64 62.51
C MET B 745 -7.24 51.82 61.66
N LYS B 746 -7.04 51.57 60.37
CA LYS B 746 -6.78 52.65 59.44
C LYS B 746 -8.06 53.45 59.20
N GLU B 747 -7.89 54.74 58.92
CA GLU B 747 -9.03 55.65 58.94
C GLU B 747 -10.12 55.23 57.95
N GLU B 748 -9.75 54.58 56.85
CA GLU B 748 -10.76 54.01 55.97
C GLU B 748 -11.58 52.96 56.71
N GLU B 749 -10.90 52.07 57.43
CA GLU B 749 -11.60 51.03 58.19
C GLU B 749 -12.44 51.64 59.30
N ARG B 750 -11.91 52.64 59.99
CA ARG B 750 -12.67 53.28 61.07
C ARG B 750 -13.90 54.00 60.52
N GLU B 751 -13.76 54.65 59.36
CA GLU B 751 -14.90 55.30 58.74
C GLU B 751 -15.96 54.28 58.32
N LEU B 752 -15.53 53.16 57.75
CA LEU B 752 -16.47 52.09 57.44
C LEU B 752 -17.20 51.63 58.69
N CYS B 753 -16.46 51.42 59.79
CA CYS B 753 -17.08 50.97 61.04
C CYS B 753 -18.08 52.00 61.56
N ALA B 754 -17.71 53.27 61.53
CA ALA B 754 -18.62 54.32 61.99
C ALA B 754 -19.88 54.37 61.15
N SER B 755 -19.74 54.27 59.83
CA SER B 755 -20.91 54.18 58.95
C SER B 755 -21.70 52.90 59.16
N HIS B 756 -21.10 51.88 59.79
CA HIS B 756 -21.78 50.62 60.05
C HIS B 756 -22.03 50.34 61.52
N PHE B 757 -21.35 51.05 62.44
CA PHE B 757 -21.53 50.83 63.86
C PHE B 757 -21.92 52.12 64.56
N PRO B 758 -22.85 52.08 65.50
CA PRO B 758 -23.27 53.31 66.18
C PRO B 758 -22.22 53.81 67.17
N VAL B 759 -22.29 55.11 67.47
CA VAL B 759 -21.46 55.67 68.52
C VAL B 759 -21.95 55.16 69.86
N VAL B 760 -21.01 54.81 70.74
CA VAL B 760 -21.32 54.27 72.06
C VAL B 760 -21.20 55.41 73.07
N THR B 761 -22.27 55.62 73.84
CA THR B 761 -22.29 56.63 74.88
C THR B 761 -21.89 56.02 76.22
N LEU B 762 -21.62 56.90 77.19
CA LEU B 762 -21.33 56.42 78.54
C LEU B 762 -22.49 55.62 79.10
N GLU B 763 -23.73 55.98 78.72
CA GLU B 763 -24.88 55.18 79.14
C GLU B 763 -24.82 53.78 78.55
N GLN B 764 -24.38 53.66 77.30
CA GLN B 764 -24.28 52.38 76.63
C GLN B 764 -23.08 51.55 77.08
N LEU B 765 -22.21 52.11 77.92
CA LEU B 765 -20.99 51.39 78.30
C LEU B 765 -21.28 50.01 78.85
N PRO B 766 -22.24 49.79 79.76
CA PRO B 766 -22.52 48.42 80.19
C PRO B 766 -23.00 47.52 79.06
N ASP B 767 -23.70 48.06 78.07
CA ASP B 767 -24.34 47.27 77.04
C ASP B 767 -23.55 47.19 75.75
N ILE B 768 -22.30 47.64 75.73
CA ILE B 768 -21.54 47.70 74.48
C ILE B 768 -21.43 46.31 73.87
N ARG B 769 -21.19 45.29 74.68
CA ARG B 769 -21.09 43.93 74.16
C ARG B 769 -22.39 43.52 73.49
N ASP B 770 -23.53 43.94 74.02
CA ASP B 770 -24.81 43.61 73.39
C ASP B 770 -24.89 44.18 71.98
N LEU B 771 -24.50 45.44 71.80
CA LEU B 771 -24.50 46.03 70.47
C LEU B 771 -23.53 45.31 69.55
N GLU B 772 -22.33 45.00 70.06
CA GLU B 772 -21.34 44.33 69.24
C GLU B 772 -21.84 42.97 68.77
N ARG B 773 -22.48 42.22 69.66
CA ARG B 773 -22.97 40.89 69.29
C ARG B 773 -24.19 40.98 68.38
N GLN B 774 -25.04 41.99 68.55
CA GLN B 774 -26.13 42.19 67.62
C GLN B 774 -25.60 42.46 66.22
N HIS B 775 -24.59 43.32 66.12
CA HIS B 775 -23.98 43.58 64.81
C HIS B 775 -23.31 42.33 64.27
N GLU B 776 -22.70 41.53 65.14
CA GLU B 776 -22.09 40.28 64.70
C GLU B 776 -23.14 39.35 64.11
N ARG B 777 -24.30 39.24 64.77
CA ARG B 777 -25.36 38.38 64.28
C ARG B 777 -25.89 38.88 62.94
N GLY B 778 -26.07 40.19 62.81
CA GLY B 778 -26.49 40.75 61.53
C GLY B 778 -25.46 40.47 60.43
N ILE B 779 -24.18 40.60 60.78
CA ILE B 779 -23.12 40.34 59.82
C ILE B 779 -23.13 38.89 59.38
N GLN B 780 -23.35 37.97 60.33
CA GLN B 780 -23.43 36.56 59.99
C GLN B 780 -24.63 36.29 59.08
N HIS B 781 -25.75 36.95 59.35
CA HIS B 781 -26.90 36.88 58.46
C HIS B 781 -26.53 37.30 57.04
N GLU B 782 -25.87 38.45 56.93
CA GLU B 782 -25.43 38.93 55.61
C GLU B 782 -24.53 37.91 54.94
N ILE B 783 -23.58 37.36 55.70
CA ILE B 783 -22.62 36.40 55.15
C ILE B 783 -23.35 35.19 54.59
N GLU B 784 -24.25 34.61 55.39
CA GLU B 784 -24.94 33.41 54.95
C GLU B 784 -25.82 33.70 53.74
N ARG B 785 -26.50 34.85 53.73
CA ARG B 785 -27.35 35.18 52.58
C ARG B 785 -26.53 35.29 51.30
N VAL B 786 -25.47 36.09 51.33
CA VAL B 786 -24.67 36.29 50.12
C VAL B 786 -24.02 34.98 49.71
N LYS B 787 -23.60 34.17 50.70
CA LYS B 787 -22.97 32.89 50.39
C LYS B 787 -23.96 31.96 49.69
N ALA B 788 -25.21 31.93 50.15
CA ALA B 788 -26.21 31.09 49.51
C ALA B 788 -26.47 31.54 48.09
N GLU B 789 -26.58 32.85 47.87
CA GLU B 789 -26.79 33.33 46.51
C GLU B 789 -25.59 32.97 45.62
N LEU B 790 -24.38 33.09 46.15
CA LEU B 790 -23.19 32.70 45.41
C LEU B 790 -23.20 31.22 45.08
N HIS B 791 -23.66 30.39 46.02
CA HIS B 791 -23.82 28.96 45.77
C HIS B 791 -24.79 28.70 44.62
N ARG B 792 -25.92 29.42 44.61
CA ARG B 792 -26.87 29.25 43.52
C ARG B 792 -26.23 29.63 42.19
N LEU B 793 -25.50 30.74 42.16
CA LEU B 793 -24.81 31.13 40.93
C LEU B 793 -23.75 30.10 40.53
N ASN B 794 -23.13 29.45 41.52
CA ASN B 794 -22.18 28.38 41.24
C ASN B 794 -22.87 27.24 40.51
N ILE B 795 -24.05 26.84 40.99
CA ILE B 795 -24.83 25.82 40.30
C ILE B 795 -25.14 26.26 38.88
N GLU B 796 -25.55 27.52 38.73
CA GLU B 796 -25.85 28.06 37.41
C GLU B 796 -24.65 27.91 36.48
N LEU B 797 -23.47 28.32 36.96
CA LEU B 797 -22.27 28.27 36.13
C LEU B 797 -21.92 26.83 35.77
N THR B 798 -22.08 25.91 36.72
CA THR B 798 -21.84 24.50 36.42
C THR B 798 -22.74 24.03 35.28
N LYS B 799 -24.03 24.34 35.37
CA LYS B 799 -24.94 23.96 34.28
C LYS B 799 -24.49 24.57 32.96
N ARG B 800 -24.14 25.86 32.98
CA ARG B 800 -23.79 26.55 31.74
C ARG B 800 -22.59 25.89 31.07
N MET B 801 -21.52 25.67 31.84
CA MET B 801 -20.31 25.10 31.27
C MET B 801 -20.52 23.65 30.85
N SER B 802 -21.32 22.88 31.59
CA SER B 802 -21.62 21.53 31.16
C SER B 802 -22.36 21.53 29.82
N GLU B 803 -23.33 22.44 29.66
CA GLU B 803 -24.01 22.59 28.38
C GLU B 803 -23.02 22.91 27.27
N ALA B 804 -22.15 23.90 27.50
CA ALA B 804 -21.19 24.28 26.49
C ALA B 804 -20.32 23.10 26.07
N LYS B 805 -19.79 22.36 27.04
CA LYS B 805 -18.97 21.19 26.70
C LYS B 805 -19.78 20.12 25.99
N ARG B 806 -21.08 20.00 26.32
CA ARG B 806 -21.92 19.06 25.60
C ARG B 806 -21.97 19.43 24.12
N VAL B 807 -22.17 20.72 23.82
CA VAL B 807 -22.18 21.15 22.43
C VAL B 807 -20.77 21.17 21.85
N ASP B 808 -19.75 21.19 22.70
CA ASP B 808 -18.38 21.39 22.25
C ASP B 808 -17.96 20.30 21.27
N THR B 809 -17.28 20.71 20.19
CA THR B 809 -16.76 19.75 19.22
C THR B 809 -15.48 19.08 19.69
N GLY B 810 -14.82 19.63 20.70
CA GLY B 810 -13.60 19.05 21.23
C GLY B 810 -12.59 20.09 21.68
N ALA B 811 -12.81 21.35 21.31
CA ALA B 811 -11.93 22.42 21.75
C ALA B 811 -11.89 22.57 23.27
N LEU B 812 -12.92 22.09 23.98
CA LEU B 812 -12.98 22.15 25.43
C LEU B 812 -12.85 20.77 26.06
N VAL B 813 -12.32 19.78 25.32
CA VAL B 813 -12.26 18.42 25.82
C VAL B 813 -11.51 18.35 27.14
N GLU B 814 -10.35 19.03 27.23
CA GLU B 814 -9.55 19.00 28.44
C GLU B 814 -10.15 19.82 29.57
N ALA B 815 -11.07 20.73 29.27
CA ALA B 815 -11.66 21.57 30.30
C ALA B 815 -12.49 20.73 31.28
N GLY B 816 -12.58 21.21 32.51
CA GLY B 816 -13.29 20.51 33.55
C GLY B 816 -14.68 21.06 33.79
N ALA B 817 -15.08 21.15 35.06
CA ALA B 817 -16.44 21.61 35.36
C ALA B 817 -16.51 22.56 36.55
N ASP B 818 -15.41 23.17 36.99
CA ASP B 818 -15.42 24.05 38.14
C ASP B 818 -14.99 25.44 37.74
N LEU B 819 -15.19 26.39 38.66
CA LEU B 819 -14.99 27.80 38.36
C LEU B 819 -13.59 28.07 37.81
N ASP B 820 -12.56 27.48 38.39
CA ASP B 820 -11.20 27.76 37.97
C ASP B 820 -10.98 27.47 36.49
N ASP B 821 -11.77 26.59 35.90
CA ASP B 821 -11.65 26.31 34.47
C ASP B 821 -12.29 27.39 33.61
N ILE B 822 -13.04 28.31 34.23
CA ILE B 822 -13.82 29.28 33.46
C ILE B 822 -12.97 30.04 32.44
N PRO B 823 -11.78 30.55 32.78
CA PRO B 823 -11.01 31.29 31.76
C PRO B 823 -10.76 30.49 30.50
N VAL B 824 -10.62 29.17 30.60
CA VAL B 824 -10.42 28.35 29.41
C VAL B 824 -11.60 28.53 28.46
N TYR B 825 -12.82 28.46 28.99
CA TYR B 825 -14.01 28.64 28.16
C TYR B 825 -14.04 30.04 27.57
N LEU B 826 -13.77 31.05 28.38
CA LEU B 826 -13.85 32.44 27.91
C LEU B 826 -12.84 32.69 26.79
N GLN B 827 -11.67 32.07 26.87
CA GLN B 827 -10.70 32.19 25.80
C GLN B 827 -11.28 31.71 24.48
N ARG B 828 -11.91 30.53 24.50
CA ARG B 828 -12.52 30.01 23.28
C ARG B 828 -13.64 30.92 22.81
N LEU B 829 -14.45 31.44 23.73
CA LEU B 829 -15.52 32.34 23.35
C LEU B 829 -14.99 33.53 22.58
N GLN B 830 -14.01 34.24 23.16
CA GLN B 830 -13.48 35.42 22.52
C GLN B 830 -12.76 35.09 21.22
N GLU B 831 -12.01 33.97 21.19
CA GLU B 831 -11.32 33.59 19.97
C GLU B 831 -12.30 33.32 18.83
N LEU B 832 -13.32 32.50 19.09
CA LEU B 832 -14.31 32.22 18.07
C LEU B 832 -14.97 33.50 17.60
N THR B 833 -15.39 34.35 18.54
CA THR B 833 -16.10 35.57 18.15
C THR B 833 -15.23 36.47 17.28
N GLU B 834 -13.96 36.66 17.66
CA GLU B 834 -13.10 37.61 16.96
C GLU B 834 -12.56 37.08 15.64
N GLU B 835 -12.14 35.82 15.57
CA GLU B 835 -11.38 35.35 14.42
C GLU B 835 -12.12 34.30 13.59
N ALA B 836 -12.55 33.21 14.23
CA ALA B 836 -13.05 32.07 13.49
C ALA B 836 -14.24 32.45 12.62
N LEU B 837 -15.25 33.07 13.23
CA LEU B 837 -16.49 33.34 12.51
C LEU B 837 -16.28 34.29 11.32
N PRO B 838 -15.60 35.42 11.46
CA PRO B 838 -15.34 36.25 10.27
C PRO B 838 -14.59 35.51 9.17
N GLU B 839 -13.61 34.69 9.54
CA GLU B 839 -12.86 33.93 8.55
C GLU B 839 -13.77 32.99 7.79
N LYS B 840 -14.61 32.23 8.51
CA LYS B 840 -15.51 31.29 7.86
C LYS B 840 -16.54 32.01 7.01
N LEU B 841 -17.04 33.15 7.49
CA LEU B 841 -17.96 33.96 6.70
C LEU B 841 -17.33 34.37 5.38
N ASN B 842 -16.10 34.90 5.43
CA ASN B 842 -15.43 35.31 4.21
C ASN B 842 -15.22 34.11 3.29
N ARG B 843 -14.77 32.98 3.84
CA ARG B 843 -14.58 31.79 3.04
C ARG B 843 -15.85 31.41 2.29
N PHE B 844 -16.96 31.30 3.01
CA PHE B 844 -18.20 30.82 2.42
C PHE B 844 -18.71 31.79 1.37
N LEU B 845 -18.79 33.07 1.71
CA LEU B 845 -19.32 34.05 0.76
C LEU B 845 -18.42 34.17 -0.47
N ASP B 846 -17.10 34.14 -0.27
CA ASP B 846 -16.18 34.22 -1.40
C ASP B 846 -16.37 33.04 -2.34
N TYR B 847 -16.38 31.81 -1.79
CA TYR B 847 -16.55 30.66 -2.68
C TYR B 847 -17.90 30.70 -3.37
N LEU B 848 -18.95 31.12 -2.68
CA LEU B 848 -20.26 31.23 -3.31
C LEU B 848 -20.22 32.22 -4.47
N ASN B 849 -19.58 33.37 -4.27
CA ASN B 849 -19.47 34.34 -5.35
C ASN B 849 -18.76 33.73 -6.55
N ARG B 850 -17.68 33.00 -6.30
CA ARG B 850 -17.01 32.27 -7.38
C ARG B 850 -17.98 31.27 -8.01
N SER B 851 -18.66 30.47 -7.19
CA SER B 851 -19.63 29.52 -7.70
C SER B 851 -20.80 30.20 -8.38
N SER B 852 -21.08 31.47 -8.04
CA SER B 852 -22.17 32.18 -8.70
C SER B 852 -21.91 32.32 -10.19
N ASP B 853 -20.68 32.62 -10.59
CA ASP B 853 -20.35 32.73 -12.01
C ASP B 853 -20.18 31.35 -12.64
N ASP B 854 -19.57 30.42 -11.91
CA ASP B 854 -19.31 29.09 -12.44
C ASP B 854 -20.47 28.13 -12.21
N GLY B 855 -21.53 28.57 -11.52
CA GLY B 855 -22.60 27.69 -11.10
C GLY B 855 -23.42 27.14 -12.25
N VAL B 856 -24.61 26.65 -11.89
CA VAL B 856 -25.49 25.97 -12.85
C VAL B 856 -25.90 26.89 -13.99
N THR B 857 -25.93 28.20 -13.74
CA THR B 857 -26.38 29.13 -14.77
C THR B 857 -25.63 28.91 -16.08
N GLN B 858 -24.33 28.63 -16.00
CA GLN B 858 -23.56 28.38 -17.20
C GLN B 858 -24.03 27.11 -17.91
N LEU B 859 -24.35 26.06 -17.16
CA LEU B 859 -24.86 24.83 -17.76
C LEU B 859 -26.19 25.09 -18.47
N LEU B 860 -27.09 25.82 -17.81
CA LEU B 860 -28.38 26.13 -18.42
C LEU B 860 -28.19 26.94 -19.69
N SER B 861 -27.30 27.94 -19.66
CA SER B 861 -27.02 28.73 -20.84
C SER B 861 -26.44 27.87 -21.95
N HIS B 862 -25.59 26.92 -21.61
CA HIS B 862 -25.01 26.03 -22.61
C HIS B 862 -26.08 25.18 -23.27
N ILE B 863 -27.00 24.63 -22.49
CA ILE B 863 -28.07 23.81 -23.07
C ILE B 863 -28.97 24.67 -23.96
N GLU B 864 -29.27 25.88 -23.51
CA GLU B 864 -30.05 26.80 -24.36
C GLU B 864 -29.32 27.07 -25.66
N HIS B 865 -28.00 27.28 -25.60
CA HIS B 865 -27.21 27.50 -26.79
C HIS B 865 -27.28 26.31 -27.73
N GLU B 866 -27.21 25.09 -27.18
CA GLU B 866 -27.27 23.90 -28.03
C GLU B 866 -28.64 23.77 -28.71
N VAL B 867 -29.73 24.02 -27.96
CA VAL B 867 -31.05 23.97 -28.57
C VAL B 867 -31.18 25.04 -29.65
N LEU B 868 -30.59 26.22 -29.40
CA LEU B 868 -30.57 27.26 -30.42
C LEU B 868 -29.83 26.82 -31.66
N VAL B 869 -28.69 26.14 -31.48
CA VAL B 869 -27.95 25.62 -32.63
C VAL B 869 -28.80 24.66 -33.42
N ILE B 870 -29.50 23.75 -32.73
CA ILE B 870 -30.41 22.83 -33.42
C ILE B 870 -31.44 23.62 -34.22
N GLU B 871 -32.02 24.64 -33.60
CA GLU B 871 -32.98 25.49 -34.31
C GLU B 871 -32.36 26.04 -35.59
N GLU B 872 -31.11 26.50 -35.52
CA GLU B 872 -30.45 27.08 -36.69
C GLU B 872 -30.38 26.06 -37.83
N ARG B 873 -29.71 24.93 -37.59
CA ARG B 873 -29.39 24.03 -38.70
C ARG B 873 -30.64 23.48 -39.37
N LEU B 874 -31.68 23.15 -38.60
CA LEU B 874 -32.89 22.60 -39.20
C LEU B 874 -33.43 23.49 -40.31
N ASN B 875 -33.30 24.80 -40.15
CA ASN B 875 -33.77 25.73 -41.18
C ASN B 875 -33.04 25.50 -42.50
N GLU B 876 -31.73 25.28 -42.46
CA GLU B 876 -30.96 25.13 -43.69
C GLU B 876 -31.44 23.91 -44.48
N LEU B 877 -31.62 22.77 -43.82
CA LEU B 877 -32.16 21.60 -44.51
C LEU B 877 -33.56 21.87 -45.02
N ASN B 878 -34.38 22.56 -44.22
CA ASN B 878 -35.72 22.92 -44.66
C ASN B 878 -35.66 23.78 -45.92
N GLU B 879 -34.72 24.72 -45.96
CA GLU B 879 -34.57 25.56 -47.15
C GLU B 879 -34.21 24.73 -48.37
N THR B 880 -33.30 23.77 -48.20
CA THR B 880 -32.83 22.99 -49.35
C THR B 880 -33.97 22.23 -50.01
N MET B 881 -34.89 21.69 -49.21
CA MET B 881 -36.04 20.97 -49.74
C MET B 881 -36.92 21.83 -50.65
N PHE B 882 -36.85 23.15 -50.55
CA PHE B 882 -37.63 23.98 -51.46
C PHE B 882 -37.12 23.86 -52.90
N ARG B 883 -35.88 23.42 -53.07
CA ARG B 883 -35.28 23.32 -54.40
C ARG B 883 -35.65 22.03 -55.13
N VAL B 884 -36.41 21.13 -54.50
CA VAL B 884 -36.78 19.86 -55.11
C VAL B 884 -38.22 19.55 -54.73
N ASP B 885 -38.75 18.47 -55.30
CA ASP B 885 -40.13 18.07 -55.11
C ASP B 885 -40.21 16.64 -54.60
N PHE B 886 -40.98 16.45 -53.52
CA PHE B 886 -41.26 15.13 -52.99
C PHE B 886 -42.30 14.38 -53.81
N GLN B 887 -43.17 15.10 -54.49
CA GLN B 887 -44.17 14.55 -55.39
C GLN B 887 -44.18 15.40 -56.66
N PRO B 888 -44.75 14.87 -57.75
CA PRO B 888 -44.75 15.64 -59.01
C PRO B 888 -45.30 17.04 -58.87
N ASP B 889 -46.07 17.30 -57.82
CA ASP B 889 -46.71 18.60 -57.61
C ASP B 889 -46.44 19.19 -56.23
N ARG B 890 -45.60 18.55 -55.41
CA ARG B 890 -45.41 18.97 -54.03
C ARG B 890 -43.93 18.98 -53.67
N TYR B 891 -43.59 19.80 -52.68
CA TYR B 891 -42.35 19.70 -51.94
C TYR B 891 -42.67 19.56 -50.46
N LEU B 892 -41.63 19.40 -49.64
CA LEU B 892 -41.81 18.99 -48.25
C LEU B 892 -41.09 19.95 -47.33
N ARG B 893 -41.66 20.19 -46.15
CA ARG B 893 -41.17 21.18 -45.20
C ARG B 893 -41.12 20.60 -43.80
N LEU B 894 -40.10 20.99 -43.05
CA LEU B 894 -39.94 20.55 -41.67
C LEU B 894 -40.72 21.44 -40.71
N ASP B 895 -41.04 20.89 -39.55
CA ASP B 895 -41.74 21.62 -38.49
C ASP B 895 -41.28 21.07 -37.14
N THR B 896 -41.27 21.94 -36.14
CA THR B 896 -40.82 21.56 -34.81
C THR B 896 -41.65 22.26 -33.75
N LYS B 897 -41.59 21.74 -32.52
CA LYS B 897 -42.34 22.25 -31.40
C LYS B 897 -41.56 22.02 -30.12
N LYS B 898 -42.07 22.59 -29.02
CA LYS B 898 -41.39 22.50 -27.73
C LYS B 898 -41.98 21.39 -26.87
N VAL B 899 -41.12 20.80 -26.04
CA VAL B 899 -41.55 19.74 -25.12
C VAL B 899 -42.10 20.38 -23.84
N VAL B 900 -43.03 19.66 -23.20
CA VAL B 900 -43.75 20.21 -22.06
C VAL B 900 -43.71 19.28 -20.85
N HIS B 901 -42.71 18.42 -20.77
CA HIS B 901 -42.54 17.60 -19.57
C HIS B 901 -42.34 18.52 -18.37
N GLU B 902 -43.08 18.26 -17.30
CA GLU B 902 -43.20 19.25 -16.22
C GLU B 902 -41.86 19.60 -15.59
N SER B 903 -40.87 18.72 -15.65
CA SER B 903 -39.60 18.98 -15.00
C SER B 903 -39.01 20.32 -15.45
N LEU B 904 -39.17 20.66 -16.73
CA LEU B 904 -38.61 21.91 -17.22
C LEU B 904 -39.28 23.11 -16.57
N ARG B 905 -40.59 23.04 -16.35
CA ARG B 905 -41.28 24.13 -15.68
C ARG B 905 -40.83 24.27 -14.23
N THR B 906 -40.62 23.14 -13.56
CA THR B 906 -40.09 23.18 -12.20
C THR B 906 -38.71 23.83 -12.19
N LEU B 907 -37.87 23.50 -13.16
CA LEU B 907 -36.56 24.13 -13.27
C LEU B 907 -36.71 25.63 -13.53
N GLU B 908 -37.67 26.01 -14.37
CA GLU B 908 -37.94 27.43 -14.62
C GLU B 908 -38.26 28.15 -13.31
N LYS B 909 -39.17 27.58 -12.52
CA LYS B 909 -39.55 28.22 -11.27
C LYS B 909 -38.37 28.30 -10.31
N ALA B 910 -37.58 27.22 -10.22
CA ALA B 910 -36.41 27.23 -9.35
C ALA B 910 -35.43 28.31 -9.77
N GLN B 911 -35.20 28.43 -11.08
CA GLN B 911 -34.29 29.45 -11.59
C GLN B 911 -34.79 30.85 -11.26
N ARG B 912 -36.05 31.13 -11.58
CA ARG B 912 -36.59 32.47 -11.36
C ARG B 912 -36.59 32.83 -9.88
N GLN B 913 -36.77 31.83 -9.01
CA GLN B 913 -36.67 32.11 -7.58
C GLN B 913 -35.22 32.33 -7.16
N LEU B 914 -34.29 31.55 -7.72
CA LEU B 914 -32.88 31.72 -7.38
C LEU B 914 -32.38 33.09 -7.77
N ASN B 915 -32.88 33.64 -8.88
CA ASN B 915 -32.44 34.97 -9.29
C ASN B 915 -32.66 36.00 -8.19
N ALA B 916 -33.87 36.01 -7.62
CA ALA B 916 -34.18 36.98 -6.58
C ALA B 916 -33.35 36.73 -5.32
N ALA B 917 -33.18 35.46 -4.95
CA ALA B 917 -32.53 35.14 -3.68
C ALA B 917 -31.13 35.73 -3.58
N ARG B 918 -30.45 35.94 -4.70
CA ARG B 918 -29.13 36.58 -4.64
C ARG B 918 -29.22 37.98 -4.07
N PHE B 919 -30.34 38.67 -4.26
CA PHE B 919 -30.50 40.04 -3.81
C PHE B 919 -31.00 40.14 -2.38
N VAL B 920 -31.41 39.02 -1.77
CA VAL B 920 -31.81 39.04 -0.37
C VAL B 920 -30.59 39.33 0.49
N ASP B 921 -30.76 40.25 1.45
CA ASP B 921 -29.67 40.66 2.33
C ASP B 921 -29.63 39.70 3.51
N ASP B 922 -28.96 38.56 3.32
CA ASP B 922 -28.86 37.56 4.37
C ASP B 922 -27.47 36.92 4.45
N ASN B 923 -26.45 37.53 3.85
CA ASN B 923 -25.10 36.97 3.78
C ASN B 923 -25.04 35.70 2.95
N GLY B 924 -25.93 35.56 1.96
CA GLY B 924 -25.90 34.43 1.05
C GLY B 924 -26.71 33.22 1.50
N GLU B 925 -27.46 33.32 2.59
CA GLU B 925 -28.19 32.16 3.11
C GLU B 925 -29.23 31.68 2.11
N SER B 926 -30.23 32.52 1.81
CA SER B 926 -31.28 32.13 0.88
C SER B 926 -30.70 31.81 -0.50
N HIS B 927 -29.65 32.54 -0.90
CA HIS B 927 -28.94 32.19 -2.13
C HIS B 927 -28.52 30.73 -2.11
N TYR B 928 -27.85 30.31 -1.03
CA TYR B 928 -27.40 28.93 -0.92
C TYR B 928 -28.58 27.96 -0.89
N LYS B 929 -29.65 28.32 -0.19
CA LYS B 929 -30.82 27.44 -0.13
C LYS B 929 -31.39 27.19 -1.51
N ALA B 930 -31.59 28.27 -2.27
CA ALA B 930 -32.12 28.13 -3.63
C ALA B 930 -31.15 27.35 -4.52
N LEU B 931 -29.85 27.59 -4.35
CA LEU B 931 -28.87 26.84 -5.14
C LEU B 931 -28.99 25.35 -4.87
N GLN B 932 -29.09 24.97 -3.59
CA GLN B 932 -29.23 23.56 -3.24
C GLN B 932 -30.53 22.98 -3.83
N VAL B 933 -31.62 23.74 -3.69
CA VAL B 933 -32.91 23.26 -4.19
C VAL B 933 -32.81 22.98 -5.70
N LEU B 934 -32.24 23.92 -6.45
CA LEU B 934 -32.11 23.73 -7.89
C LEU B 934 -31.19 22.57 -8.22
N VAL B 935 -30.05 22.48 -7.52
CA VAL B 935 -29.09 21.41 -7.79
C VAL B 935 -29.72 20.05 -7.53
N ALA B 936 -30.74 20.01 -6.66
CA ALA B 936 -31.44 18.74 -6.44
C ALA B 936 -31.98 18.18 -7.75
N GLN B 937 -32.60 19.03 -8.57
CA GLN B 937 -33.13 18.55 -9.85
C GLN B 937 -32.03 17.97 -10.73
N LEU B 938 -30.90 18.67 -10.84
CA LEU B 938 -29.81 18.18 -11.68
C LEU B 938 -29.29 16.84 -11.17
N ARG B 939 -29.11 16.72 -9.86
CA ARG B 939 -28.67 15.44 -9.30
C ARG B 939 -29.66 14.33 -9.66
N ASP B 940 -30.94 14.54 -9.38
CA ASP B 940 -31.94 13.52 -9.60
C ASP B 940 -31.97 13.09 -11.06
N ALA B 941 -31.91 14.06 -11.97
CA ALA B 941 -31.87 13.73 -13.39
C ALA B 941 -30.62 12.94 -13.74
N CYS B 942 -29.47 13.32 -13.15
CA CYS B 942 -28.22 12.63 -13.46
C CYS B 942 -28.27 11.17 -13.05
N GLU B 943 -28.78 10.89 -11.85
CA GLU B 943 -28.83 9.49 -11.42
C GLU B 943 -29.83 8.69 -12.26
N ARG B 944 -30.80 9.37 -12.87
CA ARG B 944 -31.81 8.73 -13.72
C ARG B 944 -31.71 9.22 -15.16
N ASN B 945 -30.49 9.32 -15.70
CA ASN B 945 -30.31 9.81 -17.05
C ASN B 945 -31.12 9.02 -18.07
N ARG B 946 -31.30 7.72 -17.83
CA ARG B 946 -32.05 6.90 -18.76
C ARG B 946 -33.48 7.40 -18.92
N THR B 947 -34.10 7.81 -17.82
CA THR B 947 -35.50 8.22 -17.85
C THR B 947 -35.70 9.39 -18.81
N LEU B 948 -36.83 9.39 -19.51
CA LEU B 948 -37.09 10.40 -20.52
C LEU B 948 -37.14 11.80 -19.90
N GLY B 949 -37.56 11.91 -18.65
CA GLY B 949 -37.57 13.21 -18.00
C GLY B 949 -36.17 13.80 -17.87
N ALA B 950 -35.22 12.99 -17.41
CA ALA B 950 -33.83 13.45 -17.35
C ALA B 950 -33.30 13.76 -18.74
N LYS B 951 -33.67 12.93 -19.73
CA LYS B 951 -33.29 13.19 -21.10
C LYS B 951 -33.73 14.59 -21.52
N ALA B 952 -35.01 14.90 -21.30
CA ALA B 952 -35.51 16.23 -21.66
C ALA B 952 -34.78 17.32 -20.88
N LEU B 953 -34.46 17.05 -19.61
CA LEU B 953 -33.77 18.06 -18.81
C LEU B 953 -32.39 18.37 -19.38
N LEU B 954 -31.65 17.34 -19.80
CA LEU B 954 -30.25 17.51 -20.15
C LEU B 954 -29.97 17.47 -21.65
N ASP B 955 -30.75 16.71 -22.42
CA ASP B 955 -30.45 16.51 -23.84
C ASP B 955 -31.12 17.60 -24.67
N PRO B 956 -30.37 18.37 -25.46
CA PRO B 956 -31.04 19.31 -26.39
C PRO B 956 -32.03 18.62 -27.31
N ARG B 957 -31.71 17.40 -27.78
CA ARG B 957 -32.60 16.69 -28.69
C ARG B 957 -33.97 16.44 -28.10
N PHE B 958 -34.08 16.28 -26.78
CA PHE B 958 -35.36 16.01 -26.12
C PHE B 958 -36.02 17.29 -25.61
N ARG B 959 -35.46 18.45 -25.90
CA ARG B 959 -36.09 19.71 -25.53
C ARG B 959 -37.13 20.16 -26.55
N LEU B 960 -37.26 19.46 -27.67
CA LEU B 960 -38.16 19.89 -28.73
C LEU B 960 -38.61 18.68 -29.53
N GLU B 961 -39.67 18.87 -30.31
CA GLU B 961 -40.27 17.81 -31.10
C GLU B 961 -40.32 18.26 -32.55
N PHE B 962 -40.56 17.32 -33.46
CA PHE B 962 -40.45 17.58 -34.89
C PHE B 962 -41.67 17.07 -35.64
N ALA B 963 -41.94 17.71 -36.78
CA ALA B 963 -43.05 17.34 -37.64
C ALA B 963 -42.74 17.86 -39.04
N VAL B 964 -43.49 17.36 -40.02
CA VAL B 964 -43.24 17.66 -41.43
C VAL B 964 -44.56 18.00 -42.10
N SER B 965 -44.53 18.99 -43.00
CA SER B 965 -45.70 19.49 -43.69
C SER B 965 -45.59 19.20 -45.18
N VAL B 966 -46.71 18.85 -45.80
CA VAL B 966 -46.77 18.68 -47.25
C VAL B 966 -47.04 20.04 -47.87
N MET B 967 -46.20 20.44 -48.83
CA MET B 967 -46.21 21.79 -49.38
C MET B 967 -46.66 21.75 -50.83
N ASP B 968 -47.51 22.71 -51.20
CA ASP B 968 -47.95 22.83 -52.59
C ASP B 968 -46.89 23.56 -53.39
N ARG B 969 -46.32 22.88 -54.39
CA ARG B 969 -45.27 23.50 -55.21
C ARG B 969 -45.81 24.72 -55.94
N GLN B 970 -47.11 24.76 -56.22
CA GLN B 970 -47.67 25.87 -56.98
C GLN B 970 -47.84 27.12 -56.10
N SER B 971 -48.66 27.02 -55.06
CA SER B 971 -48.94 28.15 -54.20
C SER B 971 -48.05 28.22 -52.98
N GLY B 972 -47.33 27.15 -52.66
CA GLY B 972 -46.56 27.08 -51.43
C GLY B 972 -47.41 26.86 -50.19
N ASN B 973 -48.67 26.48 -50.36
CA ASN B 973 -49.55 26.27 -49.21
C ASN B 973 -49.44 24.85 -48.69
N VAL B 974 -49.88 24.65 -47.45
CA VAL B 974 -49.92 23.31 -46.87
C VAL B 974 -51.27 22.68 -47.19
N ILE B 975 -51.23 21.42 -47.62
CA ILE B 975 -52.43 20.62 -47.82
C ILE B 975 -52.70 19.71 -46.63
N GLU B 976 -51.65 19.07 -46.12
CA GLU B 976 -51.77 18.21 -44.96
C GLU B 976 -50.43 18.18 -44.24
N SER B 977 -50.46 17.80 -42.96
CA SER B 977 -49.26 17.67 -42.15
C SER B 977 -49.17 16.30 -41.48
N ARG B 978 -49.90 15.32 -42.01
CA ARG B 978 -49.95 13.99 -41.41
C ARG B 978 -49.95 12.96 -42.52
N THR B 979 -49.37 11.80 -42.23
CA THR B 979 -49.43 10.67 -43.14
C THR B 979 -50.84 10.08 -43.12
N GLY B 980 -51.75 10.70 -43.87
CA GLY B 980 -53.14 10.28 -43.87
C GLY B 980 -53.39 9.05 -44.72
N SER B 981 -52.32 8.45 -45.23
CA SER B 981 -52.41 7.21 -45.98
C SER B 981 -51.63 6.07 -45.32
N GLN B 982 -51.18 6.26 -44.08
CA GLN B 982 -50.43 5.21 -43.39
C GLN B 982 -51.35 4.03 -43.07
N GLY B 983 -50.79 2.83 -43.13
CA GLY B 983 -51.54 1.64 -42.82
C GLY B 983 -50.88 0.42 -43.41
N GLY B 984 -51.65 -0.66 -43.47
CA GLY B 984 -51.16 -1.93 -43.98
C GLY B 984 -50.33 -2.64 -42.94
N SER B 985 -49.21 -3.22 -43.37
CA SER B 985 -48.24 -3.84 -42.47
C SER B 985 -47.15 -2.85 -42.07
N GLY B 986 -47.49 -1.56 -42.06
CA GLY B 986 -46.55 -0.51 -41.73
C GLY B 986 -45.54 -0.18 -42.80
N GLY B 987 -45.74 -0.66 -44.03
CA GLY B 987 -44.76 -0.48 -45.08
C GLY B 987 -44.76 0.89 -45.73
N GLU B 988 -45.81 1.68 -45.48
CA GLU B 988 -45.94 2.98 -46.13
C GLU B 988 -45.14 4.08 -45.45
N LYS B 989 -44.90 3.98 -44.13
CA LYS B 989 -44.18 5.03 -43.43
C LYS B 989 -42.81 5.26 -44.03
N GLU B 990 -42.23 4.23 -44.66
CA GLU B 990 -40.85 4.30 -45.10
C GLU B 990 -40.61 5.41 -46.12
N ILE B 991 -41.66 5.82 -46.84
CA ILE B 991 -41.49 6.83 -47.89
C ILE B 991 -40.89 8.10 -47.32
N ILE B 992 -41.63 8.76 -46.42
CA ILE B 992 -41.21 10.06 -45.90
C ILE B 992 -39.91 9.93 -45.12
N ALA B 993 -39.79 8.89 -44.29
CA ALA B 993 -38.58 8.72 -43.50
C ALA B 993 -37.36 8.59 -44.39
N SER B 994 -37.43 7.71 -45.39
CA SER B 994 -36.30 7.54 -46.30
C SER B 994 -36.00 8.83 -47.05
N TYR B 995 -37.03 9.55 -47.49
CA TYR B 995 -36.82 10.79 -48.22
C TYR B 995 -36.08 11.80 -47.35
N VAL B 996 -36.53 12.00 -46.12
CA VAL B 996 -35.92 13.01 -45.26
C VAL B 996 -34.50 12.61 -44.90
N LEU B 997 -34.28 11.31 -44.62
CA LEU B 997 -32.92 10.86 -44.31
C LEU B 997 -31.99 11.08 -45.50
N THR B 998 -32.48 10.76 -46.71
CA THR B 998 -31.68 10.97 -47.90
C THR B 998 -31.36 12.44 -48.08
N ALA B 999 -32.34 13.31 -47.85
CA ALA B 999 -32.11 14.74 -48.00
C ALA B 999 -31.07 15.25 -47.00
N SER B 1000 -31.18 14.81 -45.75
CA SER B 1000 -30.20 15.23 -44.75
C SER B 1000 -28.81 14.76 -45.11
N LEU B 1001 -28.68 13.51 -45.55
CA LEU B 1001 -27.37 13.01 -45.98
C LEU B 1001 -26.85 13.82 -47.16
N SER B 1002 -27.74 14.20 -48.09
CA SER B 1002 -27.32 15.02 -49.22
C SER B 1002 -26.79 16.36 -48.76
N TYR B 1003 -27.49 17.01 -47.83
CA TYR B 1003 -27.04 18.31 -47.34
C TYR B 1003 -25.70 18.19 -46.62
N ALA B 1004 -25.53 17.14 -45.82
CA ALA B 1004 -24.33 17.03 -45.00
C ALA B 1004 -23.07 16.93 -45.85
N LEU B 1005 -23.18 16.41 -47.07
CA LEU B 1005 -22.02 16.20 -47.93
C LEU B 1005 -21.77 17.35 -48.89
N CYS B 1006 -22.47 18.47 -48.74
CA CYS B 1006 -22.16 19.67 -49.53
C CYS B 1006 -21.16 20.53 -48.79
N PRO B 1007 -19.95 20.71 -49.32
CA PRO B 1007 -19.00 21.63 -48.66
C PRO B 1007 -19.55 23.05 -48.62
N ALA B 1008 -18.75 23.94 -48.03
CA ALA B 1008 -19.20 25.30 -47.77
C ALA B 1008 -19.83 25.92 -49.01
N GLY B 1009 -21.12 26.21 -48.92
CA GLY B 1009 -21.84 26.82 -50.02
C GLY B 1009 -21.93 25.99 -51.27
N SER B 1010 -21.56 24.71 -51.21
CA SER B 1010 -21.55 23.87 -52.40
C SER B 1010 -22.97 23.53 -52.83
N ARG B 1011 -23.29 23.85 -54.09
CA ARG B 1011 -24.60 23.53 -54.64
C ARG B 1011 -24.80 22.03 -54.87
N TYR B 1012 -23.72 21.26 -54.88
CA TYR B 1012 -23.77 19.81 -55.02
C TYR B 1012 -22.94 19.18 -53.91
N PRO B 1013 -23.21 17.93 -53.57
CA PRO B 1013 -22.29 17.21 -52.68
C PRO B 1013 -21.04 16.80 -53.43
N LEU B 1014 -19.90 16.97 -52.77
CA LEU B 1014 -18.62 16.68 -53.41
C LEU B 1014 -18.33 15.17 -53.46
N PHE B 1015 -19.04 14.39 -52.65
CA PHE B 1015 -18.85 12.95 -52.56
C PHE B 1015 -20.18 12.27 -52.87
N GLY B 1016 -20.15 11.29 -53.76
CA GLY B 1016 -21.39 10.79 -54.35
C GLY B 1016 -21.73 9.33 -54.09
N THR B 1017 -20.86 8.59 -53.41
CA THR B 1017 -21.15 7.19 -53.13
C THR B 1017 -22.07 7.05 -51.93
N ILE B 1018 -23.05 6.15 -52.04
CA ILE B 1018 -23.98 5.84 -50.96
C ILE B 1018 -24.19 4.34 -50.94
N ILE B 1019 -24.25 3.77 -49.74
CA ILE B 1019 -24.39 2.34 -49.55
C ILE B 1019 -25.73 2.05 -48.88
N LEU B 1020 -26.51 1.16 -49.48
CA LEU B 1020 -27.80 0.73 -48.92
C LEU B 1020 -27.79 -0.80 -48.87
N ASP B 1021 -27.37 -1.36 -47.75
CA ASP B 1021 -27.37 -2.80 -47.59
C ASP B 1021 -28.80 -3.33 -47.48
N GLU B 1022 -29.01 -4.53 -48.02
CA GLU B 1022 -30.31 -5.21 -47.98
C GLU B 1022 -31.36 -4.52 -48.84
N ALA B 1023 -30.93 -3.59 -49.70
CA ALA B 1023 -31.81 -3.01 -50.71
C ALA B 1023 -33.09 -2.44 -50.11
N PHE B 1024 -34.18 -3.21 -50.16
CA PHE B 1024 -35.49 -2.73 -49.76
C PHE B 1024 -36.26 -3.81 -48.99
N SER B 1025 -35.54 -4.64 -48.22
CA SER B 1025 -36.14 -5.82 -47.61
C SER B 1025 -37.53 -5.53 -47.05
N ARG B 1026 -37.69 -4.42 -46.32
CA ARG B 1026 -38.97 -4.16 -45.68
C ARG B 1026 -40.03 -3.66 -46.65
N SER B 1027 -39.64 -2.87 -47.66
CA SER B 1027 -40.60 -2.11 -48.45
C SER B 1027 -41.25 -2.98 -49.53
N SER B 1028 -42.31 -2.43 -50.12
CA SER B 1028 -42.95 -3.06 -51.27
C SER B 1028 -42.34 -2.52 -52.56
N HIS B 1029 -42.97 -2.87 -53.68
CA HIS B 1029 -42.43 -2.54 -54.99
C HIS B 1029 -42.27 -1.04 -55.22
N ALA B 1030 -43.37 -0.29 -55.22
CA ALA B 1030 -43.33 1.09 -55.69
C ALA B 1030 -42.49 1.97 -54.77
N VAL B 1031 -42.37 1.60 -53.50
CA VAL B 1031 -41.59 2.40 -52.57
C VAL B 1031 -40.14 2.47 -53.01
N ALA B 1032 -39.60 1.35 -53.50
CA ALA B 1032 -38.23 1.35 -54.00
C ALA B 1032 -38.09 2.29 -55.19
N GLY B 1033 -39.08 2.29 -56.09
CA GLY B 1033 -39.03 3.20 -57.23
C GLY B 1033 -39.02 4.65 -56.79
N ARG B 1034 -39.89 5.00 -55.84
CA ARG B 1034 -39.89 6.35 -55.29
C ARG B 1034 -38.53 6.69 -54.69
N ILE B 1035 -37.96 5.77 -53.92
CA ILE B 1035 -36.67 6.02 -53.28
C ILE B 1035 -35.59 6.27 -54.31
N ILE B 1036 -35.57 5.44 -55.37
CA ILE B 1036 -34.52 5.56 -56.38
C ILE B 1036 -34.70 6.84 -57.18
N ALA B 1037 -35.95 7.23 -57.46
CA ALA B 1037 -36.17 8.50 -58.14
C ALA B 1037 -35.66 9.66 -57.29
N ALA B 1038 -35.95 9.64 -56.00
CA ALA B 1038 -35.45 10.69 -55.12
C ALA B 1038 -33.93 10.71 -55.11
N LEU B 1039 -33.31 9.52 -55.03
CA LEU B 1039 -31.85 9.44 -55.04
C LEU B 1039 -31.29 10.03 -56.33
N ARG B 1040 -31.93 9.76 -57.47
CA ARG B 1040 -31.51 10.35 -58.73
C ARG B 1040 -31.61 11.87 -58.67
N GLU B 1041 -32.70 12.39 -58.08
CA GLU B 1041 -32.88 13.84 -58.03
C GLU B 1041 -31.71 14.52 -57.32
N PHE B 1042 -31.21 13.92 -56.23
CA PHE B 1042 -30.08 14.48 -55.51
C PHE B 1042 -28.74 14.11 -56.12
N GLY B 1043 -28.72 13.35 -57.21
CA GLY B 1043 -27.47 13.06 -57.89
C GLY B 1043 -26.48 12.26 -57.08
N LEU B 1044 -26.86 11.07 -56.63
CA LEU B 1044 -25.95 10.20 -55.90
C LEU B 1044 -25.59 8.99 -56.76
N HIS B 1045 -24.64 8.19 -56.26
CA HIS B 1045 -24.15 7.00 -56.95
C HIS B 1045 -24.43 5.79 -56.06
N ALA B 1046 -25.57 5.14 -56.30
CA ALA B 1046 -26.03 4.07 -55.43
C ALA B 1046 -25.21 2.80 -55.63
N VAL B 1047 -25.05 2.04 -54.55
CA VAL B 1047 -24.48 0.69 -54.60
C VAL B 1047 -25.34 -0.16 -53.67
N PHE B 1048 -26.24 -0.95 -54.24
CA PHE B 1048 -27.13 -1.79 -53.44
C PHE B 1048 -26.51 -3.16 -53.18
N ILE B 1049 -26.95 -3.80 -52.10
CA ILE B 1049 -26.72 -5.22 -51.86
C ILE B 1049 -28.07 -5.90 -51.74
N THR B 1050 -28.24 -7.03 -52.43
CA THR B 1050 -29.42 -7.85 -52.29
C THR B 1050 -28.99 -9.31 -52.28
N PRO B 1051 -29.65 -10.16 -51.51
CA PRO B 1051 -29.37 -11.61 -51.58
C PRO B 1051 -30.15 -12.28 -52.71
N ASN B 1052 -29.97 -11.76 -53.92
CA ASN B 1052 -30.56 -12.28 -55.14
C ASN B 1052 -32.06 -12.02 -55.22
N LYS B 1053 -32.58 -11.11 -54.41
CA LYS B 1053 -33.98 -10.74 -54.50
C LYS B 1053 -34.14 -9.46 -55.32
N GLU B 1054 -35.37 -9.24 -55.81
CA GLU B 1054 -35.74 -8.02 -56.50
C GLU B 1054 -35.13 -7.90 -57.89
N MET B 1055 -34.86 -9.02 -58.56
CA MET B 1055 -34.20 -8.96 -59.87
C MET B 1055 -34.98 -8.09 -60.84
N ARG B 1056 -36.30 -8.30 -60.94
CA ARG B 1056 -37.09 -7.57 -61.91
C ARG B 1056 -36.93 -6.06 -61.79
N LEU B 1057 -36.49 -5.56 -60.63
CA LEU B 1057 -36.39 -4.12 -60.42
C LEU B 1057 -34.99 -3.58 -60.65
N LEU B 1058 -33.95 -4.30 -60.19
CA LEU B 1058 -32.59 -3.85 -60.43
C LEU B 1058 -32.33 -3.68 -61.92
N ARG B 1059 -33.07 -4.42 -62.75
CA ARG B 1059 -32.81 -4.44 -64.18
C ARG B 1059 -33.05 -3.08 -64.83
N ASP B 1060 -33.81 -2.19 -64.18
CA ASP B 1060 -34.26 -0.96 -64.81
C ASP B 1060 -33.68 0.31 -64.17
N HIS B 1061 -32.79 0.18 -63.18
CA HIS B 1061 -32.16 1.36 -62.60
C HIS B 1061 -30.67 1.15 -62.33
N THR B 1062 -30.00 0.29 -63.11
CA THR B 1062 -28.58 0.04 -62.92
C THR B 1062 -27.97 -0.33 -64.26
N ARG B 1063 -26.63 -0.26 -64.32
CA ARG B 1063 -25.91 -0.46 -65.56
C ARG B 1063 -24.90 -1.58 -65.51
N SER B 1064 -24.74 -2.26 -64.38
CA SER B 1064 -23.75 -3.32 -64.26
C SER B 1064 -24.07 -4.14 -63.01
N ALA B 1065 -23.16 -5.08 -62.68
CA ALA B 1065 -23.34 -5.94 -61.54
C ALA B 1065 -22.01 -6.56 -61.13
N ILE B 1066 -22.00 -7.14 -59.93
CA ILE B 1066 -20.87 -7.91 -59.42
C ILE B 1066 -21.42 -9.15 -58.76
N VAL B 1067 -21.37 -10.27 -59.45
CA VAL B 1067 -21.86 -11.54 -58.91
C VAL B 1067 -20.82 -12.06 -57.92
N VAL B 1068 -21.28 -12.91 -56.99
CA VAL B 1068 -20.41 -13.51 -56.00
C VAL B 1068 -20.85 -14.94 -55.75
N HIS B 1069 -19.97 -15.72 -55.13
CA HIS B 1069 -20.33 -17.05 -54.65
C HIS B 1069 -19.16 -17.60 -53.85
N ARG B 1070 -19.47 -18.49 -52.92
CA ARG B 1070 -18.48 -19.10 -52.04
C ARG B 1070 -18.50 -20.61 -52.22
N ARG B 1071 -17.33 -21.23 -52.14
CA ARG B 1071 -17.17 -22.67 -52.24
C ARG B 1071 -16.17 -23.11 -51.19
N GLY B 1072 -16.63 -23.97 -50.27
CA GLY B 1072 -15.75 -24.42 -49.20
C GLY B 1072 -15.29 -23.26 -48.34
N GLN B 1073 -14.02 -22.88 -48.48
CA GLN B 1073 -13.45 -21.81 -47.68
C GLN B 1073 -12.80 -20.75 -48.56
N ASN B 1074 -13.50 -20.30 -49.60
CA ASN B 1074 -12.99 -19.22 -50.43
C ASN B 1074 -14.13 -18.61 -51.24
N SER B 1075 -13.86 -17.46 -51.83
CA SER B 1075 -14.85 -16.70 -52.59
C SER B 1075 -14.22 -16.16 -53.86
N ASN B 1076 -15.05 -15.55 -54.71
CA ASN B 1076 -14.61 -15.00 -55.97
C ASN B 1076 -15.60 -13.96 -56.45
N MET B 1077 -15.20 -13.21 -57.46
CA MET B 1077 -16.00 -12.10 -57.98
C MET B 1077 -15.80 -11.99 -59.49
N ALA B 1078 -16.76 -11.35 -60.16
CA ALA B 1078 -16.76 -11.26 -61.60
C ALA B 1078 -17.69 -10.14 -62.03
N SER B 1079 -17.27 -9.36 -63.02
CA SER B 1079 -18.06 -8.23 -63.46
C SER B 1079 -19.09 -8.66 -64.50
N LEU B 1080 -19.92 -7.69 -64.89
CA LEU B 1080 -20.93 -7.85 -65.93
C LEU B 1080 -21.53 -6.48 -66.18
N SER B 1081 -21.91 -6.20 -67.43
CA SER B 1081 -22.39 -4.88 -67.78
C SER B 1081 -23.28 -4.95 -69.01
N TRP B 1082 -24.13 -3.93 -69.14
CA TRP B 1082 -25.07 -3.83 -70.25
C TRP B 1082 -25.19 -2.38 -70.69
N GLU B 1083 -25.88 -2.17 -71.79
CA GLU B 1083 -26.18 -0.83 -72.27
C GLU B 1083 -27.34 -0.92 -73.27
N GLU B 1084 -27.85 0.24 -73.65
CA GLU B 1084 -28.98 0.32 -74.57
C GLU B 1084 -28.48 0.66 -75.96
N LEU B 1085 -28.86 -0.17 -76.94
CA LEU B 1085 -28.60 0.13 -78.35
C LEU B 1085 -29.75 1.01 -78.85
N GLU B 1086 -29.60 2.31 -78.61
CA GLU B 1086 -30.71 3.25 -78.75
C GLU B 1086 -31.16 3.47 -80.18
N ARG B 1087 -30.57 2.78 -81.16
CA ARG B 1087 -30.88 3.09 -82.56
C ARG B 1087 -32.37 2.92 -82.85
N HIS B 1088 -33.06 2.07 -82.09
CA HIS B 1088 -34.51 1.97 -82.21
C HIS B 1088 -35.03 1.06 -81.10
N TYR B 1089 -36.28 1.30 -80.72
CA TYR B 1089 -36.98 0.38 -79.83
C TYR B 1089 -37.74 -0.67 -80.63
N GLN B 1090 -38.49 -0.23 -81.65
CA GLN B 1090 -38.99 -1.13 -82.69
C GLN B 1090 -39.20 -0.27 -83.94
N ARG B 1091 -38.23 -0.32 -84.85
CA ARG B 1091 -38.31 0.47 -86.06
C ARG B 1091 -39.59 0.13 -86.83
N ARG B 1092 -40.23 1.17 -87.38
CA ARG B 1092 -41.52 1.02 -88.04
C ARG B 1092 -42.55 0.43 -87.08
N GLY B 1093 -42.49 0.87 -85.83
CA GLY B 1093 -43.39 0.40 -84.80
C GLY B 1093 -43.52 1.43 -83.70
N ASN B 1094 -44.36 1.10 -82.71
CA ASN B 1094 -44.61 2.01 -81.60
C ASN B 1094 -43.37 2.15 -80.74
N ALA B 1095 -43.02 3.38 -80.39
CA ALA B 1095 -41.86 3.65 -79.54
C ALA B 1095 -42.02 4.97 -78.82
N SER C 40 -83.86 42.37 0.10
CA SER C 40 -85.30 42.00 0.12
C SER C 40 -85.49 40.61 0.73
N GLU C 41 -85.32 39.58 -0.11
CA GLU C 41 -85.47 38.22 0.35
C GLU C 41 -84.27 37.81 1.19
N THR C 42 -84.47 36.79 2.03
CA THR C 42 -83.43 36.33 2.95
C THR C 42 -82.50 35.34 2.28
N ARG C 43 -82.41 35.38 0.96
CA ARG C 43 -81.60 34.40 0.23
C ARG C 43 -80.17 34.38 0.77
N THR C 44 -79.71 33.18 1.12
CA THR C 44 -78.34 33.01 1.56
C THR C 44 -77.38 33.15 0.38
N LEU C 45 -76.20 33.68 0.65
CA LEU C 45 -75.22 33.90 -0.42
C LEU C 45 -74.88 32.58 -1.10
N GLN C 46 -74.71 32.64 -2.42
CA GLN C 46 -74.62 31.42 -3.22
C GLN C 46 -73.47 30.52 -2.76
N LYS C 47 -72.32 31.11 -2.46
CA LYS C 47 -71.19 30.30 -2.01
C LYS C 47 -71.50 29.60 -0.70
N ILE C 48 -72.14 30.30 0.24
CA ILE C 48 -72.51 29.69 1.50
C ILE C 48 -73.47 28.53 1.27
N ARG C 49 -74.46 28.75 0.40
CA ARG C 49 -75.41 27.68 0.08
C ARG C 49 -74.69 26.48 -0.53
N GLU C 50 -73.74 26.73 -1.44
CA GLU C 50 -72.97 25.64 -2.03
C GLU C 50 -72.25 24.84 -0.95
N ALA C 51 -71.51 25.54 -0.08
CA ALA C 51 -70.72 24.84 0.94
C ALA C 51 -71.62 24.04 1.87
N THR C 52 -72.70 24.65 2.36
CA THR C 52 -73.57 23.94 3.29
C THR C 52 -74.28 22.78 2.61
N GLN C 53 -74.67 22.95 1.35
CA GLN C 53 -75.32 21.85 0.63
C GLN C 53 -74.37 20.67 0.49
N GLU C 54 -73.11 20.92 0.12
CA GLU C 54 -72.14 19.83 0.04
C GLU C 54 -71.95 19.17 1.40
N LEU C 55 -71.78 20.00 2.44
CA LEU C 55 -71.58 19.46 3.78
C LEU C 55 -72.73 18.56 4.18
N LEU C 56 -73.96 18.99 3.91
CA LEU C 56 -75.12 18.15 4.20
C LEU C 56 -75.09 16.88 3.37
N LYS C 57 -74.78 17.00 2.08
CA LYS C 57 -74.81 15.85 1.19
C LYS C 57 -73.89 14.74 1.69
N TYR C 58 -72.72 15.11 2.21
CA TYR C 58 -71.78 14.11 2.70
C TYR C 58 -71.59 14.13 4.21
N GLY C 59 -72.07 15.16 4.91
CA GLY C 59 -72.03 15.18 6.35
C GLY C 59 -70.68 15.54 6.94
N LEU C 60 -69.64 15.64 6.13
CA LEU C 60 -68.33 16.03 6.61
C LEU C 60 -67.57 16.71 5.48
N LEU C 61 -66.57 17.50 5.85
CA LEU C 61 -65.85 18.32 4.88
C LEU C 61 -64.45 18.56 5.40
N GLU C 62 -63.46 18.11 4.63
CA GLU C 62 -62.05 18.24 4.97
C GLU C 62 -61.41 19.34 4.14
N GLU C 63 -60.64 20.21 4.79
CA GLU C 63 -59.95 21.27 4.06
C GLU C 63 -58.97 20.67 3.05
N ALA C 64 -58.23 19.63 3.45
CA ALA C 64 -57.27 19.01 2.56
C ALA C 64 -57.91 18.56 1.26
N SER C 65 -59.18 18.17 1.30
CA SER C 65 -59.87 17.67 0.13
C SER C 65 -60.57 18.80 -0.64
N LYS C 66 -61.37 19.61 0.06
CA LYS C 66 -62.15 20.67 -0.56
C LYS C 66 -61.89 21.97 0.21
N PRO C 67 -60.72 22.57 0.03
CA PRO C 67 -60.37 23.73 0.85
C PRO C 67 -61.33 24.90 0.71
N ASN C 68 -61.85 25.15 -0.49
CA ASN C 68 -62.70 26.32 -0.71
C ASN C 68 -63.96 26.23 0.13
N LEU C 69 -64.66 25.10 0.08
CA LEU C 69 -65.89 24.95 0.86
C LEU C 69 -65.60 24.93 2.35
N TYR C 70 -64.48 24.33 2.75
CA TYR C 70 -64.10 24.31 4.17
C TYR C 70 -63.89 25.72 4.68
N ARG C 71 -63.19 26.55 3.91
CA ARG C 71 -62.93 27.93 4.33
C ARG C 71 -64.21 28.76 4.25
N ILE C 72 -65.10 28.44 3.33
CA ILE C 72 -66.41 29.10 3.30
C ILE C 72 -67.18 28.79 4.58
N VAL C 73 -67.14 27.52 5.01
CA VAL C 73 -67.84 27.12 6.23
C VAL C 73 -67.25 27.84 7.43
N LEU C 74 -65.92 27.83 7.55
CA LEU C 74 -65.28 28.47 8.69
C LEU C 74 -65.27 30.00 8.58
N SER C 75 -65.68 30.55 7.44
CA SER C 75 -65.87 31.99 7.34
C SER C 75 -67.24 32.43 7.86
N HIS C 76 -68.24 31.56 7.76
CA HIS C 76 -69.57 31.83 8.31
C HIS C 76 -70.02 30.65 9.14
N PRO C 77 -69.19 30.13 10.06
CA PRO C 77 -69.62 28.98 10.84
C PRO C 77 -70.83 29.26 11.70
N GLU C 78 -70.99 30.50 12.17
CA GLU C 78 -72.22 30.86 12.88
C GLU C 78 -73.43 30.80 11.96
N GLU C 79 -73.26 31.16 10.68
CA GLU C 79 -74.35 30.98 9.72
C GLU C 79 -74.69 29.49 9.58
N VAL C 80 -73.68 28.65 9.48
CA VAL C 80 -73.92 27.20 9.37
C VAL C 80 -74.67 26.71 10.59
N THR C 81 -74.28 27.19 11.77
CA THR C 81 -74.96 26.81 13.00
C THR C 81 -76.41 27.25 12.98
N ARG C 82 -76.65 28.52 12.65
CA ARG C 82 -78.00 29.08 12.62
C ARG C 82 -78.86 28.47 11.53
N ILE C 83 -78.26 27.82 10.53
CA ILE C 83 -79.03 27.09 9.53
C ILE C 83 -79.32 25.67 9.99
N LEU C 84 -78.33 25.02 10.62
CA LEU C 84 -78.55 23.69 11.19
C LEU C 84 -79.46 23.76 12.42
N GLU C 85 -79.42 24.87 13.15
CA GLU C 85 -80.28 25.00 14.33
C GLU C 85 -81.75 24.81 13.96
N PRO C 86 -82.28 25.39 12.88
CA PRO C 86 -83.64 25.04 12.47
C PRO C 86 -83.85 23.55 12.31
N LEU C 87 -82.84 22.83 11.85
CA LEU C 87 -82.96 21.40 11.57
C LEU C 87 -82.63 20.56 12.79
N ASP C 88 -82.36 21.19 13.93
CA ASP C 88 -81.92 20.51 15.16
C ASP C 88 -80.60 19.77 14.92
N LEU C 89 -79.70 20.38 14.18
CA LEU C 89 -78.38 19.85 13.89
C LEU C 89 -77.33 20.91 14.19
N ASP C 90 -76.08 20.47 14.33
CA ASP C 90 -75.00 21.37 14.72
C ASP C 90 -73.73 21.01 13.96
N ILE C 91 -72.84 21.99 13.86
CA ILE C 91 -71.60 21.85 13.10
C ILE C 91 -70.48 21.47 14.06
N GLY C 92 -69.79 20.37 13.75
CA GLY C 92 -68.59 20.03 14.48
C GLY C 92 -67.35 20.48 13.73
N ILE C 93 -66.39 21.02 14.49
CA ILE C 93 -65.19 21.62 13.91
C ILE C 93 -63.96 21.04 14.60
N ASP C 94 -62.98 20.62 13.78
CA ASP C 94 -61.68 20.16 14.28
C ASP C 94 -60.62 20.68 13.31
N GLU C 95 -60.07 21.86 13.64
CA GLU C 95 -59.13 22.51 12.74
C GLU C 95 -57.76 21.84 12.77
N ILE C 96 -57.44 21.15 13.87
CA ILE C 96 -56.16 20.45 13.94
C ILE C 96 -56.04 19.46 12.78
N ARG C 97 -57.14 18.80 12.44
CA ARG C 97 -57.20 17.90 11.30
C ARG C 97 -57.91 18.52 10.09
N GLY C 98 -58.20 19.82 10.15
CA GLY C 98 -58.83 20.49 9.01
C GLY C 98 -60.14 19.85 8.61
N LEU C 99 -60.99 19.53 9.57
CA LEU C 99 -62.18 18.74 9.34
C LEU C 99 -63.42 19.46 9.83
N LEU C 100 -64.52 19.28 9.09
CA LEU C 100 -65.83 19.75 9.48
C LEU C 100 -66.83 18.62 9.32
N TYR C 101 -67.67 18.43 10.33
CA TYR C 101 -68.68 17.37 10.30
C TYR C 101 -69.95 17.89 10.95
N VAL C 102 -71.08 17.28 10.58
CA VAL C 102 -72.37 17.66 11.17
C VAL C 102 -72.70 16.68 12.27
N LYS C 103 -73.33 17.19 13.33
CA LYS C 103 -73.66 16.41 14.51
C LYS C 103 -75.05 16.81 14.99
N VAL C 104 -75.79 15.82 15.50
CA VAL C 104 -77.13 16.10 16.00
C VAL C 104 -77.08 17.14 17.09
N ARG C 105 -77.93 18.16 16.98
CA ARG C 105 -78.00 19.20 18.00
C ARG C 105 -78.84 18.74 19.17
N LEU C 106 -78.69 19.45 20.28
CA LEU C 106 -79.65 19.34 21.38
C LEU C 106 -80.79 20.31 21.15
N ASP C 107 -82.01 19.78 21.08
CA ASP C 107 -83.20 20.63 21.12
C ASP C 107 -83.43 21.00 22.58
N GLU C 108 -84.56 21.65 22.88
CA GLU C 108 -84.92 21.79 24.28
C GLU C 108 -85.02 20.43 24.96
N THR C 109 -85.32 19.38 24.18
CA THR C 109 -85.04 17.99 24.53
C THR C 109 -83.74 17.58 23.84
N PRO C 110 -82.75 17.03 24.55
CA PRO C 110 -81.48 16.70 23.88
C PRO C 110 -81.60 15.55 22.89
N ALA C 111 -82.53 15.66 21.95
CA ALA C 111 -82.77 14.69 20.89
C ALA C 111 -83.07 13.29 21.42
N GLN C 112 -83.29 13.14 22.73
CA GLN C 112 -83.50 11.83 23.33
C GLN C 112 -82.42 10.88 22.81
N ASP C 113 -82.80 9.73 22.27
CA ASP C 113 -81.88 8.92 21.47
C ASP C 113 -81.69 9.65 20.14
N GLU C 114 -80.59 10.41 20.04
CA GLU C 114 -80.42 11.34 18.93
C GLU C 114 -80.54 10.66 17.57
N TRP C 115 -80.25 9.35 17.50
CA TRP C 115 -80.37 8.64 16.24
C TRP C 115 -81.81 8.61 15.75
N ALA C 116 -82.78 8.86 16.63
CA ALA C 116 -84.18 8.98 16.23
C ALA C 116 -84.46 10.30 15.53
N HIS C 117 -83.45 11.15 15.35
CA HIS C 117 -83.64 12.41 14.66
C HIS C 117 -84.18 12.14 13.27
N PRO C 118 -85.20 12.87 12.81
CA PRO C 118 -85.88 12.48 11.56
C PRO C 118 -84.94 12.45 10.36
N LEU C 119 -83.97 13.36 10.30
CA LEU C 119 -83.21 13.59 9.08
C LEU C 119 -82.16 12.53 8.79
N VAL C 120 -81.44 12.05 9.80
CA VAL C 120 -80.34 11.12 9.56
C VAL C 120 -80.87 9.91 8.80
N ARG C 121 -80.19 9.57 7.70
CA ARG C 121 -80.66 8.51 6.82
C ARG C 121 -80.21 7.13 7.29
N ARG C 122 -79.10 7.06 8.03
CA ARG C 122 -78.49 5.79 8.37
C ARG C 122 -79.10 5.22 9.65
N GLN C 123 -78.69 3.99 9.96
CA GLN C 123 -79.14 3.31 11.17
C GLN C 123 -78.30 3.76 12.37
N ARG C 124 -78.46 3.06 13.47
CA ARG C 124 -77.64 3.30 14.64
C ARG C 124 -76.35 2.48 14.58
N LEU C 125 -75.30 3.00 15.21
CA LEU C 125 -74.09 2.22 15.37
C LEU C 125 -74.34 1.05 16.32
N ASN C 126 -73.49 0.04 16.22
CA ASN C 126 -73.69 -1.20 16.93
C ASN C 126 -72.36 -1.95 17.02
N LEU C 127 -72.34 -3.00 17.84
CA LEU C 127 -71.12 -3.35 18.56
C LEU C 127 -69.91 -3.62 17.65
N GLU C 128 -69.98 -4.60 16.76
CA GLU C 128 -68.73 -5.01 16.11
C GLU C 128 -68.17 -3.87 15.29
N GLN C 129 -69.03 -2.99 14.78
CA GLN C 129 -68.54 -1.76 14.19
C GLN C 129 -67.72 -0.97 15.21
N SER C 130 -68.18 -0.93 16.46
CA SER C 130 -67.41 -0.27 17.50
C SER C 130 -66.10 -0.98 17.77
N LEU C 131 -66.10 -2.31 17.73
CA LEU C 131 -64.86 -3.07 17.92
C LEU C 131 -63.85 -2.72 16.85
N LEU C 132 -64.26 -2.78 15.59
CA LEU C 132 -63.36 -2.48 14.49
C LEU C 132 -62.96 -1.00 14.51
N VAL C 133 -63.87 -0.14 14.96
CA VAL C 133 -63.55 1.28 15.11
C VAL C 133 -62.48 1.46 16.17
N ALA C 134 -62.58 0.70 17.26
CA ALA C 134 -61.56 0.76 18.30
C ALA C 134 -60.20 0.30 17.77
N ILE C 135 -60.19 -0.78 16.99
CA ILE C 135 -58.93 -1.25 16.43
C ILE C 135 -58.36 -0.22 15.45
N LEU C 136 -59.20 0.33 14.58
CA LEU C 136 -58.75 1.35 13.64
C LEU C 136 -58.24 2.57 14.37
N ARG C 137 -58.92 2.96 15.47
CA ARG C 137 -58.47 4.11 16.25
C ARG C 137 -57.16 3.80 16.97
N GLN C 138 -56.97 2.55 17.38
CA GLN C 138 -55.67 2.16 17.95
C GLN C 138 -54.56 2.36 16.93
N HIS C 139 -54.78 1.88 15.70
CA HIS C 139 -53.78 2.08 14.67
C HIS C 139 -53.62 3.56 14.33
N PHE C 140 -54.73 4.32 14.38
CA PHE C 140 -54.67 5.75 14.10
C PHE C 140 -53.83 6.47 15.15
N VAL C 141 -54.02 6.15 16.43
CA VAL C 141 -53.25 6.81 17.48
C VAL C 141 -51.78 6.37 17.41
N ALA C 142 -51.54 5.12 17.05
CA ALA C 142 -50.16 4.69 16.82
C ALA C 142 -49.52 5.53 15.72
N TRP C 143 -50.22 5.69 14.60
CA TRP C 143 -49.70 6.52 13.51
C TRP C 143 -49.54 7.97 13.95
N GLU C 144 -50.45 8.46 14.79
CA GLU C 144 -50.36 9.84 15.26
C GLU C 144 -49.12 10.05 16.10
N GLN C 145 -48.85 9.13 17.04
CA GLN C 145 -47.62 9.19 17.80
C GLN C 145 -46.41 9.10 16.88
N GLU C 146 -46.52 8.29 15.81
CA GLU C 146 -45.39 8.14 14.89
C GLU C 146 -45.12 9.43 14.12
N SER C 147 -46.16 10.10 13.63
CA SER C 147 -45.96 11.21 12.70
C SER C 147 -46.88 12.41 12.92
N GLY C 148 -47.73 12.43 13.94
CA GLY C 148 -48.58 13.58 14.21
C GLY C 148 -50.03 13.33 13.88
N THR C 149 -50.87 14.29 14.27
CA THR C 149 -52.32 14.12 14.25
C THR C 149 -52.98 14.59 12.97
N GLY C 150 -52.53 15.70 12.38
CA GLY C 150 -53.28 16.34 11.31
C GLY C 150 -53.25 15.62 9.98
N ALA C 151 -52.26 14.75 9.75
CA ALA C 151 -52.09 14.12 8.45
C ALA C 151 -53.10 12.99 8.27
N SER C 152 -53.08 12.37 7.08
CA SER C 152 -54.05 11.35 6.71
C SER C 152 -53.41 10.17 5.98
N GLN C 153 -52.16 9.83 6.31
CA GLN C 153 -51.45 8.80 5.58
C GLN C 153 -51.63 7.40 6.16
N ALA C 154 -52.33 7.28 7.29
CA ALA C 154 -52.44 5.98 7.96
C ALA C 154 -53.13 4.96 7.05
N GLN C 155 -52.66 3.72 7.11
CA GLN C 155 -53.24 2.64 6.32
C GLN C 155 -52.90 1.29 6.95
N ILE C 156 -53.74 0.31 6.63
CA ILE C 156 -53.52 -1.08 7.01
C ILE C 156 -54.27 -1.97 6.02
N ALA C 157 -53.71 -3.14 5.76
CA ALA C 157 -54.24 -4.02 4.73
C ALA C 157 -55.36 -4.90 5.28
N ILE C 158 -56.10 -5.51 4.35
CA ILE C 158 -57.20 -6.40 4.73
C ILE C 158 -56.69 -7.51 5.64
N ASP C 159 -55.57 -8.13 5.25
CA ASP C 159 -54.96 -9.16 6.08
C ASP C 159 -54.43 -8.61 7.40
N ASP C 160 -53.99 -7.35 7.43
CA ASP C 160 -53.62 -6.74 8.70
C ASP C 160 -54.82 -6.63 9.62
N LEU C 161 -55.96 -6.21 9.08
CA LEU C 161 -57.19 -6.15 9.86
C LEU C 161 -57.62 -7.52 10.35
N LEU C 162 -57.51 -8.53 9.50
CA LEU C 162 -58.21 -9.79 9.74
C LEU C 162 -57.89 -10.43 11.09
N PRO C 163 -56.61 -10.57 11.51
CA PRO C 163 -56.37 -11.12 12.84
C PRO C 163 -57.01 -10.32 13.96
N GLN C 164 -57.02 -9.00 13.86
CA GLN C 164 -57.53 -8.17 14.95
C GLN C 164 -58.96 -8.53 15.29
N LEU C 165 -59.82 -8.65 14.27
CA LEU C 165 -61.20 -9.07 14.51
C LEU C 165 -61.28 -10.56 14.74
N GLN C 166 -60.45 -11.34 14.06
CA GLN C 166 -60.47 -12.79 14.17
C GLN C 166 -60.30 -13.23 15.62
N ILE C 167 -59.58 -12.44 16.41
CA ILE C 167 -59.48 -12.68 17.84
C ILE C 167 -60.87 -12.89 18.42
N TYR C 168 -61.79 -11.97 18.11
CA TYR C 168 -63.11 -11.94 18.73
C TYR C 168 -64.13 -12.79 17.99
N LEU C 169 -64.13 -12.74 16.66
CA LEU C 169 -65.23 -13.23 15.84
C LEU C 169 -65.11 -14.70 15.47
N GLY C 170 -64.04 -15.38 15.90
CA GLY C 170 -63.85 -16.76 15.53
C GLY C 170 -63.56 -16.90 14.04
N ASP C 171 -63.24 -18.14 13.66
CA ASP C 171 -62.88 -18.43 12.28
C ASP C 171 -64.08 -18.99 11.54
N PRO C 172 -64.57 -18.35 10.48
CA PRO C 172 -65.70 -18.92 9.73
C PRO C 172 -65.40 -20.28 9.13
N GLY C 173 -64.13 -20.56 8.81
CA GLY C 173 -63.75 -21.78 8.14
C GLY C 173 -63.06 -21.57 6.80
N SER C 174 -63.01 -20.34 6.31
CA SER C 174 -62.32 -20.03 5.07
C SER C 174 -61.86 -18.59 5.11
N GLU C 175 -60.68 -18.33 4.55
CA GLU C 175 -60.14 -16.98 4.55
C GLU C 175 -61.03 -16.04 3.74
N SER C 176 -61.57 -16.52 2.62
CA SER C 176 -62.47 -15.69 1.83
C SER C 176 -63.69 -15.25 2.62
N LYS C 177 -64.22 -16.12 3.48
CA LYS C 177 -65.41 -15.76 4.25
C LYS C 177 -65.11 -14.66 5.26
N GLU C 178 -63.96 -14.74 5.94
CA GLU C 178 -63.61 -13.68 6.89
C GLU C 178 -63.27 -12.38 6.16
N ARG C 179 -62.67 -12.47 4.97
CA ARG C 179 -62.46 -11.28 4.16
C ARG C 179 -63.80 -10.67 3.75
N THR C 180 -64.78 -11.51 3.41
CA THR C 180 -66.12 -11.02 3.11
C THR C 180 -66.73 -10.31 4.32
N ARG C 181 -66.57 -10.90 5.50
CA ARG C 181 -67.01 -10.25 6.73
C ARG C 181 -66.38 -8.87 6.89
N LEU C 182 -65.06 -8.80 6.73
CA LEU C 182 -64.36 -7.52 6.91
C LEU C 182 -64.82 -6.50 5.88
N LEU C 183 -64.98 -6.92 4.63
CA LEU C 183 -65.41 -5.99 3.59
C LEU C 183 -66.85 -5.54 3.83
N THR C 184 -67.69 -6.42 4.36
CA THR C 184 -69.04 -6.01 4.74
C THR C 184 -68.98 -4.93 5.81
N LEU C 185 -68.11 -5.09 6.79
CA LEU C 185 -67.97 -4.05 7.82
C LEU C 185 -67.45 -2.75 7.20
N LEU C 186 -66.46 -2.85 6.32
CA LEU C 186 -65.84 -1.67 5.75
C LEU C 186 -66.80 -0.91 4.86
N ASP C 187 -67.66 -1.62 4.13
CA ASP C 187 -68.66 -0.96 3.32
C ASP C 187 -69.52 -0.02 4.16
N GLN C 188 -70.07 -0.55 5.26
CA GLN C 188 -70.88 0.28 6.14
C GLN C 188 -70.08 1.42 6.73
N LEU C 189 -68.89 1.12 7.25
CA LEU C 189 -68.10 2.16 7.91
C LEU C 189 -67.75 3.28 6.94
N LYS C 190 -67.41 2.94 5.69
CA LYS C 190 -67.31 3.94 4.64
C LYS C 190 -68.63 4.68 4.48
N GLY C 191 -69.75 3.96 4.60
CA GLY C 191 -71.04 4.63 4.57
C GLY C 191 -71.17 5.70 5.64
N HIS C 192 -70.45 5.54 6.74
CA HIS C 192 -70.39 6.55 7.79
C HIS C 192 -69.21 7.51 7.62
N GLY C 193 -68.37 7.31 6.61
CA GLY C 193 -67.25 8.18 6.36
C GLY C 193 -66.00 7.89 7.17
N LEU C 194 -65.97 6.78 7.90
CA LEU C 194 -64.79 6.44 8.71
C LEU C 194 -63.59 6.03 7.86
N VAL C 195 -63.80 5.34 6.75
CA VAL C 195 -62.73 4.73 5.99
C VAL C 195 -62.96 4.95 4.51
N THR C 196 -61.88 4.82 3.74
CA THR C 196 -61.99 4.79 2.29
C THR C 196 -62.47 3.41 1.83
N SER C 197 -62.66 3.27 0.52
CA SER C 197 -63.03 1.98 -0.03
C SER C 197 -61.80 1.06 -0.08
N PRO C 198 -62.01 -0.25 -0.07
CA PRO C 198 -60.87 -1.17 -0.22
C PRO C 198 -60.11 -0.90 -1.50
N ASP C 199 -58.86 -0.47 -1.36
CA ASP C 199 -58.05 -0.08 -2.50
C ASP C 199 -57.53 -1.30 -3.25
N ALA C 200 -56.76 -1.06 -4.30
CA ALA C 200 -56.20 -2.14 -5.09
C ALA C 200 -55.29 -3.05 -4.27
N HIS C 201 -54.66 -2.51 -3.24
CA HIS C 201 -53.77 -3.27 -2.37
C HIS C 201 -54.51 -3.95 -1.23
N GLU C 202 -55.84 -3.90 -1.22
CA GLU C 202 -56.64 -4.42 -0.11
C GLU C 202 -56.27 -3.73 1.20
N ARG C 203 -56.06 -2.42 1.12
CA ARG C 203 -55.83 -1.57 2.29
C ARG C 203 -56.91 -0.50 2.37
N ILE C 204 -56.94 0.19 3.51
CA ILE C 204 -57.88 1.28 3.74
C ILE C 204 -57.11 2.44 4.38
N VAL C 205 -57.66 3.64 4.20
CA VAL C 205 -57.07 4.86 4.76
C VAL C 205 -58.00 5.36 5.85
N ILE C 206 -57.44 5.58 7.05
CA ILE C 206 -58.25 6.06 8.17
C ILE C 206 -58.63 7.51 7.91
N ARG C 207 -59.91 7.83 8.08
CA ARG C 207 -60.35 9.21 7.94
C ARG C 207 -60.21 9.93 9.28
N PRO C 208 -59.81 11.21 9.26
CA PRO C 208 -59.57 11.91 10.54
C PRO C 208 -60.80 11.98 11.44
N ILE C 209 -62.01 11.93 10.88
CA ILE C 209 -63.21 12.05 11.68
C ILE C 209 -63.26 11.00 12.79
N ILE C 210 -62.55 9.88 12.62
CA ILE C 210 -62.57 8.84 13.65
C ILE C 210 -62.08 9.36 14.98
N ALA C 211 -61.36 10.49 14.98
CA ALA C 211 -60.92 11.08 16.24
C ALA C 211 -62.08 11.43 17.14
N HIS C 212 -63.27 11.65 16.57
CA HIS C 212 -64.43 12.11 17.32
C HIS C 212 -65.49 11.04 17.52
N LEU C 213 -65.72 10.17 16.52
CA LEU C 213 -66.57 9.01 16.78
C LEU C 213 -65.98 8.20 17.92
N ALA C 214 -64.67 7.93 17.87
CA ALA C 214 -63.95 7.36 19.00
C ALA C 214 -63.53 8.47 19.96
N ASP C 215 -64.50 9.29 20.35
CA ASP C 215 -64.24 10.30 21.36
C ASP C 215 -63.97 9.59 22.69
N PRO C 216 -62.81 9.81 23.32
CA PRO C 216 -62.48 9.03 24.54
C PRO C 216 -63.53 9.17 25.64
N ILE C 217 -64.19 10.33 25.74
CA ILE C 217 -65.32 10.45 26.64
C ILE C 217 -66.42 9.47 26.23
N ASN C 218 -66.72 9.43 24.93
CA ASN C 218 -67.67 8.46 24.43
C ASN C 218 -67.15 7.04 24.57
N LEU C 219 -65.83 6.85 24.54
CA LEU C 219 -65.29 5.52 24.80
C LEU C 219 -65.56 5.08 26.23
N GLN C 220 -65.42 6.01 27.19
CA GLN C 220 -65.77 5.66 28.57
C GLN C 220 -67.26 5.40 28.72
N ALA C 221 -68.09 6.22 28.07
CA ALA C 221 -69.53 5.97 28.11
C ALA C 221 -69.86 4.60 27.51
N LEU C 222 -69.16 4.22 26.45
CA LEU C 222 -69.38 2.92 25.83
C LEU C 222 -68.85 1.78 26.69
N LEU C 223 -67.76 2.05 27.44
CA LEU C 223 -67.28 1.06 28.40
C LEU C 223 -68.30 0.82 29.49
N ALA C 224 -68.89 1.90 29.99
CA ALA C 224 -69.99 1.74 30.94
C ALA C 224 -71.13 0.95 30.31
N TRP C 225 -71.55 1.32 29.10
CA TRP C 225 -72.61 0.60 28.41
C TRP C 225 -72.27 -0.87 28.28
N LEU C 226 -71.00 -1.18 28.01
CA LEU C 226 -70.55 -2.56 27.96
C LEU C 226 -70.69 -3.23 29.33
N ARG C 227 -70.46 -2.48 30.40
CA ARG C 227 -70.68 -3.03 31.73
C ARG C 227 -72.14 -3.37 31.96
N GLU C 228 -73.06 -2.51 31.50
CA GLU C 228 -74.48 -2.89 31.57
C GLU C 228 -74.78 -4.08 30.66
N GLN C 229 -74.07 -4.20 29.55
CA GLN C 229 -74.21 -5.42 28.75
C GLN C 229 -73.75 -6.65 29.53
N ILE C 230 -72.69 -6.51 30.32
CA ILE C 230 -72.29 -7.59 31.21
C ILE C 230 -73.41 -7.91 32.19
N ALA C 231 -73.98 -6.87 32.79
CA ALA C 231 -75.12 -7.08 33.69
C ALA C 231 -76.24 -7.84 33.00
N GLN C 232 -76.53 -7.50 31.75
CA GLN C 232 -77.48 -8.28 30.96
C GLN C 232 -77.04 -9.72 30.86
N GLN C 233 -75.77 -9.95 30.49
CA GLN C 233 -75.23 -11.30 30.44
C GLN C 233 -75.34 -11.99 31.79
N THR C 234 -75.19 -11.24 32.88
CA THR C 234 -75.34 -11.79 34.22
C THR C 234 -76.76 -12.28 34.43
N SER D 40 -76.19 33.84 22.03
CA SER D 40 -76.51 35.25 21.69
C SER D 40 -77.81 35.35 20.91
N GLU D 41 -77.78 34.91 19.65
CA GLU D 41 -78.97 34.99 18.81
C GLU D 41 -79.98 33.93 19.22
N THR D 42 -81.26 34.29 19.16
CA THR D 42 -82.32 33.40 19.64
C THR D 42 -82.47 32.20 18.73
N ARG D 43 -83.02 31.13 19.29
CA ARG D 43 -83.26 29.91 18.52
C ARG D 43 -84.54 30.02 17.71
N THR D 44 -84.63 29.23 16.66
CA THR D 44 -85.85 29.12 15.89
C THR D 44 -86.93 28.45 16.73
N LEU D 45 -88.19 28.81 16.47
CA LEU D 45 -89.30 28.25 17.23
C LEU D 45 -89.39 26.76 17.02
N GLN D 46 -89.72 26.03 18.09
CA GLN D 46 -89.66 24.57 18.05
C GLN D 46 -90.59 23.99 17.00
N LYS D 47 -91.84 24.46 16.97
CA LYS D 47 -92.83 23.86 16.08
C LYS D 47 -92.48 24.10 14.62
N ILE D 48 -91.95 25.27 14.29
CA ILE D 48 -91.55 25.53 12.90
C ILE D 48 -90.46 24.57 12.49
N ARG D 49 -89.45 24.38 13.34
CA ARG D 49 -88.38 23.44 13.06
C ARG D 49 -88.94 22.04 12.85
N GLU D 50 -89.79 21.60 13.77
CA GLU D 50 -90.32 20.24 13.70
C GLU D 50 -91.13 20.04 12.43
N ALA D 51 -91.98 20.99 12.08
CA ALA D 51 -92.82 20.85 10.90
C ALA D 51 -91.98 20.86 9.62
N THR D 52 -90.99 21.75 9.54
CA THR D 52 -90.15 21.80 8.35
C THR D 52 -89.40 20.49 8.17
N GLN D 53 -88.83 19.97 9.26
CA GLN D 53 -88.14 18.69 9.19
C GLN D 53 -89.11 17.57 8.80
N GLU D 54 -90.32 17.60 9.33
CA GLU D 54 -91.31 16.60 8.98
C GLU D 54 -91.62 16.61 7.49
N LEU D 55 -91.87 17.79 6.94
CA LEU D 55 -92.16 17.88 5.51
C LEU D 55 -90.98 17.43 4.67
N LEU D 56 -89.76 17.85 5.05
CA LEU D 56 -88.58 17.41 4.30
C LEU D 56 -88.45 15.89 4.33
N LYS D 57 -88.72 15.28 5.48
CA LYS D 57 -88.71 13.82 5.57
C LYS D 57 -89.76 13.21 4.66
N TYR D 58 -90.95 13.80 4.61
CA TYR D 58 -92.04 13.25 3.82
C TYR D 58 -92.18 13.86 2.44
N GLY D 59 -91.57 15.03 2.20
CA GLY D 59 -91.72 15.71 0.94
C GLY D 59 -93.06 16.40 0.80
N LEU D 60 -94.14 15.66 1.00
CA LEU D 60 -95.49 16.21 0.87
C LEU D 60 -96.34 15.71 2.03
N LEU D 61 -97.30 16.54 2.44
CA LEU D 61 -98.16 16.20 3.56
C LEU D 61 -99.52 16.86 3.36
N GLU D 62 -100.50 16.40 4.15
CA GLU D 62 -101.89 16.81 4.01
C GLU D 62 -102.39 17.41 5.32
N GLU D 63 -103.25 18.42 5.21
CA GLU D 63 -103.95 18.93 6.39
C GLU D 63 -104.86 17.86 6.99
N ALA D 64 -105.56 17.12 6.13
CA ALA D 64 -106.38 16.02 6.61
C ALA D 64 -105.54 14.96 7.33
N SER D 65 -104.25 14.86 7.00
CA SER D 65 -103.36 13.93 7.68
C SER D 65 -102.85 14.53 8.99
N LYS D 66 -102.15 15.66 8.91
CA LYS D 66 -101.60 16.34 10.08
C LYS D 66 -101.97 17.81 10.02
N PRO D 67 -103.23 18.14 10.37
CA PRO D 67 -103.68 19.53 10.21
C PRO D 67 -102.88 20.53 11.04
N ASN D 68 -102.38 20.13 12.20
CA ASN D 68 -101.70 21.07 13.08
C ASN D 68 -100.42 21.59 12.45
N LEU D 69 -99.58 20.68 11.96
CA LEU D 69 -98.35 21.09 11.27
C LEU D 69 -98.70 21.90 10.02
N TYR D 70 -99.74 21.48 9.30
CA TYR D 70 -100.18 22.22 8.12
C TYR D 70 -100.45 23.67 8.45
N ARG D 71 -101.27 23.91 9.47
CA ARG D 71 -101.63 25.28 9.83
C ARG D 71 -100.42 26.03 10.39
N ILE D 72 -99.57 25.36 11.16
CA ILE D 72 -98.40 26.02 11.73
C ILE D 72 -97.48 26.51 10.62
N VAL D 73 -97.23 25.65 9.62
CA VAL D 73 -96.35 26.05 8.52
C VAL D 73 -97.00 27.17 7.72
N LEU D 74 -98.29 27.03 7.40
CA LEU D 74 -98.95 28.09 6.62
C LEU D 74 -99.03 29.39 7.39
N SER D 75 -98.93 29.36 8.71
CA SER D 75 -98.83 30.57 9.51
C SER D 75 -97.40 31.07 9.65
N HIS D 76 -96.42 30.29 9.19
CA HIS D 76 -95.02 30.68 9.23
C HIS D 76 -94.35 30.37 7.89
N PRO D 77 -94.98 30.69 6.77
CA PRO D 77 -94.35 30.37 5.48
C PRO D 77 -93.04 31.10 5.25
N GLU D 78 -92.93 32.35 5.69
CA GLU D 78 -91.68 33.09 5.55
C GLU D 78 -90.57 32.39 6.32
N GLU D 79 -90.86 31.96 7.55
CA GLU D 79 -89.87 31.26 8.35
C GLU D 79 -89.45 29.95 7.69
N VAL D 80 -90.42 29.20 7.17
CA VAL D 80 -90.11 27.92 6.55
C VAL D 80 -89.22 28.12 5.32
N THR D 81 -89.60 29.06 4.45
CA THR D 81 -88.80 29.28 3.25
C THR D 81 -87.41 29.81 3.59
N ARG D 82 -87.32 30.68 4.60
CA ARG D 82 -86.01 31.12 5.08
C ARG D 82 -85.19 29.94 5.59
N ILE D 83 -85.85 28.95 6.20
CA ILE D 83 -85.14 27.74 6.62
C ILE D 83 -84.68 26.96 5.40
N LEU D 84 -85.46 26.95 4.34
CA LEU D 84 -85.19 26.11 3.18
C LEU D 84 -84.35 26.80 2.11
N GLU D 85 -84.45 28.13 2.00
CA GLU D 85 -83.70 28.82 0.95
C GLU D 85 -82.19 28.60 1.03
N PRO D 86 -81.55 28.50 2.20
CA PRO D 86 -80.11 28.17 2.18
C PRO D 86 -79.84 26.86 1.49
N LEU D 87 -80.77 25.91 1.56
CA LEU D 87 -80.71 24.67 0.81
C LEU D 87 -81.15 24.86 -0.64
N ASP D 88 -81.55 26.08 -1.02
CA ASP D 88 -82.14 26.34 -2.33
C ASP D 88 -83.43 25.56 -2.52
N LEU D 89 -84.12 25.26 -1.43
CA LEU D 89 -85.39 24.56 -1.44
C LEU D 89 -86.51 25.49 -0.99
N ASP D 90 -87.74 25.03 -1.18
CA ASP D 90 -88.93 25.79 -0.79
C ASP D 90 -90.10 24.81 -0.80
N ILE D 91 -91.30 25.33 -0.54
CA ILE D 91 -92.50 24.50 -0.45
C ILE D 91 -93.54 24.99 -1.45
N GLY D 92 -94.22 24.04 -2.07
CA GLY D 92 -95.43 24.32 -2.81
C GLY D 92 -96.63 23.78 -2.06
N ILE D 93 -97.75 24.51 -2.17
CA ILE D 93 -98.95 24.19 -1.42
C ILE D 93 -100.16 24.19 -2.36
N ASP D 94 -101.20 23.49 -1.93
CA ASP D 94 -102.48 23.44 -2.66
C ASP D 94 -103.59 23.37 -1.62
N GLU D 95 -104.13 24.53 -1.26
CA GLU D 95 -105.22 24.57 -0.29
C GLU D 95 -106.53 24.03 -0.85
N ILE D 96 -106.70 24.05 -2.17
CA ILE D 96 -107.91 23.48 -2.76
C ILE D 96 -108.00 21.99 -2.45
N ARG D 97 -106.88 21.28 -2.62
CA ARG D 97 -106.82 19.87 -2.27
C ARG D 97 -106.26 19.64 -0.87
N GLY D 98 -105.66 20.65 -0.26
CA GLY D 98 -105.17 20.54 1.10
C GLY D 98 -103.86 19.81 1.22
N LEU D 99 -102.87 20.21 0.43
CA LEU D 99 -101.56 19.56 0.43
C LEU D 99 -100.44 20.60 0.47
N LEU D 100 -99.41 20.30 1.25
CA LEU D 100 -98.14 21.01 1.19
C LEU D 100 -97.09 20.07 0.63
N TYR D 101 -96.09 20.65 -0.05
CA TYR D 101 -95.05 19.85 -0.66
C TYR D 101 -93.83 20.72 -0.91
N VAL D 102 -92.65 20.07 -0.93
CA VAL D 102 -91.40 20.81 -1.13
C VAL D 102 -91.28 21.25 -2.59
N LYS D 103 -90.34 22.16 -2.83
CA LYS D 103 -90.04 22.63 -4.18
C LYS D 103 -88.67 23.29 -4.18
N VAL D 104 -87.92 23.08 -5.26
CA VAL D 104 -86.60 23.67 -5.38
C VAL D 104 -86.73 25.17 -5.60
N ARG D 105 -85.78 25.93 -5.06
CA ARG D 105 -85.75 27.38 -5.20
C ARG D 105 -84.35 27.85 -5.58
N LEU D 106 -83.74 27.17 -6.55
CA LEU D 106 -82.43 27.60 -7.07
C LEU D 106 -82.56 28.95 -7.76
N ASP D 107 -81.45 29.49 -8.23
CA ASP D 107 -81.50 30.69 -9.06
C ASP D 107 -82.25 30.38 -10.34
N GLU D 108 -82.88 31.40 -10.91
CA GLU D 108 -83.81 31.20 -12.01
C GLU D 108 -83.09 30.64 -13.24
N THR D 109 -83.61 29.53 -13.76
CA THR D 109 -83.25 28.95 -15.05
C THR D 109 -81.76 29.05 -15.37
N PRO D 110 -80.91 28.29 -14.68
CA PRO D 110 -79.54 28.10 -15.14
C PRO D 110 -79.51 27.22 -16.38
N ALA D 111 -78.30 26.93 -16.86
CA ALA D 111 -78.17 26.05 -18.01
C ALA D 111 -78.79 24.69 -17.75
N GLN D 112 -78.88 24.27 -16.49
CA GLN D 112 -79.51 23.00 -16.14
C GLN D 112 -81.03 23.14 -16.18
N ASP D 113 -81.61 23.33 -17.37
CA ASP D 113 -83.06 23.30 -17.48
C ASP D 113 -83.60 21.94 -17.05
N GLU D 114 -82.93 20.87 -17.48
CA GLU D 114 -83.10 19.58 -16.84
C GLU D 114 -82.38 19.63 -15.51
N TRP D 115 -83.02 20.26 -14.52
CA TRP D 115 -82.32 20.71 -13.32
C TRP D 115 -81.67 19.55 -12.59
N ALA D 116 -80.57 19.87 -11.91
CA ALA D 116 -79.91 18.95 -11.00
C ALA D 116 -79.51 19.71 -9.75
N HIS D 117 -79.79 19.13 -8.59
CA HIS D 117 -79.54 19.78 -7.31
C HIS D 117 -78.73 18.84 -6.43
N PRO D 118 -77.76 19.35 -5.67
CA PRO D 118 -76.93 18.46 -4.84
C PRO D 118 -77.75 17.58 -3.91
N LEU D 119 -78.58 18.17 -3.07
CA LEU D 119 -79.35 17.44 -2.06
C LEU D 119 -80.48 16.61 -2.65
N VAL D 120 -80.75 16.73 -3.96
CA VAL D 120 -81.87 16.04 -4.58
C VAL D 120 -81.37 15.15 -5.70
N ARG D 121 -81.39 13.84 -5.46
CA ARG D 121 -81.07 12.87 -6.51
C ARG D 121 -82.33 12.56 -7.31
N ARG D 122 -82.23 12.67 -8.63
CA ARG D 122 -83.39 12.54 -9.49
C ARG D 122 -83.53 11.09 -9.98
N GLN D 123 -84.70 10.78 -10.55
CA GLN D 123 -85.03 9.43 -10.95
C GLN D 123 -85.64 9.46 -12.34
N ARG D 124 -85.67 8.29 -12.99
CA ARG D 124 -86.29 8.13 -14.32
C ARG D 124 -87.11 6.85 -14.25
N LEU D 125 -88.38 6.99 -13.89
CA LEU D 125 -89.24 5.83 -13.69
C LEU D 125 -89.44 5.07 -15.00
N ASN D 126 -89.53 3.74 -14.88
CA ASN D 126 -89.49 2.86 -16.04
C ASN D 126 -90.81 2.89 -16.80
N LEU D 127 -90.77 2.35 -18.02
CA LEU D 127 -91.92 2.41 -18.91
C LEU D 127 -93.15 1.77 -18.30
N GLU D 128 -92.97 0.74 -17.45
CA GLU D 128 -94.10 0.18 -16.73
C GLU D 128 -94.56 1.13 -15.62
N GLN D 129 -93.61 1.71 -14.88
CA GLN D 129 -93.94 2.71 -13.89
C GLN D 129 -94.60 3.91 -14.55
N SER D 130 -94.05 4.35 -15.69
CA SER D 130 -94.63 5.46 -16.42
C SER D 130 -96.02 5.12 -16.94
N LEU D 131 -96.21 3.89 -17.40
CA LEU D 131 -97.53 3.45 -17.85
C LEU D 131 -98.55 3.53 -16.72
N LEU D 132 -98.19 3.02 -15.54
CA LEU D 132 -99.11 3.08 -14.41
C LEU D 132 -99.37 4.52 -14.01
N VAL D 133 -98.33 5.37 -14.05
CA VAL D 133 -98.51 6.77 -13.72
C VAL D 133 -99.48 7.44 -14.68
N ALA D 134 -99.37 7.11 -15.98
CA ALA D 134 -100.31 7.68 -16.96
C ALA D 134 -101.72 7.19 -16.70
N ILE D 135 -101.88 5.91 -16.35
CA ILE D 135 -103.21 5.38 -16.02
C ILE D 135 -103.80 6.16 -14.84
N LEU D 136 -103.00 6.32 -13.78
CA LEU D 136 -103.46 7.05 -12.62
C LEU D 136 -103.77 8.49 -12.96
N ARG D 137 -102.97 9.10 -13.82
CA ARG D 137 -103.22 10.48 -14.24
C ARG D 137 -104.56 10.61 -14.95
N GLN D 138 -104.83 9.72 -15.90
CA GLN D 138 -106.09 9.81 -16.63
C GLN D 138 -107.28 9.61 -15.71
N HIS D 139 -107.22 8.61 -14.82
CA HIS D 139 -108.38 8.36 -13.98
C HIS D 139 -108.53 9.42 -12.90
N PHE D 140 -107.40 10.00 -12.45
CA PHE D 140 -107.46 11.13 -11.52
C PHE D 140 -108.08 12.34 -12.18
N VAL D 141 -107.74 12.59 -13.45
CA VAL D 141 -108.39 13.66 -14.20
C VAL D 141 -109.89 13.43 -14.25
N ALA D 142 -110.30 12.20 -14.55
CA ALA D 142 -111.73 11.90 -14.61
C ALA D 142 -112.39 12.10 -13.24
N TRP D 143 -111.74 11.63 -12.18
CA TRP D 143 -112.31 11.75 -10.84
C TRP D 143 -112.50 13.21 -10.44
N GLU D 144 -111.49 14.04 -10.73
CA GLU D 144 -111.58 15.44 -10.32
C GLU D 144 -112.70 16.18 -11.02
N GLN D 145 -113.25 15.63 -12.10
CA GLN D 145 -114.45 16.19 -12.71
C GLN D 145 -115.71 15.55 -12.13
N GLU D 146 -115.73 14.23 -12.01
CA GLU D 146 -116.92 13.56 -11.51
C GLU D 146 -116.99 13.53 -9.98
N SER D 147 -115.92 13.95 -9.28
CA SER D 147 -115.95 13.96 -7.83
C SER D 147 -115.25 15.17 -7.21
N GLY D 148 -114.89 16.17 -7.99
CA GLY D 148 -114.34 17.41 -7.47
C GLY D 148 -112.83 17.40 -7.38
N THR D 149 -112.25 18.60 -7.40
CA THR D 149 -110.81 18.80 -7.38
C THR D 149 -110.29 18.56 -5.97
N GLY D 150 -110.26 17.29 -5.57
CA GLY D 150 -109.80 16.92 -4.26
C GLY D 150 -110.85 17.12 -3.19
N ALA D 151 -112.05 17.55 -3.59
CA ALA D 151 -113.15 17.64 -2.64
C ALA D 151 -113.43 16.28 -2.02
N SER D 152 -113.48 15.24 -2.85
CA SER D 152 -113.42 13.86 -2.40
C SER D 152 -112.13 13.26 -2.91
N GLN D 153 -111.30 12.75 -2.00
CA GLN D 153 -110.00 12.25 -2.38
C GLN D 153 -110.12 11.23 -3.51
N ALA D 154 -109.32 11.42 -4.56
CA ALA D 154 -109.43 10.60 -5.75
C ALA D 154 -109.18 9.13 -5.40
N GLN D 155 -110.04 8.25 -5.92
CA GLN D 155 -110.03 6.84 -5.59
C GLN D 155 -110.27 6.01 -6.83
N ILE D 156 -109.82 4.76 -6.77
CA ILE D 156 -110.09 3.77 -7.81
C ILE D 156 -109.82 2.39 -7.22
N ALA D 157 -110.56 1.39 -7.71
CA ALA D 157 -110.41 0.04 -7.21
C ALA D 157 -109.30 -0.70 -7.94
N ILE D 158 -108.74 -1.70 -7.26
CA ILE D 158 -107.72 -2.55 -7.89
C ILE D 158 -108.31 -3.24 -9.11
N ASP D 159 -109.52 -3.77 -8.98
CA ASP D 159 -110.20 -4.43 -10.09
C ASP D 159 -110.53 -3.46 -11.23
N ASP D 160 -110.50 -2.16 -10.96
CA ASP D 160 -110.67 -1.15 -11.99
C ASP D 160 -109.36 -0.72 -12.64
N LEU D 161 -108.28 -0.60 -11.87
CA LEU D 161 -106.98 -0.29 -12.46
C LEU D 161 -106.47 -1.45 -13.31
N LEU D 162 -106.69 -2.68 -12.86
CA LEU D 162 -106.12 -3.83 -13.57
C LEU D 162 -106.56 -3.90 -15.02
N PRO D 163 -107.84 -3.71 -15.36
CA PRO D 163 -108.22 -3.68 -16.78
C PRO D 163 -107.46 -2.65 -17.60
N GLN D 164 -107.22 -1.46 -17.06
CA GLN D 164 -106.51 -0.44 -17.82
C GLN D 164 -105.11 -0.91 -18.19
N LEU D 165 -104.39 -1.51 -17.24
CA LEU D 165 -103.09 -2.09 -17.57
C LEU D 165 -103.24 -3.24 -18.56
N GLN D 166 -104.23 -4.10 -18.35
CA GLN D 166 -104.45 -5.26 -19.22
C GLN D 166 -104.74 -4.83 -20.65
N ILE D 167 -105.19 -3.60 -20.87
CA ILE D 167 -105.41 -3.11 -22.23
C ILE D 167 -104.12 -3.27 -23.03
N TYR D 168 -102.99 -2.89 -22.43
CA TYR D 168 -101.71 -2.90 -23.13
C TYR D 168 -100.89 -4.14 -22.80
N LEU D 169 -100.70 -4.44 -21.52
CA LEU D 169 -99.86 -5.55 -21.10
C LEU D 169 -100.53 -6.90 -21.25
N GLY D 170 -101.86 -6.94 -21.29
CA GLY D 170 -102.56 -8.22 -21.40
C GLY D 170 -102.56 -8.96 -20.06
N ASP D 171 -103.08 -10.18 -20.13
CA ASP D 171 -103.16 -11.02 -18.94
C ASP D 171 -101.78 -11.57 -18.59
N PRO D 172 -101.21 -11.27 -17.42
CA PRO D 172 -99.89 -11.81 -17.08
C PRO D 172 -99.88 -13.32 -16.89
N GLY D 173 -101.03 -13.94 -16.65
CA GLY D 173 -101.09 -15.38 -16.47
C GLY D 173 -102.08 -15.82 -15.43
N SER D 174 -102.37 -14.96 -14.45
CA SER D 174 -103.31 -15.30 -13.40
C SER D 174 -103.74 -14.04 -12.68
N GLU D 175 -104.88 -14.14 -11.97
CA GLU D 175 -105.35 -13.02 -11.16
C GLU D 175 -104.36 -12.69 -10.07
N SER D 176 -103.77 -13.72 -9.43
CA SER D 176 -102.76 -13.47 -8.41
C SER D 176 -101.58 -12.70 -8.98
N LYS D 177 -101.13 -13.07 -10.18
CA LYS D 177 -100.03 -12.35 -10.80
C LYS D 177 -100.43 -10.90 -11.12
N GLU D 178 -101.65 -10.69 -11.60
CA GLU D 178 -102.13 -9.34 -11.85
C GLU D 178 -102.08 -8.50 -10.59
N ARG D 179 -102.63 -9.03 -9.50
CA ARG D 179 -102.67 -8.29 -8.25
C ARG D 179 -101.26 -8.03 -7.73
N THR D 180 -100.38 -9.03 -7.82
CA THR D 180 -99.01 -8.83 -7.36
C THR D 180 -98.32 -7.74 -8.15
N ARG D 181 -98.45 -7.78 -9.48
CA ARG D 181 -97.84 -6.76 -10.33
C ARG D 181 -98.34 -5.37 -9.95
N LEU D 182 -99.66 -5.21 -9.93
CA LEU D 182 -100.23 -3.88 -9.67
C LEU D 182 -99.89 -3.41 -8.26
N LEU D 183 -99.87 -4.33 -7.30
CA LEU D 183 -99.61 -3.94 -5.91
C LEU D 183 -98.15 -3.55 -5.73
N THR D 184 -97.22 -4.28 -6.37
CA THR D 184 -95.83 -3.88 -6.31
C THR D 184 -95.63 -2.50 -6.92
N LEU D 185 -96.24 -2.27 -8.10
CA LEU D 185 -96.10 -0.96 -8.72
C LEU D 185 -96.73 0.14 -7.87
N LEU D 186 -97.89 -0.14 -7.27
CA LEU D 186 -98.55 0.85 -6.44
C LEU D 186 -97.74 1.15 -5.19
N ASP D 187 -97.12 0.12 -4.60
CA ASP D 187 -96.24 0.34 -3.46
C ASP D 187 -95.05 1.20 -3.84
N GLN D 188 -94.46 0.94 -5.00
CA GLN D 188 -93.36 1.78 -5.47
C GLN D 188 -93.80 3.22 -5.65
N LEU D 189 -94.99 3.42 -6.22
CA LEU D 189 -95.53 4.78 -6.34
C LEU D 189 -95.77 5.41 -4.98
N LYS D 190 -96.28 4.62 -4.02
CA LYS D 190 -96.47 5.13 -2.67
C LYS D 190 -95.15 5.59 -2.07
N GLY D 191 -94.09 4.80 -2.24
CA GLY D 191 -92.77 5.26 -1.87
C GLY D 191 -92.40 6.53 -2.61
N HIS D 192 -92.96 6.73 -3.81
CA HIS D 192 -92.79 7.98 -4.53
C HIS D 192 -93.76 9.06 -4.04
N GLY D 193 -94.61 8.75 -3.07
CA GLY D 193 -95.55 9.70 -2.54
C GLY D 193 -96.72 10.02 -3.45
N LEU D 194 -97.13 9.08 -4.29
CA LEU D 194 -98.16 9.35 -5.29
C LEU D 194 -99.52 8.75 -4.95
N VAL D 195 -99.55 7.56 -4.34
CA VAL D 195 -100.81 6.87 -4.06
C VAL D 195 -100.78 6.29 -2.65
N THR D 196 -101.97 5.95 -2.15
CA THR D 196 -102.11 5.27 -0.88
C THR D 196 -102.36 3.78 -1.11
N SER D 197 -102.21 3.01 -0.03
CA SER D 197 -102.50 1.59 -0.10
C SER D 197 -104.01 1.38 -0.28
N PRO D 198 -104.41 0.28 -0.92
CA PRO D 198 -105.83 0.03 -1.11
C PRO D 198 -106.56 -0.10 0.22
N ASP D 199 -107.79 0.39 0.25
CA ASP D 199 -108.62 0.34 1.46
C ASP D 199 -109.18 -1.08 1.61
N ALA D 200 -110.10 -1.25 2.56
CA ALA D 200 -110.74 -2.55 2.75
C ALA D 200 -111.48 -3.00 1.50
N HIS D 201 -111.88 -2.07 0.63
CA HIS D 201 -112.53 -2.38 -0.63
C HIS D 201 -111.54 -2.40 -1.79
N GLU D 202 -110.25 -2.51 -1.51
CA GLU D 202 -109.21 -2.51 -2.54
C GLU D 202 -109.24 -1.23 -3.38
N ARG D 203 -109.68 -0.14 -2.77
CA ARG D 203 -109.70 1.17 -3.43
C ARG D 203 -108.56 2.01 -2.88
N ILE D 204 -107.64 2.41 -3.76
CA ILE D 204 -106.57 3.30 -3.35
C ILE D 204 -107.07 4.74 -3.32
N VAL D 205 -106.27 5.60 -2.70
CA VAL D 205 -106.52 7.04 -2.71
C VAL D 205 -105.32 7.71 -3.37
N ILE D 206 -105.59 8.64 -4.29
CA ILE D 206 -104.55 9.30 -5.07
C ILE D 206 -104.17 10.59 -4.35
N ARG D 207 -102.88 10.74 -4.06
CA ARG D 207 -102.41 11.96 -3.42
C ARG D 207 -102.56 13.14 -4.38
N PRO D 208 -102.76 14.35 -3.85
CA PRO D 208 -102.89 15.53 -4.74
C PRO D 208 -101.65 15.79 -5.57
N ILE D 209 -100.49 15.27 -5.13
CA ILE D 209 -99.24 15.56 -5.80
C ILE D 209 -99.28 15.20 -7.28
N ILE D 210 -100.14 14.25 -7.66
CA ILE D 210 -100.27 13.89 -9.07
C ILE D 210 -100.59 15.12 -9.90
N ALA D 211 -101.49 15.98 -9.41
CA ALA D 211 -101.80 17.21 -10.12
C ALA D 211 -100.62 18.17 -10.16
N HIS D 212 -99.58 17.93 -9.36
CA HIS D 212 -98.45 18.84 -9.23
C HIS D 212 -97.23 18.39 -10.03
N LEU D 213 -97.37 17.42 -10.93
CA LEU D 213 -96.25 17.04 -11.78
C LEU D 213 -95.89 18.19 -12.72
N ALA D 214 -94.64 18.19 -13.16
CA ALA D 214 -94.11 19.35 -13.89
C ALA D 214 -94.53 19.34 -15.36
N ASP D 215 -94.13 18.31 -16.10
CA ASP D 215 -94.33 18.25 -17.55
C ASP D 215 -94.98 16.92 -17.94
N PRO D 216 -96.28 16.76 -17.68
CA PRO D 216 -96.97 15.54 -18.11
C PRO D 216 -97.11 15.41 -19.62
N ILE D 217 -96.81 16.45 -20.39
CA ILE D 217 -96.87 16.35 -21.85
C ILE D 217 -96.11 15.10 -22.29
N ASN D 218 -95.02 14.77 -21.61
CA ASN D 218 -94.34 13.50 -21.87
C ASN D 218 -95.26 12.33 -21.55
N LEU D 219 -96.01 12.42 -20.44
CA LEU D 219 -96.97 11.37 -20.13
C LEU D 219 -98.06 11.28 -21.19
N GLN D 220 -98.52 12.42 -21.69
CA GLN D 220 -99.54 12.40 -22.73
C GLN D 220 -99.01 11.75 -24.00
N ALA D 221 -97.79 12.10 -24.41
CA ALA D 221 -97.20 11.48 -25.59
C ALA D 221 -97.02 9.98 -25.38
N LEU D 222 -96.58 9.58 -24.18
CA LEU D 222 -96.40 8.18 -23.88
C LEU D 222 -97.72 7.42 -23.95
N LEU D 223 -98.79 8.01 -23.41
CA LEU D 223 -100.09 7.35 -23.45
C LEU D 223 -100.63 7.28 -24.87
N ALA D 224 -100.42 8.33 -25.66
CA ALA D 224 -100.82 8.29 -27.07
C ALA D 224 -100.08 7.19 -27.81
N TRP D 225 -98.77 7.07 -27.56
CA TRP D 225 -97.98 6.00 -28.17
C TRP D 225 -98.50 4.64 -27.74
N LEU D 226 -98.82 4.48 -26.45
CA LEU D 226 -99.32 3.20 -25.95
C LEU D 226 -100.63 2.82 -26.62
N ARG D 227 -101.58 3.76 -26.67
CA ARG D 227 -102.88 3.45 -27.27
C ARG D 227 -102.73 3.17 -28.76
N GLU D 228 -101.87 3.94 -29.45
CA GLU D 228 -101.63 3.67 -30.86
C GLU D 228 -101.04 2.27 -31.06
N GLN D 229 -100.10 1.89 -30.20
CA GLN D 229 -99.45 0.59 -30.34
C GLN D 229 -100.45 -0.54 -30.11
N ILE D 230 -101.25 -0.44 -29.05
CA ILE D 230 -102.22 -1.49 -28.75
C ILE D 230 -103.28 -1.57 -29.85
N ALA D 231 -103.70 -0.42 -30.38
CA ALA D 231 -104.62 -0.42 -31.51
C ALA D 231 -104.00 -1.06 -32.74
N GLN D 232 -102.70 -0.85 -32.97
CA GLN D 232 -102.02 -1.52 -34.07
C GLN D 232 -101.78 -2.99 -33.74
N GLN D 233 -101.39 -3.29 -32.50
CA GLN D 233 -101.14 -4.66 -32.06
C GLN D 233 -102.39 -5.33 -31.49
N THR D 234 -103.44 -5.47 -32.31
CA THR D 234 -104.68 -6.11 -31.87
C THR D 234 -105.54 -6.49 -33.07
N MET E 5 -19.90 -44.74 -18.69
CA MET E 5 -20.41 -43.35 -18.88
C MET E 5 -19.59 -42.36 -18.07
N GLU E 6 -19.28 -41.21 -18.68
CA GLU E 6 -18.56 -40.16 -17.98
C GLU E 6 -19.42 -39.40 -16.99
N GLU E 7 -20.75 -39.60 -17.01
CA GLU E 7 -21.62 -38.90 -16.09
C GLU E 7 -21.22 -39.16 -14.65
N ASN E 8 -20.84 -40.41 -14.34
CA ASN E 8 -20.40 -40.72 -12.98
C ASN E 8 -19.30 -39.78 -12.52
N THR E 9 -18.41 -39.37 -13.43
CA THR E 9 -17.37 -38.41 -13.07
C THR E 9 -17.99 -37.11 -12.58
N ARG E 10 -18.95 -36.58 -13.32
CA ARG E 10 -19.55 -35.29 -12.96
C ARG E 10 -20.27 -35.36 -11.62
N GLN E 11 -20.59 -36.55 -11.13
CA GLN E 11 -21.04 -36.74 -9.77
C GLN E 11 -19.87 -36.98 -8.82
N ARG E 12 -18.84 -37.67 -9.32
CA ARG E 12 -17.68 -37.98 -8.48
C ARG E 12 -16.92 -36.73 -8.09
N THR E 13 -16.61 -35.87 -9.07
CA THR E 13 -15.93 -34.63 -8.77
C THR E 13 -16.74 -33.76 -7.82
N GLU E 14 -18.06 -33.77 -7.95
CA GLU E 14 -18.91 -33.02 -7.03
C GLU E 14 -18.82 -33.60 -5.62
N ASN E 15 -18.90 -34.92 -5.50
CA ASN E 15 -18.73 -35.57 -4.20
C ASN E 15 -17.42 -35.13 -3.55
N TYR E 16 -16.32 -35.18 -4.31
CA TYR E 16 -15.03 -34.83 -3.73
C TYR E 16 -14.95 -33.36 -3.36
N ILE E 17 -15.40 -32.47 -4.24
CA ILE E 17 -15.33 -31.05 -3.92
C ILE E 17 -16.16 -30.75 -2.68
N SER E 18 -17.32 -31.40 -2.55
CA SER E 18 -18.11 -31.25 -1.34
C SER E 18 -17.33 -31.72 -0.12
N ALA E 19 -16.86 -32.97 -0.16
CA ALA E 19 -16.17 -33.53 1.00
C ALA E 19 -14.98 -32.68 1.44
N LYS E 20 -14.38 -31.92 0.51
CA LYS E 20 -13.28 -31.02 0.85
C LYS E 20 -13.78 -29.80 1.63
N ASN E 21 -15.06 -29.76 1.96
CA ASN E 21 -15.60 -28.90 2.98
C ASN E 21 -16.50 -29.73 3.87
N GLN E 22 -17.10 -29.10 4.88
CA GLN E 22 -18.07 -29.79 5.72
C GLN E 22 -17.41 -30.95 6.48
N HIS E 23 -17.03 -32.03 5.79
CA HIS E 23 -16.45 -33.17 6.49
C HIS E 23 -15.16 -32.74 7.19
N PRO E 24 -15.06 -32.90 8.53
CA PRO E 24 -13.92 -32.28 9.22
C PRO E 24 -12.57 -32.86 8.85
N ALA E 25 -12.41 -34.18 8.91
CA ALA E 25 -11.06 -34.76 8.87
C ALA E 25 -10.25 -34.22 7.70
N TRP E 26 -10.87 -34.15 6.52
CA TRP E 26 -10.18 -33.57 5.37
C TRP E 26 -9.92 -32.08 5.58
N ILE E 27 -10.77 -31.38 6.33
CA ILE E 27 -10.46 -30.02 6.73
C ILE E 27 -9.35 -30.02 7.78
N LEU E 28 -9.38 -30.99 8.69
CA LEU E 28 -8.37 -31.03 9.75
C LEU E 28 -6.98 -31.25 9.18
N LEU E 29 -6.84 -32.21 8.26
CA LEU E 29 -5.53 -32.51 7.69
C LEU E 29 -4.99 -31.33 6.90
N ALA E 30 -5.83 -30.36 6.54
CA ALA E 30 -5.43 -29.32 5.60
C ALA E 30 -4.98 -28.04 6.26
N THR E 31 -5.30 -27.81 7.53
CA THR E 31 -4.95 -26.58 8.21
C THR E 31 -3.62 -26.76 8.94
N ARG E 32 -2.77 -25.73 8.81
CA ARG E 32 -1.37 -25.84 9.21
C ARG E 32 -1.19 -26.60 10.52
N ARG E 33 -1.96 -26.25 11.54
CA ARG E 33 -1.75 -26.78 12.88
C ARG E 33 -2.10 -28.27 13.00
N ALA E 34 -2.44 -28.93 11.90
CA ALA E 34 -2.86 -30.32 11.96
C ALA E 34 -1.85 -31.23 12.67
N PRO E 35 -0.55 -31.16 12.41
CA PRO E 35 0.39 -32.10 13.05
C PRO E 35 0.32 -32.06 14.57
N LEU E 36 0.42 -30.85 15.11
CA LEU E 36 0.37 -30.66 16.55
C LEU E 36 -0.88 -31.28 17.15
N VAL E 37 -2.06 -30.87 16.66
CA VAL E 37 -3.31 -31.33 17.25
C VAL E 37 -3.47 -32.83 17.08
N LEU E 38 -3.07 -33.38 15.94
CA LEU E 38 -3.11 -34.81 15.77
C LEU E 38 -2.27 -35.51 16.84
N SER E 39 -1.04 -35.04 17.04
CA SER E 39 -0.19 -35.64 18.06
C SER E 39 -0.84 -35.57 19.43
N CYS E 40 -1.35 -34.39 19.79
CA CYS E 40 -1.92 -34.20 21.12
C CYS E 40 -3.12 -35.12 21.34
N LEU E 41 -4.07 -35.10 20.40
CA LEU E 41 -5.26 -35.92 20.54
C LEU E 41 -4.89 -37.39 20.61
N LYS E 42 -3.99 -37.85 19.75
CA LYS E 42 -3.61 -39.26 19.75
C LYS E 42 -3.00 -39.65 21.09
N THR E 43 -2.01 -38.88 21.55
CA THR E 43 -1.36 -39.24 22.81
C THR E 43 -2.35 -39.22 23.97
N LEU E 44 -3.31 -38.30 23.96
CA LEU E 44 -4.31 -38.27 25.02
C LEU E 44 -5.23 -39.48 24.93
N PHE E 45 -5.95 -39.63 23.81
CA PHE E 45 -6.94 -40.70 23.69
C PHE E 45 -6.31 -42.09 23.75
N GLU E 46 -4.99 -42.20 23.56
CA GLU E 46 -4.35 -43.51 23.55
C GLU E 46 -4.54 -44.27 24.86
N LYS E 47 -4.78 -43.56 25.96
CA LYS E 47 -4.81 -44.18 27.28
C LYS E 47 -6.17 -44.06 27.97
N SER E 48 -7.23 -43.73 27.25
CA SER E 48 -8.55 -43.64 27.86
C SER E 48 -9.62 -43.62 26.78
N HIS E 49 -10.57 -44.53 26.89
CA HIS E 49 -11.74 -44.50 26.01
C HIS E 49 -12.92 -43.81 26.68
N ASP E 50 -12.95 -43.79 28.01
CA ASP E 50 -14.06 -43.19 28.76
C ASP E 50 -13.76 -41.75 29.16
N GLY E 51 -13.49 -40.90 28.18
CA GLY E 51 -13.35 -39.48 28.41
C GLY E 51 -12.03 -39.06 29.04
N ILE E 52 -11.69 -37.79 28.84
CA ILE E 52 -10.49 -37.19 29.43
C ILE E 52 -10.88 -35.78 29.87
N PRO E 53 -10.47 -35.33 31.05
CA PRO E 53 -10.90 -33.99 31.51
C PRO E 53 -10.47 -32.91 30.53
N LEU E 54 -11.39 -31.97 30.25
CA LEU E 54 -11.09 -30.93 29.28
C LEU E 54 -9.85 -30.16 29.67
N GLU E 55 -9.78 -29.70 30.92
CA GLU E 55 -8.65 -28.87 31.36
C GLU E 55 -7.32 -29.60 31.20
N GLU E 56 -7.30 -30.92 31.42
CA GLU E 56 -6.06 -31.66 31.26
C GLU E 56 -5.58 -31.63 29.81
N ALA E 57 -6.50 -31.84 28.87
CA ALA E 57 -6.15 -31.74 27.45
C ALA E 57 -5.71 -30.33 27.11
N ILE E 58 -6.39 -29.32 27.65
CA ILE E 58 -5.97 -27.94 27.44
C ILE E 58 -4.53 -27.76 27.86
N GLN E 59 -4.18 -28.25 29.06
CA GLN E 59 -2.83 -28.08 29.56
C GLN E 59 -1.81 -28.80 28.69
N SER E 60 -2.11 -30.04 28.30
CA SER E 60 -1.19 -30.78 27.45
C SER E 60 -0.96 -30.05 26.13
N LEU E 61 -2.03 -29.61 25.48
CA LEU E 61 -1.92 -28.95 24.19
C LEU E 61 -1.17 -27.63 24.33
N SER E 62 -1.44 -26.87 25.39
CA SER E 62 -0.73 -25.61 25.61
C SER E 62 0.76 -25.86 25.84
N SER E 63 1.10 -26.90 26.62
CA SER E 63 2.50 -27.24 26.80
C SER E 63 3.16 -27.54 25.46
N ILE E 64 2.50 -28.33 24.61
CA ILE E 64 3.07 -28.63 23.30
C ILE E 64 3.23 -27.36 22.48
N LEU E 65 2.23 -26.48 22.50
CA LEU E 65 2.25 -25.28 21.66
C LEU E 65 3.45 -24.40 21.98
N ILE E 66 3.67 -24.13 23.28
CA ILE E 66 4.74 -23.23 23.67
C ILE E 66 6.09 -23.72 23.16
N GLU E 67 6.32 -25.03 23.22
CA GLU E 67 7.61 -25.57 22.84
C GLU E 67 7.97 -25.21 21.39
N HIS E 68 6.97 -25.12 20.51
CA HIS E 68 7.20 -24.84 19.11
C HIS E 68 6.94 -23.38 18.74
N VAL E 69 6.76 -22.51 19.74
CA VAL E 69 6.40 -21.12 19.47
C VAL E 69 7.40 -20.43 18.55
N SER E 70 8.66 -20.86 18.57
CA SER E 70 9.68 -20.20 17.76
C SER E 70 9.35 -20.23 16.28
N GLN E 71 8.60 -21.23 15.82
CA GLN E 71 8.25 -21.33 14.41
C GLN E 71 7.41 -20.13 13.97
N GLU E 72 7.61 -19.71 12.73
CA GLU E 72 6.75 -18.70 12.13
C GLU E 72 5.51 -19.31 11.50
N GLN E 73 5.52 -20.63 11.27
CA GLN E 73 4.39 -21.29 10.62
C GLN E 73 3.10 -21.11 11.42
N TYR E 74 3.13 -21.48 12.69
CA TYR E 74 1.93 -21.82 13.45
C TYR E 74 1.28 -20.62 14.13
N ASP E 75 1.91 -19.45 14.10
CA ASP E 75 1.34 -18.23 14.66
C ASP E 75 0.98 -18.42 16.14
N ILE E 76 1.83 -19.12 16.88
CA ILE E 76 1.66 -19.19 18.33
C ILE E 76 2.22 -17.93 18.96
N ASN E 77 1.55 -17.44 20.00
CA ASN E 77 1.99 -16.25 20.73
C ASN E 77 2.29 -16.61 22.17
N GLN E 78 3.46 -16.15 22.65
CA GLN E 78 3.90 -16.46 24.00
C GLN E 78 2.99 -15.87 25.07
N ASP E 79 2.30 -14.76 24.76
CA ASP E 79 1.59 -14.01 25.78
C ASP E 79 0.43 -14.77 26.41
N ASN E 80 -0.21 -15.68 25.67
CA ASN E 80 -1.41 -16.33 26.20
C ASN E 80 -1.57 -17.74 25.64
N PRO E 81 -0.69 -18.68 26.01
CA PRO E 81 -0.86 -20.06 25.53
C PRO E 81 -2.18 -20.70 25.93
N PHE E 82 -2.66 -20.44 27.15
CA PHE E 82 -3.85 -21.13 27.63
C PHE E 82 -5.07 -20.80 26.77
N LEU E 83 -5.28 -19.51 26.49
CA LEU E 83 -6.42 -19.10 25.67
C LEU E 83 -6.33 -19.71 24.28
N GLN E 84 -5.13 -19.71 23.69
CA GLN E 84 -4.98 -20.23 22.34
C GLN E 84 -5.30 -21.71 22.28
N ALA E 85 -4.74 -22.49 23.21
CA ALA E 85 -5.02 -23.92 23.24
C ALA E 85 -6.51 -24.18 23.46
N SER E 86 -7.10 -23.46 24.41
CA SER E 86 -8.52 -23.65 24.70
C SER E 86 -9.37 -23.33 23.49
N ARG E 87 -9.11 -22.21 22.82
CA ARG E 87 -9.88 -21.82 21.66
C ARG E 87 -9.74 -22.83 20.54
N GLU E 88 -8.52 -23.31 20.31
CA GLU E 88 -8.30 -24.28 19.23
C GLU E 88 -9.08 -25.57 19.49
N LEU E 89 -8.94 -26.11 20.70
CA LEU E 89 -9.67 -27.34 21.00
C LEU E 89 -11.17 -27.12 20.96
N ARG E 90 -11.64 -25.94 21.38
CA ARG E 90 -13.07 -25.66 21.34
C ARG E 90 -13.57 -25.61 19.91
N GLU E 91 -12.85 -24.90 19.03
CA GLU E 91 -13.23 -24.85 17.63
C GLU E 91 -13.30 -26.26 17.05
N TRP E 92 -12.28 -27.08 17.29
CA TRP E 92 -12.32 -28.43 16.76
C TRP E 92 -13.52 -29.20 17.30
N ILE E 93 -13.79 -29.08 18.60
CA ILE E 93 -14.93 -29.77 19.19
C ILE E 93 -16.22 -29.36 18.47
N LYS E 94 -16.38 -28.07 18.20
CA LYS E 94 -17.64 -27.59 17.63
C LYS E 94 -17.89 -28.13 16.23
N ARG E 95 -16.84 -28.59 15.55
CA ARG E 95 -17.04 -29.20 14.23
C ARG E 95 -17.42 -30.67 14.30
N ARG E 96 -17.82 -31.19 15.46
CA ARG E 96 -18.24 -32.58 15.60
C ARG E 96 -17.11 -33.55 15.32
N LEU E 97 -15.87 -33.05 15.29
CA LEU E 97 -14.72 -33.95 15.31
C LEU E 97 -14.72 -34.79 16.59
N ILE E 98 -15.05 -34.16 17.71
CA ILE E 98 -15.14 -34.84 19.00
C ILE E 98 -16.20 -34.15 19.84
N VAL E 99 -17.16 -34.91 20.34
CA VAL E 99 -18.18 -34.37 21.23
C VAL E 99 -17.61 -34.24 22.64
N GLU E 100 -18.23 -33.37 23.43
CA GLU E 100 -17.85 -33.19 24.83
C GLU E 100 -19.00 -33.61 25.72
N ARG E 101 -18.69 -34.35 26.77
CA ARG E 101 -19.68 -34.77 27.77
C ARG E 101 -18.98 -35.00 29.09
N ASP E 102 -19.70 -34.71 30.17
CA ASP E 102 -19.16 -34.88 31.53
C ASP E 102 -17.82 -34.18 31.68
N GLY E 103 -17.71 -32.97 31.14
CA GLY E 103 -16.45 -32.26 31.18
C GLY E 103 -15.31 -32.99 30.49
N ARG E 104 -15.61 -34.01 29.71
CA ARG E 104 -14.60 -34.85 29.07
C ARG E 104 -14.83 -34.93 27.57
N ILE E 105 -13.75 -34.78 26.80
CA ILE E 105 -13.83 -35.01 25.37
C ILE E 105 -13.92 -36.51 25.11
N PHE E 106 -14.36 -36.86 23.90
CA PHE E 106 -14.49 -38.25 23.50
C PHE E 106 -14.17 -38.39 22.02
N ALA E 107 -13.54 -39.51 21.66
CA ALA E 107 -13.11 -39.72 20.29
C ALA E 107 -14.25 -40.29 19.45
N THR E 108 -14.21 -39.99 18.15
CA THR E 108 -15.23 -40.41 17.21
C THR E 108 -14.59 -41.02 15.97
N ASP E 109 -15.44 -41.43 15.02
CA ASP E 109 -14.97 -42.13 13.83
C ASP E 109 -14.08 -41.24 12.97
N ALA E 110 -14.46 -39.97 12.81
CA ALA E 110 -13.68 -39.07 11.96
C ALA E 110 -12.23 -39.03 12.40
N LEU E 111 -11.98 -38.81 13.69
CA LEU E 111 -10.62 -38.84 14.21
C LEU E 111 -9.99 -40.20 13.97
N GLU E 112 -10.78 -41.27 14.08
CA GLU E 112 -10.24 -42.61 13.89
C GLU E 112 -9.62 -42.76 12.50
N VAL E 113 -10.37 -42.37 11.46
CA VAL E 113 -9.84 -42.51 10.10
C VAL E 113 -8.70 -41.51 9.88
N ALA E 114 -8.85 -40.28 10.37
CA ALA E 114 -7.78 -39.30 10.23
C ALA E 114 -6.47 -39.85 10.77
N ILE E 115 -6.53 -40.59 11.89
CA ILE E 115 -5.34 -41.25 12.42
C ILE E 115 -4.93 -42.41 11.53
N THR E 116 -5.89 -43.23 11.11
CA THR E 116 -5.56 -44.41 10.30
C THR E 116 -4.74 -44.03 9.08
N PHE E 117 -5.00 -42.86 8.50
CA PHE E 117 -4.21 -42.38 7.38
C PHE E 117 -2.75 -42.18 7.78
N VAL E 118 -2.50 -41.34 8.78
CA VAL E 118 -1.15 -40.84 9.04
C VAL E 118 -0.20 -42.00 9.30
N GLU E 119 -0.59 -42.93 10.16
CA GLU E 119 0.32 -43.99 10.58
C GLU E 119 0.79 -44.85 9.41
N SER E 120 0.06 -44.85 8.30
CA SER E 120 0.44 -45.64 7.13
C SER E 120 1.37 -44.89 6.19
N LEU E 121 1.82 -43.71 6.56
CA LEU E 121 2.73 -42.93 5.73
C LEU E 121 4.14 -43.51 5.78
N ASP E 122 4.40 -44.53 4.98
CA ASP E 122 5.73 -45.13 4.90
C ASP E 122 6.68 -44.12 4.26
N ASN E 123 7.59 -43.57 5.05
CA ASN E 123 8.52 -42.56 4.57
C ASN E 123 9.62 -43.14 3.70
N ARG E 124 9.52 -44.41 3.30
CA ARG E 124 10.52 -45.02 2.43
C ARG E 124 10.45 -44.51 1.00
N PHE E 125 9.67 -43.48 0.72
CA PHE E 125 9.51 -42.98 -0.64
C PHE E 125 10.81 -42.36 -1.13
N MET E 126 10.81 -41.86 -2.36
CA MET E 126 12.02 -41.35 -3.00
C MET E 126 13.09 -42.45 -2.99
N THR E 127 12.78 -43.52 -3.72
CA THR E 127 13.52 -44.77 -3.61
C THR E 127 15.02 -44.52 -3.72
N SER E 128 15.77 -45.15 -2.83
CA SER E 128 17.22 -45.10 -2.79
C SER E 128 17.87 -45.92 -3.89
N THR E 129 17.08 -46.41 -4.84
CA THR E 129 17.57 -47.11 -6.03
C THR E 129 18.48 -48.28 -5.68
N ALA E 130 18.17 -49.00 -4.60
CA ALA E 130 18.95 -50.16 -4.17
C ALA E 130 20.42 -49.82 -3.97
N SER E 131 20.74 -48.54 -3.82
CA SER E 131 22.11 -48.15 -3.50
C SER E 131 22.48 -48.67 -2.12
N ARG E 132 23.75 -49.05 -1.98
CA ARG E 132 24.18 -49.77 -0.78
C ARG E 132 23.67 -49.13 0.51
N LEU E 133 23.48 -47.81 0.50
CA LEU E 133 22.93 -47.14 1.68
C LEU E 133 21.65 -47.83 2.14
N SER E 134 20.75 -48.13 1.21
CA SER E 134 19.47 -48.73 1.57
C SER E 134 19.66 -50.11 2.19
N THR E 135 20.59 -50.90 1.65
CA THR E 135 20.84 -52.22 2.21
C THR E 135 21.31 -52.14 3.64
N VAL E 136 22.21 -51.20 3.94
CA VAL E 136 22.69 -51.02 5.31
C VAL E 136 21.54 -50.60 6.21
N GLN E 137 20.74 -49.64 5.75
CA GLN E 137 19.60 -49.20 6.55
C GLN E 137 18.66 -50.35 6.87
N ARG E 138 18.36 -51.18 5.88
CA ARG E 138 17.39 -52.25 6.08
C ARG E 138 17.96 -53.36 6.94
N GLU E 139 19.26 -53.66 6.82
CA GLU E 139 19.85 -54.66 7.69
C GLU E 139 19.87 -54.16 9.14
N ILE E 140 20.14 -52.87 9.34
CA ILE E 140 20.01 -52.30 10.68
C ILE E 140 18.57 -52.44 11.16
N GLU E 141 17.59 -52.16 10.30
CA GLU E 141 16.21 -52.43 10.64
C GLU E 141 16.04 -53.84 11.20
N ASN E 142 16.42 -54.84 10.41
CA ASN E 142 16.20 -56.23 10.83
C ASN E 142 16.89 -56.53 12.15
N LEU E 143 18.15 -56.11 12.32
CA LEU E 143 18.84 -56.41 13.56
C LEU E 143 18.16 -55.74 14.74
N GLU E 144 17.73 -54.50 14.57
CA GLU E 144 17.07 -53.78 15.66
C GLU E 144 15.91 -54.57 16.23
N THR E 145 14.92 -54.89 15.39
CA THR E 145 13.75 -55.61 15.88
C THR E 145 14.13 -56.99 16.42
N ARG E 146 15.23 -57.56 15.94
CA ARG E 146 15.66 -58.87 16.41
C ARG E 146 15.96 -58.87 17.91
N LEU E 147 16.23 -57.71 18.50
CA LEU E 147 16.51 -57.59 19.92
C LEU E 147 15.34 -56.99 20.69
N ASN E 148 14.12 -57.26 20.27
CA ASN E 148 12.93 -56.77 20.97
C ASN E 148 11.75 -57.72 20.75
N GLU E 181 -38.29 -58.31 -5.94
CA GLU E 181 -39.12 -58.94 -6.95
C GLU E 181 -40.42 -58.16 -7.15
N THR E 182 -41.13 -58.44 -8.24
CA THR E 182 -42.21 -57.57 -8.68
C THR E 182 -43.28 -57.43 -7.60
N HIS E 183 -43.77 -58.55 -7.06
CA HIS E 183 -44.86 -58.49 -6.10
C HIS E 183 -44.50 -57.62 -4.90
N GLN E 184 -43.24 -57.65 -4.46
CA GLN E 184 -42.83 -56.85 -3.33
C GLN E 184 -42.57 -55.40 -3.73
N ALA E 185 -42.17 -55.18 -4.99
CA ALA E 185 -41.66 -53.88 -5.40
C ALA E 185 -42.72 -52.80 -5.30
N VAL E 186 -43.93 -53.09 -5.79
CA VAL E 186 -44.98 -52.08 -5.78
C VAL E 186 -45.27 -51.64 -4.35
N GLU E 187 -45.41 -52.60 -3.43
CA GLU E 187 -45.73 -52.27 -2.05
C GLU E 187 -44.60 -51.52 -1.38
N HIS E 188 -43.35 -51.93 -1.59
CA HIS E 188 -42.23 -51.22 -0.97
C HIS E 188 -42.16 -49.79 -1.47
N ILE E 189 -42.28 -49.59 -2.79
CA ILE E 189 -42.17 -48.25 -3.34
C ILE E 189 -43.34 -47.39 -2.88
N ARG E 190 -44.54 -47.97 -2.80
CA ARG E 190 -45.68 -47.23 -2.30
C ARG E 190 -45.48 -46.83 -0.84
N ASP E 191 -44.89 -47.71 -0.05
CA ASP E 191 -44.58 -47.35 1.33
C ASP E 191 -43.61 -46.19 1.39
N VAL E 192 -42.58 -46.21 0.54
CA VAL E 192 -41.64 -45.09 0.50
C VAL E 192 -42.36 -43.81 0.14
N TYR E 193 -43.27 -43.86 -0.85
CA TYR E 193 -44.03 -42.68 -1.21
C TYR E 193 -44.87 -42.19 -0.04
N ASN E 194 -45.50 -43.11 0.69
CA ASN E 194 -46.29 -42.73 1.85
C ASN E 194 -45.42 -42.00 2.86
N LEU E 195 -44.23 -42.51 3.12
CA LEU E 195 -43.33 -41.88 4.08
C LEU E 195 -42.95 -40.48 3.62
N ALA E 196 -42.46 -40.36 2.39
CA ALA E 196 -42.02 -39.05 1.89
C ALA E 196 -43.18 -38.08 1.88
N SER E 197 -44.35 -38.52 1.40
CA SER E 197 -45.52 -37.64 1.36
C SER E 197 -45.82 -37.08 2.74
N SER E 198 -45.65 -37.89 3.79
CA SER E 198 -46.04 -37.47 5.14
C SER E 198 -45.32 -36.18 5.54
N LEU E 199 -44.06 -36.01 5.16
CA LEU E 199 -43.33 -34.81 5.55
C LEU E 199 -44.11 -33.55 5.22
N ARG E 200 -44.75 -33.51 4.05
CA ARG E 200 -45.41 -32.30 3.59
C ARG E 200 -46.63 -31.92 4.43
N ALA E 201 -46.92 -32.66 5.50
CA ALA E 201 -47.97 -32.26 6.43
C ALA E 201 -47.38 -31.66 7.70
N ASP E 202 -46.27 -32.23 8.17
CA ASP E 202 -45.68 -31.77 9.43
C ASP E 202 -45.24 -30.31 9.35
N PHE E 203 -44.85 -29.85 8.16
CA PHE E 203 -44.51 -28.44 8.03
C PHE E 203 -45.74 -27.56 8.24
N ARG E 204 -46.89 -27.98 7.71
CA ARG E 204 -48.14 -27.28 8.00
C ARG E 204 -48.44 -27.32 9.49
N ARG E 205 -48.18 -28.44 10.15
CA ARG E 205 -48.42 -28.52 11.58
C ARG E 205 -47.53 -27.54 12.35
N VAL E 206 -46.28 -27.38 11.92
CA VAL E 206 -45.40 -26.39 12.53
C VAL E 206 -45.93 -24.99 12.30
N GLU E 207 -46.39 -24.71 11.08
CA GLU E 207 -47.06 -23.44 10.80
C GLU E 207 -48.20 -23.20 11.78
N ASP E 208 -48.95 -24.25 12.09
CA ASP E 208 -50.05 -24.12 13.04
C ASP E 208 -49.54 -23.63 14.38
N SER E 209 -48.44 -24.22 14.86
CA SER E 209 -47.89 -23.80 16.14
C SER E 209 -47.48 -22.34 16.11
N TRP E 210 -46.81 -21.91 15.03
CA TRP E 210 -46.35 -20.52 15.01
C TRP E 210 -47.52 -19.55 14.90
N ARG E 211 -48.53 -19.88 14.10
CA ARG E 211 -49.73 -19.03 14.05
C ARG E 211 -50.39 -18.94 15.43
N GLU E 212 -50.51 -20.07 16.13
CA GLU E 212 -51.12 -20.06 17.45
C GLU E 212 -50.32 -19.22 18.41
N ALA E 213 -48.99 -19.31 18.35
CA ALA E 213 -48.16 -18.51 19.22
C ALA E 213 -48.34 -17.02 18.93
N ASP E 214 -48.41 -16.66 17.65
CA ASP E 214 -48.66 -15.25 17.31
C ASP E 214 -50.00 -14.79 17.87
N ARG E 215 -51.03 -15.62 17.72
CA ARG E 215 -52.35 -15.27 18.24
C ARG E 215 -52.29 -15.03 19.73
N ALA E 216 -51.67 -15.96 20.48
CA ALA E 216 -51.59 -15.81 21.92
C ALA E 216 -50.77 -14.60 22.32
N LEU E 217 -49.68 -14.32 21.61
CA LEU E 217 -48.86 -13.16 21.94
C LEU E 217 -49.63 -11.86 21.74
N ARG E 218 -50.39 -11.76 20.65
CA ARG E 218 -51.21 -10.56 20.47
C ARG E 218 -52.28 -10.46 21.55
N GLN E 219 -52.92 -11.59 21.88
CA GLN E 219 -53.89 -11.61 22.96
C GLN E 219 -53.29 -11.03 24.24
N SER E 220 -52.11 -11.53 24.62
CA SER E 220 -51.45 -11.06 25.84
C SER E 220 -51.01 -9.62 25.74
N ILE E 221 -50.59 -9.16 24.55
CA ILE E 221 -50.21 -7.76 24.41
C ILE E 221 -51.41 -6.87 24.68
N ILE E 222 -52.60 -7.26 24.19
CA ILE E 222 -53.78 -6.46 24.51
C ILE E 222 -53.97 -6.39 26.02
N GLY E 223 -53.51 -7.40 26.75
CA GLY E 223 -53.46 -7.27 28.20
C GLY E 223 -52.50 -6.15 28.61
N GLU E 224 -52.83 -5.49 29.72
CA GLU E 224 -52.10 -4.30 30.13
C GLU E 224 -50.91 -4.61 31.03
N GLN E 225 -50.69 -5.88 31.37
CA GLN E 225 -49.89 -6.20 32.55
C GLN E 225 -48.43 -6.57 32.23
N TYR E 226 -48.04 -6.68 30.97
CA TYR E 226 -46.70 -7.19 30.66
C TYR E 226 -45.67 -6.09 30.56
N HIS E 227 -44.48 -6.37 31.07
CA HIS E 227 -43.32 -5.52 30.86
C HIS E 227 -42.85 -5.61 29.41
N ARG E 228 -41.83 -4.82 29.08
CA ARG E 228 -41.12 -5.08 27.84
C ARG E 228 -40.39 -6.42 27.92
N GLY E 229 -39.80 -6.72 29.07
CA GLY E 229 -39.09 -7.98 29.23
C GLY E 229 -39.98 -9.18 28.96
N ASP E 230 -41.21 -9.14 29.46
CA ASP E 230 -42.13 -10.24 29.22
C ASP E 230 -42.28 -10.52 27.73
N ILE E 231 -42.55 -9.49 26.95
CA ILE E 231 -42.76 -9.67 25.52
C ILE E 231 -41.48 -10.19 24.87
N VAL E 232 -40.35 -9.54 25.14
CA VAL E 232 -39.14 -9.88 24.41
C VAL E 232 -38.59 -11.23 24.86
N GLU E 233 -39.08 -11.76 25.99
CA GLU E 233 -38.58 -13.04 26.48
C GLU E 233 -39.49 -14.19 26.04
N ARG E 234 -40.80 -13.93 25.97
CA ARG E 234 -41.73 -14.98 25.57
C ARG E 234 -41.42 -15.47 24.16
N LEU E 235 -40.92 -14.58 23.30
CA LEU E 235 -40.59 -15.01 21.93
C LEU E 235 -39.46 -16.03 21.93
N LEU E 236 -38.41 -15.78 22.73
CA LEU E 236 -37.34 -16.76 22.83
C LEU E 236 -37.84 -18.06 23.45
N ASN E 237 -38.72 -17.96 24.46
CA ASN E 237 -39.30 -19.17 25.02
C ASN E 237 -40.05 -19.97 23.96
N ASP E 238 -40.78 -19.28 23.09
CA ASP E 238 -41.42 -19.96 21.96
C ASP E 238 -40.38 -20.62 21.07
N GLN E 239 -39.34 -19.89 20.69
CA GLN E 239 -38.32 -20.45 19.81
C GLN E 239 -37.77 -21.75 20.37
N ASP E 240 -37.49 -21.78 21.68
CA ASP E 240 -37.04 -23.03 22.29
C ASP E 240 -38.20 -24.00 22.51
N ALA E 241 -39.43 -23.49 22.52
CA ALA E 241 -40.58 -24.38 22.72
C ALA E 241 -40.71 -25.39 21.59
N LEU E 242 -40.49 -24.95 20.35
CA LEU E 242 -40.68 -25.80 19.18
C LEU E 242 -39.41 -26.51 18.75
N LEU E 243 -38.49 -26.78 19.68
CA LEU E 243 -37.44 -27.76 19.49
C LEU E 243 -37.69 -29.04 20.27
N ASN E 244 -38.95 -29.30 20.64
CA ASN E 244 -39.28 -30.43 21.51
C ASN E 244 -40.13 -31.46 20.78
N THR E 245 -41.23 -31.02 20.18
CA THR E 245 -42.15 -31.95 19.54
C THR E 245 -41.49 -32.63 18.34
N PRO E 246 -41.96 -33.83 17.98
CA PRO E 246 -41.36 -34.52 16.82
C PRO E 246 -41.37 -33.68 15.56
N GLU E 247 -42.47 -32.94 15.31
CA GLU E 247 -42.53 -32.08 14.14
C GLU E 247 -41.44 -31.02 14.16
N GLY E 248 -41.33 -30.28 15.26
CA GLY E 248 -40.32 -29.24 15.35
C GLY E 248 -38.91 -29.79 15.26
N ARG E 249 -38.66 -30.94 15.90
CA ARG E 249 -37.36 -31.57 15.78
C ARG E 249 -37.07 -31.94 14.33
N VAL E 250 -38.07 -32.48 13.63
CA VAL E 250 -37.90 -32.78 12.21
C VAL E 250 -37.46 -31.53 11.47
N PHE E 251 -38.16 -30.43 11.70
CA PHE E 251 -37.90 -29.23 10.92
C PHE E 251 -36.49 -28.71 11.20
N ASP E 252 -36.14 -28.51 12.47
CA ASP E 252 -34.83 -27.96 12.78
C ASP E 252 -33.72 -28.91 12.36
N SER E 253 -33.97 -30.21 12.39
CA SER E 253 -33.01 -31.16 11.84
C SER E 253 -32.81 -30.92 10.36
N PHE E 254 -33.91 -30.71 9.62
CA PHE E 254 -33.79 -30.47 8.19
C PHE E 254 -33.02 -29.19 7.91
N GLN E 255 -33.31 -28.12 8.65
CA GLN E 255 -32.72 -26.82 8.31
C GLN E 255 -31.21 -26.91 8.19
N GLN E 256 -30.55 -27.55 9.16
CA GLN E 256 -29.11 -27.72 9.07
C GLN E 256 -28.71 -28.52 7.83
N GLN E 257 -29.59 -29.38 7.34
CA GLN E 257 -29.20 -30.24 6.23
C GLN E 257 -29.24 -29.52 4.90
N LEU E 258 -29.33 -28.20 4.88
CA LEU E 258 -28.99 -27.41 3.71
C LEU E 258 -27.58 -26.83 3.80
N ARG E 259 -27.14 -26.49 5.01
CA ARG E 259 -25.80 -25.95 5.19
C ARG E 259 -24.74 -27.00 4.89
N GLN E 260 -24.86 -28.18 5.49
CA GLN E 260 -23.99 -29.31 5.21
C GLN E 260 -24.69 -30.23 4.22
N SER E 261 -24.67 -29.84 2.95
CA SER E 261 -25.57 -30.41 1.96
C SER E 261 -25.51 -31.93 1.92
N SER E 262 -24.34 -32.52 2.18
CA SER E 262 -24.18 -33.96 2.35
C SER E 262 -25.31 -34.78 1.73
N GLU E 263 -26.35 -35.06 2.51
CA GLU E 263 -27.37 -36.00 2.09
C GLU E 263 -28.22 -35.49 0.94
N LEU E 264 -28.51 -34.18 0.90
CA LEU E 264 -29.54 -33.67 0.00
C LEU E 264 -29.13 -33.76 -1.47
N LYS E 265 -27.99 -34.37 -1.78
CA LYS E 265 -27.76 -34.95 -3.09
C LYS E 265 -28.07 -36.44 -3.09
N ALA E 266 -27.79 -37.11 -1.97
CA ALA E 266 -28.02 -38.55 -1.88
C ALA E 266 -29.49 -38.89 -2.07
N MET E 267 -30.39 -38.16 -1.42
CA MET E 267 -31.81 -38.49 -1.49
C MET E 267 -32.32 -38.41 -2.92
N SER E 268 -32.14 -37.26 -3.57
CA SER E 268 -32.60 -37.10 -4.94
C SER E 268 -31.93 -38.12 -5.85
N GLU E 269 -30.63 -38.35 -5.67
CA GLU E 269 -29.91 -39.25 -6.55
C GLU E 269 -30.47 -40.67 -6.46
N ARG E 270 -30.57 -41.20 -5.23
CA ARG E 270 -31.11 -42.53 -5.05
C ARG E 270 -32.54 -42.63 -5.57
N LEU E 271 -33.36 -41.61 -5.31
CA LEU E 271 -34.71 -41.65 -5.86
C LEU E 271 -34.68 -41.73 -7.37
N ARG E 272 -33.80 -40.97 -8.02
CA ARG E 272 -33.62 -41.11 -9.45
C ARG E 272 -33.28 -42.54 -9.82
N VAL E 273 -32.47 -43.20 -9.00
CA VAL E 273 -32.13 -44.60 -9.26
C VAL E 273 -33.39 -45.46 -9.20
N ILE E 274 -34.17 -45.32 -8.12
CA ILE E 274 -35.33 -46.19 -7.95
C ILE E 274 -36.32 -45.99 -9.09
N LEU E 275 -36.64 -44.74 -9.41
CA LEU E 275 -37.59 -44.48 -10.49
C LEU E 275 -37.09 -44.98 -11.84
N SER E 276 -35.79 -45.24 -11.97
CA SER E 276 -35.25 -45.81 -13.19
C SER E 276 -35.61 -47.29 -13.35
N HIS E 277 -36.07 -47.95 -12.30
CA HIS E 277 -36.44 -49.35 -12.40
C HIS E 277 -37.74 -49.49 -13.17
N PRO E 278 -37.85 -50.42 -14.12
CA PRO E 278 -39.08 -50.50 -14.93
C PRO E 278 -40.35 -50.71 -14.10
N SER E 279 -40.38 -51.75 -13.27
CA SER E 279 -41.60 -52.09 -12.54
C SER E 279 -42.18 -50.91 -11.78
N ALA E 280 -41.38 -49.89 -11.46
CA ALA E 280 -41.90 -48.73 -10.77
C ALA E 280 -43.09 -48.13 -11.50
N SER E 281 -43.10 -48.23 -12.83
CA SER E 281 -44.21 -47.68 -13.60
C SER E 281 -45.56 -48.19 -13.11
N ASP E 282 -45.66 -49.49 -12.84
CA ASP E 282 -46.89 -50.07 -12.33
C ASP E 282 -47.18 -49.62 -10.90
N ALA E 283 -46.15 -49.43 -10.08
CA ALA E 283 -46.37 -49.12 -8.67
C ALA E 283 -47.08 -47.78 -8.51
N LEU E 284 -46.67 -46.77 -9.28
CA LEU E 284 -47.11 -45.40 -9.08
C LEU E 284 -47.69 -44.86 -10.38
N ASN E 285 -48.75 -44.06 -10.26
CA ASN E 285 -49.26 -43.34 -11.42
C ASN E 285 -48.27 -42.26 -11.82
N ARG E 286 -48.45 -41.76 -13.05
CA ARG E 286 -47.44 -40.88 -13.65
C ARG E 286 -47.23 -39.62 -12.82
N LEU E 287 -48.31 -39.00 -12.35
CA LEU E 287 -48.17 -37.73 -11.62
C LEU E 287 -47.35 -37.92 -10.36
N GLN E 288 -47.65 -38.96 -9.58
CA GLN E 288 -46.81 -39.31 -8.44
C GLN E 288 -45.34 -39.31 -8.85
N ARG E 289 -44.99 -40.15 -9.83
CA ARG E 289 -43.59 -40.31 -10.19
C ARG E 289 -42.95 -38.97 -10.52
N HIS E 290 -43.66 -38.12 -11.27
CA HIS E 290 -43.13 -36.78 -11.52
C HIS E 290 -42.88 -36.05 -10.21
N ASP E 291 -43.86 -36.06 -9.31
CA ASP E 291 -43.73 -35.31 -8.07
C ASP E 291 -42.57 -35.82 -7.23
N LEU E 292 -42.44 -37.13 -7.09
CA LEU E 292 -41.40 -37.68 -6.22
C LEU E 292 -40.01 -37.31 -6.74
N ARG E 293 -39.82 -37.35 -8.06
CA ARG E 293 -38.51 -37.06 -8.63
C ARG E 293 -37.97 -35.72 -8.18
N TRP E 294 -38.85 -34.74 -7.99
CA TRP E 294 -38.47 -33.40 -7.55
C TRP E 294 -38.81 -33.15 -6.08
N LEU E 295 -38.67 -34.18 -5.24
CA LEU E 295 -39.06 -34.06 -3.83
C LEU E 295 -38.36 -32.88 -3.16
N VAL E 296 -37.04 -32.80 -3.33
CA VAL E 296 -36.24 -31.83 -2.59
C VAL E 296 -36.70 -30.40 -2.92
N LYS E 297 -36.97 -30.13 -4.20
CA LYS E 297 -37.41 -28.78 -4.56
C LYS E 297 -38.69 -28.42 -3.84
N ARG E 298 -39.66 -29.33 -3.85
CA ARG E 298 -40.94 -29.02 -3.27
C ARG E 298 -40.83 -28.86 -1.76
N LEU E 299 -39.95 -29.61 -1.11
CA LEU E 299 -39.74 -29.36 0.31
C LEU E 299 -39.10 -27.99 0.54
N VAL E 300 -38.06 -27.66 -0.22
CA VAL E 300 -37.40 -26.37 -0.03
C VAL E 300 -38.40 -25.24 -0.20
N ASP E 301 -39.24 -25.32 -1.21
CA ASP E 301 -40.20 -24.27 -1.48
C ASP E 301 -41.36 -24.27 -0.50
N GLU E 302 -41.68 -25.42 0.08
CA GLU E 302 -42.72 -25.46 1.10
C GLU E 302 -42.24 -24.80 2.40
N SER E 303 -40.98 -25.03 2.76
CA SER E 303 -40.45 -24.47 4.00
C SER E 303 -40.55 -22.95 4.01
N GLN E 304 -40.59 -22.31 2.84
CA GLN E 304 -40.73 -20.86 2.79
C GLN E 304 -41.97 -20.40 3.56
N THR E 305 -43.04 -21.18 3.51
CA THR E 305 -44.26 -20.77 4.20
C THR E 305 -44.03 -20.62 5.69
N VAL E 306 -43.36 -21.60 6.31
CA VAL E 306 -43.22 -21.60 7.76
C VAL E 306 -42.42 -20.39 8.23
N LEU E 307 -41.32 -20.08 7.56
CA LEU E 307 -40.50 -18.96 8.00
C LEU E 307 -41.35 -17.69 8.14
N GLN E 308 -42.19 -17.41 7.14
CA GLN E 308 -43.12 -16.30 7.26
C GLN E 308 -44.10 -16.53 8.40
N ALA E 309 -44.59 -17.76 8.55
CA ALA E 309 -45.55 -18.05 9.61
C ALA E 309 -44.97 -17.72 10.99
N ARG E 310 -43.64 -17.75 11.12
CA ARG E 310 -42.99 -17.32 12.34
C ARG E 310 -42.76 -15.82 12.32
N ALA E 311 -42.48 -15.27 11.13
CA ALA E 311 -42.17 -13.85 10.96
C ALA E 311 -43.08 -12.95 11.78
N ARG E 312 -44.41 -13.10 11.59
CA ARG E 312 -45.36 -12.19 12.23
C ARG E 312 -44.97 -11.90 13.68
N SER E 313 -44.78 -12.95 14.48
CA SER E 313 -44.32 -12.75 15.85
C SER E 313 -42.97 -12.07 15.89
N GLU E 314 -42.08 -12.37 14.94
CA GLU E 314 -40.79 -11.71 14.89
C GLU E 314 -40.91 -10.21 14.63
N ARG E 315 -42.07 -9.76 14.16
CA ARG E 315 -42.33 -8.35 13.88
C ARG E 315 -43.19 -7.69 14.94
N ASP E 316 -43.99 -8.47 15.68
CA ASP E 316 -44.90 -7.90 16.67
C ASP E 316 -44.13 -7.17 17.77
N VAL E 317 -43.10 -7.80 18.32
CA VAL E 317 -42.42 -7.23 19.47
C VAL E 317 -41.88 -5.84 19.15
N ARG E 318 -41.32 -5.66 17.95
CA ARG E 318 -40.89 -4.32 17.56
C ARG E 318 -42.06 -3.34 17.57
N GLY E 319 -43.29 -3.85 17.48
CA GLY E 319 -44.44 -2.98 17.54
C GLY E 319 -44.66 -2.37 18.91
N PHE E 320 -44.04 -2.94 19.94
CA PHE E 320 -44.24 -2.48 21.31
C PHE E 320 -43.05 -1.70 21.87
N MET E 321 -41.82 -1.99 21.42
CA MET E 321 -40.67 -1.25 21.91
C MET E 321 -40.80 0.25 21.61
N LYS E 322 -41.19 0.61 20.38
CA LYS E 322 -41.11 2.01 19.96
C LYS E 322 -42.19 2.86 20.60
N THR E 323 -43.46 2.54 20.33
CA THR E 323 -44.55 3.41 20.74
C THR E 323 -44.89 3.23 22.22
N GLY E 324 -43.94 3.52 23.10
CA GLY E 324 -44.22 3.55 24.51
C GLY E 324 -45.30 4.55 24.82
N LEU E 325 -46.33 4.12 25.55
CA LEU E 325 -47.47 5.00 25.81
C LEU E 325 -47.02 6.29 26.46
N ALA E 326 -47.53 7.41 25.94
CA ALA E 326 -47.15 8.72 26.45
C ALA E 326 -48.22 9.74 26.07
N ALA E 327 -48.22 10.85 26.80
CA ALA E 327 -49.09 12.00 26.52
C ALA E 327 -50.55 11.52 26.46
N GLU E 328 -51.41 12.27 25.76
CA GLU E 328 -52.79 11.85 25.59
C GLU E 328 -52.87 10.48 24.92
N HIS E 329 -51.86 10.13 24.12
CA HIS E 329 -51.84 8.83 23.45
C HIS E 329 -51.81 7.69 24.46
N HIS E 330 -51.02 7.85 25.54
CA HIS E 330 -51.00 6.83 26.58
C HIS E 330 -52.41 6.50 27.04
N ARG E 331 -53.17 7.52 27.40
CA ARG E 331 -54.44 7.31 28.09
C ARG E 331 -55.53 6.88 27.11
N VAL E 332 -55.52 7.42 25.88
CA VAL E 332 -56.47 6.91 24.89
C VAL E 332 -56.21 5.43 24.63
N GLY E 333 -54.94 5.06 24.45
CA GLY E 333 -54.62 3.66 24.23
C GLY E 333 -54.97 2.79 25.42
N HIS E 334 -54.78 3.31 26.63
CA HIS E 334 -55.18 2.57 27.82
C HIS E 334 -56.69 2.30 27.81
N LEU E 335 -57.48 3.32 27.48
CA LEU E 335 -58.92 3.11 27.40
C LEU E 335 -59.28 2.11 26.32
N LEU E 336 -58.62 2.19 25.17
CA LEU E 336 -58.88 1.25 24.09
C LEU E 336 -58.58 -0.17 24.54
N ASN E 337 -57.45 -0.35 25.23
CA ASN E 337 -57.07 -1.67 25.72
C ASN E 337 -58.08 -2.18 26.74
N GLU E 338 -58.53 -1.31 27.65
CA GLU E 338 -59.55 -1.71 28.61
C GLU E 338 -60.80 -2.18 27.89
N PHE E 339 -61.29 -1.39 26.95
CA PHE E 339 -62.49 -1.77 26.20
C PHE E 339 -62.29 -3.11 25.50
N LEU E 340 -61.14 -3.27 24.83
CA LEU E 340 -60.88 -4.53 24.13
C LEU E 340 -60.89 -5.70 25.09
N ASN E 341 -60.23 -5.56 26.24
CA ASN E 341 -60.20 -6.64 27.23
C ASN E 341 -61.60 -6.97 27.72
N LEU E 342 -62.40 -5.95 28.03
CA LEU E 342 -63.76 -6.17 28.50
C LEU E 342 -64.59 -6.87 27.43
N ALA E 343 -64.41 -6.47 26.16
CA ALA E 343 -65.19 -7.08 25.08
C ALA E 343 -65.02 -8.59 25.02
N LEU E 344 -63.87 -9.10 25.44
CA LEU E 344 -63.64 -10.55 25.40
C LEU E 344 -64.71 -11.34 26.16
N LYS E 345 -65.26 -10.76 27.23
CA LYS E 345 -66.20 -11.50 28.06
C LYS E 345 -67.44 -11.94 27.29
N LEU E 346 -67.79 -11.21 26.24
CA LEU E 346 -69.09 -11.38 25.60
C LEU E 346 -69.13 -12.63 24.73
N ASP E 347 -70.35 -13.07 24.43
CA ASP E 347 -70.61 -14.11 23.44
C ASP E 347 -70.92 -13.42 22.13
N TRP E 348 -69.92 -13.37 21.23
CA TRP E 348 -69.99 -12.55 20.04
C TRP E 348 -70.68 -13.26 18.87
N GLN E 349 -71.15 -14.49 19.06
CA GLN E 349 -71.59 -15.29 17.92
C GLN E 349 -72.90 -14.78 17.33
N ARG E 350 -73.84 -14.35 18.18
CA ARG E 350 -75.20 -14.10 17.71
C ARG E 350 -75.29 -12.77 16.97
N GLN E 351 -75.88 -12.82 15.77
CA GLN E 351 -76.04 -11.61 14.97
C GLN E 351 -76.98 -10.62 15.65
N MET E 352 -78.09 -11.11 16.18
CA MET E 352 -79.03 -10.25 16.89
C MET E 352 -78.39 -9.68 18.16
N ILE E 353 -77.67 -10.50 18.91
CA ILE E 353 -76.85 -9.97 20.00
C ILE E 353 -75.84 -8.99 19.44
N ARG E 354 -75.30 -9.29 18.26
CA ARG E 354 -74.46 -8.32 17.57
C ARG E 354 -75.24 -7.07 17.20
N LYS E 355 -76.47 -7.21 16.73
CA LYS E 355 -77.22 -6.04 16.26
C LYS E 355 -77.62 -5.09 17.38
N GLN E 356 -77.18 -5.33 18.61
CA GLN E 356 -77.48 -4.38 19.68
C GLN E 356 -76.76 -3.06 19.42
N GLU E 357 -77.45 -1.96 19.73
CA GLU E 357 -77.05 -0.63 19.31
C GLU E 357 -76.29 0.07 20.43
N VAL E 358 -75.26 0.83 20.07
CA VAL E 358 -74.34 1.43 21.05
C VAL E 358 -74.73 2.87 21.31
N PRO E 359 -74.24 3.48 22.40
CA PRO E 359 -74.59 4.88 22.69
C PRO E 359 -73.69 5.90 21.99
N LEU E 360 -72.93 5.46 20.98
CA LEU E 360 -71.98 6.36 20.36
C LEU E 360 -72.70 7.54 19.72
N PRO E 361 -72.06 8.71 19.66
CA PRO E 361 -72.75 9.92 19.19
C PRO E 361 -72.87 9.94 17.67
N ALA E 362 -73.99 10.49 17.20
CA ALA E 362 -74.19 10.65 15.76
C ALA E 362 -73.44 11.88 15.26
N VAL E 363 -72.27 11.65 14.67
CA VAL E 363 -71.45 12.71 14.12
C VAL E 363 -71.16 12.39 12.67
N GLY E 364 -70.90 13.43 11.88
CA GLY E 364 -70.77 13.24 10.45
C GLY E 364 -72.02 12.69 9.80
N VAL E 365 -73.19 13.20 10.20
CA VAL E 365 -74.47 12.71 9.72
C VAL E 365 -74.61 13.06 8.25
N ALA E 366 -75.04 12.10 7.43
CA ALA E 366 -75.27 12.38 6.02
C ALA E 366 -76.71 12.80 5.80
N VAL E 367 -76.90 14.01 5.28
CA VAL E 367 -78.21 14.57 4.98
C VAL E 367 -78.32 14.68 3.47
N THR E 368 -79.27 13.95 2.88
CA THR E 368 -79.40 13.91 1.43
C THR E 368 -80.65 13.11 1.09
N GLY E 369 -80.89 12.97 -0.21
CA GLY E 369 -82.02 12.19 -0.68
C GLY E 369 -83.38 12.81 -0.41
N ILE E 370 -83.56 14.09 -0.73
CA ILE E 370 -84.86 14.73 -0.50
C ILE E 370 -85.89 14.07 -1.41
N PRO E 371 -87.08 13.66 -0.89
CA PRO E 371 -88.10 13.01 -1.72
C PRO E 371 -89.03 13.99 -2.42
N ALA E 372 -88.45 14.91 -3.20
CA ALA E 372 -89.24 15.92 -3.89
C ALA E 372 -89.88 15.32 -5.15
N ILE E 373 -91.02 15.88 -5.54
CA ILE E 373 -91.74 15.37 -6.71
C ILE E 373 -90.93 15.62 -7.98
N GLU E 374 -90.23 16.75 -8.05
CA GLU E 374 -89.43 17.07 -9.23
C GLU E 374 -88.37 16.02 -9.50
N ARG E 375 -87.97 15.25 -8.48
CA ARG E 375 -86.95 14.23 -8.66
C ARG E 375 -87.40 13.11 -9.59
N LEU E 376 -88.69 13.02 -9.87
CA LEU E 376 -89.24 11.91 -10.64
C LEU E 376 -89.35 12.27 -12.12
N ARG E 377 -88.88 11.35 -12.96
CA ARG E 377 -89.06 11.47 -14.41
C ARG E 377 -89.43 10.11 -14.95
N PHE E 378 -89.96 10.10 -16.16
CA PHE E 378 -90.37 8.88 -16.83
C PHE E 378 -89.37 8.53 -17.94
N LYS E 379 -89.43 7.30 -18.43
CA LYS E 379 -88.68 6.96 -19.63
C LYS E 379 -89.16 7.85 -20.77
N GLU E 380 -88.21 8.47 -21.48
CA GLU E 380 -88.50 9.59 -22.35
C GLU E 380 -88.27 9.29 -23.83
N VAL E 381 -88.25 8.01 -24.22
CA VAL E 381 -88.06 7.62 -25.61
C VAL E 381 -88.94 6.42 -25.92
N ASP E 382 -89.31 6.29 -27.19
CA ASP E 382 -90.17 5.20 -27.64
C ASP E 382 -89.75 4.61 -28.97
N ASP E 383 -88.57 4.97 -29.48
CA ASP E 383 -88.16 4.53 -30.81
C ASP E 383 -87.79 3.05 -30.80
N GLU E 384 -87.71 2.47 -31.99
CA GLU E 384 -87.35 1.07 -32.16
C GLU E 384 -87.00 0.81 -33.62
N ALA E 385 -85.95 0.02 -33.82
CA ALA E 385 -85.55 -0.39 -35.17
C ALA E 385 -84.46 -1.43 -35.05
N GLU E 386 -84.44 -2.35 -36.02
CA GLU E 386 -83.47 -3.42 -36.01
C GLU E 386 -82.12 -2.94 -36.56
N GLN E 387 -81.05 -3.57 -36.06
CA GLN E 387 -79.74 -3.45 -36.69
C GLN E 387 -79.76 -4.26 -37.97
N THR E 388 -80.37 -3.72 -39.03
CA THR E 388 -80.75 -4.48 -40.21
C THR E 388 -79.68 -5.48 -40.61
N LEU E 389 -80.09 -6.75 -40.69
CA LEU E 389 -79.14 -7.81 -41.02
C LEU E 389 -78.79 -7.77 -42.50
N ASP E 390 -77.54 -8.13 -42.81
CA ASP E 390 -77.05 -8.20 -44.19
C ASP E 390 -76.02 -9.32 -44.25
N LEU E 391 -76.47 -10.51 -44.64
CA LEU E 391 -75.60 -11.66 -44.81
C LEU E 391 -75.33 -11.96 -46.28
N SER E 392 -75.35 -10.93 -47.12
CA SER E 392 -75.01 -11.12 -48.53
C SER E 392 -73.60 -11.67 -48.65
N ASN E 393 -73.46 -12.80 -49.34
CA ASN E 393 -72.19 -13.51 -49.43
C ASN E 393 -71.26 -12.73 -50.37
N HIS E 394 -70.53 -11.79 -49.77
CA HIS E 394 -69.58 -11.00 -50.54
C HIS E 394 -68.37 -11.85 -50.92
N ALA E 395 -67.70 -11.43 -51.99
CA ALA E 395 -66.47 -12.07 -52.43
C ALA E 395 -65.66 -11.08 -53.23
N ALA E 396 -64.35 -11.31 -53.27
CA ALA E 396 -63.45 -10.40 -53.95
C ALA E 396 -63.64 -10.48 -55.46
N ASP E 397 -63.23 -9.41 -56.14
CA ASP E 397 -63.33 -9.30 -57.59
C ASP E 397 -61.92 -9.36 -58.16
N LEU E 398 -61.60 -10.48 -58.83
CA LEU E 398 -60.24 -10.77 -59.24
C LEU E 398 -59.71 -9.82 -60.30
N THR E 399 -60.56 -8.99 -60.91
CA THR E 399 -60.15 -8.17 -62.04
C THR E 399 -59.73 -6.76 -61.65
N GLN E 400 -59.66 -6.45 -60.35
CA GLN E 400 -59.63 -5.07 -59.90
C GLN E 400 -58.23 -4.59 -59.49
N ILE E 401 -57.23 -5.47 -59.45
CA ILE E 401 -55.90 -5.10 -58.97
C ILE E 401 -54.89 -5.19 -60.11
N GLY E 402 -53.79 -4.44 -59.95
CA GLY E 402 -52.88 -4.16 -61.03
C GLY E 402 -51.65 -5.05 -61.06
N ASP E 403 -50.74 -4.71 -61.99
CA ASP E 403 -49.63 -5.56 -62.34
C ASP E 403 -48.55 -5.66 -61.27
N ASP E 404 -48.55 -4.78 -60.27
CA ASP E 404 -47.66 -5.00 -59.13
C ASP E 404 -47.88 -6.38 -58.52
N PHE E 405 -49.11 -6.89 -58.63
CA PHE E 405 -49.44 -8.25 -58.23
C PHE E 405 -49.06 -9.26 -59.31
N TRP E 406 -49.47 -8.98 -60.55
CA TRP E 406 -49.45 -10.02 -61.57
C TRP E 406 -48.04 -10.28 -62.10
N ASP E 407 -47.24 -9.23 -62.24
CA ASP E 407 -45.83 -9.43 -62.58
C ASP E 407 -45.15 -10.31 -61.53
N ALA E 408 -45.43 -10.05 -60.25
CA ALA E 408 -44.91 -10.91 -59.20
C ALA E 408 -45.38 -12.35 -59.37
N PHE E 409 -46.66 -12.52 -59.71
CA PHE E 409 -47.15 -13.88 -59.98
C PHE E 409 -46.38 -14.51 -61.13
N ASN E 410 -45.76 -13.68 -61.97
CA ASN E 410 -45.00 -14.18 -63.11
C ASN E 410 -43.52 -14.22 -62.79
N GLY E 411 -43.19 -14.49 -61.53
CA GLY E 411 -41.79 -14.54 -61.14
C GLY E 411 -41.02 -15.54 -61.98
N LEU E 412 -39.87 -15.11 -62.46
CA LEU E 412 -39.02 -15.98 -63.28
C LEU E 412 -38.53 -17.15 -62.43
N ASP E 413 -38.77 -18.36 -62.93
CA ASP E 413 -38.28 -19.55 -62.25
C ASP E 413 -36.78 -19.71 -62.52
N ARG E 414 -36.09 -20.32 -61.55
CA ARG E 414 -34.69 -20.67 -61.70
C ARG E 414 -34.51 -22.15 -61.37
N GLU E 415 -35.48 -22.95 -61.79
CA GLU E 415 -35.48 -24.39 -61.61
C GLU E 415 -35.46 -25.08 -62.97
N VAL E 416 -36.39 -24.69 -63.84
CA VAL E 416 -36.45 -25.27 -65.18
C VAL E 416 -35.18 -24.93 -65.95
N LEU E 417 -34.73 -23.68 -65.86
CA LEU E 417 -33.50 -23.29 -66.53
C LEU E 417 -32.35 -24.20 -66.14
N ILE E 418 -32.31 -24.61 -64.88
CA ILE E 418 -31.22 -25.49 -64.42
C ILE E 418 -31.27 -26.81 -65.17
N GLN E 419 -32.46 -27.36 -65.36
CA GLN E 419 -32.60 -28.60 -66.12
C GLN E 419 -32.18 -28.38 -67.58
N GLN E 420 -32.60 -27.26 -68.16
CA GLN E 420 -32.31 -27.00 -69.57
C GLN E 420 -30.81 -26.81 -69.81
N THR E 421 -30.09 -26.25 -68.84
CA THR E 421 -28.64 -26.14 -69.00
C THR E 421 -28.03 -27.51 -69.27
N LEU E 422 -28.32 -28.48 -68.40
CA LEU E 422 -27.80 -29.82 -68.60
C LEU E 422 -28.35 -30.42 -69.89
N GLN E 423 -29.63 -30.21 -70.17
CA GLN E 423 -30.24 -30.78 -71.37
C GLN E 423 -29.47 -30.36 -72.62
N LEU E 424 -29.16 -29.07 -72.74
CA LEU E 424 -28.47 -28.57 -73.93
C LEU E 424 -27.00 -28.99 -73.93
N LEU E 425 -26.33 -28.84 -72.78
CA LEU E 425 -24.89 -29.10 -72.77
C LEU E 425 -24.59 -30.58 -72.97
N ALA E 426 -25.50 -31.47 -72.55
CA ALA E 426 -25.32 -32.89 -72.84
C ALA E 426 -25.30 -33.13 -74.34
N LYS E 427 -26.22 -32.48 -75.08
CA LYS E 427 -26.22 -32.61 -76.53
C LYS E 427 -24.93 -32.05 -77.11
N GLU E 428 -24.52 -30.85 -76.68
CA GLU E 428 -23.35 -30.23 -77.29
C GLU E 428 -22.06 -30.93 -76.91
N ASN E 429 -22.00 -31.51 -75.70
CA ASN E 429 -20.84 -32.30 -75.27
C ASN E 429 -19.53 -31.54 -75.50
N ARG E 430 -19.48 -30.29 -75.06
CA ARG E 430 -18.31 -29.46 -75.24
C ARG E 430 -18.45 -28.24 -74.36
N PRO E 431 -17.35 -27.51 -74.13
CA PRO E 431 -17.48 -26.21 -73.45
C PRO E 431 -18.19 -25.21 -74.34
N VAL E 432 -19.24 -24.59 -73.80
CA VAL E 432 -20.03 -23.60 -74.51
C VAL E 432 -20.05 -22.32 -73.69
N GLY E 433 -19.85 -21.19 -74.35
CA GLY E 433 -19.78 -19.93 -73.64
C GLY E 433 -21.15 -19.37 -73.30
N LEU E 434 -21.14 -18.40 -72.37
CA LEU E 434 -22.38 -17.79 -71.92
C LEU E 434 -23.16 -17.19 -73.10
N ALA E 435 -22.46 -16.48 -73.97
CA ALA E 435 -23.12 -15.83 -75.11
C ALA E 435 -23.89 -16.86 -75.94
N GLU E 436 -23.23 -17.95 -76.29
CA GLU E 436 -23.90 -18.99 -77.08
C GLU E 436 -25.11 -19.52 -76.36
N LEU E 437 -24.97 -19.84 -75.08
CA LEU E 437 -26.07 -20.45 -74.35
C LEU E 437 -27.27 -19.52 -74.28
N ALA E 438 -27.03 -18.24 -74.00
CA ALA E 438 -28.13 -17.28 -73.97
C ALA E 438 -28.76 -17.12 -75.35
N GLU E 439 -27.93 -17.06 -76.39
CA GLU E 439 -28.47 -16.91 -77.74
C GLU E 439 -29.28 -18.13 -78.17
N LEU E 440 -29.00 -19.29 -77.58
CA LEU E 440 -29.74 -20.50 -77.90
C LEU E 440 -31.03 -20.59 -77.10
N LEU E 441 -31.05 -20.01 -75.90
CA LEU E 441 -32.23 -20.03 -75.04
C LEU E 441 -32.56 -18.60 -74.62
N PRO E 442 -32.70 -17.68 -75.57
CA PRO E 442 -32.87 -16.25 -75.21
C PRO E 442 -34.00 -16.08 -74.21
N PRO E 443 -33.69 -15.66 -72.98
CA PRO E 443 -34.74 -15.49 -71.97
C PRO E 443 -35.24 -14.06 -71.90
N ALA E 444 -36.56 -13.94 -71.66
CA ALA E 444 -37.16 -12.62 -71.52
C ALA E 444 -36.67 -11.95 -70.25
N HIS E 445 -36.91 -12.56 -69.09
CA HIS E 445 -36.31 -12.13 -67.84
C HIS E 445 -34.85 -12.55 -67.85
N ASP E 446 -33.95 -11.60 -68.07
CA ASP E 446 -32.60 -11.93 -68.54
C ASP E 446 -31.55 -12.05 -67.44
N LEU E 447 -31.34 -11.00 -66.66
CA LEU E 447 -30.13 -10.91 -65.84
C LEU E 447 -29.96 -12.13 -64.93
N GLU E 448 -31.06 -12.58 -64.33
CA GLU E 448 -30.98 -13.70 -63.40
C GLU E 448 -30.40 -14.94 -64.08
N THR E 449 -30.69 -15.13 -65.37
CA THR E 449 -30.14 -16.28 -66.07
C THR E 449 -28.61 -16.22 -66.11
N PHE E 450 -28.06 -15.07 -66.50
CA PHE E 450 -26.61 -14.93 -66.52
C PHE E 450 -26.02 -15.13 -65.13
N ALA E 451 -26.66 -14.55 -64.11
CA ALA E 451 -26.17 -14.72 -62.75
C ALA E 451 -26.15 -16.20 -62.36
N VAL E 452 -27.21 -16.92 -62.70
CA VAL E 452 -27.30 -18.34 -62.35
C VAL E 452 -26.19 -19.13 -63.04
N TRP E 453 -25.99 -18.86 -64.34
CA TRP E 453 -24.94 -19.57 -65.06
C TRP E 453 -23.57 -19.28 -64.43
N ILE E 454 -23.30 -18.02 -64.12
CA ILE E 454 -22.00 -17.67 -63.55
C ILE E 454 -21.80 -18.38 -62.22
N GLY E 455 -22.82 -18.38 -61.37
CA GLY E 455 -22.70 -19.07 -60.09
C GLY E 455 -22.46 -20.56 -60.24
N MET E 456 -23.22 -21.19 -61.14
CA MET E 456 -23.01 -22.61 -61.41
C MET E 456 -21.59 -22.87 -61.87
N ALA E 457 -21.02 -21.94 -62.63
CA ALA E 457 -19.63 -22.10 -63.04
C ALA E 457 -18.70 -22.19 -61.84
N ARG E 458 -18.88 -21.30 -60.86
CA ARG E 458 -18.05 -21.36 -59.66
C ARG E 458 -18.26 -22.67 -58.91
N GLU E 459 -19.53 -23.08 -58.76
CA GLU E 459 -19.80 -24.27 -57.97
C GLU E 459 -19.24 -25.53 -58.61
N ALA E 460 -19.24 -25.59 -59.95
CA ALA E 460 -18.79 -26.79 -60.63
C ALA E 460 -17.28 -26.80 -60.87
N GLY E 461 -16.57 -25.73 -60.56
CA GLY E 461 -15.14 -25.68 -60.74
C GLY E 461 -14.68 -25.15 -62.07
N ILE E 462 -15.60 -24.92 -63.02
CA ILE E 462 -15.24 -24.33 -64.30
C ILE E 462 -14.92 -22.86 -64.08
N GLU E 463 -13.65 -22.50 -64.20
CA GLU E 463 -13.22 -21.15 -63.90
C GLU E 463 -13.79 -20.16 -64.91
N VAL E 464 -14.08 -18.95 -64.44
CA VAL E 464 -14.55 -17.86 -65.28
C VAL E 464 -13.66 -16.65 -65.02
N ILE E 465 -13.39 -15.88 -66.07
CA ILE E 465 -12.33 -14.88 -66.06
C ILE E 465 -12.93 -13.52 -66.40
N ASP E 466 -12.65 -12.54 -65.54
CA ASP E 466 -13.11 -11.18 -65.78
C ASP E 466 -12.45 -10.57 -67.02
N SER E 467 -11.15 -10.82 -67.21
CA SER E 467 -10.35 -10.03 -68.14
C SER E 467 -10.93 -10.06 -69.56
N GLN E 468 -10.98 -11.25 -70.16
CA GLN E 468 -11.32 -11.37 -71.58
C GLN E 468 -12.81 -11.09 -71.76
N ARG E 469 -13.13 -9.88 -72.19
CA ARG E 469 -14.51 -9.52 -72.41
C ARG E 469 -15.06 -10.22 -73.66
N GLU E 470 -16.38 -10.20 -73.79
CA GLU E 470 -17.06 -10.70 -74.98
C GLU E 470 -18.52 -10.23 -74.90
N PHE E 471 -19.16 -10.17 -76.07
CA PHE E 471 -20.38 -9.38 -76.20
C PHE E 471 -21.49 -10.19 -76.83
N ALA E 472 -22.72 -9.78 -76.57
CA ALA E 472 -23.90 -10.40 -77.15
C ALA E 472 -25.07 -9.44 -77.02
N GLU E 473 -26.15 -9.71 -77.75
CA GLU E 473 -27.31 -8.83 -77.78
C GLU E 473 -28.59 -9.62 -77.52
N LEU E 474 -29.56 -8.93 -76.92
CA LEU E 474 -30.91 -9.47 -76.72
C LEU E 474 -31.88 -8.30 -76.71
N SER E 475 -33.17 -8.62 -76.81
CA SER E 475 -34.22 -7.61 -76.85
C SER E 475 -35.27 -7.93 -75.80
N ASP E 476 -35.97 -6.89 -75.37
CA ASP E 476 -36.92 -6.95 -74.27
C ASP E 476 -38.35 -6.88 -74.78
N GLY E 477 -39.31 -6.78 -73.85
CA GLY E 477 -40.71 -6.78 -74.19
C GLY E 477 -41.15 -5.66 -75.09
N GLU E 478 -40.41 -4.54 -75.13
CA GLU E 478 -40.73 -3.43 -76.00
C GLU E 478 -39.76 -3.33 -77.17
N GLY E 479 -39.16 -4.45 -77.57
CA GLY E 479 -38.28 -4.49 -78.71
C GLY E 479 -36.91 -3.88 -78.50
N ARG E 480 -36.73 -3.07 -77.48
CA ARG E 480 -35.43 -2.46 -77.22
C ARG E 480 -34.37 -3.54 -77.08
N ARG E 481 -33.25 -3.34 -77.78
CA ARG E 481 -32.17 -4.31 -77.80
C ARG E 481 -31.09 -3.89 -76.80
N TRP E 482 -30.64 -4.84 -75.99
CA TRP E 482 -29.64 -4.61 -74.97
C TRP E 482 -28.32 -5.27 -75.39
N ARG E 483 -27.22 -4.59 -75.14
CA ARG E 483 -25.89 -5.11 -75.46
C ARG E 483 -25.19 -5.47 -74.16
N PHE E 484 -25.26 -6.74 -73.79
CA PHE E 484 -24.59 -7.21 -72.58
C PHE E 484 -23.08 -7.30 -72.82
N ASN E 485 -22.32 -7.14 -71.73
CA ASN E 485 -20.88 -7.36 -71.73
C ASN E 485 -20.59 -8.36 -70.62
N LEU E 486 -20.00 -9.49 -70.99
CA LEU E 486 -19.92 -10.66 -70.12
C LEU E 486 -18.47 -11.09 -69.96
N PRO E 487 -18.20 -12.01 -69.03
CA PRO E 487 -16.85 -12.56 -68.93
C PRO E 487 -16.69 -13.78 -69.81
N THR E 488 -15.44 -14.05 -70.19
CA THR E 488 -15.14 -15.14 -71.10
C THR E 488 -15.09 -16.46 -70.35
N THR E 489 -15.77 -17.47 -70.87
CA THR E 489 -15.76 -18.79 -70.26
C THR E 489 -16.50 -19.75 -71.17
N GLY E 490 -16.31 -21.04 -70.91
CA GLY E 490 -17.04 -22.08 -71.59
C GLY E 490 -17.46 -23.17 -70.62
N LEU E 491 -18.73 -23.56 -70.66
CA LEU E 491 -19.29 -24.48 -69.68
C LEU E 491 -19.42 -25.86 -70.28
N GLU E 492 -18.93 -26.87 -69.54
CA GLU E 492 -18.89 -28.24 -70.01
C GLU E 492 -19.92 -29.08 -69.26
N SER E 493 -20.66 -29.90 -70.01
CA SER E 493 -21.68 -30.74 -69.39
C SER E 493 -21.08 -31.66 -68.34
N GLN E 494 -19.81 -32.04 -68.50
CA GLN E 494 -19.19 -33.00 -67.60
C GLN E 494 -19.20 -32.49 -66.16
N ALA E 495 -18.59 -31.33 -65.93
CA ALA E 495 -18.49 -30.82 -64.56
C ALA E 495 -19.87 -30.53 -63.98
N LEU E 496 -20.75 -29.90 -64.76
CA LEU E 496 -22.07 -29.54 -64.26
C LEU E 496 -22.88 -30.76 -63.87
N MET E 497 -22.92 -31.79 -64.73
CA MET E 497 -23.65 -33.00 -64.38
C MET E 497 -22.96 -33.77 -63.27
N ASP E 498 -21.65 -33.58 -63.10
CA ASP E 498 -20.95 -34.25 -62.00
C ASP E 498 -21.33 -33.63 -60.65
N ILE E 499 -21.33 -32.31 -60.57
CA ILE E 499 -21.58 -31.65 -59.30
C ILE E 499 -23.07 -31.72 -58.97
N ASP E 500 -23.37 -31.76 -57.67
CA ASP E 500 -24.75 -31.79 -57.21
C ASP E 500 -25.34 -30.39 -57.19
N TRP E 501 -26.67 -30.33 -57.14
CA TRP E 501 -27.40 -29.07 -57.11
C TRP E 501 -28.54 -29.19 -56.10
N GLU E 502 -28.65 -28.19 -55.23
CA GLU E 502 -29.73 -28.15 -54.25
C GLU E 502 -31.08 -28.06 -54.93
N MET F 1 35.24 -34.01 60.74
CA MET F 1 35.53 -33.07 59.61
C MET F 1 36.40 -33.74 58.55
N ASN F 2 37.26 -34.65 58.99
CA ASN F 2 38.19 -35.30 58.07
C ASN F 2 37.47 -36.09 56.98
N GLN F 3 36.22 -36.50 57.25
CA GLN F 3 35.50 -37.33 56.29
C GLN F 3 35.19 -36.57 55.01
N VAL F 4 35.07 -35.24 55.08
CA VAL F 4 34.75 -34.47 53.89
C VAL F 4 35.86 -34.61 52.85
N SER F 5 37.08 -34.89 53.30
CA SER F 5 38.23 -35.10 52.42
C SER F 5 38.69 -36.55 52.42
N GLY F 6 37.95 -37.46 53.03
CA GLY F 6 38.34 -38.87 53.02
C GLY F 6 38.57 -39.41 51.63
N LEU F 7 37.84 -38.89 50.64
CA LEU F 7 38.14 -39.21 49.24
C LEU F 7 39.59 -38.88 48.90
N ALA F 8 40.12 -37.78 49.44
CA ALA F 8 41.48 -37.38 49.14
C ALA F 8 42.46 -38.44 49.60
N GLY F 9 43.70 -38.32 49.13
CA GLY F 9 44.71 -39.31 49.41
C GLY F 9 44.51 -40.57 48.59
N LYS F 10 43.32 -41.17 48.72
CA LYS F 10 43.02 -42.40 48.00
C LYS F 10 42.94 -42.16 46.50
N GLU F 11 42.01 -41.30 46.07
CA GLU F 11 41.63 -41.23 44.66
C GLU F 11 42.60 -40.42 43.82
N SER F 12 42.73 -39.13 44.10
CA SER F 12 43.38 -38.21 43.18
C SER F 12 44.83 -37.95 43.55
N PHE F 13 45.59 -37.43 42.58
CA PHE F 13 46.85 -36.80 42.90
C PHE F 13 46.57 -35.45 43.58
N ILE F 14 47.59 -34.94 44.29
CA ILE F 14 47.41 -33.77 45.13
C ILE F 14 48.61 -32.85 44.98
N LEU F 15 48.41 -31.58 45.31
CA LEU F 15 49.43 -30.55 45.22
C LEU F 15 49.87 -30.18 46.63
N THR F 16 51.16 -30.34 46.90
CA THR F 16 51.64 -30.25 48.29
C THR F 16 52.72 -29.21 48.52
N ARG F 17 53.69 -29.08 47.62
CA ARG F 17 54.91 -28.37 47.94
C ARG F 17 55.43 -27.67 46.69
N ILE F 18 55.83 -26.41 46.84
CA ILE F 18 56.19 -25.56 45.71
C ILE F 18 57.59 -25.00 45.97
N GLU F 19 58.58 -25.48 45.23
CA GLU F 19 59.92 -24.91 45.30
C GLU F 19 60.02 -23.73 44.36
N LEU F 20 60.59 -22.63 44.84
CA LEU F 20 60.79 -21.42 44.05
C LEU F 20 62.23 -20.96 44.17
N PHE F 21 62.77 -20.42 43.08
CA PHE F 21 64.13 -19.86 43.09
C PHE F 21 64.21 -18.74 42.07
N ASN F 22 64.42 -17.52 42.56
CA ASN F 22 64.61 -16.35 41.69
C ASN F 22 63.39 -16.11 40.80
N TRP F 23 62.21 -16.43 41.31
CA TRP F 23 60.96 -16.17 40.62
C TRP F 23 60.27 -14.97 41.26
N GLY F 24 59.67 -14.14 40.43
CA GLY F 24 58.96 -12.98 40.95
C GLY F 24 59.85 -12.20 41.89
N GLY F 25 59.24 -11.57 42.88
CA GLY F 25 59.99 -10.83 43.87
C GLY F 25 60.56 -11.70 44.97
N PHE F 26 61.06 -12.89 44.60
CA PHE F 26 61.74 -13.78 45.53
C PHE F 26 63.16 -14.03 45.04
N HIS F 27 64.08 -14.20 45.98
CA HIS F 27 65.48 -14.44 45.69
C HIS F 27 65.97 -15.62 46.51
N GLY F 28 66.95 -16.33 45.97
CA GLY F 28 67.39 -17.54 46.65
C GLY F 28 66.31 -18.60 46.63
N LEU F 29 66.41 -19.53 47.56
CA LEU F 29 65.42 -20.59 47.67
C LEU F 29 64.31 -20.18 48.62
N HIS F 30 63.10 -20.68 48.35
CA HIS F 30 61.96 -20.49 49.23
C HIS F 30 61.06 -21.70 49.10
N GLN F 31 60.36 -22.03 50.19
CA GLN F 31 59.51 -23.20 50.21
C GLN F 31 58.17 -22.88 50.86
N ALA F 32 57.18 -23.68 50.49
CA ALA F 32 55.89 -23.72 51.16
C ALA F 32 55.39 -25.16 51.11
N ALA F 33 54.56 -25.51 52.08
CA ALA F 33 53.88 -26.79 52.09
C ALA F 33 52.38 -26.56 52.14
N ILE F 34 51.62 -27.51 51.63
CA ILE F 34 50.16 -27.44 51.62
C ILE F 34 49.61 -28.69 52.30
N HIS F 35 48.83 -28.49 53.35
CA HIS F 35 48.31 -29.58 54.15
C HIS F 35 47.25 -30.35 53.37
N GLN F 36 47.17 -31.65 53.61
CA GLN F 36 46.38 -32.53 52.76
C GLN F 36 44.89 -32.22 52.81
N ASP F 37 44.46 -31.25 53.63
CA ASP F 37 43.06 -30.88 53.72
C ASP F 37 42.81 -29.44 53.26
N GLY F 38 43.66 -28.89 52.41
CA GLY F 38 43.50 -27.53 51.93
C GLY F 38 44.27 -26.54 52.79
N THR F 39 44.19 -25.27 52.38
CA THR F 39 44.98 -24.23 53.02
C THR F 39 44.61 -22.89 52.41
N ALA F 40 44.90 -21.83 53.16
CA ALA F 40 44.77 -20.46 52.68
C ALA F 40 46.15 -19.79 52.67
N VAL F 41 46.30 -18.82 51.78
CA VAL F 41 47.54 -18.06 51.64
C VAL F 41 47.24 -16.62 52.02
N ILE F 42 48.02 -16.08 52.95
CA ILE F 42 47.66 -14.85 53.65
C ILE F 42 48.85 -13.90 53.64
N GLY F 43 48.56 -12.61 53.74
CA GLY F 43 49.56 -11.58 53.71
C GLY F 43 48.96 -10.29 53.19
N PRO F 44 49.58 -9.16 53.51
CA PRO F 44 49.03 -7.88 53.05
C PRO F 44 49.03 -7.80 51.53
N THR F 45 48.01 -7.16 50.99
CA THR F 45 47.94 -6.94 49.55
C THR F 45 49.21 -6.22 49.10
N GLY F 46 49.93 -6.82 48.16
CA GLY F 46 51.23 -6.32 47.77
C GLY F 46 52.36 -7.21 48.26
N SER F 47 52.04 -8.39 48.81
CA SER F 47 53.13 -9.22 49.31
C SER F 47 53.58 -10.27 48.30
N GLY F 48 52.79 -11.33 48.09
CA GLY F 48 53.13 -12.25 47.02
C GLY F 48 52.02 -13.12 46.45
N LYS F 49 50.78 -12.96 46.89
CA LYS F 49 49.83 -14.04 46.65
C LYS F 49 49.59 -14.27 45.16
N THR F 50 49.28 -13.22 44.41
CA THR F 50 49.13 -13.37 42.97
C THR F 50 50.38 -13.93 42.33
N THR F 51 51.55 -13.51 42.82
CA THR F 51 52.81 -14.05 42.33
C THR F 51 52.88 -15.56 42.48
N LEU F 52 52.59 -16.09 43.67
CA LEU F 52 52.61 -17.53 43.87
C LEU F 52 51.57 -18.25 43.03
N VAL F 53 50.34 -17.74 42.99
CA VAL F 53 49.32 -18.34 42.15
C VAL F 53 49.85 -18.50 40.73
N ASP F 54 50.25 -17.40 40.11
CA ASP F 54 50.82 -17.47 38.77
C ASP F 54 51.98 -18.45 38.72
N ALA F 55 52.86 -18.43 39.73
CA ALA F 55 54.05 -19.26 39.72
C ALA F 55 53.71 -20.73 39.59
N LEU F 56 52.59 -21.18 40.15
CA LEU F 56 52.19 -22.55 39.87
C LEU F 56 51.63 -22.73 38.46
N MET F 57 51.07 -21.67 37.88
CA MET F 57 50.27 -21.83 36.68
C MET F 57 51.09 -22.35 35.50
N THR F 58 52.33 -21.85 35.36
CA THR F 58 53.14 -22.18 34.20
C THR F 58 53.12 -23.68 33.91
N LEU F 59 53.29 -24.50 34.94
CA LEU F 59 53.45 -25.93 34.74
C LEU F 59 52.22 -26.59 34.11
N LEU F 60 51.05 -25.97 34.23
CA LEU F 60 49.80 -26.62 33.84
C LEU F 60 49.21 -26.10 32.52
N CYS F 61 49.43 -24.83 32.19
CA CYS F 61 48.78 -24.23 31.03
C CYS F 61 49.82 -23.68 30.08
N ALA F 62 49.46 -23.64 28.79
CA ALA F 62 50.34 -23.08 27.77
C ALA F 62 50.17 -21.58 27.61
N ASN F 63 49.19 -20.97 28.28
CA ASN F 63 48.87 -19.56 28.09
C ASN F 63 48.55 -18.92 29.44
N PRO F 64 49.57 -18.66 30.26
CA PRO F 64 49.33 -18.06 31.56
C PRO F 64 48.79 -16.64 31.48
N ARG F 65 47.55 -16.44 31.93
CA ARG F 65 46.97 -15.11 32.06
C ARG F 65 47.33 -14.54 33.44
N TYR F 66 48.58 -14.11 33.55
CA TYR F 66 49.08 -13.61 34.83
C TYR F 66 48.20 -12.49 35.35
N ASN F 67 47.97 -12.50 36.66
CA ASN F 67 47.24 -11.41 37.32
C ASN F 67 45.83 -11.28 36.77
N LEU F 68 45.15 -12.41 36.54
CA LEU F 68 43.80 -12.37 36.00
C LEU F 68 42.80 -11.87 37.04
N ALA F 69 42.99 -12.25 38.31
CA ALA F 69 41.94 -12.06 39.31
C ALA F 69 41.53 -10.60 39.43
N SER F 70 42.48 -9.69 39.49
CA SER F 70 42.19 -8.26 39.62
C SER F 70 42.00 -7.57 38.28
N THR F 71 42.10 -8.31 37.17
CA THR F 71 42.10 -7.71 35.85
C THR F 71 41.25 -8.43 34.82
N GLY F 72 40.44 -9.41 35.20
CA GLY F 72 39.64 -10.14 34.23
C GLY F 72 38.85 -9.22 33.32
N GLY F 73 39.23 -9.18 32.05
CA GLY F 73 38.58 -8.30 31.09
C GLY F 73 39.57 -7.62 30.17
N HIS F 74 40.81 -7.46 30.62
CA HIS F 74 41.86 -6.84 29.83
C HIS F 74 43.18 -7.57 30.06
N GLU F 75 44.12 -7.31 29.16
CA GLU F 75 45.35 -8.10 29.12
C GLU F 75 46.18 -7.90 30.39
N SER F 76 46.98 -8.91 30.71
CA SER F 76 47.80 -8.87 31.92
C SER F 76 48.88 -7.82 31.80
N ASP F 77 49.08 -7.09 32.89
CA ASP F 77 50.14 -6.10 32.98
C ASP F 77 51.53 -6.74 33.09
N ARG F 78 51.60 -8.06 33.14
CA ARG F 78 52.82 -8.79 33.46
C ARG F 78 53.05 -9.88 32.42
N ASP F 79 54.26 -10.44 32.43
CA ASP F 79 54.64 -11.46 31.46
C ASP F 79 55.73 -12.33 32.06
N LEU F 80 56.10 -13.38 31.33
CA LEU F 80 57.16 -14.27 31.79
C LEU F 80 58.48 -13.51 31.94
N ILE F 81 58.78 -12.63 30.98
CA ILE F 81 60.02 -11.86 31.03
C ILE F 81 60.12 -11.08 32.34
N SER F 82 59.12 -10.25 32.62
CA SER F 82 59.16 -9.38 33.78
C SER F 82 59.40 -10.16 35.07
N TYR F 83 58.63 -11.24 35.25
CA TYR F 83 58.83 -12.06 36.45
C TYR F 83 60.24 -12.61 36.49
N VAL F 84 60.70 -13.27 35.42
CA VAL F 84 61.99 -13.93 35.46
C VAL F 84 63.09 -12.92 35.80
N ARG F 85 63.03 -11.74 35.18
CA ARG F 85 64.00 -10.69 35.47
C ARG F 85 63.80 -10.05 36.83
N GLY F 86 62.71 -10.37 37.53
CA GLY F 86 62.44 -9.74 38.81
C GLY F 86 62.14 -8.26 38.70
N VAL F 87 61.35 -7.87 37.71
CA VAL F 87 61.01 -6.47 37.50
C VAL F 87 59.86 -6.10 38.43
N SER F 88 60.13 -5.18 39.36
CA SER F 88 59.07 -4.71 40.25
C SER F 88 58.12 -3.76 39.54
N GLY F 89 58.61 -3.00 38.56
CA GLY F 89 57.77 -2.14 37.77
C GLY F 89 57.06 -1.09 38.61
N PRO F 90 55.76 -0.89 38.36
CA PRO F 90 55.01 0.06 39.19
C PRO F 90 55.12 -0.21 40.68
N GLY F 91 55.29 -1.46 41.09
CA GLY F 91 55.54 -1.79 42.48
C GLY F 91 56.95 -1.52 42.94
N ASP F 92 57.67 -0.61 42.27
CA ASP F 92 59.06 -0.35 42.61
C ASP F 92 59.22 0.17 44.03
N GLY F 93 58.20 0.81 44.57
CA GLY F 93 58.34 1.53 45.82
C GLY F 93 59.22 2.76 45.69
N GLY F 94 59.09 3.49 44.58
CA GLY F 94 59.84 4.70 44.36
C GLY F 94 61.07 4.54 43.48
N GLU F 95 61.43 3.32 43.09
CA GLU F 95 62.65 3.07 42.33
C GLU F 95 62.38 3.18 40.83
N GLY F 96 62.12 4.42 40.40
CA GLY F 96 62.01 4.72 38.99
C GLY F 96 61.01 3.85 38.24
N GLN F 97 59.94 3.44 38.93
CA GLN F 97 58.84 2.66 38.35
C GLN F 97 59.33 1.42 37.61
N SER F 98 60.61 1.06 37.76
CA SER F 98 61.11 -0.16 37.14
C SER F 98 61.65 -1.16 38.15
N HIS F 99 62.70 -0.77 38.87
CA HIS F 99 63.51 -1.66 39.70
C HIS F 99 63.74 -3.01 39.03
N ILE F 100 64.99 -3.42 38.86
CA ILE F 100 65.31 -4.69 38.22
C ILE F 100 66.40 -5.36 39.03
N ALA F 101 66.09 -6.53 39.60
CA ALA F 101 67.03 -7.20 40.49
C ALA F 101 67.90 -8.23 39.79
N ARG F 102 67.48 -8.73 38.62
CA ARG F 102 68.25 -9.72 37.88
C ARG F 102 68.35 -9.32 36.42
N PRO F 103 69.00 -8.20 36.11
CA PRO F 103 69.09 -7.78 34.71
C PRO F 103 70.16 -8.53 33.92
N GLY F 104 71.31 -8.84 34.52
CA GLY F 104 72.40 -9.48 33.82
C GLY F 104 72.20 -10.96 33.68
N LYS F 105 73.30 -11.68 33.42
CA LYS F 105 73.24 -13.12 33.33
C LYS F 105 72.63 -13.68 34.61
N THR F 106 71.61 -14.53 34.46
CA THR F 106 70.85 -14.99 35.61
C THR F 106 70.24 -16.35 35.29
N VAL F 107 69.84 -17.05 36.34
CA VAL F 107 69.21 -18.35 36.24
C VAL F 107 68.00 -18.37 37.17
N THR F 108 66.91 -18.95 36.69
CA THR F 108 65.66 -19.02 37.44
C THR F 108 65.05 -20.40 37.27
N GLY F 109 64.37 -20.87 38.31
CA GLY F 109 63.80 -22.20 38.28
C GLY F 109 62.53 -22.30 39.11
N ILE F 110 61.73 -23.31 38.79
CA ILE F 110 60.49 -23.61 39.50
C ILE F 110 60.27 -25.11 39.48
N ALA F 111 59.60 -25.62 40.51
CA ALA F 111 59.32 -27.04 40.60
C ALA F 111 58.15 -27.27 41.56
N ALA F 112 57.07 -27.82 41.04
CA ALA F 112 55.93 -28.23 41.85
C ALA F 112 56.03 -29.73 42.10
N THR F 113 55.47 -30.18 43.23
CA THR F 113 55.61 -31.56 43.67
C THR F 113 54.24 -32.16 43.90
N LEU F 114 53.64 -32.71 42.85
CA LEU F 114 52.42 -33.48 42.99
C LEU F 114 52.75 -34.86 43.55
N GLU F 115 51.70 -35.60 43.94
CA GLU F 115 51.89 -36.93 44.48
C GLU F 115 50.54 -37.59 44.72
N ARG F 116 50.60 -38.88 45.05
CA ARG F 116 49.44 -39.62 45.56
C ARG F 116 49.96 -40.83 46.33
N GLU F 117 49.53 -40.97 47.58
CA GLU F 117 49.89 -42.13 48.38
C GLU F 117 51.39 -42.38 48.37
N GLY F 118 52.18 -41.31 48.50
CA GLY F 118 53.62 -41.42 48.55
C GLY F 118 54.32 -41.40 47.21
N LYS F 119 53.59 -41.58 46.11
CA LYS F 119 54.20 -41.57 44.78
C LYS F 119 54.51 -40.14 44.38
N GLN F 120 55.75 -39.72 44.56
CA GLN F 120 56.15 -38.39 44.10
C GLN F 120 56.09 -38.32 42.58
N VAL F 121 55.69 -37.15 42.09
CA VAL F 121 55.82 -36.83 40.67
C VAL F 121 56.03 -35.33 40.58
N ARG F 122 57.12 -34.93 39.93
CA ARG F 122 57.62 -33.56 40.01
C ARG F 122 57.62 -32.93 38.62
N LEU F 123 57.01 -31.75 38.51
CA LEU F 123 57.04 -30.96 37.29
C LEU F 123 57.87 -29.71 37.56
N GLY F 124 58.98 -29.58 36.86
CA GLY F 124 59.90 -28.49 37.09
C GLY F 124 60.46 -27.93 35.80
N ALA F 125 60.86 -26.66 35.87
CA ALA F 125 61.36 -25.95 34.70
C ALA F 125 62.59 -25.15 35.11
N LEU F 126 63.37 -24.73 34.11
CA LEU F 126 64.53 -23.89 34.34
C LEU F 126 64.64 -22.88 33.21
N LEU F 127 64.78 -21.60 33.57
CA LEU F 127 64.89 -20.51 32.63
C LEU F 127 66.07 -19.63 33.04
N TRP F 128 66.90 -19.25 32.07
CA TRP F 128 68.11 -18.49 32.37
C TRP F 128 68.48 -17.61 31.18
N PHE F 129 69.28 -16.58 31.48
CA PHE F 129 69.79 -15.64 30.49
C PHE F 129 71.30 -15.69 30.47
N ASP F 130 71.89 -15.30 29.32
CA ASP F 130 73.33 -15.18 29.21
C ASP F 130 73.81 -13.74 29.26
N SER F 131 72.97 -12.79 28.88
CA SER F 131 73.38 -11.39 28.78
C SER F 131 72.18 -10.50 29.07
N THR F 132 72.43 -9.18 29.03
CA THR F 132 71.36 -8.22 29.24
C THR F 132 70.35 -8.23 28.10
N SER F 133 70.69 -8.85 26.96
CA SER F 133 69.73 -8.99 25.88
C SER F 133 68.50 -9.73 26.38
N SER F 134 67.32 -9.19 26.08
CA SER F 134 66.06 -9.71 26.59
C SER F 134 65.16 -10.15 25.45
N SER F 135 65.73 -10.81 24.44
CA SER F 135 64.93 -11.38 23.38
C SER F 135 64.17 -12.60 23.89
N VAL F 136 63.09 -12.95 23.19
CA VAL F 136 62.38 -14.19 23.51
C VAL F 136 63.33 -15.37 23.39
N THR F 137 64.22 -15.33 22.41
CA THR F 137 65.22 -16.38 22.23
C THR F 137 66.33 -16.33 23.26
N ASP F 138 66.62 -15.15 23.81
CA ASP F 138 67.68 -15.06 24.82
C ASP F 138 67.42 -15.98 26.00
N MET F 139 66.16 -16.16 26.38
CA MET F 139 65.82 -17.06 27.48
C MET F 139 65.89 -18.49 26.99
N LYS F 140 66.93 -19.20 27.39
CA LYS F 140 67.08 -20.61 27.06
C LYS F 140 66.30 -21.46 28.06
N ARG F 141 65.73 -22.55 27.56
CA ARG F 141 64.66 -23.24 28.27
C ARG F 141 65.01 -24.71 28.48
N LEU F 142 64.38 -25.29 29.49
CA LEU F 142 64.35 -26.75 29.64
C LEU F 142 63.31 -27.11 30.68
N TRP F 143 62.40 -28.02 30.32
CA TRP F 143 61.44 -28.56 31.27
C TRP F 143 62.01 -29.81 31.93
N LEU F 144 61.36 -30.23 33.01
CA LEU F 144 61.65 -31.50 33.66
C LEU F 144 60.35 -32.25 33.92
N PHE F 145 60.46 -33.57 34.04
CA PHE F 145 59.35 -34.40 34.44
C PHE F 145 59.91 -35.70 34.99
N SER F 146 59.71 -35.94 36.28
CA SER F 146 60.33 -37.09 36.94
C SER F 146 59.42 -37.58 38.04
N ASP F 147 59.61 -38.85 38.40
CA ASP F 147 58.92 -39.46 39.53
C ASP F 147 59.92 -40.14 40.45
N ASN F 148 61.18 -39.71 40.41
CA ASN F 148 62.23 -40.26 41.22
C ASN F 148 62.55 -39.28 42.35
N PRO F 149 62.57 -39.71 43.61
CA PRO F 149 62.81 -38.75 44.71
C PRO F 149 64.15 -38.04 44.64
N GLY F 150 65.07 -38.51 43.79
CA GLY F 150 66.40 -37.93 43.77
C GLY F 150 66.53 -36.65 42.97
N GLN F 151 65.44 -36.15 42.39
CA GLN F 151 65.48 -34.98 41.52
C GLN F 151 64.76 -33.81 42.16
N THR F 152 65.45 -32.67 42.22
CA THR F 152 64.89 -31.43 42.77
C THR F 152 65.63 -30.26 42.15
N LEU F 153 64.94 -29.12 42.06
CA LEU F 153 65.62 -27.89 41.69
C LEU F 153 66.83 -27.68 42.57
N GLU F 154 66.70 -27.96 43.87
CA GLU F 154 67.81 -27.84 44.80
C GLU F 154 69.00 -28.66 44.35
N HIS F 155 68.76 -29.74 43.61
CA HIS F 155 69.83 -30.53 42.99
C HIS F 155 70.16 -30.04 41.60
N TRP F 156 69.14 -29.72 40.79
CA TRP F 156 69.36 -29.41 39.39
C TRP F 156 70.23 -28.16 39.23
N LEU F 157 70.13 -27.22 40.17
CA LEU F 157 70.99 -26.04 40.11
C LEU F 157 72.46 -26.42 40.22
N ASN F 158 72.78 -27.38 41.10
CA ASN F 158 74.16 -27.83 41.25
C ASN F 158 74.71 -28.35 39.93
N VAL F 159 73.91 -29.14 39.22
CA VAL F 159 74.38 -29.69 37.95
C VAL F 159 74.47 -28.59 36.89
N TYR F 160 73.47 -27.73 36.82
CA TYR F 160 73.51 -26.62 35.88
C TYR F 160 74.76 -25.77 36.06
N HIS F 161 75.25 -25.66 37.30
CA HIS F 161 76.56 -25.03 37.52
C HIS F 161 77.70 -25.97 37.18
N GLU F 162 77.51 -27.28 37.36
CA GLU F 162 78.58 -28.24 37.09
C GLU F 162 78.80 -28.40 35.59
N GLY F 163 77.82 -28.07 34.78
CA GLY F 163 77.95 -28.19 33.33
C GLY F 163 76.79 -27.55 32.63
N GLY F 164 76.88 -27.48 31.31
CA GLY F 164 75.85 -26.88 30.51
C GLY F 164 74.67 -27.81 30.34
N THR F 165 73.76 -27.40 29.45
CA THR F 165 72.58 -28.23 29.16
C THR F 165 72.99 -29.61 28.69
N ARG F 166 74.19 -29.73 28.11
CA ARG F 166 74.70 -31.05 27.76
C ARG F 166 74.84 -31.91 29.00
N LEU F 167 75.33 -31.34 30.10
CA LEU F 167 75.46 -32.12 31.34
C LEU F 167 74.11 -32.57 31.86
N LEU F 168 73.11 -31.68 31.80
CA LEU F 168 71.77 -32.06 32.25
C LEU F 168 71.22 -33.19 31.39
N ARG F 169 71.40 -33.08 30.07
CA ARG F 169 70.94 -34.13 29.17
C ARG F 169 71.69 -35.43 29.42
N GLN F 170 72.97 -35.33 29.77
CA GLN F 170 73.76 -36.50 30.14
C GLN F 170 73.21 -37.15 31.40
N MET F 171 72.83 -36.35 32.39
CA MET F 171 72.18 -36.90 33.58
C MET F 171 70.92 -37.63 33.20
N GLU F 172 70.11 -37.02 32.33
CA GLU F 172 68.87 -37.66 31.90
C GLU F 172 69.16 -39.01 31.25
N LYS F 173 70.15 -39.04 30.35
CA LYS F 173 70.48 -40.27 29.65
C LYS F 173 70.98 -41.34 30.60
N GLU F 174 71.92 -40.97 31.49
CA GLU F 174 72.52 -41.93 32.40
C GLU F 174 71.53 -42.42 33.44
N ALA F 175 70.83 -41.49 34.09
CA ALA F 175 69.95 -41.84 35.21
C ALA F 175 68.68 -42.49 34.68
N ILE F 176 67.76 -42.83 35.59
CA ILE F 176 66.50 -43.45 35.24
C ILE F 176 65.39 -42.69 35.95
N GLY F 177 64.17 -42.82 35.44
CA GLY F 177 63.05 -42.10 36.00
C GLY F 177 63.16 -40.60 35.84
N LEU F 178 63.69 -40.13 34.72
CA LEU F 178 63.79 -38.70 34.44
C LEU F 178 63.66 -38.48 32.94
N TRP F 179 62.97 -37.40 32.58
CA TRP F 179 62.79 -37.01 31.20
C TRP F 179 62.92 -35.49 31.10
N THR F 180 63.37 -35.02 29.95
CA THR F 180 63.47 -33.58 29.71
C THR F 180 63.06 -33.30 28.27
N TYR F 181 62.63 -32.06 28.03
CA TYR F 181 62.08 -31.71 26.75
C TYR F 181 62.39 -30.24 26.48
N PRO F 182 63.00 -29.90 25.33
CA PRO F 182 63.22 -28.48 25.02
C PRO F 182 61.97 -27.77 24.53
N ASN F 183 60.93 -28.52 24.16
CA ASN F 183 59.69 -27.96 23.66
C ASN F 183 58.56 -28.23 24.66
N LYS F 184 57.78 -27.19 24.94
CA LYS F 184 56.69 -27.34 25.89
C LYS F 184 55.53 -28.13 25.29
N LYS F 185 55.46 -28.24 23.97
CA LYS F 185 54.36 -28.97 23.35
C LYS F 185 54.41 -30.45 23.73
N GLN F 186 55.57 -31.08 23.54
CA GLN F 186 55.73 -32.48 23.90
C GLN F 186 55.57 -32.68 25.40
N TYR F 187 56.01 -31.73 26.21
CA TYR F 187 55.85 -31.83 27.66
C TYR F 187 54.38 -31.79 28.04
N LEU F 188 53.61 -30.89 27.41
CA LEU F 188 52.17 -30.82 27.68
C LEU F 188 51.47 -32.11 27.27
N ALA F 189 51.91 -32.71 26.15
CA ALA F 189 51.40 -34.03 25.80
C ALA F 189 51.77 -35.05 26.86
N ARG F 190 52.99 -34.97 27.37
CA ARG F 190 53.44 -35.87 28.42
C ARG F 190 52.58 -35.73 29.66
N LEU F 191 52.01 -34.54 29.87
CA LEU F 191 51.03 -34.38 30.95
C LEU F 191 49.70 -35.01 30.59
N ARG F 192 49.11 -34.58 29.47
CA ARG F 192 47.75 -35.02 29.13
C ARG F 192 47.65 -36.54 29.09
N ASP F 193 48.63 -37.20 28.46
CA ASP F 193 48.60 -38.66 28.41
C ASP F 193 48.60 -39.27 29.80
N PHE F 194 49.40 -38.73 30.72
CA PHE F 194 49.44 -39.26 32.09
C PHE F 194 48.10 -39.06 32.79
N PHE F 195 47.50 -37.88 32.67
CA PHE F 195 46.33 -37.54 33.46
C PHE F 195 45.01 -37.87 32.77
N GLU F 196 45.04 -38.41 31.55
CA GLU F 196 43.83 -38.87 30.87
C GLU F 196 42.77 -37.78 30.80
N VAL F 197 43.12 -36.67 30.15
CA VAL F 197 42.20 -35.57 29.90
C VAL F 197 42.68 -34.81 28.68
N GLY F 198 41.72 -34.23 27.96
CA GLY F 198 42.05 -33.47 26.79
C GLY F 198 42.85 -32.23 27.12
N GLU F 199 42.98 -31.36 26.13
CA GLU F 199 43.67 -30.09 26.30
C GLU F 199 42.73 -29.00 26.81
N ASN F 200 41.46 -29.30 26.99
CA ASN F 200 40.49 -28.30 27.43
C ASN F 200 40.60 -28.04 28.92
N ALA F 201 40.45 -29.09 29.73
CA ALA F 201 40.30 -28.90 31.17
C ALA F 201 41.42 -28.03 31.75
N PHE F 202 42.67 -28.37 31.44
CA PHE F 202 43.80 -27.65 32.02
C PHE F 202 43.89 -26.21 31.53
N THR F 203 42.95 -25.78 30.69
CA THR F 203 42.79 -24.36 30.38
C THR F 203 41.73 -23.71 31.28
N LEU F 204 40.52 -24.26 31.29
CA LEU F 204 39.45 -23.73 32.13
C LEU F 204 39.97 -23.47 33.54
N LEU F 205 40.71 -24.42 34.10
CA LEU F 205 41.32 -24.23 35.42
C LEU F 205 41.99 -22.86 35.51
N ASN F 206 42.65 -22.43 34.43
CA ASN F 206 43.32 -21.14 34.40
C ASN F 206 42.36 -19.97 34.23
N ARG F 207 41.05 -20.23 34.18
CA ARG F 207 40.05 -19.18 34.27
C ARG F 207 39.12 -19.39 35.45
N ALA F 208 39.50 -20.27 36.38
CA ALA F 208 38.79 -20.35 37.65
C ALA F 208 38.89 -19.04 38.41
N ALA F 209 40.09 -18.45 38.42
CA ALA F 209 40.32 -17.23 39.19
C ALA F 209 39.36 -16.11 38.81
N GLY F 210 38.96 -16.04 37.54
CA GLY F 210 38.13 -14.96 37.05
C GLY F 210 36.69 -14.99 37.48
N LEU F 211 36.35 -15.79 38.49
CA LEU F 211 34.97 -15.85 38.96
C LEU F 211 34.47 -14.49 39.43
N LYS F 212 35.38 -13.60 39.82
CA LYS F 212 34.97 -12.30 40.35
C LYS F 212 34.14 -11.51 39.35
N GLN F 213 34.28 -11.82 38.05
CA GLN F 213 33.72 -10.99 36.99
C GLN F 213 32.50 -11.63 36.31
N LEU F 214 31.69 -12.40 37.04
CA LEU F 214 30.51 -13.00 36.44
C LEU F 214 29.37 -11.99 36.30
N ASN F 215 28.69 -12.07 35.15
CA ASN F 215 27.46 -11.33 34.90
C ASN F 215 26.23 -12.19 35.13
N SER F 216 26.30 -13.46 34.74
CA SER F 216 25.18 -14.37 34.91
C SER F 216 25.60 -15.76 34.46
N ILE F 217 24.74 -16.74 34.72
CA ILE F 217 24.90 -18.08 34.16
C ILE F 217 25.05 -18.00 32.66
N ASP F 218 24.43 -16.98 32.04
CA ASP F 218 24.40 -16.87 30.59
C ASP F 218 25.80 -16.78 30.00
N GLU F 219 26.80 -16.38 30.79
CA GLU F 219 28.18 -16.34 30.31
C GLU F 219 28.93 -17.64 30.55
N ILE F 220 28.67 -18.31 31.68
CA ILE F 220 29.47 -19.47 32.05
C ILE F 220 29.36 -20.57 31.01
N PHE F 221 28.30 -20.55 30.19
CA PHE F 221 28.18 -21.46 29.06
C PHE F 221 28.33 -20.75 27.72
N ARG F 222 29.10 -19.66 27.68
CA ARG F 222 29.42 -18.99 26.42
C ARG F 222 30.88 -18.57 26.31
N GLU F 223 31.66 -18.61 27.39
CA GLU F 223 33.06 -18.20 27.34
C GLU F 223 34.01 -19.13 28.08
N LEU F 224 33.51 -19.98 28.99
CA LEU F 224 34.39 -20.79 29.82
C LEU F 224 34.15 -22.29 29.61
N VAL F 225 32.90 -22.73 29.77
CA VAL F 225 32.63 -24.16 29.83
C VAL F 225 32.64 -24.79 28.44
N LEU F 226 31.95 -24.18 27.48
CA LEU F 226 31.83 -24.76 26.15
C LEU F 226 33.04 -24.43 25.28
N ASP F 227 33.42 -25.39 24.46
CA ASP F 227 34.54 -25.22 23.54
C ASP F 227 34.06 -24.44 22.32
N ASP F 228 34.88 -24.36 21.26
CA ASP F 228 34.56 -23.59 20.08
C ASP F 228 34.44 -24.51 18.87
N HIS F 229 33.35 -24.35 18.13
CA HIS F 229 33.09 -25.07 16.89
C HIS F 229 32.58 -24.13 15.81
N SER F 230 32.92 -22.84 15.91
CA SER F 230 32.36 -21.85 15.02
C SER F 230 32.72 -22.16 13.57
N ALA F 231 32.00 -21.50 12.64
CA ALA F 231 32.20 -21.78 11.23
C ALA F 231 32.17 -20.52 10.36
N PHE F 232 32.60 -19.36 10.88
CA PHE F 232 32.61 -18.17 10.03
C PHE F 232 33.48 -18.36 8.80
N ASP F 233 34.66 -18.96 8.96
CA ASP F 233 35.53 -19.15 7.81
C ASP F 233 34.87 -20.05 6.77
N ARG F 234 34.30 -21.17 7.20
CA ARG F 234 33.63 -22.06 6.25
C ARG F 234 32.45 -21.37 5.59
N ALA F 235 31.58 -20.75 6.39
CA ALA F 235 30.44 -20.05 5.83
C ALA F 235 30.86 -19.02 4.80
N ALA F 236 32.00 -18.36 5.04
CA ALA F 236 32.51 -17.41 4.06
C ALA F 236 32.96 -18.12 2.79
N GLU F 237 33.54 -19.31 2.95
CA GLU F 237 34.18 -19.98 1.82
C GLU F 237 33.16 -20.34 0.74
N VAL F 238 31.99 -20.83 1.13
CA VAL F 238 31.03 -21.30 0.14
C VAL F 238 30.60 -20.17 -0.78
N ALA F 239 30.44 -18.96 -0.25
CA ALA F 239 30.01 -17.84 -1.09
C ALA F 239 30.91 -17.64 -2.29
N ASN F 240 32.20 -17.96 -2.16
CA ASN F 240 33.13 -17.80 -3.29
C ASN F 240 32.73 -18.68 -4.46
N SER F 241 32.69 -20.00 -4.25
CA SER F 241 32.39 -20.92 -5.34
C SER F 241 31.11 -20.52 -6.08
N PHE F 242 30.13 -20.03 -5.33
CA PHE F 242 28.90 -19.55 -5.95
C PHE F 242 29.18 -18.42 -6.92
N ASP F 243 30.02 -17.46 -6.53
CA ASP F 243 30.33 -16.35 -7.41
C ASP F 243 31.11 -16.81 -8.63
N GLY F 244 32.06 -17.73 -8.44
CA GLY F 244 32.79 -18.24 -9.59
C GLY F 244 31.88 -18.93 -10.60
N LEU F 245 30.94 -19.73 -10.10
CA LEU F 245 30.04 -20.43 -11.02
C LEU F 245 29.09 -19.46 -11.71
N THR F 246 28.59 -18.45 -10.99
CA THR F 246 27.86 -17.38 -11.66
C THR F 246 28.70 -16.70 -12.72
N GLU F 247 30.01 -16.58 -12.47
CA GLU F 247 30.92 -16.00 -13.45
C GLU F 247 30.96 -16.82 -14.72
N ILE F 248 31.08 -18.14 -14.58
CA ILE F 248 31.05 -19.02 -15.76
C ILE F 248 29.74 -18.82 -16.52
N HIS F 249 28.63 -18.77 -15.79
CA HIS F 249 27.32 -18.59 -16.42
C HIS F 249 27.28 -17.30 -17.23
N GLN F 250 27.71 -16.19 -16.63
CA GLN F 250 27.66 -14.91 -17.33
C GLN F 250 28.65 -14.87 -18.49
N GLU F 251 29.74 -15.63 -18.42
CA GLU F 251 30.61 -15.77 -19.59
C GLU F 251 29.84 -16.41 -20.74
N LEU F 252 29.11 -17.47 -20.47
CA LEU F 252 28.28 -18.08 -21.51
C LEU F 252 27.31 -17.05 -22.09
N GLU F 253 26.66 -16.29 -21.21
CA GLU F 253 25.69 -15.29 -21.65
C GLU F 253 26.33 -14.28 -22.60
N THR F 254 27.45 -13.70 -22.19
CA THR F 254 28.12 -12.71 -23.03
C THR F 254 28.60 -13.30 -24.34
N ALA F 255 29.05 -14.55 -24.34
CA ALA F 255 29.45 -15.19 -25.59
C ALA F 255 28.27 -15.26 -26.55
N ARG F 256 27.11 -15.66 -26.05
CA ARG F 256 25.91 -15.69 -26.91
C ARG F 256 25.61 -14.30 -27.44
N LYS F 257 25.62 -13.30 -26.55
CA LYS F 257 25.31 -11.94 -26.97
C LYS F 257 26.21 -11.50 -28.11
N GLN F 258 27.52 -11.73 -27.98
CA GLN F 258 28.43 -11.34 -29.04
C GLN F 258 28.17 -12.12 -30.31
N GLN F 259 27.95 -13.43 -30.22
CA GLN F 259 27.75 -14.21 -31.43
C GLN F 259 26.53 -13.74 -32.21
N GLN F 260 25.53 -13.18 -31.52
CA GLN F 260 24.37 -12.66 -32.23
C GLN F 260 24.76 -11.60 -33.25
N SER F 261 25.58 -10.64 -32.84
CA SER F 261 25.78 -9.43 -33.64
C SER F 261 26.31 -9.74 -35.03
N LEU F 262 27.34 -10.58 -35.13
CA LEU F 262 28.05 -10.75 -36.39
C LEU F 262 27.21 -11.41 -37.47
N GLN F 263 26.11 -12.08 -37.11
CA GLN F 263 25.31 -12.77 -38.11
C GLN F 263 24.84 -11.84 -39.21
N PRO F 264 24.04 -10.80 -38.93
CA PRO F 264 23.65 -9.88 -40.01
C PRO F 264 24.83 -9.25 -40.73
N VAL F 265 25.97 -9.11 -40.07
CA VAL F 265 27.15 -8.57 -40.74
C VAL F 265 27.61 -9.52 -41.84
N ALA F 266 27.70 -10.81 -41.53
CA ALA F 266 28.05 -11.79 -42.55
C ALA F 266 27.02 -11.80 -43.67
N LEU F 267 25.73 -11.74 -43.29
CA LEU F 267 24.67 -11.70 -44.30
C LEU F 267 24.87 -10.52 -45.25
N SER F 268 25.10 -9.32 -44.69
CA SER F 268 25.23 -8.13 -45.51
C SER F 268 26.48 -8.19 -46.37
N TRP F 269 27.57 -8.77 -45.86
CA TRP F 269 28.76 -8.92 -46.69
C TRP F 269 28.49 -9.84 -47.87
N GLU F 270 27.81 -10.97 -47.62
CA GLU F 270 27.43 -11.85 -48.70
C GLU F 270 26.59 -11.10 -49.74
N LYS F 271 25.62 -10.33 -49.29
CA LYS F 271 24.79 -9.55 -50.21
C LYS F 271 25.65 -8.57 -51.01
N TYR F 272 26.57 -7.88 -50.33
CA TYR F 272 27.44 -6.90 -50.98
C TYR F 272 28.22 -7.53 -52.12
N GLN F 273 28.73 -8.74 -51.91
CA GLN F 273 29.50 -9.41 -52.95
C GLN F 273 28.70 -9.52 -54.25
N LYS F 274 27.40 -9.77 -54.15
CA LYS F 274 26.60 -10.01 -55.35
C LYS F 274 26.60 -8.79 -56.26
N GLN F 275 26.25 -7.62 -55.71
CA GLN F 275 26.23 -6.41 -56.52
C GLN F 275 27.65 -6.03 -56.95
N GLU F 276 28.64 -6.25 -56.07
CA GLU F 276 30.01 -5.90 -56.43
C GLU F 276 30.45 -6.66 -57.68
N ARG F 277 30.17 -7.96 -57.73
CA ARG F 277 30.56 -8.74 -58.90
C ARG F 277 29.65 -8.47 -60.09
N GLN F 278 28.40 -8.09 -59.85
CA GLN F 278 27.51 -7.74 -60.95
C GLN F 278 27.99 -6.50 -61.68
N LEU F 279 28.53 -5.52 -60.96
CA LEU F 279 28.94 -4.27 -61.60
C LEU F 279 29.90 -4.52 -62.77
N ALA F 280 30.85 -5.43 -62.59
CA ALA F 280 31.85 -5.68 -63.63
C ALA F 280 31.20 -6.05 -64.95
N ASP F 281 30.02 -6.67 -64.92
CA ASP F 281 29.35 -7.04 -66.18
C ASP F 281 28.97 -5.79 -66.98
N TRP F 282 28.32 -4.83 -66.33
CA TRP F 282 27.94 -3.61 -67.02
C TRP F 282 29.17 -2.81 -67.43
N LEU F 283 30.23 -2.84 -66.61
CA LEU F 283 31.46 -2.17 -67.01
C LEU F 283 32.05 -2.80 -68.26
N THR F 284 32.03 -4.13 -68.34
CA THR F 284 32.51 -4.80 -69.54
C THR F 284 31.65 -4.46 -70.75
N LEU F 285 30.33 -4.37 -70.55
CA LEU F 285 29.45 -3.98 -71.65
C LEU F 285 29.81 -2.58 -72.15
N GLU F 286 30.03 -1.65 -71.23
CA GLU F 286 30.43 -0.30 -71.62
C GLU F 286 31.74 -0.31 -72.38
N SER F 287 32.69 -1.13 -71.93
CA SER F 287 33.97 -1.23 -72.64
C SER F 287 33.76 -1.78 -74.06
N LEU F 288 32.90 -2.78 -74.21
CA LEU F 288 32.79 -3.49 -75.47
C LEU F 288 31.88 -2.80 -76.47
N LEU F 289 31.03 -1.88 -76.03
CA LEU F 289 29.97 -1.36 -76.89
C LEU F 289 30.47 -0.83 -78.24
N PRO F 290 31.50 0.02 -78.30
CA PRO F 290 31.90 0.55 -79.61
C PRO F 290 32.34 -0.53 -80.58
N LEU F 291 33.02 -1.58 -80.10
CA LEU F 291 33.59 -2.58 -81.00
C LEU F 291 32.49 -3.34 -81.75
N TRP F 292 31.42 -3.71 -81.06
CA TRP F 292 30.34 -4.44 -81.72
C TRP F 292 29.71 -3.61 -82.83
N PHE F 293 29.41 -2.34 -82.53
CA PHE F 293 28.82 -1.47 -83.52
C PHE F 293 29.77 -1.27 -84.69
N ALA F 294 31.08 -1.17 -84.40
CA ALA F 294 32.06 -1.05 -85.47
C ALA F 294 32.12 -2.30 -86.34
N GLN F 295 31.99 -3.48 -85.74
CA GLN F 295 32.00 -4.71 -86.52
C GLN F 295 30.76 -4.84 -87.39
N GLN F 296 29.61 -4.37 -86.92
CA GLN F 296 28.46 -4.25 -87.82
C GLN F 296 28.76 -3.26 -88.94
N ALA F 297 29.32 -2.10 -88.58
CA ALA F 297 29.51 -1.01 -89.53
C ALA F 297 30.48 -1.39 -90.63
N SER F 298 31.53 -2.12 -90.30
CA SER F 298 32.54 -2.47 -91.30
C SER F 298 31.93 -3.29 -92.42
N HIS F 299 31.20 -4.36 -92.08
CA HIS F 299 30.58 -5.18 -93.11
C HIS F 299 29.47 -4.43 -93.82
N LEU F 300 28.70 -3.61 -93.11
CA LEU F 300 27.65 -2.84 -93.78
C LEU F 300 28.25 -1.87 -94.78
N TRP F 301 29.33 -1.17 -94.40
CA TRP F 301 29.98 -0.24 -95.31
C TRP F 301 30.65 -0.96 -96.47
N ARG F 302 31.15 -2.17 -96.26
CA ARG F 302 31.77 -2.90 -97.36
C ARG F 302 30.70 -3.38 -98.35
N GLU F 303 29.55 -3.82 -97.84
CA GLU F 303 28.42 -4.10 -98.72
C GLU F 303 28.01 -2.86 -99.49
N LYS F 304 27.92 -1.72 -98.80
CA LYS F 304 27.59 -0.46 -99.47
C LYS F 304 28.62 -0.11 -100.53
N ILE F 305 29.89 -0.38 -100.25
CA ILE F 305 30.96 -0.02 -101.19
C ILE F 305 30.90 -0.90 -102.43
N ASN F 306 30.63 -2.19 -102.25
CA ASN F 306 30.47 -3.06 -103.41
C ASN F 306 29.27 -2.65 -104.25
N LEU F 307 28.14 -2.35 -103.59
CA LEU F 307 26.96 -1.90 -104.32
C LEU F 307 27.23 -0.58 -105.04
N LEU F 308 27.96 0.33 -104.40
CA LEU F 308 28.29 1.60 -105.02
C LEU F 308 29.30 1.44 -106.14
N ASN F 309 30.19 0.46 -106.04
CA ASN F 309 31.07 0.15 -107.15
C ASN F 309 30.27 -0.30 -108.36
N ALA F 310 29.30 -1.19 -108.14
CA ALA F 310 28.44 -1.62 -109.23
C ALA F 310 27.66 -0.44 -109.80
N ARG F 311 27.11 0.41 -108.93
CA ARG F 311 26.32 1.55 -109.38
C ARG F 311 27.16 2.53 -110.17
N LEU F 312 28.38 2.82 -109.70
CA LEU F 312 29.26 3.75 -110.39
C LEU F 312 29.72 3.18 -111.71
N ALA F 313 29.97 1.86 -111.76
CA ALA F 313 30.31 1.24 -113.03
C ALA F 313 29.17 1.35 -114.02
N GLU F 314 27.94 1.11 -113.57
CA GLU F 314 26.79 1.24 -114.47
C GLU F 314 26.60 2.68 -114.93
N ALA F 315 26.76 3.64 -114.02
CA ALA F 315 26.61 5.04 -114.38
C ALA F 315 27.70 5.47 -115.37
N GLN F 316 28.93 5.02 -115.15
CA GLN F 316 30.01 5.31 -116.08
C GLN F 316 29.74 4.68 -117.43
N THR F 317 29.19 3.46 -117.44
CA THR F 317 28.85 2.81 -118.70
C THR F 317 27.78 3.60 -119.44
N SER F 318 26.76 4.08 -118.73
CA SER F 318 25.71 4.87 -119.35
C SER F 318 26.26 6.19 -119.89
N GLU F 319 27.11 6.86 -119.10
CA GLU F 319 27.70 8.11 -119.55
C GLU F 319 28.59 7.90 -120.76
N GLU F 320 29.35 6.81 -120.78
CA GLU F 320 30.19 6.52 -121.94
C GLU F 320 29.37 6.13 -123.15
N GLN F 321 28.25 5.44 -122.96
CA GLN F 321 27.36 5.14 -124.07
C GLN F 321 26.79 6.42 -124.66
N LEU F 322 26.37 7.36 -123.80
CA LEU F 322 25.88 8.64 -124.29
C LEU F 322 26.99 9.45 -124.94
N GLN F 323 28.21 9.36 -124.43
CA GLN F 323 29.35 10.02 -125.06
C GLN F 323 29.59 9.45 -126.45
N SER F 324 29.52 8.12 -126.59
CA SER F 324 29.67 7.50 -127.89
C SER F 324 28.55 7.92 -128.83
N GLN F 325 27.31 7.99 -128.33
CA GLN F 325 26.20 8.42 -129.17
C GLN F 325 26.37 9.88 -129.59
N LEU F 326 26.86 10.73 -128.69
CA LEU F 326 27.08 12.13 -129.02
C LEU F 326 28.20 12.28 -130.05
N ASP F 327 29.27 11.51 -129.90
CA ASP F 327 30.35 11.55 -130.89
C ASP F 327 29.87 11.05 -132.24
N LEU F 328 29.05 9.99 -132.24
CA LEU F 328 28.49 9.49 -133.50
C LEU F 328 27.53 10.51 -134.11
N GLN F 329 26.81 11.25 -133.27
CA GLN F 329 25.92 12.29 -133.78
C GLN F 329 26.70 13.45 -134.36
N LYS F 330 27.83 13.80 -133.75
CA LYS F 330 28.71 14.80 -134.35
C LYS F 330 29.30 14.30 -135.67
N LYS F 331 29.60 13.00 -135.74
CA LYS F 331 30.05 12.41 -137.00
C LYS F 331 28.96 12.49 -138.06
N VAL F 332 27.70 12.27 -137.67
CA VAL F 332 26.58 12.40 -138.59
C VAL F 332 26.42 13.84 -139.04
N VAL F 333 26.60 14.78 -138.11
CA VAL F 333 26.60 16.20 -138.45
C VAL F 333 27.66 16.48 -139.50
N SER F 334 28.86 15.93 -139.30
CA SER F 334 29.94 16.12 -140.27
C SER F 334 29.58 15.50 -141.62
N ASP F 335 28.95 14.32 -141.60
CA ASP F 335 28.56 13.66 -142.84
C ASP F 335 27.58 14.51 -143.62
N CYS F 336 26.53 15.00 -142.95
CA CYS F 336 25.55 15.85 -143.63
C CYS F 336 26.19 17.14 -144.10
N MET F 337 27.08 17.71 -143.27
CA MET F 337 27.78 18.94 -143.63
C MET F 337 28.62 18.75 -144.90
N GLN F 338 29.31 17.61 -145.02
CA GLN F 338 30.14 17.37 -146.19
C GLN F 338 29.30 17.00 -147.41
N ARG F 339 28.17 16.32 -147.20
CA ARG F 339 27.30 15.99 -148.32
C ARG F 339 26.61 17.24 -148.86
N TYR F 340 26.37 18.22 -148.00
CA TYR F 340 25.88 19.53 -148.45
C TYR F 340 26.77 20.08 -149.56
N LEU F 341 28.02 19.62 -149.62
CA LEU F 341 29.01 20.24 -150.49
C LEU F 341 29.44 19.29 -151.62
N GLN F 342 29.46 17.99 -151.35
CA GLN F 342 29.91 17.02 -152.35
C GLN F 342 28.81 16.71 -153.36
N VAL F 343 27.57 17.08 -153.07
CA VAL F 343 26.46 16.85 -154.00
C VAL F 343 26.47 17.95 -155.06
N ASP F 689 14.48 22.45 -152.63
CA ASP F 689 14.32 21.01 -152.64
C ASP F 689 15.44 20.32 -153.42
N SER F 690 16.52 21.05 -153.68
CA SER F 690 17.66 20.48 -154.36
C SER F 690 18.45 19.56 -153.41
N ASP F 691 19.39 18.82 -154.00
CA ASP F 691 20.21 17.93 -153.18
C ASP F 691 20.93 18.71 -152.09
N ALA F 692 21.45 19.88 -152.42
CA ALA F 692 22.12 20.71 -151.41
C ALA F 692 21.15 21.13 -150.31
N SER F 693 19.92 21.51 -150.68
CA SER F 693 18.93 21.90 -149.68
C SER F 693 18.56 20.72 -148.78
N VAL F 694 18.39 19.54 -149.37
CA VAL F 694 18.07 18.36 -148.58
C VAL F 694 19.20 18.04 -147.62
N ALA F 695 20.44 18.14 -148.09
CA ALA F 695 21.58 17.92 -147.21
C ALA F 695 21.63 18.95 -146.09
N LYS F 696 21.28 20.21 -146.40
CA LYS F 696 21.24 21.25 -145.38
C LYS F 696 20.20 20.93 -144.31
N ALA F 697 19.02 20.47 -144.72
CA ALA F 697 17.99 20.08 -143.75
C ALA F 697 18.46 18.91 -142.90
N LYS F 698 19.10 17.92 -143.53
CA LYS F 698 19.66 16.80 -142.78
C LYS F 698 20.68 17.28 -141.77
N LEU F 699 21.52 18.24 -142.16
CA LEU F 699 22.51 18.81 -141.25
C LEU F 699 21.85 19.51 -140.08
N ASP F 700 20.78 20.25 -140.34
CA ASP F 700 20.05 20.90 -139.26
C ASP F 700 19.52 19.88 -138.26
N GLU F 701 18.91 18.81 -138.78
CA GLU F 701 18.40 17.75 -137.91
C GLU F 701 19.53 17.12 -137.11
N ALA F 702 20.67 16.87 -137.76
CA ALA F 702 21.80 16.24 -137.08
C ALA F 702 22.32 17.13 -135.96
N GLN F 703 22.41 18.44 -136.21
CA GLN F 703 22.86 19.35 -135.15
C GLN F 703 21.87 19.40 -134.00
N THR F 704 20.57 19.39 -134.29
CA THR F 704 19.57 19.35 -133.21
C THR F 704 19.75 18.09 -132.37
N ILE F 705 19.92 16.94 -133.01
CA ILE F 705 20.11 15.70 -132.27
C ILE F 705 21.42 15.74 -131.48
N GLU F 706 22.45 16.37 -132.04
CA GLU F 706 23.72 16.51 -131.32
C GLU F 706 23.53 17.32 -130.04
N SER F 707 22.80 18.43 -130.12
CA SER F 707 22.51 19.22 -128.92
C SER F 707 21.74 18.41 -127.90
N GLU F 708 20.74 17.66 -128.36
CA GLU F 708 19.96 16.82 -127.44
C GLU F 708 20.85 15.81 -126.73
N LEU F 709 21.72 15.14 -127.49
CA LEU F 709 22.58 14.12 -126.91
C LEU F 709 23.59 14.74 -125.95
N ASP F 710 24.10 15.93 -126.25
CA ASP F 710 25.00 16.60 -125.32
C ASP F 710 24.29 16.93 -124.01
N LYS F 711 23.05 17.41 -124.10
CA LYS F 711 22.32 17.75 -122.88
C LYS F 711 22.00 16.49 -122.07
N GLN F 712 21.78 15.36 -122.74
CA GLN F 712 21.60 14.10 -122.01
C GLN F 712 22.89 13.64 -121.36
N LEU F 713 24.01 13.77 -122.09
CA LEU F 713 25.31 13.40 -121.53
C LEU F 713 25.65 14.24 -120.32
N ARG F 714 25.18 15.48 -120.27
CA ARG F 714 25.40 16.30 -119.08
C ARG F 714 24.75 15.67 -117.85
N ALA F 715 23.50 15.21 -117.98
CA ALA F 715 22.83 14.55 -116.87
C ALA F 715 23.55 13.26 -116.49
N ALA F 716 24.02 12.51 -117.49
CA ALA F 716 24.77 11.29 -117.19
C ALA F 716 26.05 11.60 -116.43
N ASN F 717 26.74 12.67 -116.82
CA ASN F 717 27.95 13.08 -116.11
C ASN F 717 27.62 13.46 -114.67
N LYS F 718 26.51 14.17 -114.47
CA LYS F 718 26.07 14.49 -113.12
C LYS F 718 25.88 13.22 -112.30
N VAL F 719 25.20 12.23 -112.86
CA VAL F 719 24.94 10.99 -112.13
C VAL F 719 26.25 10.31 -111.80
N THR F 720 27.16 10.23 -112.76
CA THR F 720 28.44 9.55 -112.54
C THR F 720 29.23 10.24 -111.43
N ASN F 721 29.29 11.57 -111.47
CA ASN F 721 30.04 12.30 -110.46
C ASN F 721 29.43 12.13 -109.08
N VAL F 722 28.10 12.18 -108.99
CA VAL F 722 27.42 12.02 -107.70
C VAL F 722 27.73 10.64 -107.14
N LEU F 723 27.62 9.61 -107.98
CA LEU F 723 27.87 8.25 -107.50
C LEU F 723 29.34 8.06 -107.10
N ASP F 724 30.26 8.69 -107.84
CA ASP F 724 31.67 8.61 -107.47
C ASP F 724 31.91 9.25 -106.11
N THR F 725 31.29 10.41 -105.86
CA THR F 725 31.44 11.07 -104.56
C THR F 725 30.85 10.20 -103.45
N GLU F 726 29.70 9.59 -103.71
CA GLU F 726 29.09 8.71 -102.72
C GLU F 726 29.98 7.51 -102.42
N LEU F 727 30.59 6.94 -103.46
CA LEU F 727 31.52 5.83 -103.24
C LEU F 727 32.73 6.27 -102.42
N THR F 728 33.24 7.47 -102.69
CA THR F 728 34.36 7.98 -101.91
C THR F 728 33.97 8.14 -100.44
N LEU F 729 32.79 8.69 -100.18
CA LEU F 729 32.34 8.84 -98.79
C LEU F 729 32.15 7.48 -98.13
N ALA F 730 31.61 6.51 -98.87
CA ALA F 730 31.43 5.17 -98.31
C ALA F 730 32.78 4.56 -97.95
N ARG F 731 33.78 4.72 -98.81
CA ARG F 731 35.11 4.20 -98.50
C ARG F 731 35.70 4.90 -97.29
N ALA F 732 35.51 6.22 -97.19
CA ALA F 732 36.04 6.96 -96.05
C ALA F 732 35.44 6.46 -94.75
N ALA F 733 34.12 6.23 -94.73
CA ALA F 733 33.47 5.72 -93.53
C ALA F 733 33.88 4.27 -93.26
N GLU F 734 34.04 3.48 -94.33
CA GLU F 734 34.37 2.08 -94.16
C GLU F 734 35.75 1.90 -93.56
N ARG F 735 36.70 2.77 -93.91
CA ARG F 735 38.03 2.67 -93.33
C ARG F 735 37.97 2.88 -91.81
N LYS F 736 37.21 3.87 -91.35
CA LYS F 736 37.05 4.07 -89.92
C LYS F 736 36.36 2.88 -89.27
N ALA F 737 35.32 2.36 -89.91
CA ALA F 737 34.62 1.19 -89.35
C ALA F 737 35.57 0.01 -89.24
N GLN F 738 36.39 -0.21 -90.27
CA GLN F 738 37.37 -1.28 -90.24
C GLN F 738 38.37 -1.08 -89.11
N GLN F 739 38.86 0.15 -88.94
CA GLN F 739 39.80 0.43 -87.87
C GLN F 739 39.19 0.11 -86.52
N THR F 740 37.94 0.52 -86.30
CA THR F 740 37.28 0.23 -85.03
C THR F 740 36.80 -1.22 -84.98
N ALA F 741 36.44 -1.81 -86.12
CA ALA F 741 36.01 -3.20 -86.14
C ALA F 741 37.18 -4.17 -85.97
N GLN F 742 38.38 -3.73 -86.31
CA GLN F 742 39.54 -4.62 -86.26
C GLN F 742 39.96 -4.96 -84.83
N GLN F 743 39.40 -4.30 -83.83
CA GLN F 743 39.80 -4.55 -82.45
C GLN F 743 39.38 -5.93 -81.96
N GLY F 744 38.41 -6.56 -82.61
CA GLY F 744 38.11 -7.96 -82.35
C GLY F 744 37.40 -8.20 -81.02
N MET F 745 36.99 -9.46 -80.84
CA MET F 745 36.31 -9.90 -79.63
C MET F 745 36.50 -11.40 -79.47
N LYS F 746 36.19 -11.88 -78.28
CA LYS F 746 36.05 -13.30 -78.02
C LYS F 746 34.58 -13.68 -77.96
N GLU F 747 34.28 -14.94 -78.24
CA GLU F 747 32.90 -15.34 -78.47
C GLU F 747 32.02 -15.09 -77.24
N GLU F 748 32.59 -15.16 -76.04
CA GLU F 748 31.83 -14.75 -74.85
C GLU F 748 31.44 -13.29 -74.96
N GLU F 749 32.39 -12.44 -75.33
CA GLU F 749 32.12 -11.01 -75.49
C GLU F 749 31.11 -10.78 -76.60
N ARG F 750 31.21 -11.56 -77.69
CA ARG F 750 30.26 -11.40 -78.79
C ARG F 750 28.86 -11.82 -78.38
N GLU F 751 28.74 -12.91 -77.60
CA GLU F 751 27.44 -13.29 -77.07
C GLU F 751 26.87 -12.18 -76.20
N LEU F 752 27.70 -11.60 -75.33
CA LEU F 752 27.23 -10.52 -74.48
C LEU F 752 26.76 -9.33 -75.31
N CYS F 753 27.54 -8.95 -76.33
CA CYS F 753 27.19 -7.79 -77.14
C CYS F 753 25.90 -8.04 -77.92
N ALA F 754 25.81 -9.18 -78.60
CA ALA F 754 24.63 -9.47 -79.40
C ALA F 754 23.38 -9.55 -78.53
N SER F 755 23.49 -10.17 -77.35
CA SER F 755 22.36 -10.27 -76.44
C SER F 755 21.83 -8.92 -75.99
N HIS F 756 22.62 -7.86 -76.13
CA HIS F 756 22.19 -6.51 -75.77
C HIS F 756 22.43 -5.48 -76.86
N PHE F 757 23.18 -5.80 -77.91
CA PHE F 757 23.43 -4.89 -79.02
C PHE F 757 22.91 -5.51 -80.32
N PRO F 758 22.34 -4.73 -81.21
CA PRO F 758 21.73 -5.30 -82.42
C PRO F 758 22.73 -5.47 -83.55
N VAL F 759 22.27 -6.12 -84.61
CA VAL F 759 22.98 -6.17 -85.89
C VAL F 759 22.39 -5.05 -86.74
N VAL F 760 23.08 -3.91 -86.79
CA VAL F 760 22.54 -2.73 -87.45
C VAL F 760 22.31 -3.03 -88.94
N THR F 761 21.30 -2.39 -89.50
CA THR F 761 20.95 -2.59 -90.89
C THR F 761 21.73 -1.64 -91.80
N LEU F 762 21.75 -1.97 -93.09
CA LEU F 762 22.45 -1.13 -94.06
C LEU F 762 21.81 0.24 -94.16
N GLU F 763 20.47 0.30 -94.17
CA GLU F 763 19.79 1.59 -94.32
C GLU F 763 20.11 2.52 -93.16
N GLN F 764 20.35 1.98 -91.97
CA GLN F 764 20.72 2.78 -90.81
C GLN F 764 22.21 3.02 -90.72
N LEU F 765 22.97 2.62 -91.75
CA LEU F 765 24.43 2.60 -91.63
C LEU F 765 25.04 3.95 -91.28
N PRO F 766 24.70 5.06 -91.94
CA PRO F 766 25.29 6.34 -91.54
C PRO F 766 24.93 6.75 -90.12
N ASP F 767 23.73 6.40 -89.65
CA ASP F 767 23.25 6.83 -88.35
C ASP F 767 23.72 5.94 -87.20
N ILE F 768 24.64 5.01 -87.46
CA ILE F 768 24.98 3.99 -86.48
C ILE F 768 25.53 4.59 -85.20
N ARG F 769 26.19 5.75 -85.30
CA ARG F 769 26.84 6.33 -84.12
C ARG F 769 25.83 6.69 -83.04
N ASP F 770 24.70 7.28 -83.42
CA ASP F 770 23.70 7.68 -82.43
C ASP F 770 23.06 6.48 -81.74
N LEU F 771 22.87 5.39 -82.48
CA LEU F 771 22.38 4.15 -81.85
C LEU F 771 23.40 3.64 -80.83
N GLU F 772 24.69 3.74 -81.16
CA GLU F 772 25.73 3.39 -80.20
C GLU F 772 25.63 4.28 -78.96
N ARG F 773 25.37 5.58 -79.16
CA ARG F 773 25.23 6.47 -78.02
C ARG F 773 24.04 6.08 -77.15
N GLN F 774 22.93 5.68 -77.78
CA GLN F 774 21.76 5.26 -77.02
C GLN F 774 22.06 4.02 -76.18
N HIS F 775 22.73 3.02 -76.77
CA HIS F 775 23.10 1.84 -76.01
C HIS F 775 24.08 2.19 -74.90
N GLU F 776 25.02 3.11 -75.17
CA GLU F 776 25.91 3.61 -74.14
C GLU F 776 25.12 4.21 -72.99
N ARG F 777 24.07 4.97 -73.30
CA ARG F 777 23.25 5.58 -72.27
C ARG F 777 22.55 4.52 -71.43
N GLY F 778 22.07 3.46 -72.07
CA GLY F 778 21.47 2.36 -71.31
C GLY F 778 22.44 1.73 -70.33
N ILE F 779 23.64 1.40 -70.84
CA ILE F 779 24.67 0.81 -69.97
C ILE F 779 25.02 1.78 -68.85
N GLN F 780 25.09 3.08 -69.17
CA GLN F 780 25.41 4.09 -68.18
C GLN F 780 24.35 4.13 -67.08
N HIS F 781 23.07 4.04 -67.46
CA HIS F 781 22.00 3.98 -66.46
C HIS F 781 22.17 2.77 -65.55
N GLU F 782 22.46 1.61 -66.13
CA GLU F 782 22.64 0.43 -65.30
C GLU F 782 23.78 0.63 -64.31
N ILE F 783 24.89 1.19 -64.78
CA ILE F 783 26.04 1.41 -63.90
C ILE F 783 25.67 2.39 -62.78
N GLU F 784 25.05 3.51 -63.14
CA GLU F 784 24.76 4.57 -62.18
C GLU F 784 23.64 4.22 -61.21
N ARG F 785 22.92 3.12 -61.46
CA ARG F 785 21.98 2.59 -60.48
C ARG F 785 22.64 1.53 -59.58
N VAL F 786 23.42 0.63 -60.18
CA VAL F 786 24.06 -0.41 -59.39
C VAL F 786 25.03 0.20 -58.39
N LYS F 787 25.74 1.26 -58.79
CA LYS F 787 26.68 1.90 -57.88
C LYS F 787 25.95 2.46 -56.65
N ALA F 788 24.77 3.05 -56.85
CA ALA F 788 23.98 3.55 -55.73
C ALA F 788 23.56 2.41 -54.81
N GLU F 789 23.18 1.26 -55.39
CA GLU F 789 22.87 0.11 -54.54
C GLU F 789 24.07 -0.27 -53.68
N LEU F 790 25.26 -0.28 -54.27
CA LEU F 790 26.47 -0.55 -53.51
C LEU F 790 26.63 0.46 -52.36
N HIS F 791 26.39 1.73 -52.65
CA HIS F 791 26.43 2.76 -51.61
C HIS F 791 25.53 2.38 -50.44
N ARG F 792 24.28 2.03 -50.73
CA ARG F 792 23.35 1.67 -49.66
C ARG F 792 23.88 0.50 -48.83
N LEU F 793 24.36 -0.54 -49.51
CA LEU F 793 24.87 -1.71 -48.81
C LEU F 793 26.02 -1.33 -47.89
N ASN F 794 26.93 -0.50 -48.38
CA ASN F 794 28.06 -0.05 -47.56
C ASN F 794 27.57 0.65 -46.31
N ILE F 795 26.58 1.54 -46.46
CA ILE F 795 26.07 2.27 -45.30
C ILE F 795 25.55 1.30 -44.25
N GLU F 796 24.70 0.35 -44.67
CA GLU F 796 24.12 -0.58 -43.71
C GLU F 796 25.20 -1.42 -43.04
N LEU F 797 26.18 -1.87 -43.82
CA LEU F 797 27.23 -2.73 -43.27
C LEU F 797 28.05 -1.97 -42.23
N THR F 798 28.33 -0.69 -42.48
CA THR F 798 29.02 0.11 -41.47
C THR F 798 28.20 0.24 -40.20
N LYS F 799 26.89 0.47 -40.32
CA LYS F 799 26.06 0.52 -39.12
C LYS F 799 26.20 -0.77 -38.31
N ARG F 800 26.13 -1.91 -38.99
CA ARG F 800 26.19 -3.19 -38.28
C ARG F 800 27.55 -3.40 -37.61
N MET F 801 28.64 -3.03 -38.29
CA MET F 801 29.94 -3.15 -37.65
C MET F 801 30.00 -2.28 -36.40
N SER F 802 29.45 -1.07 -36.48
CA SER F 802 29.46 -0.20 -35.31
C SER F 802 28.71 -0.83 -34.14
N GLU F 803 27.55 -1.42 -34.42
CA GLU F 803 26.83 -2.11 -33.35
C GLU F 803 27.68 -3.22 -32.73
N ALA F 804 28.30 -4.05 -33.59
CA ALA F 804 29.13 -5.12 -33.09
C ALA F 804 30.25 -4.57 -32.19
N LYS F 805 30.91 -3.50 -32.63
CA LYS F 805 31.91 -2.86 -31.78
C LYS F 805 31.31 -2.42 -30.46
N ARG F 806 30.09 -1.89 -30.47
CA ARG F 806 29.48 -1.45 -29.22
C ARG F 806 29.37 -2.61 -28.23
N VAL F 807 28.89 -3.76 -28.68
CA VAL F 807 28.63 -4.86 -27.76
C VAL F 807 29.85 -5.76 -27.55
N ASP F 808 30.92 -5.60 -28.33
CA ASP F 808 32.08 -6.47 -28.19
C ASP F 808 32.75 -6.28 -26.83
N THR F 809 33.62 -7.24 -26.48
CA THR F 809 34.46 -7.13 -25.28
C THR F 809 35.77 -7.85 -25.57
N GLY F 810 36.78 -7.08 -25.99
CA GLY F 810 38.15 -7.53 -26.01
C GLY F 810 38.74 -7.96 -27.35
N ALA F 811 37.91 -8.23 -28.36
CA ALA F 811 38.44 -8.75 -29.62
C ALA F 811 38.33 -7.74 -30.75
N LEU F 812 37.13 -7.24 -31.02
CA LEU F 812 36.98 -6.19 -32.02
C LEU F 812 37.64 -4.89 -31.58
N VAL F 813 38.00 -4.78 -30.29
CA VAL F 813 38.67 -3.59 -29.79
C VAL F 813 39.87 -3.21 -30.65
N GLU F 814 40.51 -4.20 -31.26
CA GLU F 814 41.73 -3.93 -32.02
C GLU F 814 41.43 -3.20 -33.32
N ALA F 815 40.65 -3.81 -34.21
CA ALA F 815 40.46 -3.28 -35.54
C ALA F 815 39.40 -2.17 -35.54
N GLY F 816 39.33 -1.48 -36.67
CA GLY F 816 38.33 -0.44 -36.87
C GLY F 816 37.07 -1.00 -37.49
N ALA F 817 36.35 -0.13 -38.21
CA ALA F 817 35.11 -0.51 -38.90
C ALA F 817 35.09 0.18 -40.26
N ASP F 818 35.41 -0.57 -41.30
CA ASP F 818 35.38 -0.08 -42.67
C ASP F 818 35.24 -1.27 -43.60
N LEU F 819 34.97 -0.98 -44.88
CA LEU F 819 34.80 -2.03 -45.87
C LEU F 819 36.09 -2.78 -46.17
N ASP F 820 37.19 -2.46 -45.48
CA ASP F 820 38.41 -3.25 -45.55
C ASP F 820 38.71 -4.02 -44.29
N ASP F 821 38.11 -3.64 -43.16
CA ASP F 821 38.32 -4.37 -41.91
C ASP F 821 37.53 -5.67 -41.88
N ILE F 822 36.53 -5.81 -42.74
CA ILE F 822 35.51 -6.85 -42.64
C ILE F 822 36.09 -8.21 -42.28
N PRO F 823 37.17 -8.67 -42.90
CA PRO F 823 37.61 -10.06 -42.66
C PRO F 823 37.77 -10.41 -41.20
N VAL F 824 38.19 -9.47 -40.35
CA VAL F 824 38.36 -9.79 -38.93
C VAL F 824 37.04 -10.21 -38.31
N TYR F 825 35.97 -9.47 -38.60
CA TYR F 825 34.66 -9.82 -38.03
C TYR F 825 34.29 -11.26 -38.35
N LEU F 826 34.39 -11.64 -39.62
CA LEU F 826 33.99 -12.99 -40.03
C LEU F 826 34.86 -14.03 -39.35
N GLN F 827 36.15 -13.74 -39.17
CA GLN F 827 37.02 -14.67 -38.45
C GLN F 827 36.53 -14.90 -37.03
N ARG F 828 36.16 -13.81 -36.34
CA ARG F 828 35.66 -13.95 -34.97
C ARG F 828 34.37 -14.75 -34.95
N LEU F 829 33.47 -14.50 -35.91
CA LEU F 829 32.23 -15.26 -35.95
C LEU F 829 32.51 -16.74 -36.17
N GLN F 830 33.45 -17.06 -37.07
CA GLN F 830 33.81 -18.44 -37.29
C GLN F 830 34.35 -19.07 -36.02
N GLU F 831 35.19 -18.33 -35.28
CA GLU F 831 35.73 -18.88 -34.04
C GLU F 831 34.62 -19.16 -33.04
N LEU F 832 33.70 -18.21 -32.87
CA LEU F 832 32.64 -18.37 -31.87
C LEU F 832 31.57 -19.32 -32.36
N THR F 833 31.69 -19.77 -33.60
CA THR F 833 30.91 -20.92 -34.07
C THR F 833 31.61 -22.25 -33.84
N GLU F 834 32.94 -22.29 -33.95
CA GLU F 834 33.66 -23.54 -33.71
C GLU F 834 33.48 -24.00 -32.26
N GLU F 835 33.61 -23.08 -31.31
CA GLU F 835 33.53 -23.43 -29.91
C GLU F 835 32.14 -23.94 -29.52
N ALA F 836 31.11 -23.62 -30.29
CA ALA F 836 29.73 -23.99 -29.95
C ALA F 836 29.39 -23.62 -28.52
N LEU F 837 30.06 -22.62 -27.97
CA LEU F 837 29.98 -22.30 -26.55
C LEU F 837 28.57 -21.87 -26.15
N PRO F 838 27.92 -20.95 -26.88
CA PRO F 838 26.64 -20.42 -26.41
C PRO F 838 25.54 -21.45 -26.23
N GLU F 839 25.78 -22.71 -26.59
CA GLU F 839 24.74 -23.73 -26.57
C GLU F 839 24.92 -24.76 -25.48
N LYS F 840 25.79 -24.51 -24.49
CA LYS F 840 25.88 -25.34 -23.31
C LYS F 840 24.97 -24.86 -22.18
N LEU F 841 24.23 -23.77 -22.40
CA LEU F 841 23.72 -22.98 -21.29
C LEU F 841 22.83 -23.79 -20.35
N ASN F 842 21.84 -24.47 -20.91
CA ASN F 842 20.80 -25.10 -20.12
C ASN F 842 21.18 -26.49 -19.62
N ARG F 843 22.41 -26.94 -19.88
CA ARG F 843 22.98 -28.05 -19.13
C ARG F 843 23.89 -27.58 -18.01
N PHE F 844 24.41 -26.35 -18.11
CA PHE F 844 25.28 -25.82 -17.07
C PHE F 844 24.48 -25.19 -15.93
N LEU F 845 23.32 -24.62 -16.25
CA LEU F 845 22.47 -24.07 -15.19
C LEU F 845 21.94 -25.16 -14.28
N ASP F 846 22.12 -26.43 -14.66
CA ASP F 846 21.79 -27.54 -13.76
C ASP F 846 22.94 -27.82 -12.80
N TYR F 847 24.15 -27.99 -13.34
CA TYR F 847 25.31 -28.26 -12.50
C TYR F 847 25.50 -27.18 -11.44
N LEU F 848 25.32 -25.90 -11.84
CA LEU F 848 25.47 -24.83 -10.87
C LEU F 848 24.54 -25.05 -9.67
N ASN F 849 23.25 -25.24 -9.95
CA ASN F 849 22.30 -25.45 -8.87
C ASN F 849 22.70 -26.62 -8.00
N ARG F 850 23.00 -27.76 -8.62
CA ARG F 850 23.28 -28.94 -7.80
C ARG F 850 24.47 -28.70 -6.89
N SER F 851 25.59 -28.19 -7.42
CA SER F 851 26.78 -28.05 -6.59
C SER F 851 26.58 -27.02 -5.48
N SER F 852 26.12 -25.82 -5.84
CA SER F 852 25.98 -24.79 -4.82
C SER F 852 24.92 -25.18 -3.79
N ASP F 853 23.89 -25.92 -4.20
CA ASP F 853 22.85 -26.32 -3.26
C ASP F 853 23.37 -27.37 -2.30
N ASP F 854 24.11 -28.36 -2.80
CA ASP F 854 24.74 -29.32 -1.90
C ASP F 854 25.64 -28.61 -0.90
N GLY F 855 26.35 -27.58 -1.33
CA GLY F 855 27.16 -26.83 -0.38
C GLY F 855 26.34 -26.14 0.69
N VAL F 856 25.33 -25.37 0.26
CA VAL F 856 24.53 -24.59 1.19
C VAL F 856 23.70 -25.49 2.10
N THR F 857 23.59 -26.78 1.77
CA THR F 857 22.92 -27.70 2.69
C THR F 857 23.92 -28.38 3.62
N GLN F 858 25.10 -28.72 3.10
CA GLN F 858 26.12 -29.33 3.95
C GLN F 858 26.62 -28.35 5.00
N LEU F 859 26.36 -27.06 4.83
CA LEU F 859 26.61 -26.14 5.94
C LEU F 859 25.47 -26.19 6.95
N LEU F 860 24.26 -25.84 6.52
CA LEU F 860 23.16 -25.69 7.46
C LEU F 860 22.67 -27.01 8.03
N SER F 861 23.30 -28.13 7.67
CA SER F 861 23.20 -29.33 8.49
C SER F 861 24.24 -29.23 9.61
N HIS F 862 25.49 -28.94 9.22
CA HIS F 862 26.59 -28.95 10.18
C HIS F 862 26.33 -27.98 11.33
N ILE F 863 25.92 -26.74 11.01
CA ILE F 863 25.68 -25.77 12.06
C ILE F 863 24.71 -26.32 13.09
N GLU F 864 23.51 -26.68 12.66
CA GLU F 864 22.50 -27.19 13.58
C GLU F 864 22.99 -28.44 14.30
N HIS F 865 23.61 -29.37 13.55
CA HIS F 865 23.88 -30.69 14.10
C HIS F 865 24.73 -30.60 15.36
N GLU F 866 25.60 -29.58 15.45
CA GLU F 866 26.34 -29.34 16.68
C GLU F 866 25.40 -29.21 17.87
N VAL F 867 24.34 -28.40 17.73
CA VAL F 867 23.42 -28.17 18.83
C VAL F 867 22.96 -29.50 19.42
N LEU F 868 22.82 -30.52 18.58
CA LEU F 868 22.47 -31.84 19.08
C LEU F 868 23.65 -32.58 19.65
N VAL F 869 24.78 -31.91 19.88
CA VAL F 869 25.86 -32.43 20.71
C VAL F 869 26.00 -31.62 21.99
N ILE F 870 25.88 -30.29 21.90
CA ILE F 870 25.84 -29.47 23.10
C ILE F 870 24.69 -29.92 24.00
N GLU F 871 23.52 -30.13 23.41
CA GLU F 871 22.40 -30.63 24.21
C GLU F 871 22.61 -32.05 24.71
N GLU F 872 23.70 -32.73 24.39
CA GLU F 872 24.01 -34.03 24.96
C GLU F 872 25.06 -33.94 26.07
N ARG F 873 25.98 -32.97 26.00
CA ARG F 873 26.90 -32.76 27.10
C ARG F 873 26.16 -32.34 28.35
N LEU F 874 25.20 -31.44 28.24
CA LEU F 874 24.49 -30.94 29.42
C LEU F 874 23.83 -32.06 30.19
N ASN F 875 23.51 -33.19 29.54
CA ASN F 875 23.02 -34.34 30.28
C ASN F 875 24.03 -34.79 31.32
N GLU F 876 25.31 -34.80 30.96
CA GLU F 876 26.33 -35.25 31.90
C GLU F 876 26.40 -34.35 33.12
N LEU F 877 26.33 -33.03 32.95
CA LEU F 877 26.31 -32.15 34.11
C LEU F 877 25.05 -32.37 34.94
N ASN F 878 23.89 -32.42 34.29
CA ASN F 878 22.66 -32.75 35.01
C ASN F 878 22.77 -34.11 35.68
N GLU F 879 23.56 -35.03 35.10
CA GLU F 879 23.84 -36.29 35.75
C GLU F 879 24.69 -36.09 37.00
N THR F 880 25.76 -35.30 36.87
CA THR F 880 26.65 -35.09 38.01
C THR F 880 25.94 -34.34 39.14
N MET F 881 25.28 -33.24 38.80
CA MET F 881 24.66 -32.39 39.82
C MET F 881 23.48 -33.06 40.52
N PHE F 882 23.14 -34.29 40.15
CA PHE F 882 22.09 -35.00 40.86
C PHE F 882 22.61 -35.69 42.11
N ARG F 883 23.93 -35.81 42.25
CA ARG F 883 24.53 -36.56 43.34
C ARG F 883 24.77 -35.71 44.59
N VAL F 884 24.54 -34.40 44.52
CA VAL F 884 24.90 -33.48 45.59
C VAL F 884 23.67 -32.66 45.96
N ASP F 885 23.43 -32.52 47.26
CA ASP F 885 22.27 -31.78 47.74
C ASP F 885 22.62 -30.29 47.81
N PHE F 886 21.99 -29.49 46.94
CA PHE F 886 22.20 -28.05 46.97
C PHE F 886 21.61 -27.42 48.22
N GLN F 887 20.38 -27.78 48.54
CA GLN F 887 19.70 -27.44 49.79
C GLN F 887 19.22 -28.74 50.41
N PRO F 888 18.90 -28.72 51.71
CA PRO F 888 18.80 -29.99 52.44
C PRO F 888 18.12 -31.13 51.70
N ASP F 889 17.18 -30.85 50.78
CA ASP F 889 16.61 -31.89 49.95
C ASP F 889 16.40 -31.43 48.51
N ARG F 890 17.23 -30.51 48.04
CA ARG F 890 17.13 -29.96 46.70
C ARG F 890 18.37 -30.27 45.89
N TYR F 891 18.21 -30.27 44.57
CA TYR F 891 19.31 -30.41 43.64
C TYR F 891 19.03 -29.59 42.40
N LEU F 892 20.10 -29.20 41.70
CA LEU F 892 19.97 -28.35 40.54
C LEU F 892 19.72 -29.18 39.28
N ARG F 893 19.44 -28.47 38.18
CA ARG F 893 19.29 -29.09 36.88
C ARG F 893 19.32 -28.00 35.83
N LEU F 894 19.83 -28.34 34.64
CA LEU F 894 20.03 -27.39 33.55
C LEU F 894 19.09 -27.71 32.42
N ASP F 895 18.44 -26.68 31.89
CA ASP F 895 17.51 -26.81 30.77
C ASP F 895 17.88 -25.79 29.70
N THR F 896 17.31 -25.96 28.51
CA THR F 896 17.62 -25.10 27.38
C THR F 896 16.37 -24.81 26.56
N LYS F 897 16.16 -23.54 26.24
CA LYS F 897 15.15 -23.13 25.27
C LYS F 897 15.72 -23.28 23.87
N LYS F 898 15.01 -22.74 22.88
CA LYS F 898 15.55 -22.54 21.54
C LYS F 898 15.51 -21.05 21.24
N VAL F 899 16.68 -20.47 20.98
CA VAL F 899 16.78 -19.02 20.85
C VAL F 899 15.82 -18.53 19.77
N VAL F 900 15.35 -17.30 19.96
CA VAL F 900 14.49 -16.63 19.00
C VAL F 900 15.11 -15.29 18.65
N HIS F 901 15.27 -15.04 17.35
CA HIS F 901 15.80 -13.76 16.89
C HIS F 901 15.37 -13.55 15.44
N GLU F 902 15.47 -12.31 14.99
CA GLU F 902 14.94 -11.94 13.68
C GLU F 902 15.61 -12.71 12.55
N SER F 903 16.95 -12.63 12.47
CA SER F 903 17.65 -13.15 11.31
C SER F 903 17.47 -14.66 11.17
N LEU F 904 17.43 -15.38 12.28
CA LEU F 904 17.21 -16.82 12.21
C LEU F 904 15.83 -17.12 11.63
N ARG F 905 14.82 -16.34 12.01
CA ARG F 905 13.49 -16.51 11.43
C ARG F 905 13.51 -16.22 9.93
N THR F 906 14.24 -15.18 9.52
CA THR F 906 14.37 -14.90 8.09
C THR F 906 15.01 -16.08 7.36
N LEU F 907 16.04 -16.68 7.95
CA LEU F 907 16.64 -17.87 7.35
C LEU F 907 15.64 -19.01 7.26
N GLU F 908 14.83 -19.20 8.30
CA GLU F 908 13.80 -20.23 8.24
C GLU F 908 12.92 -20.02 7.02
N LYS F 909 12.44 -18.79 6.82
CA LYS F 909 11.57 -18.51 5.68
C LYS F 909 12.31 -18.77 4.36
N ALA F 910 13.55 -18.32 4.28
CA ALA F 910 14.31 -18.48 3.04
C ALA F 910 14.52 -19.95 2.71
N GLN F 911 14.86 -20.75 3.71
CA GLN F 911 15.03 -22.18 3.48
C GLN F 911 13.73 -22.82 3.04
N ARG F 912 12.61 -22.45 3.67
CA ARG F 912 11.32 -22.96 3.23
C ARG F 912 11.12 -22.67 1.75
N GLN F 913 11.38 -21.42 1.34
CA GLN F 913 11.30 -21.09 -0.08
C GLN F 913 12.21 -21.97 -0.92
N LEU F 914 13.45 -22.18 -0.48
CA LEU F 914 14.40 -22.96 -1.29
C LEU F 914 13.92 -24.38 -1.50
N ASN F 915 13.26 -24.97 -0.49
CA ASN F 915 12.60 -26.24 -0.73
C ASN F 915 11.52 -26.11 -1.79
N ALA F 916 10.77 -25.00 -1.77
CA ALA F 916 9.64 -24.84 -2.67
C ALA F 916 10.08 -24.85 -4.14
N ALA F 917 11.10 -24.05 -4.47
CA ALA F 917 11.49 -23.87 -5.85
C ALA F 917 12.11 -25.12 -6.46
N ARG F 918 12.26 -26.20 -5.70
CA ARG F 918 12.91 -27.39 -6.23
C ARG F 918 12.11 -28.02 -7.36
N PHE F 919 10.79 -28.10 -7.22
CA PHE F 919 9.97 -28.90 -8.11
C PHE F 919 9.17 -28.10 -9.12
N VAL F 920 9.14 -26.77 -9.02
CA VAL F 920 8.40 -25.97 -9.98
C VAL F 920 9.20 -25.93 -11.28
N ASP F 921 8.81 -26.77 -12.23
CA ASP F 921 9.63 -27.00 -13.41
C ASP F 921 9.66 -25.75 -14.31
N ASP F 922 10.73 -24.97 -14.22
CA ASP F 922 10.90 -23.79 -15.07
C ASP F 922 12.36 -23.65 -15.50
N ASN F 923 13.01 -24.77 -15.82
CA ASN F 923 14.45 -24.80 -16.02
C ASN F 923 15.21 -24.46 -14.74
N GLY F 924 14.56 -24.64 -13.59
CA GLY F 924 15.22 -24.39 -12.32
C GLY F 924 15.53 -22.95 -12.04
N GLU F 925 14.89 -22.01 -12.75
CA GLU F 925 15.19 -20.60 -12.54
C GLU F 925 14.88 -20.16 -11.11
N SER F 926 13.69 -20.50 -10.62
CA SER F 926 13.33 -20.14 -9.25
C SER F 926 14.26 -20.82 -8.25
N HIS F 927 14.70 -22.04 -8.56
CA HIS F 927 15.74 -22.69 -7.77
C HIS F 927 16.95 -21.79 -7.64
N TYR F 928 17.39 -21.21 -8.75
CA TYR F 928 18.51 -20.28 -8.73
C TYR F 928 18.19 -19.04 -7.90
N LYS F 929 16.96 -18.52 -8.03
CA LYS F 929 16.59 -17.33 -7.28
C LYS F 929 16.72 -17.58 -5.78
N ALA F 930 16.17 -18.69 -5.30
CA ALA F 930 16.26 -19.02 -3.89
C ALA F 930 17.71 -19.24 -3.47
N LEU F 931 18.47 -19.99 -4.28
CA LEU F 931 19.84 -20.31 -3.93
C LEU F 931 20.77 -19.11 -4.07
N GLN F 932 20.28 -17.99 -4.59
CA GLN F 932 21.01 -16.73 -4.56
C GLN F 932 20.64 -15.91 -3.32
N VAL F 933 19.33 -15.73 -3.10
CA VAL F 933 18.91 -14.93 -1.96
C VAL F 933 19.45 -15.52 -0.67
N LEU F 934 19.53 -16.86 -0.59
CA LEU F 934 20.02 -17.48 0.64
C LEU F 934 21.48 -17.14 0.90
N VAL F 935 22.33 -17.20 -0.13
CA VAL F 935 23.75 -16.91 0.05
C VAL F 935 23.95 -15.44 0.35
N ALA F 936 23.02 -14.58 -0.08
CA ALA F 936 23.12 -13.17 0.27
C ALA F 936 23.30 -13.02 1.78
N GLN F 937 22.45 -13.68 2.57
CA GLN F 937 22.51 -13.54 4.02
C GLN F 937 23.80 -14.14 4.58
N LEU F 938 24.27 -15.24 4.03
CA LEU F 938 25.53 -15.82 4.52
C LEU F 938 26.69 -14.86 4.32
N ARG F 939 26.77 -14.22 3.16
CA ARG F 939 27.84 -13.23 2.97
C ARG F 939 27.66 -12.06 3.93
N ASP F 940 26.43 -11.56 4.06
CA ASP F 940 26.20 -10.39 4.91
C ASP F 940 26.59 -10.68 6.35
N ALA F 941 26.22 -11.85 6.86
CA ALA F 941 26.56 -12.19 8.25
C ALA F 941 28.07 -12.26 8.45
N CYS F 942 28.82 -12.71 7.44
CA CYS F 942 30.27 -12.73 7.56
C CYS F 942 30.87 -11.34 7.43
N GLU F 943 30.13 -10.41 6.83
CA GLU F 943 30.64 -9.04 6.72
C GLU F 943 30.63 -8.31 8.06
N ARG F 944 29.68 -8.64 8.94
CA ARG F 944 29.48 -7.93 10.20
C ARG F 944 29.42 -8.90 11.36
N ASN F 945 30.46 -9.72 11.51
CA ASN F 945 30.42 -10.86 12.41
C ASN F 945 30.33 -10.49 13.88
N ARG F 946 30.25 -9.20 14.21
CA ARG F 946 30.18 -8.78 15.61
C ARG F 946 28.76 -8.71 16.14
N THR F 947 27.82 -8.15 15.37
CA THR F 947 26.46 -7.98 15.87
C THR F 947 25.85 -9.31 16.28
N LEU F 948 24.79 -9.23 17.08
CA LEU F 948 24.16 -10.43 17.62
C LEU F 948 23.64 -11.34 16.50
N GLY F 949 22.98 -10.74 15.51
CA GLY F 949 22.43 -11.54 14.43
C GLY F 949 23.49 -12.37 13.73
N ALA F 950 24.62 -11.76 13.40
CA ALA F 950 25.71 -12.50 12.77
C ALA F 950 26.30 -13.57 13.68
N LYS F 951 26.06 -13.50 14.99
CA LYS F 951 26.39 -14.63 15.85
C LYS F 951 25.36 -15.75 15.70
N ALA F 952 24.08 -15.37 15.70
CA ALA F 952 23.01 -16.36 15.69
C ALA F 952 23.09 -17.25 14.45
N LEU F 953 23.35 -16.63 13.29
CA LEU F 953 23.20 -17.30 12.02
C LEU F 953 24.37 -18.21 11.65
N LEU F 954 25.48 -18.16 12.39
CA LEU F 954 26.66 -18.90 11.97
C LEU F 954 27.45 -19.57 13.08
N ASP F 955 26.98 -19.56 14.34
CA ASP F 955 27.79 -20.12 15.43
C ASP F 955 26.93 -21.01 16.33
N PRO F 956 27.36 -22.24 16.61
CA PRO F 956 26.47 -23.16 17.33
C PRO F 956 26.02 -22.65 18.69
N ARG F 957 26.96 -22.34 19.57
CA ARG F 957 26.61 -22.09 20.97
C ARG F 957 25.88 -20.76 21.19
N PHE F 958 25.50 -20.01 20.15
CA PHE F 958 24.66 -18.82 20.31
C PHE F 958 23.21 -19.07 19.92
N ARG F 959 22.87 -20.26 19.44
CA ARG F 959 21.47 -20.61 19.21
C ARG F 959 20.78 -21.12 20.47
N LEU F 960 21.51 -21.29 21.56
CA LEU F 960 20.95 -21.70 22.84
C LEU F 960 21.27 -20.66 23.90
N GLU F 961 20.28 -20.37 24.75
CA GLU F 961 20.50 -19.58 25.96
C GLU F 961 19.96 -20.37 27.13
N PHE F 962 20.73 -20.42 28.21
CA PHE F 962 20.57 -21.44 29.24
C PHE F 962 19.73 -20.91 30.39
N ALA F 963 19.39 -21.83 31.30
CA ALA F 963 18.57 -21.52 32.45
C ALA F 963 18.85 -22.55 33.54
N VAL F 964 18.56 -22.17 34.78
CA VAL F 964 18.81 -23.02 35.94
C VAL F 964 17.47 -23.32 36.61
N SER F 965 17.39 -24.49 37.25
CA SER F 965 16.18 -24.93 37.93
C SER F 965 16.54 -25.72 39.17
N VAL F 966 15.63 -25.69 40.15
CA VAL F 966 15.80 -26.40 41.41
C VAL F 966 14.75 -27.49 41.48
N MET F 967 15.15 -28.68 41.93
CA MET F 967 14.26 -29.82 42.02
C MET F 967 14.34 -30.43 43.41
N ASP F 968 13.22 -31.02 43.84
CA ASP F 968 13.10 -31.64 45.14
C ASP F 968 13.48 -33.11 45.04
N ARG F 969 14.19 -33.61 46.06
CA ARG F 969 14.55 -35.02 46.08
C ARG F 969 13.33 -35.91 46.05
N GLN F 970 12.28 -35.55 46.78
CA GLN F 970 11.07 -36.36 46.88
C GLN F 970 10.09 -36.11 45.75
N SER F 971 10.29 -35.06 44.96
CA SER F 971 9.34 -34.72 43.91
C SER F 971 10.08 -34.08 42.75
N GLY F 972 9.81 -34.55 41.53
CA GLY F 972 10.39 -33.95 40.34
C GLY F 972 9.78 -32.63 39.93
N ASN F 973 8.80 -32.14 40.68
CA ASN F 973 8.17 -30.87 40.34
C ASN F 973 9.16 -29.72 40.52
N VAL F 974 9.03 -28.71 39.66
CA VAL F 974 9.91 -27.55 39.74
C VAL F 974 9.72 -26.86 41.08
N ILE F 975 10.83 -26.57 41.76
CA ILE F 975 10.80 -25.74 42.96
C ILE F 975 11.06 -24.29 42.63
N GLU F 976 11.98 -24.03 41.71
CA GLU F 976 12.24 -22.69 41.20
C GLU F 976 13.17 -22.77 40.01
N SER F 977 12.91 -21.95 39.00
CA SER F 977 13.75 -21.89 37.81
C SER F 977 13.93 -20.43 37.41
N ARG F 978 15.14 -20.09 36.98
CA ARG F 978 15.52 -18.70 36.77
C ARG F 978 16.13 -18.54 35.39
N THR F 979 15.68 -17.50 34.67
CA THR F 979 16.35 -17.06 33.45
C THR F 979 15.83 -15.69 33.06
N GLY F 980 16.73 -14.71 32.93
CA GLY F 980 16.34 -13.36 32.59
C GLY F 980 15.55 -12.71 33.72
N SER F 981 15.63 -11.38 33.82
CA SER F 981 14.97 -10.65 34.89
C SER F 981 15.19 -11.35 36.22
N GLN F 982 16.40 -11.84 36.45
CA GLN F 982 16.70 -12.64 37.63
C GLN F 982 16.45 -11.88 38.92
N GLY F 983 16.67 -10.56 38.93
CA GLY F 983 16.49 -9.77 40.13
C GLY F 983 17.41 -10.24 41.24
N GLY F 984 18.45 -10.99 40.87
CA GLY F 984 19.30 -11.62 41.85
C GLY F 984 20.06 -10.66 42.72
N SER F 985 19.90 -10.77 44.03
CA SER F 985 20.76 -10.03 44.94
C SER F 985 22.19 -10.53 44.80
N GLY F 986 23.14 -9.62 45.05
CA GLY F 986 24.55 -9.93 44.87
C GLY F 986 24.92 -11.33 45.31
N GLY F 987 24.60 -11.68 46.55
CA GLY F 987 24.93 -12.99 47.04
C GLY F 987 24.22 -14.12 46.30
N GLU F 988 23.07 -13.83 45.71
CA GLU F 988 22.38 -14.85 44.93
C GLU F 988 23.22 -15.27 43.73
N LYS F 989 23.88 -14.32 43.09
CA LYS F 989 24.63 -14.63 41.88
C LYS F 989 25.88 -15.43 42.18
N GLU F 990 26.62 -15.04 43.23
CA GLU F 990 27.91 -15.65 43.49
C GLU F 990 27.80 -17.05 44.08
N ILE F 991 26.58 -17.56 44.30
CA ILE F 991 26.41 -18.98 44.61
C ILE F 991 26.27 -19.73 43.29
N ILE F 992 25.19 -19.43 42.56
CA ILE F 992 24.94 -20.09 41.27
C ILE F 992 26.22 -20.14 40.45
N ALA F 993 26.95 -19.03 40.40
CA ALA F 993 28.18 -18.95 39.64
C ALA F 993 29.17 -20.02 40.06
N SER F 994 29.56 -19.98 41.34
CA SER F 994 30.55 -20.91 41.85
C SER F 994 30.10 -22.35 41.69
N TYR F 995 28.82 -22.64 41.94
CA TYR F 995 28.37 -24.02 41.90
C TYR F 995 28.43 -24.56 40.47
N VAL F 996 27.90 -23.81 39.51
CA VAL F 996 27.94 -24.29 38.13
C VAL F 996 29.38 -24.45 37.66
N LEU F 997 30.25 -23.48 37.97
CA LEU F 997 31.62 -23.56 37.51
C LEU F 997 32.36 -24.75 38.13
N THR F 998 32.17 -24.96 39.44
CA THR F 998 32.81 -26.10 40.10
C THR F 998 32.33 -27.41 39.51
N ALA F 999 31.02 -27.53 39.28
CA ALA F 999 30.50 -28.75 38.68
C ALA F 999 31.10 -28.98 37.29
N SER F 1000 31.17 -27.91 36.49
CA SER F 1000 31.68 -28.05 35.13
C SER F 1000 33.14 -28.51 35.14
N LEU F 1001 33.97 -27.87 35.97
CA LEU F 1001 35.37 -28.27 36.00
C LEU F 1001 35.54 -29.67 36.55
N SER F 1002 34.82 -30.00 37.63
CA SER F 1002 34.81 -31.37 38.14
C SER F 1002 34.57 -32.35 37.00
N TYR F 1003 33.47 -32.17 36.26
CA TYR F 1003 33.19 -33.07 35.17
C TYR F 1003 34.34 -33.10 34.16
N ALA F 1004 34.80 -31.93 33.75
CA ALA F 1004 35.80 -31.87 32.68
C ALA F 1004 37.08 -32.58 33.06
N LEU F 1005 37.41 -32.67 34.35
CA LEU F 1005 38.61 -33.38 34.76
C LEU F 1005 38.38 -34.87 34.99
N CYS F 1006 37.16 -35.36 34.82
CA CYS F 1006 36.87 -36.76 35.06
C CYS F 1006 37.35 -37.62 33.89
N PRO F 1007 38.19 -38.63 34.10
CA PRO F 1007 38.50 -39.57 33.03
C PRO F 1007 37.27 -40.35 32.62
N ALA F 1008 37.31 -40.88 31.41
CA ALA F 1008 36.15 -41.55 30.82
C ALA F 1008 35.64 -42.65 31.73
N GLY F 1009 34.32 -42.68 31.93
CA GLY F 1009 33.68 -43.70 32.74
C GLY F 1009 33.73 -43.49 34.23
N SER F 1010 34.79 -42.87 34.75
CA SER F 1010 34.92 -42.64 36.18
C SER F 1010 34.40 -41.25 36.55
N ARG F 1011 34.13 -41.07 37.84
CA ARG F 1011 33.72 -39.78 38.38
C ARG F 1011 34.52 -39.42 39.61
N TYR F 1012 35.81 -39.76 39.60
CA TYR F 1012 36.77 -39.35 40.63
C TYR F 1012 37.99 -38.78 39.90
N PRO F 1013 37.96 -37.50 39.54
CA PRO F 1013 39.00 -36.97 38.66
C PRO F 1013 40.40 -37.19 39.23
N LEU F 1014 41.34 -37.49 38.33
CA LEU F 1014 42.69 -37.86 38.73
C LEU F 1014 43.48 -36.65 39.24
N PHE F 1015 43.43 -35.53 38.54
CA PHE F 1015 43.96 -34.29 39.07
C PHE F 1015 43.01 -33.73 40.12
N GLY F 1016 43.57 -33.15 41.18
CA GLY F 1016 42.78 -32.78 42.34
C GLY F 1016 42.71 -31.29 42.63
N THR F 1017 43.76 -30.56 42.30
CA THR F 1017 43.84 -29.17 42.72
C THR F 1017 42.83 -28.31 41.94
N ILE F 1018 42.40 -27.22 42.57
CA ILE F 1018 41.65 -26.14 41.91
C ILE F 1018 41.81 -24.88 42.74
N ILE F 1019 42.12 -23.76 42.08
CA ILE F 1019 42.63 -22.57 42.76
C ILE F 1019 41.67 -21.40 42.63
N LEU F 1020 40.87 -21.15 43.66
CA LEU F 1020 40.06 -19.93 43.70
C LEU F 1020 40.87 -18.77 44.26
N ASP F 1021 40.32 -17.56 44.11
CA ASP F 1021 40.99 -16.36 44.59
C ASP F 1021 40.00 -15.22 44.67
N GLU F 1022 39.76 -14.72 45.88
CA GLU F 1022 38.98 -13.51 46.08
C GLU F 1022 37.65 -13.55 45.34
N ALA F 1023 36.77 -14.47 45.71
CA ALA F 1023 35.49 -14.64 45.03
C ALA F 1023 34.36 -14.73 46.05
N PHE F 1024 34.38 -13.84 47.04
CA PHE F 1024 33.34 -13.79 48.06
C PHE F 1024 32.91 -12.37 48.38
N SER F 1025 33.22 -11.41 47.53
CA SER F 1025 33.07 -10.00 47.88
C SER F 1025 31.67 -9.47 47.60
N ARG F 1026 30.67 -10.32 47.43
CA ARG F 1026 29.28 -9.90 47.34
C ARG F 1026 28.37 -10.85 48.11
N SER F 1027 28.88 -11.46 49.18
CA SER F 1027 28.15 -12.50 49.89
C SER F 1027 28.44 -12.39 51.38
N SER F 1028 27.51 -12.90 52.18
CA SER F 1028 27.66 -12.89 53.62
C SER F 1028 28.41 -14.14 54.09
N HIS F 1029 28.96 -14.06 55.30
CA HIS F 1029 29.59 -15.23 55.89
C HIS F 1029 28.61 -16.38 56.03
N ALA F 1030 27.31 -16.07 56.07
CA ALA F 1030 26.30 -17.12 56.21
C ALA F 1030 26.22 -17.99 54.96
N VAL F 1031 26.26 -17.39 53.77
CA VAL F 1031 26.07 -18.13 52.53
C VAL F 1031 27.39 -18.71 52.07
N ALA F 1032 28.48 -17.97 52.28
CA ALA F 1032 29.78 -18.46 51.85
C ALA F 1032 30.07 -19.85 52.40
N GLY F 1033 29.59 -20.14 53.62
CA GLY F 1033 29.76 -21.46 54.17
C GLY F 1033 29.18 -22.57 53.31
N ARG F 1034 28.19 -22.25 52.48
CA ARG F 1034 27.65 -23.26 51.56
C ARG F 1034 28.69 -23.68 50.53
N ILE F 1035 29.31 -22.69 49.88
CA ILE F 1035 30.23 -22.99 48.78
C ILE F 1035 31.42 -23.80 49.27
N ILE F 1036 31.97 -23.41 50.43
CA ILE F 1036 33.17 -24.07 50.93
C ILE F 1036 32.92 -25.55 51.15
N ALA F 1037 31.69 -25.94 51.48
CA ALA F 1037 31.38 -27.34 51.70
C ALA F 1037 31.16 -28.07 50.38
N ALA F 1038 30.43 -27.44 49.46
CA ALA F 1038 30.18 -28.06 48.16
C ALA F 1038 31.49 -28.31 47.42
N LEU F 1039 32.38 -27.31 47.39
CA LEU F 1039 33.62 -27.42 46.64
C LEU F 1039 34.49 -28.57 47.13
N ARG F 1040 34.31 -29.00 48.37
CA ARG F 1040 34.97 -30.19 48.88
C ARG F 1040 34.13 -31.44 48.68
N GLU F 1041 32.81 -31.26 48.54
CA GLU F 1041 31.92 -32.39 48.33
C GLU F 1041 32.15 -33.02 46.96
N PHE F 1042 32.27 -32.18 45.93
CA PHE F 1042 32.38 -32.69 44.57
C PHE F 1042 33.60 -33.57 44.35
N GLY F 1043 34.59 -33.48 45.23
CA GLY F 1043 35.78 -34.30 45.15
C GLY F 1043 37.07 -33.55 44.92
N LEU F 1044 37.03 -32.23 44.83
CA LEU F 1044 38.22 -31.45 44.59
C LEU F 1044 38.85 -31.02 45.91
N HIS F 1045 39.95 -30.25 45.82
CA HIS F 1045 40.82 -29.96 46.95
C HIS F 1045 41.36 -28.55 46.76
N ALA F 1046 40.69 -27.58 47.37
CA ALA F 1046 40.92 -26.19 47.04
C ALA F 1046 42.14 -25.63 47.78
N VAL F 1047 42.59 -24.46 47.32
CA VAL F 1047 43.60 -23.66 48.01
C VAL F 1047 43.18 -22.21 47.91
N PHE F 1048 42.58 -21.67 48.97
CA PHE F 1048 42.00 -20.33 48.88
C PHE F 1048 43.05 -19.25 49.07
N ILE F 1049 43.10 -18.32 48.13
CA ILE F 1049 43.77 -17.05 48.35
C ILE F 1049 42.76 -16.07 48.89
N THR F 1050 43.22 -15.10 49.68
CA THR F 1050 42.33 -14.06 50.19
C THR F 1050 43.16 -12.98 50.85
N PRO F 1051 42.76 -11.72 50.74
CA PRO F 1051 43.43 -10.67 51.52
C PRO F 1051 43.14 -10.81 53.00
N ASN F 1052 43.62 -9.85 53.80
CA ASN F 1052 43.52 -9.97 55.24
C ASN F 1052 42.09 -10.24 55.71
N LYS F 1053 41.10 -9.65 55.06
CA LYS F 1053 39.76 -9.63 55.63
C LYS F 1053 39.21 -11.03 55.81
N GLU F 1054 38.33 -11.16 56.81
CA GLU F 1054 37.63 -12.41 57.13
C GLU F 1054 38.57 -13.61 57.17
N MET F 1055 39.70 -13.47 57.88
CA MET F 1055 40.44 -14.65 58.32
C MET F 1055 39.58 -15.54 59.20
N ARG F 1056 38.60 -14.96 59.89
CA ARG F 1056 37.71 -15.74 60.75
C ARG F 1056 37.12 -16.91 59.99
N LEU F 1057 36.62 -16.66 58.78
CA LEU F 1057 35.99 -17.72 57.99
C LEU F 1057 36.99 -18.82 57.65
N LEU F 1058 38.19 -18.44 57.21
CA LEU F 1058 39.17 -19.44 56.79
C LEU F 1058 39.71 -20.25 57.95
N ARG F 1059 39.73 -19.68 59.15
CA ARG F 1059 40.10 -20.48 60.32
C ARG F 1059 39.13 -21.63 60.54
N ASP F 1060 37.93 -21.53 59.99
CA ASP F 1060 36.91 -22.55 60.21
C ASP F 1060 36.96 -23.69 59.21
N HIS F 1061 37.73 -23.56 58.13
CA HIS F 1061 37.71 -24.57 57.07
C HIS F 1061 39.10 -24.93 56.56
N THR F 1062 40.12 -24.95 57.42
CA THR F 1062 41.48 -25.19 56.98
C THR F 1062 42.29 -25.75 58.14
N ARG F 1063 43.46 -26.28 57.80
CA ARG F 1063 44.38 -26.84 58.79
C ARG F 1063 45.76 -26.19 58.77
N SER F 1064 46.07 -25.37 57.78
CA SER F 1064 47.34 -24.64 57.75
C SER F 1064 47.16 -23.38 56.92
N ALA F 1065 48.11 -22.46 57.07
CA ALA F 1065 48.09 -21.21 56.33
C ALA F 1065 49.52 -20.83 55.97
N ILE F 1066 49.65 -20.03 54.92
CA ILE F 1066 50.95 -19.56 54.45
C ILE F 1066 50.94 -18.03 54.49
N VAL F 1067 51.89 -17.47 55.22
CA VAL F 1067 52.06 -16.02 55.32
C VAL F 1067 53.09 -15.60 54.29
N VAL F 1068 52.90 -14.42 53.71
CA VAL F 1068 53.83 -13.86 52.72
C VAL F 1068 54.17 -12.45 53.16
N HIS F 1069 55.44 -12.21 53.47
CA HIS F 1069 55.89 -10.94 54.01
C HIS F 1069 56.51 -10.08 52.92
N ARG F 1070 56.23 -8.77 52.98
CA ARG F 1070 56.79 -7.80 52.05
C ARG F 1070 57.70 -6.87 52.82
N ARG F 1071 58.88 -6.58 52.25
CA ARG F 1071 59.86 -5.71 52.89
C ARG F 1071 60.74 -5.14 51.77
N GLY F 1072 60.46 -3.89 51.39
CA GLY F 1072 61.17 -3.28 50.28
C GLY F 1072 60.99 -4.07 49.00
N GLN F 1073 62.05 -4.76 48.56
CA GLN F 1073 62.00 -5.59 47.37
C GLN F 1073 62.40 -7.03 47.68
N ASN F 1074 62.36 -7.43 48.94
CA ASN F 1074 62.52 -8.83 49.34
C ASN F 1074 61.23 -9.30 50.00
N SER F 1075 60.69 -10.41 49.50
CA SER F 1075 59.45 -10.96 49.99
C SER F 1075 59.68 -12.40 50.45
N ASN F 1076 59.25 -12.71 51.66
CA ASN F 1076 59.44 -14.03 52.24
C ASN F 1076 58.12 -14.59 52.72
N MET F 1077 58.11 -15.91 52.93
CA MET F 1077 56.89 -16.65 53.19
C MET F 1077 57.19 -17.84 54.09
N ALA F 1078 56.18 -18.24 54.87
CA ALA F 1078 56.32 -19.36 55.78
C ALA F 1078 55.00 -20.12 55.85
N SER F 1079 55.10 -21.42 56.08
CA SER F 1079 53.94 -22.28 56.24
C SER F 1079 53.76 -22.58 57.72
N LEU F 1080 52.59 -22.22 58.26
CA LEU F 1080 52.30 -22.37 59.68
C LEU F 1080 50.96 -23.05 59.86
N SER F 1081 50.88 -23.95 60.82
CA SER F 1081 49.58 -24.42 61.29
C SER F 1081 48.90 -23.33 62.11
N TRP F 1082 47.56 -23.43 62.18
CA TRP F 1082 46.81 -22.39 62.88
C TRP F 1082 47.25 -22.27 64.33
N GLU F 1083 47.61 -23.39 64.96
CA GLU F 1083 48.01 -23.35 66.36
C GLU F 1083 49.28 -22.54 66.56
N GLU F 1084 50.27 -22.72 65.67
CA GLU F 1084 51.48 -21.93 65.77
C GLU F 1084 51.18 -20.45 65.58
N LEU F 1085 50.30 -20.12 64.64
CA LEU F 1085 49.92 -18.74 64.43
C LEU F 1085 49.25 -18.16 65.66
N GLU F 1086 48.40 -18.95 66.32
CA GLU F 1086 47.74 -18.49 67.54
C GLU F 1086 48.75 -18.24 68.65
N ARG F 1087 49.71 -19.15 68.83
CA ARG F 1087 50.73 -18.95 69.85
C ARG F 1087 51.55 -17.69 69.55
N HIS F 1088 51.89 -17.47 68.28
CA HIS F 1088 52.69 -16.30 67.95
C HIS F 1088 51.89 -15.02 68.10
N TYR F 1089 50.58 -15.07 67.85
CA TYR F 1089 49.73 -13.94 68.18
C TYR F 1089 49.71 -13.68 69.68
N GLN F 1090 49.63 -14.75 70.48
CA GLN F 1090 49.66 -14.58 71.92
C GLN F 1090 50.95 -13.89 72.35
N ARG F 1091 52.07 -14.29 71.75
CA ARG F 1091 53.34 -13.63 72.06
C ARG F 1091 53.35 -12.18 71.60
N ARG F 1092 52.77 -11.89 70.43
CA ARG F 1092 52.59 -10.50 70.04
C ARG F 1092 51.82 -9.72 71.10
N GLY F 1093 50.76 -10.32 71.63
CA GLY F 1093 50.10 -9.76 72.78
C GLY F 1093 51.02 -9.57 73.97
N ASN F 1094 52.01 -10.45 74.11
CA ASN F 1094 53.06 -10.27 75.09
C ASN F 1094 54.11 -9.26 74.64
N ALA F 1095 54.24 -9.03 73.34
CA ALA F 1095 55.22 -8.08 72.82
C ALA F 1095 54.90 -6.67 73.29
N MET G 1 37.05 12.29 64.84
CA MET G 1 36.90 12.95 63.51
C MET G 1 35.43 13.05 63.11
N ASN G 2 34.59 12.24 63.77
CA ASN G 2 33.18 12.16 63.38
C ASN G 2 32.45 13.47 63.60
N GLN G 3 32.71 14.14 64.73
CA GLN G 3 31.86 15.25 65.16
C GLN G 3 31.96 16.47 64.25
N VAL G 4 32.92 16.51 63.33
CA VAL G 4 33.08 17.67 62.47
C VAL G 4 31.94 17.79 61.46
N SER G 5 31.15 16.74 61.28
CA SER G 5 30.09 16.77 60.28
C SER G 5 29.08 17.88 60.54
N GLY G 6 28.98 18.35 61.77
CA GLY G 6 27.97 19.33 62.15
C GLY G 6 27.85 20.50 61.20
N LEU G 7 28.93 20.82 60.47
CA LEU G 7 28.85 21.90 59.50
C LEU G 7 27.84 21.57 58.40
N ALA G 8 27.82 20.34 57.91
CA ALA G 8 26.76 19.91 57.02
C ALA G 8 25.42 20.03 57.74
N GLY G 9 24.42 20.50 57.02
CA GLY G 9 23.19 20.96 57.64
C GLY G 9 23.17 22.44 57.92
N LYS G 10 24.27 23.14 57.69
CA LYS G 10 24.30 24.60 57.71
C LYS G 10 24.73 25.10 56.34
N GLU G 11 25.79 24.51 55.80
CA GLU G 11 26.21 24.77 54.43
C GLU G 11 25.50 23.87 53.43
N SER G 12 24.64 22.96 53.89
CA SER G 12 24.03 21.97 53.00
C SER G 12 22.77 21.42 53.65
N PHE G 13 21.99 20.70 52.86
CA PHE G 13 20.86 19.94 53.39
C PHE G 13 21.26 18.48 53.52
N ILE G 14 21.17 17.93 54.73
CA ILE G 14 21.63 16.60 55.03
C ILE G 14 20.44 15.64 55.06
N LEU G 15 20.74 14.35 55.04
CA LEU G 15 19.69 13.34 55.14
C LEU G 15 19.23 13.19 56.59
N THR G 16 17.92 13.05 56.77
CA THR G 16 17.35 12.97 58.11
C THR G 16 16.47 11.74 58.33
N ARG G 17 15.69 11.35 57.32
CA ARG G 17 14.75 10.26 57.50
C ARG G 17 14.26 9.76 56.15
N ILE G 18 13.96 8.47 56.09
CA ILE G 18 13.43 7.82 54.89
C ILE G 18 12.24 6.97 55.30
N GLU G 19 11.31 6.76 54.37
CA GLU G 19 10.06 6.07 54.67
C GLU G 19 9.61 5.29 53.44
N LEU G 20 8.82 4.24 53.67
CA LEU G 20 8.27 3.41 52.60
C LEU G 20 6.84 3.03 52.93
N PHE G 21 6.09 2.64 51.90
CA PHE G 21 4.70 2.19 52.05
C PHE G 21 4.40 1.19 50.95
N ASN G 22 4.38 -0.09 51.28
CA ASN G 22 4.10 -1.15 50.31
C ASN G 22 5.09 -1.11 49.15
N TRP G 23 6.36 -0.86 49.46
CA TRP G 23 7.42 -0.82 48.47
C TRP G 23 8.21 -2.13 48.51
N GLY G 24 8.40 -2.73 47.35
CA GLY G 24 9.19 -3.95 47.25
C GLY G 24 8.78 -5.00 48.28
N GLY G 25 9.75 -5.41 49.10
CA GLY G 25 9.52 -6.46 50.06
C GLY G 25 9.14 -5.96 51.44
N PHE G 26 8.66 -4.72 51.53
CA PHE G 26 8.27 -4.12 52.80
C PHE G 26 6.78 -3.80 52.75
N HIS G 27 5.97 -4.72 53.29
CA HIS G 27 4.53 -4.51 53.33
C HIS G 27 4.18 -3.35 54.25
N GLY G 28 3.19 -2.55 53.84
CA GLY G 28 2.72 -1.48 54.69
C GLY G 28 3.76 -0.38 54.86
N LEU G 29 3.49 0.47 55.85
CA LEU G 29 4.39 1.57 56.16
C LEU G 29 5.63 1.05 56.88
N HIS G 30 6.77 1.71 56.65
CA HIS G 30 8.02 1.35 57.31
C HIS G 30 8.89 2.58 57.41
N GLN G 31 9.78 2.58 58.40
CA GLN G 31 10.52 3.79 58.75
C GLN G 31 11.98 3.46 58.98
N ALA G 32 12.79 4.52 59.03
CA ALA G 32 14.21 4.39 59.31
C ALA G 32 14.78 5.76 59.65
N ALA G 33 15.51 5.85 60.76
CA ALA G 33 16.14 7.09 61.15
C ALA G 33 17.54 7.19 60.56
N ILE G 34 18.12 8.38 60.65
CA ILE G 34 19.48 8.64 60.19
C ILE G 34 20.10 9.69 61.10
N HIS G 35 21.39 9.54 61.38
CA HIS G 35 22.08 10.52 62.20
C HIS G 35 22.81 11.53 61.31
N GLN G 36 23.22 12.63 61.93
CA GLN G 36 23.86 13.72 61.22
C GLN G 36 25.22 13.34 60.64
N ASP G 37 25.91 12.38 61.25
CA ASP G 37 27.36 12.26 61.08
C ASP G 37 27.77 10.85 60.67
N GLY G 38 27.13 10.29 59.65
CA GLY G 38 27.57 9.03 59.09
C GLY G 38 26.92 7.82 59.72
N THR G 39 26.27 6.99 58.92
CA THR G 39 25.51 5.84 59.40
C THR G 39 25.94 4.60 58.62
N ALA G 40 25.20 3.51 58.83
CA ALA G 40 25.43 2.26 58.09
C ALA G 40 24.09 1.56 57.92
N VAL G 41 24.05 0.65 56.95
CA VAL G 41 22.86 -0.14 56.65
C VAL G 41 23.33 -1.58 56.42
N ILE G 42 23.13 -2.44 57.41
CA ILE G 42 23.75 -3.76 57.42
C ILE G 42 22.68 -4.83 57.53
N GLY G 43 22.99 -6.01 57.03
CA GLY G 43 22.09 -7.14 57.10
C GLY G 43 22.50 -8.31 56.22
N PRO G 44 22.09 -9.52 56.62
CA PRO G 44 22.47 -10.71 55.84
C PRO G 44 21.85 -10.70 54.45
N THR G 45 22.53 -11.38 53.53
CA THR G 45 22.09 -11.45 52.14
C THR G 45 20.61 -11.84 52.04
N GLY G 46 19.98 -11.42 50.96
CA GLY G 46 18.56 -11.68 50.75
C GLY G 46 17.68 -10.89 51.71
N SER G 47 18.05 -9.64 51.99
CA SER G 47 17.37 -8.83 52.97
C SER G 47 16.39 -7.84 52.37
N GLY G 48 16.86 -6.98 51.48
CA GLY G 48 16.12 -5.80 51.06
C GLY G 48 16.93 -4.52 51.10
N LYS G 49 18.11 -4.53 51.72
CA LYS G 49 18.91 -3.31 51.85
C LYS G 49 19.41 -2.78 50.51
N THR G 50 19.39 -3.59 49.44
CA THR G 50 19.58 -3.01 48.12
C THR G 50 18.29 -2.35 47.63
N THR G 51 17.15 -2.93 47.98
CA THR G 51 15.85 -2.33 47.65
C THR G 51 15.67 -0.98 48.31
N LEU G 52 16.10 -0.82 49.56
CA LEU G 52 15.95 0.46 50.24
C LEU G 52 16.65 1.58 49.49
N VAL G 53 17.88 1.33 49.03
CA VAL G 53 18.62 2.37 48.30
C VAL G 53 17.95 2.64 46.96
N ASP G 54 17.44 1.59 46.31
CA ASP G 54 16.71 1.78 45.07
C ASP G 54 15.52 2.71 45.28
N ALA G 55 14.75 2.49 46.35
CA ALA G 55 13.60 3.32 46.62
C ALA G 55 14.00 4.79 46.74
N LEU G 56 15.03 5.07 47.54
CA LEU G 56 15.49 6.46 47.67
C LEU G 56 15.95 7.01 46.34
N MET G 57 16.66 6.19 45.56
CA MET G 57 17.23 6.67 44.31
C MET G 57 16.18 7.10 43.30
N THR G 58 14.97 6.54 43.39
CA THR G 58 13.91 6.93 42.46
C THR G 58 13.58 8.41 42.60
N LEU G 59 13.87 9.01 43.75
CA LEU G 59 13.45 10.37 44.02
C LEU G 59 14.45 11.40 43.50
N LEU G 60 15.74 11.08 43.53
CA LEU G 60 16.78 12.05 43.23
C LEU G 60 17.14 12.12 41.76
N CYS G 61 16.77 11.11 40.96
CA CYS G 61 17.36 10.92 39.65
C CYS G 61 16.32 11.02 38.55
N ALA G 62 16.79 11.37 37.34
CA ALA G 62 15.92 11.41 36.18
C ALA G 62 15.58 10.00 35.71
N ASN G 63 16.58 9.11 35.66
CA ASN G 63 16.40 7.75 35.20
C ASN G 63 17.32 6.82 35.96
N PRO G 64 17.14 6.67 37.28
CA PRO G 64 18.09 5.91 38.08
C PRO G 64 18.21 4.47 37.61
N ARG G 65 19.43 3.95 37.66
CA ARG G 65 19.71 2.58 37.23
C ARG G 65 19.61 1.68 38.45
N TYR G 66 18.49 0.95 38.55
CA TYR G 66 18.24 0.13 39.73
C TYR G 66 19.20 -1.06 39.76
N ASN G 67 19.57 -1.47 40.97
CA ASN G 67 20.35 -2.68 41.20
C ASN G 67 21.72 -2.64 40.53
N LEU G 68 22.30 -1.45 40.37
CA LEU G 68 23.53 -1.33 39.59
C LEU G 68 24.68 -2.13 40.21
N ALA G 69 24.83 -2.04 41.53
CA ALA G 69 26.02 -2.60 42.17
C ALA G 69 26.09 -4.12 42.08
N SER G 70 25.10 -4.77 41.46
CA SER G 70 25.15 -6.21 41.30
C SER G 70 25.97 -6.63 40.10
N THR G 71 26.27 -5.72 39.17
CA THR G 71 27.05 -6.04 37.99
C THR G 71 28.26 -5.14 37.82
N GLY G 72 28.72 -4.50 38.91
CA GLY G 72 29.95 -3.73 38.86
C GLY G 72 29.84 -2.41 38.12
N GLY G 73 28.75 -2.21 37.38
CA GLY G 73 28.60 -1.01 36.58
C GLY G 73 28.18 -1.30 35.16
N HIS G 74 27.76 -2.54 34.90
CA HIS G 74 27.48 -2.97 33.52
C HIS G 74 26.04 -2.65 33.11
N GLU G 75 25.07 -3.22 33.81
CA GLU G 75 23.69 -3.17 33.36
C GLU G 75 22.74 -3.33 34.53
N SER G 76 21.50 -2.88 34.35
CA SER G 76 20.46 -2.98 35.36
C SER G 76 19.55 -4.15 35.03
N ASP G 77 19.01 -4.81 36.06
CA ASP G 77 18.18 -5.99 35.86
C ASP G 77 16.70 -5.67 36.07
N ARG G 78 16.37 -5.07 37.21
CA ARG G 78 14.98 -4.85 37.56
C ARG G 78 14.39 -3.65 36.81
N ASP G 79 13.09 -3.46 37.00
CA ASP G 79 12.34 -2.30 36.55
C ASP G 79 11.74 -1.58 37.77
N LEU G 80 10.91 -0.57 37.52
CA LEU G 80 10.26 0.14 38.61
C LEU G 80 9.01 -0.59 39.09
N ILE G 81 8.20 -1.10 38.16
CA ILE G 81 6.87 -1.61 38.51
C ILE G 81 6.96 -2.78 39.48
N SER G 82 7.89 -3.71 39.25
CA SER G 82 7.93 -4.92 40.07
C SER G 82 8.04 -4.58 41.55
N TYR G 83 8.71 -3.48 41.89
CA TYR G 83 8.74 -3.04 43.28
C TYR G 83 7.33 -2.76 43.80
N VAL G 84 6.54 -2.01 43.03
CA VAL G 84 5.16 -1.73 43.43
C VAL G 84 4.37 -3.04 43.55
N ARG G 85 4.51 -3.90 42.54
CA ARG G 85 3.82 -5.18 42.55
C ARG G 85 4.37 -6.14 43.58
N GLY G 86 5.52 -5.83 44.18
CA GLY G 86 6.11 -6.68 45.19
C GLY G 86 6.50 -8.05 44.66
N VAL G 87 7.14 -8.07 43.50
CA VAL G 87 7.55 -9.35 42.90
C VAL G 87 8.65 -9.97 43.72
N SER G 88 8.44 -11.23 44.12
CA SER G 88 9.46 -11.98 44.87
C SER G 88 10.30 -12.81 43.91
N GLY G 89 10.90 -12.14 42.94
CA GLY G 89 11.74 -12.78 41.97
C GLY G 89 10.96 -13.52 40.91
N PRO G 90 11.66 -14.16 39.98
CA PRO G 90 10.97 -14.94 38.94
C PRO G 90 10.43 -16.25 39.50
N GLY G 91 9.10 -16.40 39.45
CA GLY G 91 8.48 -17.59 39.96
C GLY G 91 8.57 -18.77 39.01
N ASP G 92 8.08 -19.91 39.48
CA ASP G 92 8.08 -21.11 38.66
C ASP G 92 7.15 -20.93 37.47
N GLY G 93 7.47 -21.60 36.36
CA GLY G 93 6.72 -21.44 35.14
C GLY G 93 5.39 -22.17 35.11
N GLY G 94 5.10 -22.99 36.11
CA GLY G 94 3.84 -23.71 36.16
C GLY G 94 2.68 -22.81 36.50
N GLU G 95 2.47 -21.78 35.68
CA GLU G 95 1.43 -20.78 35.85
C GLU G 95 1.74 -19.81 36.98
N GLY G 96 2.77 -20.11 37.78
CA GLY G 96 3.21 -19.23 38.86
C GLY G 96 2.11 -18.58 39.68
N GLN G 97 2.11 -17.25 39.70
CA GLN G 97 1.19 -16.42 40.48
C GLN G 97 1.55 -16.43 41.96
N SER G 98 2.53 -17.23 42.36
CA SER G 98 3.00 -17.21 43.75
C SER G 98 4.16 -16.25 43.94
N HIS G 99 4.64 -15.61 42.87
CA HIS G 99 5.80 -14.74 42.92
C HIS G 99 5.44 -13.27 42.98
N ILE G 100 4.16 -12.92 43.09
CA ILE G 100 3.71 -11.54 43.05
C ILE G 100 2.91 -11.27 44.31
N ALA G 101 3.18 -10.12 44.95
CA ALA G 101 2.55 -9.81 46.23
C ALA G 101 1.33 -8.91 46.08
N ARG G 102 1.40 -7.93 45.17
CA ARG G 102 0.31 -6.97 44.98
C ARG G 102 -0.09 -6.93 43.51
N PRO G 103 -0.77 -7.97 43.02
CA PRO G 103 -1.17 -7.97 41.61
C PRO G 103 -2.35 -7.07 41.31
N GLY G 104 -3.19 -6.80 42.31
CA GLY G 104 -4.41 -6.05 42.09
C GLY G 104 -4.22 -4.54 42.17
N LYS G 105 -5.31 -3.83 41.90
CA LYS G 105 -5.33 -2.38 42.04
C LYS G 105 -4.80 -1.98 43.41
N THR G 106 -3.69 -1.25 43.43
CA THR G 106 -3.00 -0.97 44.69
C THR G 106 -2.38 0.42 44.63
N VAL G 107 -1.84 0.83 45.78
CA VAL G 107 -1.16 2.12 45.93
C VAL G 107 0.18 1.87 46.59
N THR G 108 1.10 2.82 46.38
CA THR G 108 2.45 2.73 46.93
C THR G 108 3.01 4.13 47.08
N GLY G 109 3.78 4.34 48.14
CA GLY G 109 4.30 5.66 48.44
C GLY G 109 5.72 5.60 48.98
N ILE G 110 6.45 6.67 48.76
CA ILE G 110 7.85 6.78 49.17
C ILE G 110 8.17 8.24 49.41
N ALA G 111 8.98 8.51 50.43
CA ALA G 111 9.33 9.88 50.76
C ALA G 111 10.65 9.92 51.50
N ALA G 112 11.34 11.05 51.37
CA ALA G 112 12.57 11.33 52.10
C ALA G 112 12.49 12.73 52.69
N THR G 113 13.26 12.96 53.74
CA THR G 113 13.28 14.25 54.42
C THR G 113 14.72 14.71 54.59
N LEU G 114 14.96 15.99 54.32
CA LEU G 114 16.27 16.59 54.46
C LEU G 114 16.15 17.82 55.36
N GLU G 115 17.31 18.33 55.80
CA GLU G 115 17.33 19.41 56.78
C GLU G 115 18.57 20.27 56.61
N ARG G 116 18.42 21.57 56.86
CA ARG G 116 19.52 22.51 56.93
C ARG G 116 19.15 23.60 57.92
N GLU G 117 19.93 23.72 58.99
CA GLU G 117 19.66 24.70 60.05
C GLU G 117 18.27 24.50 60.63
N GLY G 118 17.86 23.25 60.80
CA GLY G 118 16.53 22.92 61.25
C GLY G 118 15.44 23.05 60.21
N LYS G 119 15.68 23.80 59.13
CA LYS G 119 14.70 23.97 58.07
C LYS G 119 14.47 22.63 57.37
N GLN G 120 13.22 22.20 57.29
CA GLN G 120 12.88 20.87 56.79
C GLN G 120 12.35 20.97 55.37
N VAL G 121 12.97 20.21 54.46
CA VAL G 121 12.48 20.03 53.09
C VAL G 121 12.18 18.55 52.92
N ARG G 122 10.98 18.23 52.45
CA ARG G 122 10.54 16.86 52.28
C ARG G 122 10.25 16.59 50.82
N LEU G 123 10.69 15.42 50.35
CA LEU G 123 10.36 14.93 49.02
C LEU G 123 9.48 13.69 49.15
N GLY G 124 8.49 13.57 48.29
CA GLY G 124 7.58 12.44 48.33
C GLY G 124 6.97 12.18 46.98
N ALA G 125 6.55 10.94 46.78
CA ALA G 125 5.92 10.54 45.53
C ALA G 125 4.96 9.39 45.82
N LEU G 126 3.95 9.27 44.96
CA LEU G 126 2.94 8.23 45.08
C LEU G 126 2.80 7.51 43.75
N LEU G 127 2.81 6.18 43.80
CA LEU G 127 2.55 5.33 42.65
C LEU G 127 1.41 4.38 43.01
N TRP G 128 0.42 4.28 42.12
CA TRP G 128 -0.73 3.43 42.39
C TRP G 128 -1.31 2.89 41.10
N PHE G 129 -1.44 1.56 41.02
CA PHE G 129 -2.13 0.93 39.90
C PHE G 129 -3.63 1.12 40.07
N ASP G 130 -4.29 1.64 39.05
CA ASP G 130 -5.73 1.78 39.08
C ASP G 130 -6.46 0.53 38.59
N SER G 131 -5.73 -0.50 38.17
CA SER G 131 -6.33 -1.72 37.64
C SER G 131 -5.33 -2.85 37.77
N THR G 132 -5.83 -4.07 37.64
CA THR G 132 -4.94 -5.23 37.58
C THR G 132 -4.05 -5.19 36.35
N SER G 133 -4.38 -4.36 35.36
CA SER G 133 -3.52 -4.20 34.20
C SER G 133 -2.14 -3.73 34.64
N SER G 134 -1.10 -4.28 34.00
CA SER G 134 0.28 -4.04 34.40
C SER G 134 1.02 -3.33 33.26
N SER G 135 1.02 -2.00 33.29
CA SER G 135 1.77 -1.19 32.36
C SER G 135 1.98 0.19 32.98
N VAL G 136 2.94 0.94 32.44
CA VAL G 136 3.23 2.26 32.96
C VAL G 136 2.01 3.16 32.91
N THR G 137 1.17 2.99 31.88
CA THR G 137 -0.10 3.70 31.83
C THR G 137 -1.01 3.31 32.99
N ASP G 138 -1.07 2.01 33.31
CA ASP G 138 -1.92 1.56 34.40
C ASP G 138 -1.47 2.13 35.74
N MET G 139 -0.17 2.20 35.97
CA MET G 139 0.36 2.71 37.23
C MET G 139 0.32 4.24 37.19
N LYS G 140 -0.62 4.82 37.91
CA LYS G 140 -0.72 6.26 38.01
C LYS G 140 0.34 6.79 38.98
N ARG G 141 0.56 8.10 38.95
CA ARG G 141 1.70 8.69 39.64
C ARG G 141 1.39 10.11 40.09
N LEU G 142 2.19 10.58 41.04
CA LEU G 142 2.13 11.96 41.51
C LEU G 142 3.36 12.24 42.35
N TRP G 143 3.92 13.44 42.19
CA TRP G 143 5.12 13.86 42.89
C TRP G 143 4.81 15.04 43.80
N LEU G 144 5.56 15.14 44.90
CA LEU G 144 5.34 16.18 45.89
C LEU G 144 6.66 16.86 46.24
N PHE G 145 6.59 18.15 46.52
CA PHE G 145 7.70 18.90 47.09
C PHE G 145 7.14 19.78 48.19
N SER G 146 7.43 19.43 49.44
CA SER G 146 6.80 20.05 50.60
C SER G 146 7.86 20.76 51.44
N ASP G 147 7.73 22.07 51.56
CA ASP G 147 8.51 22.81 52.55
C ASP G 147 7.79 22.92 53.88
N ASN G 148 6.55 22.44 53.96
CA ASN G 148 5.78 22.50 55.19
C ASN G 148 6.17 21.35 56.11
N PRO G 149 6.63 21.62 57.34
CA PRO G 149 6.98 20.51 58.23
C PRO G 149 5.83 19.56 58.52
N GLY G 150 4.60 20.07 58.58
CA GLY G 150 3.47 19.25 58.99
C GLY G 150 3.00 18.24 57.97
N GLN G 151 3.59 18.24 56.78
CA GLN G 151 3.17 17.37 55.69
C GLN G 151 4.10 16.17 55.63
N THR G 152 3.51 14.96 55.70
CA THR G 152 4.27 13.72 55.77
C THR G 152 3.63 12.65 54.90
N LEU G 153 4.38 11.59 54.66
CA LEU G 153 3.95 10.55 53.71
C LEU G 153 2.66 9.87 54.17
N GLU G 154 2.65 9.38 55.42
CA GLU G 154 1.49 8.64 55.90
C GLU G 154 0.24 9.52 55.97
N HIS G 155 0.41 10.79 56.32
CA HIS G 155 -0.73 11.72 56.31
C HIS G 155 -1.29 11.85 54.89
N TRP G 156 -0.41 11.95 53.89
CA TRP G 156 -0.87 12.04 52.51
C TRP G 156 -1.56 10.76 52.08
N LEU G 157 -1.07 9.60 52.54
CA LEU G 157 -1.74 8.35 52.23
C LEU G 157 -3.14 8.32 52.84
N ASN G 158 -3.28 8.81 54.07
CA ASN G 158 -4.60 8.88 54.68
C ASN G 158 -5.52 9.80 53.89
N VAL G 159 -5.01 10.96 53.45
CA VAL G 159 -5.81 11.86 52.64
C VAL G 159 -6.22 11.19 51.34
N TYR G 160 -5.28 10.47 50.71
CA TYR G 160 -5.61 9.71 49.51
C TYR G 160 -6.76 8.75 49.78
N HIS G 161 -6.70 8.03 50.90
CA HIS G 161 -7.81 7.16 51.26
C HIS G 161 -9.11 7.95 51.38
N GLU G 162 -9.06 9.14 51.97
CA GLU G 162 -10.25 9.98 52.03
C GLU G 162 -10.74 10.37 50.64
N GLY G 163 -9.83 10.72 49.75
CA GLY G 163 -10.19 11.11 48.40
C GLY G 163 -9.02 11.03 47.44
N GLY G 164 -9.30 10.92 46.15
CA GLY G 164 -8.26 10.75 45.16
C GLY G 164 -7.45 12.00 44.92
N THR G 165 -6.90 12.14 43.71
CA THR G 165 -6.06 13.30 43.40
C THR G 165 -6.80 14.60 43.63
N ARG G 166 -8.12 14.59 43.52
CA ARG G 166 -8.90 15.80 43.74
C ARG G 166 -8.63 16.38 45.13
N LEU G 167 -8.74 15.54 46.16
CA LEU G 167 -8.58 16.03 47.52
C LEU G 167 -7.15 16.50 47.79
N LEU G 168 -6.17 15.78 47.25
CA LEU G 168 -4.77 16.18 47.44
C LEU G 168 -4.50 17.54 46.78
N ARG G 169 -5.02 17.73 45.56
CA ARG G 169 -4.87 19.03 44.92
C ARG G 169 -5.59 20.12 45.69
N GLN G 170 -6.76 19.79 46.26
CA GLN G 170 -7.50 20.78 47.03
C GLN G 170 -6.72 21.21 48.26
N MET G 171 -6.14 20.25 48.99
CA MET G 171 -5.33 20.63 50.14
C MET G 171 -4.07 21.35 49.72
N GLU G 172 -3.54 21.07 48.53
CA GLU G 172 -2.47 21.90 47.99
C GLU G 172 -2.93 23.34 47.82
N LYS G 173 -4.14 23.55 47.31
CA LYS G 173 -4.71 24.89 47.30
C LYS G 173 -4.74 25.47 48.71
N GLU G 174 -5.21 24.68 49.68
CA GLU G 174 -5.30 25.15 51.06
C GLU G 174 -3.92 25.41 51.65
N ALA G 175 -2.98 24.49 51.43
CA ALA G 175 -1.71 24.52 52.15
C ALA G 175 -0.75 25.51 51.52
N ILE G 176 0.26 25.89 52.32
CA ILE G 176 1.34 26.76 51.89
C ILE G 176 2.65 26.04 52.17
N GLY G 177 3.61 26.20 51.25
CA GLY G 177 4.85 25.46 51.34
C GLY G 177 4.76 24.06 50.79
N LEU G 178 3.69 23.73 50.07
CA LEU G 178 3.46 22.42 49.51
C LEU G 178 3.11 22.54 48.04
N TRP G 179 3.76 21.74 47.20
CA TRP G 179 3.50 21.73 45.77
C TRP G 179 3.56 20.31 45.24
N THR G 180 2.68 19.99 44.30
CA THR G 180 2.61 18.67 43.71
C THR G 180 2.43 18.80 42.20
N TYR G 181 2.82 17.74 41.48
CA TYR G 181 2.78 17.76 40.03
C TYR G 181 2.38 16.38 39.53
N PRO G 182 1.83 16.28 38.32
CA PRO G 182 1.40 14.97 37.81
C PRO G 182 2.50 14.22 37.08
N ASN G 183 3.53 14.95 36.66
CA ASN G 183 4.62 14.38 35.87
C ASN G 183 5.95 14.75 36.50
N LYS G 184 6.92 13.82 36.38
CA LYS G 184 8.17 13.97 37.11
C LYS G 184 9.00 15.15 36.63
N LYS G 185 8.77 15.62 35.40
CA LYS G 185 9.59 16.71 34.88
C LYS G 185 9.41 17.98 35.70
N GLN G 186 8.18 18.30 36.08
CA GLN G 186 7.96 19.49 36.89
C GLN G 186 8.63 19.35 38.26
N TYR G 187 8.51 18.18 38.89
CA TYR G 187 9.14 17.96 40.17
C TYR G 187 10.65 18.13 40.07
N LEU G 188 11.26 17.52 39.05
CA LEU G 188 12.70 17.62 38.87
C LEU G 188 13.13 19.06 38.61
N ALA G 189 12.39 19.77 37.76
CA ALA G 189 12.73 21.14 37.44
C ALA G 189 12.66 22.02 38.69
N ARG G 190 11.59 21.87 39.47
CA ARG G 190 11.47 22.64 40.69
C ARG G 190 12.58 22.31 41.68
N LEU G 191 12.90 21.02 41.83
CA LEU G 191 13.94 20.62 42.77
C LEU G 191 15.29 21.19 42.36
N ARG G 192 15.62 21.12 41.08
CA ARG G 192 16.90 21.66 40.63
C ARG G 192 16.94 23.18 40.71
N ASP G 193 15.83 23.84 40.36
CA ASP G 193 15.77 25.29 40.53
C ASP G 193 16.04 25.67 41.98
N PHE G 194 15.43 24.96 42.92
CA PHE G 194 15.71 25.21 44.33
C PHE G 194 17.18 24.96 44.64
N PHE G 195 17.74 23.87 44.14
CA PHE G 195 19.14 23.53 44.40
C PHE G 195 20.11 24.29 43.51
N GLU G 196 19.66 24.84 42.39
CA GLU G 196 20.48 25.72 41.57
C GLU G 196 21.74 25.03 41.04
N VAL G 197 21.58 23.81 40.51
CA VAL G 197 22.72 23.02 40.05
C VAL G 197 22.33 22.28 38.79
N GLY G 198 23.32 21.94 37.97
CA GLY G 198 23.05 21.30 36.70
C GLY G 198 22.61 19.86 36.86
N GLU G 199 22.05 19.32 35.77
CA GLU G 199 21.54 17.95 35.79
C GLU G 199 22.65 16.92 35.88
N ASN G 200 23.82 17.22 35.30
CA ASN G 200 24.89 16.23 35.21
C ASN G 200 25.21 15.64 36.57
N ALA G 201 25.28 16.49 37.60
CA ALA G 201 25.64 16.00 38.93
C ALA G 201 24.62 14.99 39.43
N PHE G 202 23.33 15.24 39.19
CA PHE G 202 22.27 14.38 39.69
C PHE G 202 22.06 13.12 38.85
N THR G 203 23.02 12.81 37.98
CA THR G 203 23.14 11.50 37.37
C THR G 203 24.51 10.89 37.64
N LEU G 204 25.55 11.71 37.68
CA LEU G 204 26.84 11.24 38.19
C LEU G 204 26.67 10.60 39.55
N LEU G 205 25.92 11.25 40.45
CA LEU G 205 25.57 10.63 41.72
C LEU G 205 25.10 9.19 41.51
N ASN G 206 24.10 9.01 40.63
CA ASN G 206 23.63 7.66 40.35
C ASN G 206 24.75 6.75 39.92
N ARG G 207 25.69 7.24 39.11
CA ARG G 207 26.81 6.41 38.70
C ARG G 207 27.64 5.98 39.91
N ALA G 208 27.92 6.93 40.81
CA ALA G 208 28.81 6.63 41.94
C ALA G 208 28.25 5.53 42.82
N ALA G 209 26.93 5.38 42.85
CA ALA G 209 26.31 4.43 43.77
C ALA G 209 26.69 2.99 43.47
N GLY G 210 27.23 2.70 42.29
CA GLY G 210 27.51 1.33 41.92
C GLY G 210 28.88 1.08 41.31
N LEU G 211 29.78 2.06 41.38
CA LEU G 211 31.08 1.91 40.75
C LEU G 211 31.91 0.86 41.46
N LYS G 212 32.56 -0.01 40.67
CA LYS G 212 33.45 -1.03 41.21
C LYS G 212 34.85 -0.98 40.62
N GLN G 213 34.96 -0.74 39.32
CA GLN G 213 36.22 -0.89 38.61
C GLN G 213 36.92 0.45 38.42
N LEU G 214 38.24 0.44 38.61
CA LEU G 214 39.05 1.65 38.51
C LEU G 214 40.34 1.35 37.73
N ASN G 215 40.19 0.73 36.56
CA ASN G 215 41.37 0.25 35.83
C ASN G 215 42.38 1.36 35.56
N SER G 216 41.92 2.53 35.09
CA SER G 216 42.85 3.60 34.73
C SER G 216 42.25 4.95 35.09
N ILE G 217 43.12 5.88 35.47
CA ILE G 217 42.67 7.22 35.86
C ILE G 217 42.06 7.94 34.66
N ASP G 218 42.74 7.90 33.52
CA ASP G 218 42.21 8.52 32.31
C ASP G 218 40.91 7.84 31.89
N GLU G 219 40.85 6.52 32.01
CA GLU G 219 39.61 5.81 31.72
C GLU G 219 38.48 6.29 32.63
N ILE G 220 38.78 6.46 33.92
CA ILE G 220 37.77 6.93 34.85
C ILE G 220 37.30 8.33 34.46
N PHE G 221 38.23 9.21 34.10
CA PHE G 221 37.84 10.52 33.61
C PHE G 221 36.88 10.38 32.43
N ARG G 222 37.28 9.61 31.42
CA ARG G 222 36.50 9.52 30.19
C ARG G 222 35.11 8.93 30.45
N GLU G 223 34.99 8.02 31.40
CA GLU G 223 33.73 7.31 31.61
C GLU G 223 32.79 8.01 32.59
N LEU G 224 33.33 8.60 33.66
CA LEU G 224 32.51 9.23 34.69
C LEU G 224 32.60 10.75 34.68
N VAL G 225 33.83 11.30 34.66
CA VAL G 225 33.99 12.72 34.92
C VAL G 225 33.42 13.55 33.78
N LEU G 226 33.74 13.19 32.55
CA LEU G 226 33.45 14.04 31.40
C LEU G 226 32.08 13.70 30.81
N ASP G 227 31.80 14.28 29.65
CA ASP G 227 30.61 14.00 28.87
C ASP G 227 31.02 13.69 27.43
N ASP G 228 30.18 12.91 26.75
CA ASP G 228 30.56 12.35 25.44
C ASP G 228 30.38 13.36 24.32
N HIS G 229 29.14 13.80 24.09
CA HIS G 229 28.81 14.77 23.04
C HIS G 229 29.43 14.40 21.69
N SER G 230 29.68 13.11 21.44
CA SER G 230 30.27 12.70 20.17
C SER G 230 29.36 13.08 19.01
N ALA G 231 29.97 13.45 17.89
CA ALA G 231 29.25 14.06 16.76
C ALA G 231 28.99 13.09 15.61
N PHE G 232 28.94 11.78 15.85
CA PHE G 232 28.64 10.85 14.77
C PHE G 232 27.34 11.23 14.06
N ASP G 233 26.32 11.61 14.83
CA ASP G 233 25.06 12.05 14.26
C ASP G 233 25.27 13.15 13.23
N ARG G 234 26.05 14.17 13.59
CA ARG G 234 26.31 15.26 12.66
C ARG G 234 27.00 14.76 11.39
N ALA G 235 27.99 13.89 11.55
CA ALA G 235 28.76 13.42 10.40
C ALA G 235 27.87 12.68 9.41
N ALA G 236 26.98 11.82 9.93
CA ALA G 236 26.12 11.05 9.04
C ALA G 236 25.33 11.97 8.11
N GLU G 237 24.64 12.96 8.69
CA GLU G 237 23.80 13.83 7.88
C GLU G 237 24.64 14.76 7.01
N VAL G 238 25.83 15.16 7.47
CA VAL G 238 26.69 15.99 6.63
C VAL G 238 27.06 15.23 5.35
N ALA G 239 27.51 13.98 5.50
CA ALA G 239 27.88 13.21 4.33
C ALA G 239 26.67 12.93 3.43
N ASN G 240 25.54 12.61 4.04
CA ASN G 240 24.34 12.36 3.25
C ASN G 240 23.91 13.60 2.47
N SER G 241 24.04 14.79 3.06
CA SER G 241 23.79 16.02 2.30
C SER G 241 24.78 16.17 1.16
N PHE G 242 26.06 15.87 1.41
CA PHE G 242 27.06 15.94 0.35
C PHE G 242 26.71 15.04 -0.83
N ASP G 243 26.02 13.92 -0.57
CA ASP G 243 25.65 13.02 -1.66
C ASP G 243 24.81 13.73 -2.71
N GLY G 244 23.84 14.54 -2.26
CA GLY G 244 23.00 15.26 -3.21
C GLY G 244 23.80 16.13 -4.15
N LEU G 245 24.75 16.89 -3.59
CA LEU G 245 25.62 17.73 -4.42
C LEU G 245 26.45 16.87 -5.37
N THR G 246 26.92 15.72 -4.90
CA THR G 246 27.63 14.80 -5.77
C THR G 246 26.78 14.45 -6.98
N GLU G 247 25.48 14.27 -6.77
CA GLU G 247 24.60 13.93 -7.89
C GLU G 247 24.58 15.05 -8.94
N ILE G 248 24.48 16.31 -8.50
CA ILE G 248 24.48 17.43 -9.43
C ILE G 248 25.80 17.49 -10.18
N HIS G 249 26.91 17.32 -9.47
CA HIS G 249 28.22 17.34 -10.12
C HIS G 249 28.31 16.25 -11.18
N GLN G 250 27.80 15.06 -10.86
CA GLN G 250 27.80 13.97 -11.84
C GLN G 250 26.97 14.35 -13.06
N GLU G 251 25.78 14.92 -12.85
CA GLU G 251 24.92 15.26 -13.97
C GLU G 251 25.56 16.29 -14.89
N LEU G 252 26.34 17.22 -14.33
CA LEU G 252 27.01 18.20 -15.17
C LEU G 252 27.87 17.52 -16.23
N GLU G 253 28.76 16.62 -15.80
CA GLU G 253 29.61 15.92 -16.75
C GLU G 253 28.81 14.96 -17.61
N THR G 254 27.70 14.42 -17.09
CA THR G 254 26.82 13.60 -17.91
C THR G 254 26.37 14.37 -19.14
N ALA G 255 25.86 15.58 -18.94
CA ALA G 255 25.45 16.41 -20.08
C ALA G 255 26.65 16.78 -20.94
N ARG G 256 27.77 17.13 -20.31
CA ARG G 256 28.94 17.56 -21.06
C ARG G 256 29.42 16.49 -22.03
N LYS G 257 29.39 15.22 -21.61
CA LYS G 257 29.86 14.15 -22.49
C LYS G 257 29.02 14.07 -23.76
N GLN G 258 27.70 14.11 -23.62
CA GLN G 258 26.84 14.08 -24.80
C GLN G 258 27.09 15.28 -25.69
N GLN G 259 27.24 16.46 -25.08
CA GLN G 259 27.52 17.65 -25.88
C GLN G 259 28.80 17.49 -26.68
N GLN G 260 29.88 17.06 -26.02
CA GLN G 260 31.16 16.89 -26.70
C GLN G 260 31.06 15.87 -27.82
N SER G 261 30.34 14.77 -27.58
CA SER G 261 30.13 13.78 -28.63
C SER G 261 29.39 14.39 -29.81
N LEU G 262 28.39 15.24 -29.54
CA LEU G 262 27.59 15.81 -30.62
C LEU G 262 28.34 16.86 -31.43
N GLN G 263 29.35 17.50 -30.85
CA GLN G 263 30.03 18.58 -31.57
C GLN G 263 30.40 18.27 -33.01
N PRO G 264 31.10 17.17 -33.34
CA PRO G 264 31.53 16.97 -34.74
C PRO G 264 30.38 16.84 -35.73
N VAL G 265 29.17 16.52 -35.26
CA VAL G 265 28.03 16.35 -36.15
C VAL G 265 27.81 17.64 -36.95
N ALA G 266 27.82 18.78 -36.27
CA ALA G 266 27.55 20.05 -36.93
C ALA G 266 28.60 20.34 -38.00
N LEU G 267 29.88 20.13 -37.68
CA LEU G 267 30.94 20.38 -38.65
C LEU G 267 30.80 19.49 -39.88
N SER G 268 30.60 18.19 -39.65
CA SER G 268 30.45 17.27 -40.76
C SER G 268 29.26 17.66 -41.63
N TRP G 269 28.12 17.96 -41.00
CA TRP G 269 26.94 18.36 -41.75
C TRP G 269 27.20 19.64 -42.54
N GLU G 270 27.89 20.60 -41.93
CA GLU G 270 28.16 21.87 -42.60
C GLU G 270 28.95 21.64 -43.87
N LYS G 271 30.07 20.91 -43.78
CA LYS G 271 30.88 20.72 -44.98
C LYS G 271 30.18 19.81 -45.98
N TYR G 272 29.36 18.86 -45.51
CA TYR G 272 28.57 18.07 -46.43
C TYR G 272 27.63 18.94 -47.23
N GLN G 273 26.92 19.86 -46.56
CA GLN G 273 26.05 20.79 -47.26
C GLN G 273 26.85 21.63 -48.26
N LYS G 274 28.02 22.11 -47.82
CA LYS G 274 28.83 22.95 -48.70
C LYS G 274 29.16 22.22 -49.99
N GLN G 275 29.62 20.97 -49.90
CA GLN G 275 29.95 20.23 -51.10
C GLN G 275 28.70 19.82 -51.88
N GLU G 276 27.59 19.56 -51.18
CA GLU G 276 26.34 19.22 -51.87
C GLU G 276 25.90 20.35 -52.78
N ARG G 277 25.99 21.59 -52.30
CA ARG G 277 25.66 22.73 -53.15
C ARG G 277 26.54 22.74 -54.40
N GLN G 278 27.83 22.44 -54.24
CA GLN G 278 28.74 22.46 -55.38
C GLN G 278 28.28 21.51 -56.48
N LEU G 279 27.60 20.41 -56.10
CA LEU G 279 27.19 19.44 -57.11
C LEU G 279 26.23 20.05 -58.13
N ALA G 280 25.33 20.91 -57.67
CA ALA G 280 24.37 21.53 -58.57
C ALA G 280 25.07 22.24 -59.73
N ASP G 281 26.26 22.78 -59.49
CA ASP G 281 26.97 23.50 -60.54
C ASP G 281 27.33 22.59 -61.71
N TRP G 282 27.81 21.38 -61.42
CA TRP G 282 28.28 20.51 -62.50
C TRP G 282 27.12 19.89 -63.27
N LEU G 283 26.04 19.52 -62.59
CA LEU G 283 24.85 19.10 -63.32
C LEU G 283 24.28 20.26 -64.13
N THR G 284 24.44 21.48 -63.63
CA THR G 284 24.05 22.66 -64.40
C THR G 284 24.86 22.76 -65.68
N LEU G 285 26.19 22.58 -65.57
CA LEU G 285 27.05 22.60 -66.75
C LEU G 285 26.65 21.49 -67.73
N GLU G 286 26.36 20.30 -67.21
CA GLU G 286 25.96 19.19 -68.06
C GLU G 286 24.68 19.53 -68.82
N SER G 287 23.69 20.09 -68.11
CA SER G 287 22.43 20.45 -68.75
C SER G 287 22.64 21.53 -69.81
N LEU G 288 23.47 22.53 -69.52
CA LEU G 288 23.64 23.65 -70.43
C LEU G 288 24.53 23.32 -71.62
N LEU G 289 25.38 22.30 -71.50
CA LEU G 289 26.46 22.07 -72.47
C LEU G 289 25.98 21.96 -73.92
N PRO G 290 24.98 21.14 -74.25
CA PRO G 290 24.61 20.98 -75.66
C PRO G 290 24.16 22.27 -76.32
N LEU G 291 23.49 23.16 -75.58
CA LEU G 291 22.84 24.31 -76.19
C LEU G 291 23.85 25.34 -76.69
N TRP G 292 24.93 25.57 -75.92
CA TRP G 292 25.98 26.49 -76.37
C TRP G 292 26.53 26.07 -77.72
N PHE G 293 26.94 24.80 -77.83
CA PHE G 293 27.51 24.30 -79.07
C PHE G 293 26.48 24.28 -80.18
N ALA G 294 25.22 23.97 -79.86
CA ALA G 294 24.18 23.97 -80.88
C ALA G 294 23.95 25.37 -81.44
N GLN G 295 23.91 26.37 -80.57
CA GLN G 295 23.71 27.75 -81.02
C GLN G 295 24.86 28.18 -81.91
N GLN G 296 26.11 27.98 -81.46
CA GLN G 296 27.23 28.37 -82.29
C GLN G 296 27.32 27.53 -83.56
N ALA G 297 26.81 26.30 -83.53
CA ALA G 297 26.80 25.46 -84.72
C ALA G 297 25.81 26.01 -85.75
N SER G 298 24.62 26.43 -85.29
CA SER G 298 23.66 27.03 -86.21
C SER G 298 24.23 28.32 -86.80
N HIS G 299 24.87 29.14 -85.97
CA HIS G 299 25.45 30.38 -86.47
C HIS G 299 26.55 30.10 -87.49
N LEU G 300 27.41 29.11 -87.21
CA LEU G 300 28.49 28.79 -88.12
C LEU G 300 27.97 28.13 -89.40
N TRP G 301 26.88 27.38 -89.32
CA TRP G 301 26.26 26.85 -90.52
C TRP G 301 25.70 27.97 -91.37
N ARG G 302 25.14 29.01 -90.73
CA ARG G 302 24.67 30.17 -91.49
C ARG G 302 25.85 30.89 -92.16
N GLU G 303 26.98 31.00 -91.46
CA GLU G 303 28.16 31.60 -92.08
C GLU G 303 28.67 30.76 -93.26
N LYS G 304 28.71 29.43 -93.08
CA LYS G 304 29.09 28.54 -94.17
C LYS G 304 28.13 28.69 -95.34
N ILE G 305 26.84 28.88 -95.04
CA ILE G 305 25.85 29.11 -96.09
C ILE G 305 26.17 30.41 -96.83
N ASN G 306 26.53 31.45 -96.08
CA ASN G 306 26.89 32.72 -96.70
C ASN G 306 28.04 32.55 -97.67
N LEU G 307 29.08 31.80 -97.26
CA LEU G 307 30.22 31.59 -98.14
C LEU G 307 29.85 30.72 -99.34
N LEU G 308 29.15 29.62 -99.10
CA LEU G 308 28.80 28.70 -100.16
C LEU G 308 27.84 29.34 -101.16
N ASN G 309 27.07 30.34 -100.74
CA ASN G 309 26.21 31.04 -101.67
C ASN G 309 27.03 31.71 -102.76
N ALA G 310 28.04 32.49 -102.35
CA ALA G 310 28.91 33.13 -103.34
C ALA G 310 29.66 32.11 -104.16
N ARG G 311 30.16 31.06 -103.51
CA ARG G 311 30.93 30.05 -104.24
C ARG G 311 30.07 29.36 -105.31
N LEU G 312 28.85 28.98 -104.93
CA LEU G 312 27.95 28.31 -105.87
C LEU G 312 27.51 29.26 -106.97
N ALA G 313 27.28 30.52 -106.63
CA ALA G 313 26.91 31.50 -107.65
C ALA G 313 28.02 31.65 -108.68
N GLU G 314 29.27 31.73 -108.21
CA GLU G 314 30.40 31.85 -109.15
C GLU G 314 30.55 30.58 -109.97
N ALA G 315 30.34 29.41 -109.36
CA ALA G 315 30.42 28.16 -110.11
C ALA G 315 29.37 28.10 -111.21
N GLN G 316 28.14 28.51 -110.89
CA GLN G 316 27.08 28.51 -111.89
C GLN G 316 27.35 29.54 -112.98
N THR G 317 27.91 30.69 -112.61
CA THR G 317 28.29 31.68 -113.62
C THR G 317 29.36 31.13 -114.55
N SER G 318 30.35 30.42 -113.99
CA SER G 318 31.37 29.79 -114.83
C SER G 318 30.76 28.73 -115.74
N GLU G 319 29.80 27.96 -115.22
CA GLU G 319 29.13 26.95 -116.04
C GLU G 319 28.39 27.61 -117.20
N GLU G 320 27.68 28.71 -116.92
CA GLU G 320 26.96 29.43 -117.96
C GLU G 320 27.93 30.00 -118.99
N GLN G 321 29.05 30.55 -118.53
CA GLN G 321 30.05 31.08 -119.45
C GLN G 321 30.61 29.98 -120.35
N LEU G 322 30.88 28.81 -119.77
CA LEU G 322 31.39 27.70 -120.57
C LEU G 322 30.35 27.24 -121.58
N GLN G 323 29.08 27.20 -121.18
CA GLN G 323 28.02 26.84 -122.13
C GLN G 323 27.96 27.84 -123.28
N SER G 324 28.04 29.14 -122.96
CA SER G 324 28.01 30.16 -123.98
C SER G 324 29.22 30.04 -124.92
N GLN G 325 30.40 29.76 -124.37
CA GLN G 325 31.58 29.61 -125.20
C GLN G 325 31.51 28.35 -126.06
N LEU G 326 30.91 27.28 -125.55
CA LEU G 326 30.69 26.09 -126.36
C LEU G 326 29.75 26.40 -127.52
N ASP G 327 28.68 27.13 -127.25
CA ASP G 327 27.77 27.56 -128.31
C ASP G 327 28.50 28.42 -129.33
N LEU G 328 29.38 29.30 -128.86
CA LEU G 328 30.13 30.16 -129.76
C LEU G 328 31.09 29.34 -130.62
N GLN G 329 31.68 28.28 -130.06
CA GLN G 329 32.56 27.43 -130.85
C GLN G 329 31.77 26.68 -131.92
N LYS G 330 30.58 26.19 -131.57
CA LYS G 330 29.72 25.59 -132.59
C LYS G 330 29.35 26.62 -133.65
N LYS G 331 29.14 27.87 -133.24
CA LYS G 331 28.87 28.94 -134.19
C LYS G 331 30.08 29.20 -135.09
N VAL G 332 31.29 29.03 -134.55
CA VAL G 332 32.50 29.16 -135.37
C VAL G 332 32.56 28.03 -136.39
N VAL G 333 32.17 26.82 -135.98
CA VAL G 333 32.05 25.73 -136.93
C VAL G 333 31.06 26.10 -138.03
N SER G 334 29.95 26.73 -137.65
CA SER G 334 28.98 27.19 -138.64
C SER G 334 29.59 28.20 -139.60
N ASP G 335 30.39 29.13 -139.07
CA ASP G 335 31.05 30.12 -139.91
C ASP G 335 32.00 29.45 -140.89
N CYS G 336 32.76 28.48 -140.42
CA CYS G 336 33.68 27.76 -141.30
C CYS G 336 32.93 27.03 -142.40
N MET G 337 31.83 26.37 -142.05
CA MET G 337 31.04 25.66 -143.05
C MET G 337 30.46 26.63 -144.07
N GLN G 338 30.02 27.80 -143.62
CA GLN G 338 29.50 28.81 -144.54
C GLN G 338 30.59 29.29 -145.49
N ARG G 339 31.79 29.55 -144.97
CA ARG G 339 32.88 29.99 -145.83
C ARG G 339 33.23 28.91 -146.84
N TYR G 340 33.26 27.65 -146.41
CA TYR G 340 33.50 26.57 -147.35
C TYR G 340 32.43 26.53 -148.43
N LEU G 341 31.16 26.72 -148.03
CA LEU G 341 30.07 26.77 -148.99
C LEU G 341 30.28 27.86 -150.02
N GLN G 342 30.72 29.04 -149.58
CA GLN G 342 30.98 30.13 -150.53
C GLN G 342 32.06 29.75 -151.53
N VAL G 343 33.12 29.08 -151.07
CA VAL G 343 34.19 28.64 -151.96
C VAL G 343 33.93 27.20 -152.38
N ASP G 689 45.57 22.22 -150.38
CA ASP G 689 46.09 23.57 -150.19
C ASP G 689 45.19 24.63 -150.84
N SER G 690 44.15 24.17 -151.52
CA SER G 690 43.20 25.09 -152.14
C SER G 690 42.37 25.80 -151.08
N ASP G 691 41.64 26.83 -151.52
CA ASP G 691 40.78 27.56 -150.60
C ASP G 691 39.78 26.63 -149.92
N ALA G 692 39.24 25.67 -150.68
CA ALA G 692 38.37 24.67 -150.07
C ALA G 692 39.12 23.87 -149.01
N SER G 693 40.37 23.49 -149.30
CA SER G 693 41.15 22.77 -148.31
C SER G 693 41.37 23.61 -147.06
N VAL G 694 41.63 24.91 -147.23
CA VAL G 694 41.85 25.79 -146.09
C VAL G 694 40.59 25.86 -145.24
N ALA G 695 39.43 26.04 -145.89
CA ALA G 695 38.17 26.12 -145.15
C ALA G 695 37.88 24.80 -144.43
N LYS G 696 38.17 23.67 -145.08
CA LYS G 696 37.96 22.37 -144.46
C LYS G 696 38.85 22.21 -143.22
N ALA G 697 40.11 22.64 -143.33
CA ALA G 697 41.02 22.56 -142.20
C ALA G 697 40.52 23.42 -141.04
N LYS G 698 40.06 24.64 -141.33
CA LYS G 698 39.54 25.50 -140.27
C LYS G 698 38.29 24.89 -139.63
N LEU G 699 37.43 24.29 -140.45
CA LEU G 699 36.23 23.64 -139.94
C LEU G 699 36.59 22.49 -138.99
N ASP G 700 37.54 21.65 -139.40
CA ASP G 700 37.98 20.57 -138.54
C ASP G 700 38.61 21.11 -137.25
N GLU G 701 39.36 22.21 -137.35
CA GLU G 701 39.95 22.81 -136.17
C GLU G 701 38.89 23.26 -135.19
N ALA G 702 37.83 23.90 -135.69
CA ALA G 702 36.74 24.34 -134.82
C ALA G 702 36.04 23.15 -134.17
N GLN G 703 35.78 22.10 -134.97
CA GLN G 703 35.17 20.90 -134.40
C GLN G 703 36.04 20.30 -133.29
N THR G 704 37.37 20.29 -133.49
CA THR G 704 38.26 19.81 -132.45
C THR G 704 38.19 20.68 -131.21
N ILE G 705 38.14 22.00 -131.39
CA ILE G 705 38.13 22.90 -130.24
C ILE G 705 36.84 22.74 -129.43
N GLU G 706 35.75 22.34 -130.10
CA GLU G 706 34.46 22.24 -129.41
C GLU G 706 34.53 21.27 -128.22
N SER G 707 35.26 20.16 -128.38
CA SER G 707 35.20 19.07 -127.40
C SER G 707 35.75 19.51 -126.04
N GLU G 708 36.85 20.27 -126.03
CA GLU G 708 37.42 20.69 -124.76
C GLU G 708 36.46 21.58 -123.99
N LEU G 709 35.78 22.49 -124.67
CA LEU G 709 34.78 23.32 -124.00
C LEU G 709 33.63 22.47 -123.49
N ASP G 710 33.21 21.45 -124.24
CA ASP G 710 32.15 20.57 -123.76
C ASP G 710 32.58 19.88 -122.45
N LYS G 711 33.80 19.35 -122.44
CA LYS G 711 34.29 18.65 -121.25
C LYS G 711 34.41 19.60 -120.06
N GLN G 712 34.90 20.82 -120.31
CA GLN G 712 35.00 21.79 -119.24
C GLN G 712 33.63 22.21 -118.72
N LEU G 713 32.62 22.25 -119.61
CA LEU G 713 31.27 22.49 -119.15
C LEU G 713 30.78 21.37 -118.24
N ARG G 714 31.10 20.12 -118.59
CA ARG G 714 30.76 19.02 -117.70
C ARG G 714 31.45 19.17 -116.34
N ALA G 715 32.73 19.56 -116.35
CA ALA G 715 33.45 19.75 -115.10
C ALA G 715 32.83 20.87 -114.27
N ALA G 716 32.42 21.96 -114.92
CA ALA G 716 31.74 23.04 -114.22
C ALA G 716 30.42 22.56 -113.65
N ASN G 717 29.71 21.70 -114.37
CA ASN G 717 28.50 21.09 -113.83
C ASN G 717 28.81 20.32 -112.55
N LYS G 718 29.90 19.55 -112.57
CA LYS G 718 30.29 18.80 -111.37
C LYS G 718 30.58 19.74 -110.21
N VAL G 719 31.33 20.81 -110.47
CA VAL G 719 31.69 21.74 -109.40
C VAL G 719 30.43 22.39 -108.82
N THR G 720 29.52 22.82 -109.71
CA THR G 720 28.28 23.43 -109.28
C THR G 720 27.46 22.47 -108.44
N ASN G 721 27.38 21.21 -108.86
CA ASN G 721 26.62 20.21 -108.11
C ASN G 721 27.24 19.94 -106.75
N VAL G 722 28.57 19.88 -106.67
CA VAL G 722 29.22 19.66 -105.38
C VAL G 722 28.94 20.82 -104.45
N LEU G 723 29.09 22.05 -104.94
CA LEU G 723 28.82 23.21 -104.10
C LEU G 723 27.36 23.26 -103.68
N ASP G 724 26.45 22.91 -104.57
CA ASP G 724 25.03 22.89 -104.23
C ASP G 724 24.74 21.84 -103.16
N THR G 725 25.35 20.67 -103.29
CA THR G 725 25.17 19.63 -102.27
C THR G 725 25.68 20.09 -100.91
N GLU G 726 26.86 20.70 -100.89
CA GLU G 726 27.41 21.19 -99.63
C GLU G 726 26.54 22.29 -99.05
N LEU G 727 26.03 23.19 -99.89
CA LEU G 727 25.15 24.25 -99.41
C LEU G 727 23.85 23.70 -98.85
N THR G 728 23.25 22.72 -99.54
CA THR G 728 22.00 22.13 -99.07
C THR G 728 22.22 21.41 -97.72
N LEU G 729 23.31 20.66 -97.61
CA LEU G 729 23.58 19.98 -96.35
C LEU G 729 23.92 20.98 -95.24
N ALA G 730 24.58 22.09 -95.60
CA ALA G 730 24.85 23.14 -94.62
C ALA G 730 23.56 23.75 -94.11
N ARG G 731 22.60 23.99 -95.00
CA ARG G 731 21.29 24.51 -94.58
C ARG G 731 20.55 23.49 -93.73
N ALA G 732 20.63 22.20 -94.09
CA ALA G 732 19.99 21.17 -93.28
C ALA G 732 20.57 21.16 -91.87
N ALA G 733 21.91 21.18 -91.77
CA ALA G 733 22.54 21.21 -90.45
C ALA G 733 22.25 22.52 -89.73
N GLU G 734 22.10 23.61 -90.47
CA GLU G 734 21.74 24.89 -89.85
C GLU G 734 20.39 24.80 -89.17
N ARG G 735 19.39 24.27 -89.88
CA ARG G 735 18.08 24.12 -89.26
C ARG G 735 18.13 23.12 -88.13
N LYS G 736 18.94 22.06 -88.27
CA LYS G 736 19.08 21.07 -87.22
C LYS G 736 19.60 21.69 -85.93
N ALA G 737 20.65 22.52 -86.05
CA ALA G 737 21.20 23.18 -84.87
C ALA G 737 20.27 24.25 -84.34
N GLN G 738 19.58 24.97 -85.24
CA GLN G 738 18.66 26.02 -84.82
C GLN G 738 17.50 25.46 -84.02
N GLN G 739 17.01 24.28 -84.42
CA GLN G 739 15.94 23.64 -83.65
C GLN G 739 16.33 23.47 -82.20
N THR G 740 17.62 23.28 -81.94
CA THR G 740 18.14 23.26 -80.57
C THR G 740 18.52 24.66 -80.09
N ALA G 741 19.04 25.50 -80.99
CA ALA G 741 19.43 26.86 -80.59
C ALA G 741 18.22 27.69 -80.16
N GLN G 742 17.02 27.28 -80.57
CA GLN G 742 15.82 28.00 -80.17
C GLN G 742 15.70 28.07 -78.65
N GLN G 743 16.19 27.05 -77.95
CA GLN G 743 16.04 26.97 -76.50
C GLN G 743 16.67 28.17 -75.79
N GLY G 744 17.82 28.64 -76.27
CA GLY G 744 18.41 29.84 -75.70
C GLY G 744 19.01 29.61 -74.32
N MET G 745 19.42 30.73 -73.71
CA MET G 745 20.01 30.72 -72.38
C MET G 745 19.72 32.03 -71.68
N LYS G 746 19.85 32.01 -70.36
CA LYS G 746 19.88 33.23 -69.58
C LYS G 746 21.33 33.66 -69.36
N GLU G 747 21.55 34.98 -69.30
CA GLU G 747 22.90 35.51 -69.44
C GLU G 747 23.86 34.91 -68.43
N GLU G 748 23.39 34.58 -67.22
CA GLU G 748 24.26 33.89 -66.28
C GLU G 748 24.67 32.52 -66.81
N GLU G 749 23.71 31.79 -67.38
CA GLU G 749 24.02 30.49 -67.96
C GLU G 749 24.99 30.62 -69.12
N ARG G 750 24.77 31.60 -69.98
CA ARG G 750 25.66 31.80 -71.12
C ARG G 750 27.06 32.19 -70.67
N GLU G 751 27.16 33.03 -69.63
CA GLU G 751 28.47 33.39 -69.09
C GLU G 751 29.19 32.18 -68.53
N LEU G 752 28.47 31.32 -67.79
CA LEU G 752 29.07 30.10 -67.28
C LEU G 752 29.55 29.21 -68.43
N CYS G 753 28.72 29.07 -69.46
CA CYS G 753 29.09 28.24 -70.61
C CYS G 753 30.34 28.79 -71.29
N ALA G 754 30.40 30.11 -71.49
CA ALA G 754 31.58 30.70 -72.12
C ALA G 754 32.82 30.52 -71.27
N SER G 755 32.70 30.70 -69.95
CA SER G 755 33.82 30.47 -69.05
C SER G 755 34.23 29.00 -68.98
N HIS G 756 33.35 28.09 -69.39
CA HIS G 756 33.67 26.66 -69.40
C HIS G 756 33.77 26.05 -70.78
N PHE G 757 33.20 26.68 -71.82
CA PHE G 757 33.21 26.11 -73.15
C PHE G 757 33.93 27.03 -74.12
N PRO G 758 34.77 26.49 -75.00
CA PRO G 758 35.40 27.33 -76.01
C PRO G 758 34.41 27.77 -77.08
N VAL G 759 34.74 28.87 -77.75
CA VAL G 759 33.89 29.36 -78.84
C VAL G 759 34.14 28.50 -80.07
N VAL G 760 33.06 27.99 -80.66
CA VAL G 760 33.18 27.18 -81.87
C VAL G 760 33.51 28.09 -83.04
N THR G 761 34.53 27.71 -83.81
CA THR G 761 34.91 28.44 -85.01
C THR G 761 34.39 27.70 -86.25
N LEU G 762 34.40 28.41 -87.38
CA LEU G 762 33.96 27.81 -88.63
C LEU G 762 34.79 26.57 -88.95
N GLU G 763 36.09 26.63 -88.69
CA GLU G 763 36.94 25.46 -88.90
C GLU G 763 36.55 24.32 -87.97
N GLN G 764 36.21 24.63 -86.72
CA GLN G 764 35.80 23.63 -85.76
C GLN G 764 34.41 23.07 -86.03
N LEU G 765 33.67 23.64 -86.98
CA LEU G 765 32.29 23.22 -87.21
C LEU G 765 32.14 21.72 -87.42
N PRO G 766 32.97 21.04 -88.22
CA PRO G 766 32.82 19.58 -88.34
C PRO G 766 33.20 18.83 -87.07
N ASP G 767 34.09 19.39 -86.25
CA ASP G 767 34.59 18.71 -85.07
C ASP G 767 33.88 19.13 -83.79
N ILE G 768 32.75 19.83 -83.89
CA ILE G 768 32.10 20.37 -82.69
C ILE G 768 31.74 19.25 -81.73
N ARG G 769 31.24 18.13 -82.26
CA ARG G 769 30.81 17.04 -81.39
C ARG G 769 31.97 16.51 -80.56
N ASP G 770 33.18 16.51 -81.10
CA ASP G 770 34.34 16.08 -80.31
C ASP G 770 34.51 16.94 -79.08
N LEU G 771 34.47 18.26 -79.24
CA LEU G 771 34.61 19.17 -78.11
C LEU G 771 33.46 19.00 -77.13
N GLU G 772 32.23 18.89 -77.65
CA GLU G 772 31.07 18.74 -76.78
C GLU G 772 31.17 17.47 -75.95
N ARG G 773 31.57 16.36 -76.58
CA ARG G 773 31.69 15.10 -75.86
C ARG G 773 32.85 15.14 -74.87
N GLN G 774 33.94 15.81 -75.23
CA GLN G 774 35.06 15.93 -74.29
C GLN G 774 34.62 16.68 -73.04
N HIS G 775 33.90 17.79 -73.23
CA HIS G 775 33.38 18.53 -72.08
C HIS G 775 32.39 17.68 -71.29
N GLU G 776 31.52 16.95 -71.98
CA GLU G 776 30.55 16.10 -71.30
C GLU G 776 31.25 15.04 -70.47
N ARG G 777 32.31 14.44 -71.00
CA ARG G 777 33.00 13.37 -70.29
C ARG G 777 33.80 13.91 -69.12
N GLY G 778 34.43 15.08 -69.28
CA GLY G 778 35.06 15.72 -68.14
C GLY G 778 34.05 16.05 -67.05
N ILE G 779 32.87 16.53 -67.46
CA ILE G 779 31.82 16.85 -66.51
C ILE G 779 31.36 15.59 -65.78
N GLN G 780 31.23 14.49 -66.51
CA GLN G 780 30.84 13.22 -65.88
C GLN G 780 31.91 12.74 -64.92
N HIS G 781 33.19 12.89 -65.29
CA HIS G 781 34.28 12.57 -64.38
C HIS G 781 34.17 13.38 -63.10
N GLU G 782 33.96 14.69 -63.22
CA GLU G 782 33.81 15.53 -62.03
C GLU G 782 32.58 15.10 -61.23
N ILE G 783 31.49 14.76 -61.91
CA ILE G 783 30.28 14.34 -61.22
C ILE G 783 30.56 13.11 -60.37
N GLU G 784 31.19 12.10 -60.96
CA GLU G 784 31.46 10.87 -60.22
C GLU G 784 32.43 11.13 -59.09
N ARG G 785 33.45 11.97 -59.32
CA ARG G 785 34.41 12.25 -58.26
C ARG G 785 33.74 12.94 -57.07
N VAL G 786 32.99 14.01 -57.32
CA VAL G 786 32.36 14.73 -56.23
C VAL G 786 31.31 13.85 -55.55
N LYS G 787 30.61 13.03 -56.33
CA LYS G 787 29.63 12.13 -55.75
C LYS G 787 30.30 11.12 -54.82
N ALA G 788 31.45 10.59 -55.22
CA ALA G 788 32.18 9.66 -54.37
C ALA G 788 32.64 10.34 -53.08
N GLU G 789 33.12 11.58 -53.18
CA GLU G 789 33.51 12.30 -51.97
C GLU G 789 32.30 12.55 -51.07
N LEU G 790 31.15 12.85 -51.68
CA LEU G 790 29.93 13.03 -50.90
C LEU G 790 29.53 11.74 -50.19
N HIS G 791 29.67 10.61 -50.87
CA HIS G 791 29.39 9.31 -50.25
C HIS G 791 30.36 9.04 -49.10
N ARG G 792 31.63 9.40 -49.28
CA ARG G 792 32.60 9.29 -48.20
C ARG G 792 32.13 10.08 -46.98
N LEU G 793 31.76 11.34 -47.19
CA LEU G 793 31.27 12.16 -46.09
C LEU G 793 29.97 11.60 -45.51
N ASN G 794 29.17 10.94 -46.34
CA ASN G 794 27.97 10.28 -45.85
C ASN G 794 28.32 9.19 -44.85
N ILE G 795 29.31 8.37 -45.18
CA ILE G 795 29.79 7.35 -44.25
C ILE G 795 30.28 8.02 -42.97
N GLU G 796 31.04 9.10 -43.13
CA GLU G 796 31.54 9.84 -41.97
C GLU G 796 30.39 10.27 -41.06
N LEU G 797 29.35 10.87 -41.66
CA LEU G 797 28.22 11.35 -40.88
C LEU G 797 27.49 10.21 -40.19
N THR G 798 27.32 9.10 -40.88
CA THR G 798 26.69 7.94 -40.26
C THR G 798 27.47 7.49 -39.03
N LYS G 799 28.80 7.39 -39.16
CA LYS G 799 29.62 7.03 -38.00
C LYS G 799 29.42 8.02 -36.87
N ARG G 800 29.48 9.32 -37.19
CA ARG G 800 29.39 10.34 -36.15
C ARG G 800 28.08 10.25 -35.39
N MET G 801 26.97 10.17 -36.13
CA MET G 801 25.66 10.14 -35.48
C MET G 801 25.43 8.84 -34.72
N SER G 802 25.92 7.72 -35.24
CA SER G 802 25.82 6.47 -34.49
C SER G 802 26.59 6.56 -33.18
N GLU G 803 27.80 7.15 -33.22
CA GLU G 803 28.55 7.38 -31.99
C GLU G 803 27.76 8.22 -31.01
N ALA G 804 27.20 9.34 -31.48
CA ALA G 804 26.46 10.23 -30.60
C ALA G 804 25.28 9.49 -29.96
N LYS G 805 24.53 8.72 -30.75
CA LYS G 805 23.43 7.96 -30.18
C LYS G 805 23.92 6.92 -29.19
N ARG G 806 25.08 6.29 -29.45
CA ARG G 806 25.63 5.37 -28.48
C ARG G 806 25.86 6.06 -27.15
N VAL G 807 26.46 7.26 -27.17
CA VAL G 807 26.66 7.99 -25.93
C VAL G 807 25.35 8.56 -25.41
N ASP G 808 24.35 8.70 -26.28
CA ASP G 808 23.12 9.40 -25.91
C ASP G 808 22.44 8.75 -24.72
N THR G 809 21.95 9.59 -23.80
CA THR G 809 21.21 9.08 -22.65
C THR G 809 19.79 8.65 -23.02
N GLY G 810 19.26 9.12 -24.14
CA GLY G 810 17.93 8.75 -24.56
C GLY G 810 17.19 9.88 -25.27
N ALA G 811 17.74 11.10 -25.21
CA ALA G 811 17.12 12.23 -25.89
C ALA G 811 17.00 11.98 -27.40
N LEU G 812 17.93 11.23 -27.98
CA LEU G 812 17.88 10.87 -29.39
C LEU G 812 17.31 9.49 -29.63
N VAL G 813 16.57 8.95 -28.66
CA VAL G 813 16.24 7.52 -28.66
C VAL G 813 15.56 7.12 -29.97
N GLU G 814 14.55 7.89 -30.38
CA GLU G 814 13.79 7.53 -31.57
C GLU G 814 14.41 8.06 -32.86
N ALA G 815 15.48 8.85 -32.77
CA ALA G 815 16.14 9.35 -33.97
C ALA G 815 16.78 8.20 -34.74
N GLY G 816 16.89 8.39 -36.05
CA GLY G 816 17.40 7.36 -36.92
C GLY G 816 18.89 7.50 -37.21
N ALA G 817 19.31 7.11 -38.42
CA ALA G 817 20.74 7.15 -38.74
C ALA G 817 21.02 7.71 -40.13
N ASP G 818 20.13 8.50 -40.73
CA ASP G 818 20.35 9.02 -42.07
C ASP G 818 20.38 10.55 -42.02
N LEU G 819 20.81 11.14 -43.14
CA LEU G 819 21.03 12.58 -43.20
C LEU G 819 19.79 13.35 -42.76
N ASP G 820 18.61 12.93 -43.21
CA ASP G 820 17.39 13.67 -42.90
C ASP G 820 17.15 13.82 -41.41
N ASP G 821 17.70 12.92 -40.59
CA ASP G 821 17.53 13.03 -39.15
C ASP G 821 18.48 14.05 -38.53
N ILE G 822 19.45 14.54 -39.29
CA ILE G 822 20.51 15.39 -38.78
C ILE G 822 19.96 16.58 -37.99
N PRO G 823 18.96 17.31 -38.50
CA PRO G 823 18.49 18.48 -37.73
C PRO G 823 18.05 18.14 -36.32
N VAL G 824 17.51 16.93 -36.10
CA VAL G 824 17.16 16.53 -34.74
C VAL G 824 18.39 16.57 -33.85
N TYR G 825 19.50 16.03 -34.34
CA TYR G 825 20.73 16.04 -33.55
C TYR G 825 21.21 17.47 -33.30
N LEU G 826 21.18 18.31 -34.34
CA LEU G 826 21.66 19.68 -34.21
C LEU G 826 20.82 20.46 -33.20
N GLN G 827 19.51 20.21 -33.18
CA GLN G 827 18.65 20.85 -32.18
C GLN G 827 19.13 20.52 -30.78
N ARG G 828 19.38 19.23 -30.51
CA ARG G 828 19.87 18.85 -29.19
C ARG G 828 21.22 19.48 -28.88
N LEU G 829 22.10 19.53 -29.89
CA LEU G 829 23.41 20.14 -29.68
C LEU G 829 23.26 21.58 -29.23
N GLN G 830 22.50 22.38 -29.98
CA GLN G 830 22.35 23.79 -29.63
C GLN G 830 21.62 23.97 -28.31
N GLU G 831 20.60 23.15 -28.04
CA GLU G 831 19.87 23.25 -26.79
C GLU G 831 20.79 22.99 -25.60
N LEU G 832 21.53 21.88 -25.64
CA LEU G 832 22.46 21.58 -24.56
C LEU G 832 23.47 22.70 -24.38
N THR G 833 24.07 23.16 -25.48
CA THR G 833 25.09 24.18 -25.36
C THR G 833 24.55 25.46 -24.74
N GLU G 834 23.37 25.91 -25.20
CA GLU G 834 22.85 27.20 -24.76
C GLU G 834 22.24 27.16 -23.37
N GLU G 835 21.47 26.12 -23.02
CA GLU G 835 20.66 26.15 -21.81
C GLU G 835 21.11 25.14 -20.77
N ALA G 836 21.19 23.86 -21.15
CA ALA G 836 21.36 22.81 -20.15
C ALA G 836 22.66 23.00 -19.36
N LEU G 837 23.78 23.14 -20.06
CA LEU G 837 25.07 23.21 -19.37
C LEU G 837 25.18 24.41 -18.45
N PRO G 838 24.86 25.63 -18.88
CA PRO G 838 24.89 26.76 -17.93
C PRO G 838 24.00 26.54 -16.71
N GLU G 839 22.81 25.97 -16.91
CA GLU G 839 21.91 25.72 -15.79
C GLU G 839 22.53 24.74 -14.80
N LYS G 840 23.07 23.64 -15.31
CA LYS G 840 23.70 22.66 -14.43
C LYS G 840 24.90 23.24 -13.72
N LEU G 841 25.70 24.05 -14.42
CA LEU G 841 26.85 24.69 -13.80
C LEU G 841 26.40 25.59 -12.64
N ASN G 842 25.39 26.43 -12.89
CA ASN G 842 24.90 27.31 -11.83
C ASN G 842 24.37 26.50 -10.66
N ARG G 843 23.58 25.46 -10.95
CA ARG G 843 23.06 24.62 -9.88
C ARG G 843 24.18 24.05 -9.01
N PHE G 844 25.17 23.43 -9.65
CA PHE G 844 26.22 22.75 -8.89
C PHE G 844 27.04 23.75 -8.09
N LEU G 845 27.50 24.82 -8.72
CA LEU G 845 28.34 25.78 -8.01
C LEU G 845 27.56 26.48 -6.90
N ASP G 846 26.27 26.79 -7.14
CA ASP G 846 25.47 27.41 -6.09
C ASP G 846 25.32 26.50 -4.89
N TYR G 847 24.95 25.23 -5.12
CA TYR G 847 24.80 24.34 -3.98
C TYR G 847 26.11 24.13 -3.25
N LEU G 848 27.23 24.04 -3.99
CA LEU G 848 28.53 23.92 -3.34
C LEU G 848 28.82 25.15 -2.47
N ASN G 849 28.54 26.34 -2.99
CA ASN G 849 28.75 27.55 -2.21
C ASN G 849 27.91 27.52 -0.94
N ARG G 850 26.65 27.08 -1.05
CA ARG G 850 25.83 26.87 0.14
C ARG G 850 26.47 25.83 1.05
N SER G 851 26.90 24.70 0.48
CA SER G 851 27.59 23.68 1.25
C SER G 851 28.94 24.15 1.77
N SER G 852 29.54 25.17 1.15
CA SER G 852 30.78 25.72 1.68
C SER G 852 30.59 26.29 3.07
N ASP G 853 29.51 27.05 3.29
CA ASP G 853 29.19 27.53 4.63
C ASP G 853 28.74 26.37 5.51
N ASP G 854 27.85 25.52 4.99
CA ASP G 854 27.38 24.33 5.71
C ASP G 854 28.25 23.13 5.35
N GLY G 855 29.56 23.30 5.52
CA GLY G 855 30.53 22.28 5.21
C GLY G 855 31.03 21.57 6.45
N VAL G 856 31.87 20.56 6.22
CA VAL G 856 32.46 19.80 7.32
C VAL G 856 33.24 20.73 8.24
N THR G 857 33.65 21.90 7.74
CA THR G 857 34.36 22.85 8.59
C THR G 857 33.57 23.15 9.85
N GLN G 858 32.24 23.22 9.73
CA GLN G 858 31.41 23.50 10.90
C GLN G 858 31.52 22.38 11.94
N LEU G 859 31.48 21.13 11.48
CA LEU G 859 31.62 19.99 12.40
C LEU G 859 32.99 20.00 13.06
N LEU G 860 34.04 20.26 12.29
CA LEU G 860 35.39 20.32 12.84
C LEU G 860 35.49 21.41 13.91
N SER G 861 34.94 22.59 13.60
CA SER G 861 34.95 23.68 14.57
C SER G 861 34.17 23.31 15.83
N HIS G 862 33.05 22.60 15.66
CA HIS G 862 32.28 22.16 16.81
C HIS G 862 33.09 21.23 17.71
N ILE G 863 33.79 20.27 17.11
CA ILE G 863 34.59 19.35 17.90
C ILE G 863 35.72 20.09 18.60
N GLU G 864 36.36 21.03 17.90
CA GLU G 864 37.40 21.83 18.54
C GLU G 864 36.83 22.62 19.71
N HIS G 865 35.63 23.18 19.55
CA HIS G 865 34.98 23.90 20.63
C HIS G 865 34.72 22.99 21.82
N GLU G 866 34.29 21.75 21.57
CA GLU G 866 34.04 20.82 22.68
C GLU G 866 35.32 20.49 23.42
N VAL G 867 36.41 20.23 22.68
CA VAL G 867 37.68 19.94 23.34
C VAL G 867 38.15 21.16 24.13
N LEU G 868 37.92 22.36 23.59
CA LEU G 868 38.25 23.58 24.32
C LEU G 868 37.45 23.68 25.62
N VAL G 869 36.17 23.32 25.56
CA VAL G 869 35.33 23.34 26.76
C VAL G 869 35.86 22.37 27.80
N ILE G 870 36.28 21.18 27.36
CA ILE G 870 36.88 20.22 28.30
C ILE G 870 38.14 20.80 28.92
N GLU G 871 38.98 21.44 28.09
CA GLU G 871 40.18 22.09 28.63
C GLU G 871 39.81 23.09 29.72
N GLU G 872 38.81 23.94 29.44
CA GLU G 872 38.36 24.90 30.44
C GLU G 872 37.93 24.22 31.72
N ARG G 873 37.05 23.22 31.60
CA ARG G 873 36.44 22.63 32.80
C ARG G 873 37.47 21.92 33.66
N LEU G 874 38.42 21.21 33.03
CA LEU G 874 39.44 20.51 33.81
C LEU G 874 40.17 21.47 34.75
N ASN G 875 40.42 22.69 34.28
CA ASN G 875 41.18 23.66 35.09
C ASN G 875 40.45 23.99 36.38
N GLU G 876 39.11 24.09 36.32
CA GLU G 876 38.36 24.46 37.51
C GLU G 876 38.50 23.40 38.60
N LEU G 877 38.35 22.13 38.25
CA LEU G 877 38.55 21.07 39.24
C LEU G 877 40.00 21.02 39.69
N ASN G 878 40.94 21.29 38.78
CA ASN G 878 42.35 21.31 39.17
C ASN G 878 42.60 22.36 40.25
N GLU G 879 42.01 23.54 40.09
CA GLU G 879 42.19 24.61 41.06
C GLU G 879 41.63 24.23 42.42
N THR G 880 40.44 23.63 42.44
CA THR G 880 39.80 23.31 43.71
C THR G 880 40.66 22.38 44.56
N MET G 881 41.46 21.54 43.92
CA MET G 881 42.31 20.61 44.65
C MET G 881 43.44 21.30 45.39
N PHE G 882 43.75 22.56 45.03
CA PHE G 882 44.77 23.29 45.78
C PHE G 882 44.29 23.64 47.17
N ARG G 883 42.97 23.65 47.40
CA ARG G 883 42.41 24.05 48.68
C ARG G 883 42.40 22.92 49.70
N VAL G 884 42.85 21.72 49.34
CA VAL G 884 42.86 20.58 50.24
C VAL G 884 44.16 19.81 50.00
N ASP G 885 44.38 18.78 50.82
CA ASP G 885 45.60 18.00 50.79
C ASP G 885 45.27 16.52 50.62
N PHE G 886 45.87 15.90 49.60
CA PHE G 886 45.73 14.46 49.40
C PHE G 886 46.55 13.67 50.42
N GLN G 887 47.63 14.25 50.91
CA GLN G 887 48.45 13.69 51.98
C GLN G 887 48.79 14.80 52.96
N PRO G 888 49.19 14.45 54.17
CA PRO G 888 49.44 15.49 55.20
C PRO G 888 50.37 16.59 54.72
N ASP G 889 51.16 16.34 53.68
CA ASP G 889 52.15 17.29 53.18
C ASP G 889 52.00 17.57 51.69
N ARG G 890 50.95 17.07 51.03
CA ARG G 890 50.83 17.17 49.58
C ARG G 890 49.41 17.54 49.19
N TYR G 891 49.28 18.16 48.03
CA TYR G 891 48.04 18.24 47.28
C TYR G 891 48.26 17.64 45.90
N LEU G 892 47.19 17.58 45.10
CA LEU G 892 47.21 16.81 43.87
C LEU G 892 46.73 17.67 42.71
N ARG G 893 47.33 17.44 41.53
CA ARG G 893 47.09 18.27 40.35
C ARG G 893 46.82 17.39 39.14
N LEU G 894 45.92 17.86 38.28
CA LEU G 894 45.60 17.17 37.05
C LEU G 894 46.57 17.56 35.93
N ASP G 895 46.69 16.68 34.94
CA ASP G 895 47.52 16.92 33.77
C ASP G 895 46.88 16.26 32.57
N THR G 896 47.01 16.91 31.40
CA THR G 896 46.40 16.39 30.18
C THR G 896 47.32 16.65 29.00
N LYS G 897 47.08 15.90 27.91
CA LYS G 897 47.88 15.97 26.71
C LYS G 897 47.02 15.66 25.50
N LYS G 898 47.59 15.87 24.32
CA LYS G 898 46.87 15.60 23.07
C LYS G 898 47.10 14.17 22.60
N VAL G 899 46.10 13.61 21.93
CA VAL G 899 46.23 12.28 21.33
C VAL G 899 46.90 12.40 19.97
N VAL G 900 47.59 11.33 19.56
CA VAL G 900 48.47 11.39 18.40
C VAL G 900 48.18 10.26 17.40
N HIS G 901 46.96 9.73 17.41
CA HIS G 901 46.59 8.74 16.41
C HIS G 901 46.67 9.37 15.03
N GLU G 902 47.20 8.61 14.06
CA GLU G 902 47.57 9.19 12.78
C GLU G 902 46.39 9.75 12.00
N SER G 903 45.18 9.21 12.21
CA SER G 903 44.03 9.72 11.48
C SER G 903 43.86 11.22 11.68
N LEU G 904 44.26 11.73 12.84
CA LEU G 904 44.14 13.16 13.11
C LEU G 904 45.02 13.96 12.18
N ARG G 905 46.28 13.54 12.00
CA ARG G 905 47.17 14.23 11.07
C ARG G 905 46.67 14.10 9.64
N THR G 906 46.11 12.95 9.29
CA THR G 906 45.54 12.78 7.95
C THR G 906 44.41 13.78 7.72
N LEU G 907 43.54 13.94 8.72
CA LEU G 907 42.47 14.93 8.60
C LEU G 907 43.03 16.35 8.53
N GLU G 908 44.09 16.63 9.29
CA GLU G 908 44.75 17.92 9.20
C GLU G 908 45.20 18.21 7.78
N LYS G 909 45.88 17.24 7.17
CA LYS G 909 46.38 17.43 5.80
C LYS G 909 45.23 17.61 4.83
N ALA G 910 44.18 16.78 4.96
CA ALA G 910 43.03 16.91 4.09
C ALA G 910 42.41 18.30 4.20
N GLN G 911 42.27 18.80 5.43
CA GLN G 911 41.70 20.12 5.64
C GLN G 911 42.57 21.19 5.01
N ARG G 912 43.87 21.18 5.30
CA ARG G 912 44.75 22.23 4.78
C ARG G 912 44.81 22.20 3.26
N GLN G 913 44.65 21.02 2.66
CA GLN G 913 44.58 20.95 1.21
C GLN G 913 43.24 21.48 0.69
N LEU G 914 42.15 21.13 1.37
CA LEU G 914 40.83 21.62 0.95
C LEU G 914 40.77 23.14 0.98
N ASN G 915 41.48 23.77 1.93
CA ASN G 915 41.46 25.23 2.01
C ASN G 915 41.92 25.84 0.70
N ALA G 916 43.06 25.37 0.17
CA ALA G 916 43.59 25.95 -1.06
C ALA G 916 42.68 25.66 -2.25
N ALA G 917 42.12 24.45 -2.31
CA ALA G 917 41.35 24.05 -3.49
C ALA G 917 40.19 24.99 -3.77
N ARG G 918 39.65 25.66 -2.75
CA ARG G 918 38.58 26.61 -2.99
C ARG G 918 39.05 27.77 -3.87
N PHE G 919 40.35 28.08 -3.82
CA PHE G 919 40.90 29.20 -4.58
C PHE G 919 41.36 28.80 -5.97
N VAL G 920 41.39 27.49 -6.27
CA VAL G 920 41.75 27.05 -7.61
C VAL G 920 40.66 27.46 -8.58
N ASP G 921 41.06 28.07 -9.70
CA ASP G 921 40.11 28.54 -10.71
C ASP G 921 39.74 27.37 -11.62
N ASP G 922 38.77 26.56 -11.17
CA ASP G 922 38.34 25.41 -11.95
C ASP G 922 36.83 25.22 -11.94
N ASN G 923 36.06 26.23 -11.52
CA ASN G 923 34.61 26.14 -11.41
C ASN G 923 34.18 25.13 -10.35
N GLY G 924 34.99 24.96 -9.31
CA GLY G 924 34.65 24.11 -8.19
C GLY G 924 35.13 22.67 -8.28
N GLU G 925 35.88 22.31 -9.33
CA GLU G 925 36.27 20.92 -9.51
C GLU G 925 37.15 20.43 -8.37
N SER G 926 38.34 21.01 -8.21
CA SER G 926 39.25 20.55 -7.17
C SER G 926 38.65 20.76 -5.79
N HIS G 927 37.86 21.82 -5.63
CA HIS G 927 37.12 22.01 -4.38
C HIS G 927 36.30 20.78 -4.05
N TYR G 928 35.50 20.32 -5.02
CA TYR G 928 34.65 19.15 -4.80
C TYR G 928 35.48 17.89 -4.56
N LYS G 929 36.59 17.74 -5.29
CA LYS G 929 37.41 16.55 -5.12
C LYS G 929 37.99 16.49 -3.70
N ALA G 930 38.53 17.61 -3.22
CA ALA G 930 39.08 17.63 -1.86
C ALA G 930 37.99 17.42 -0.83
N LEU G 931 36.81 18.02 -1.05
CA LEU G 931 35.70 17.81 -0.15
C LEU G 931 35.32 16.34 -0.06
N GLN G 932 35.26 15.66 -1.21
CA GLN G 932 34.95 14.24 -1.23
C GLN G 932 36.05 13.45 -0.52
N VAL G 933 37.30 13.83 -0.72
CA VAL G 933 38.40 13.11 -0.07
C VAL G 933 38.26 13.18 1.44
N LEU G 934 37.99 14.38 1.98
CA LEU G 934 37.84 14.52 3.42
C LEU G 934 36.60 13.78 3.92
N VAL G 935 35.50 13.87 3.16
CA VAL G 935 34.30 13.12 3.52
C VAL G 935 34.60 11.63 3.54
N ALA G 936 35.61 11.19 2.78
CA ALA G 936 35.99 9.78 2.85
C ALA G 936 36.43 9.41 4.26
N GLN G 937 37.36 10.17 4.84
CA GLN G 937 37.75 9.94 6.22
C GLN G 937 36.54 10.00 7.14
N LEU G 938 35.71 11.02 6.96
CA LEU G 938 34.59 11.21 7.87
C LEU G 938 33.65 10.00 7.83
N ARG G 939 33.28 9.56 6.64
CA ARG G 939 32.45 8.36 6.52
C ARG G 939 33.12 7.17 7.15
N ASP G 940 34.36 6.87 6.75
CA ASP G 940 35.04 5.69 7.27
C ASP G 940 35.02 5.67 8.79
N ALA G 941 35.23 6.82 9.42
CA ALA G 941 35.11 6.89 10.87
C ALA G 941 33.70 6.61 11.33
N CYS G 942 32.70 7.16 10.62
CA CYS G 942 31.31 6.98 11.04
C CYS G 942 30.91 5.51 11.01
N GLU G 943 31.27 4.79 9.95
CA GLU G 943 30.87 3.39 9.84
C GLU G 943 31.57 2.53 10.88
N ARG G 944 32.73 2.96 11.36
CA ARG G 944 33.49 2.24 12.37
C ARG G 944 33.59 3.02 13.67
N ASN G 945 32.48 3.60 14.12
CA ASN G 945 32.49 4.41 15.33
C ASN G 945 33.07 3.66 16.52
N ARG G 946 32.85 2.34 16.58
CA ARG G 946 33.36 1.57 17.71
C ARG G 946 34.88 1.65 17.80
N THR G 947 35.56 1.60 16.66
CA THR G 947 37.02 1.57 16.67
C THR G 947 37.58 2.83 17.32
N LEU G 948 38.67 2.65 18.06
CA LEU G 948 39.25 3.76 18.81
C LEU G 948 39.69 4.90 17.91
N GLY G 949 40.09 4.59 16.67
CA GLY G 949 40.46 5.66 15.75
C GLY G 949 39.28 6.56 15.43
N ALA G 950 38.13 5.97 15.11
CA ALA G 950 36.94 6.77 14.88
C ALA G 950 36.53 7.52 16.14
N LYS G 951 36.66 6.88 17.30
CA LYS G 951 36.41 7.56 18.57
C LYS G 951 37.24 8.83 18.67
N ALA G 952 38.55 8.71 18.46
CA ALA G 952 39.41 9.89 18.50
C ALA G 952 39.00 10.93 17.48
N LEU G 953 38.60 10.49 16.28
CA LEU G 953 38.19 11.44 15.25
C LEU G 953 36.97 12.24 15.68
N LEU G 954 35.98 11.57 16.29
CA LEU G 954 34.69 12.19 16.54
C LEU G 954 34.46 12.58 18.00
N ASP G 955 35.01 11.83 18.95
CA ASP G 955 34.73 12.05 20.37
C ASP G 955 35.69 13.10 20.92
N PRO G 956 35.19 14.20 21.51
CA PRO G 956 36.12 15.12 22.19
C PRO G 956 36.91 14.43 23.29
N ARG G 957 36.30 13.50 24.02
CA ARG G 957 37.00 12.81 25.11
C ARG G 957 38.23 12.06 24.62
N PHE G 958 38.22 11.55 23.40
CA PHE G 958 39.33 10.77 22.86
C PHE G 958 40.32 11.64 22.09
N ARG G 959 40.13 12.96 22.06
CA ARG G 959 41.08 13.86 21.44
C ARG G 959 42.24 14.21 22.36
N LEU G 960 42.19 13.80 23.63
CA LEU G 960 43.19 14.20 24.61
C LEU G 960 43.35 13.09 25.64
N GLU G 961 44.41 13.22 26.44
CA GLU G 961 44.78 12.23 27.44
C GLU G 961 44.94 12.95 28.77
N PHE G 962 44.93 12.19 29.86
CA PHE G 962 44.97 12.77 31.20
C PHE G 962 46.04 12.10 32.06
N ALA G 963 46.53 12.86 33.04
CA ALA G 963 47.50 12.38 34.01
C ALA G 963 47.41 13.28 35.24
N VAL G 964 47.99 12.81 36.35
CA VAL G 964 47.89 13.48 37.63
C VAL G 964 49.28 13.56 38.25
N SER G 965 49.57 14.70 38.89
CA SER G 965 50.87 14.97 39.49
C SER G 965 50.74 15.10 41.00
N VAL G 966 51.75 14.64 41.72
CA VAL G 966 51.82 14.81 43.17
C VAL G 966 52.50 16.15 43.46
N MET G 967 51.81 17.01 44.19
CA MET G 967 52.24 18.39 44.41
C MET G 967 52.72 18.57 45.84
N ASP G 968 53.83 19.28 46.00
CA ASP G 968 54.34 19.59 47.32
C ASP G 968 53.57 20.77 47.91
N ARG G 969 52.87 20.53 49.01
CA ARG G 969 52.10 21.61 49.64
C ARG G 969 52.99 22.77 50.06
N GLN G 970 54.26 22.50 50.33
CA GLN G 970 55.17 23.54 50.81
C GLN G 970 55.68 24.40 49.67
N SER G 971 56.42 23.78 48.74
CA SER G 971 57.02 24.50 47.62
C SER G 971 56.11 24.58 46.40
N GLY G 972 55.05 23.78 46.35
CA GLY G 972 54.24 23.70 45.16
C GLY G 972 54.89 22.95 44.01
N ASN G 973 55.96 22.21 44.27
CA ASN G 973 56.67 21.50 43.22
C ASN G 973 56.15 20.07 43.08
N VAL G 974 56.45 19.46 41.94
CA VAL G 974 56.08 18.07 41.72
C VAL G 974 57.20 17.16 42.22
N ILE G 975 56.84 16.15 42.99
CA ILE G 975 57.79 15.13 43.42
C ILE G 975 57.76 13.93 42.51
N GLU G 976 56.56 13.50 42.11
CA GLU G 976 56.39 12.38 41.22
C GLU G 976 55.08 12.56 40.44
N SER G 977 54.97 11.85 39.33
CA SER G 977 53.78 11.88 38.50
C SER G 977 53.24 10.47 38.23
N ARG G 978 53.80 9.46 38.89
CA ARG G 978 53.38 8.08 38.69
C ARG G 978 53.24 7.40 40.04
N THR G 979 52.20 6.57 40.16
CA THR G 979 52.00 5.75 41.34
C THR G 979 53.00 4.59 41.36
N GLY G 980 54.23 4.92 41.75
CA GLY G 980 55.29 3.94 41.84
C GLY G 980 55.26 3.15 43.13
N SER G 981 54.06 3.01 43.71
CA SER G 981 53.91 2.22 44.93
C SER G 981 52.69 1.31 44.87
N GLN G 982 52.28 0.87 43.67
CA GLN G 982 51.07 0.08 43.50
C GLN G 982 51.44 -1.36 43.12
N GLY G 983 50.55 -2.28 43.48
CA GLY G 983 50.79 -3.69 43.18
C GLY G 983 49.85 -4.58 43.94
N GLY G 984 50.37 -5.75 44.32
CA GLY G 984 49.55 -6.72 45.03
C GLY G 984 48.52 -7.31 44.12
N SER G 985 47.28 -7.37 44.60
CA SER G 985 46.13 -7.78 43.80
C SER G 985 45.47 -6.57 43.15
N GLY G 986 46.26 -5.53 42.87
CA GLY G 986 45.75 -4.30 42.29
C GLY G 986 44.92 -3.45 43.23
N GLY G 987 45.04 -3.66 44.54
CA GLY G 987 44.18 -2.97 45.49
C GLY G 987 44.65 -1.60 45.90
N GLU G 988 45.81 -1.15 45.37
CA GLU G 988 46.35 0.14 45.72
C GLU G 988 45.96 1.26 44.77
N LYS G 989 45.66 0.93 43.51
CA LYS G 989 45.29 1.96 42.54
C LYS G 989 44.04 2.71 42.98
N GLU G 990 43.24 2.10 43.86
CA GLU G 990 41.94 2.68 44.20
C GLU G 990 42.08 4.01 44.92
N ILE G 991 43.23 4.29 45.52
CA ILE G 991 43.39 5.51 46.32
C ILE G 991 43.14 6.74 45.46
N ILE G 992 43.99 6.95 44.45
CA ILE G 992 43.93 8.18 43.66
C ILE G 992 42.62 8.23 42.87
N ALA G 993 42.19 7.09 42.32
CA ALA G 993 40.96 7.06 41.54
C ALA G 993 39.78 7.50 42.39
N SER G 994 39.64 6.89 43.58
CA SER G 994 38.55 7.25 44.47
C SER G 994 38.65 8.71 44.90
N TYR G 995 39.86 9.20 45.19
CA TYR G 995 40.01 10.58 45.61
C TYR G 995 39.54 11.54 44.53
N VAL G 996 39.97 11.30 43.28
CA VAL G 996 39.60 12.22 42.20
C VAL G 996 38.12 12.12 41.91
N LEU G 997 37.55 10.91 41.98
CA LEU G 997 36.10 10.76 41.77
C LEU G 997 35.34 11.56 42.83
N THR G 998 35.74 11.43 44.10
CA THR G 998 35.10 12.16 45.17
C THR G 998 35.25 13.66 44.96
N ALA G 999 36.43 14.11 44.54
CA ALA G 999 36.66 15.53 44.32
C ALA G 999 35.76 16.07 43.21
N SER G 1000 35.65 15.33 42.11
CA SER G 1000 34.79 15.78 41.01
C SER G 1000 33.34 15.82 41.44
N LEU G 1001 32.87 14.80 42.15
CA LEU G 1001 31.50 14.82 42.63
C LEU G 1001 31.27 15.99 43.58
N SER G 1002 32.26 16.30 44.41
CA SER G 1002 32.14 17.45 45.31
C SER G 1002 32.01 18.74 44.53
N TYR G 1003 32.85 18.94 43.51
CA TYR G 1003 32.80 20.17 42.74
C TYR G 1003 31.46 20.30 42.01
N ALA G 1004 30.97 19.19 41.44
CA ALA G 1004 29.77 19.25 40.62
C ALA G 1004 28.56 19.74 41.42
N LEU G 1005 28.56 19.51 42.73
CA LEU G 1005 27.42 19.86 43.57
C LEU G 1005 27.57 21.22 44.25
N CYS G 1006 28.52 22.04 43.81
CA CYS G 1006 28.63 23.40 44.33
C CYS G 1006 27.90 24.35 43.40
N PRO G 1007 26.82 25.00 43.85
CA PRO G 1007 26.17 26.01 43.01
C PRO G 1007 27.13 27.14 42.67
N ALA G 1008 26.63 28.07 41.86
CA ALA G 1008 27.47 29.13 41.31
C ALA G 1008 28.32 29.78 42.39
N GLY G 1009 29.64 29.63 42.28
CA GLY G 1009 30.56 30.21 43.23
C GLY G 1009 30.42 29.71 44.64
N SER G 1010 29.66 28.63 44.86
CA SER G 1010 29.43 28.15 46.22
C SER G 1010 30.69 27.51 46.78
N ARG G 1011 31.14 28.00 47.93
CA ARG G 1011 32.32 27.42 48.57
C ARG G 1011 32.04 26.02 49.12
N TYR G 1012 30.78 25.65 49.26
CA TYR G 1012 30.37 24.34 49.73
C TYR G 1012 29.38 23.74 48.74
N PRO G 1013 29.26 22.41 48.72
CA PRO G 1013 28.14 21.80 47.98
C PRO G 1013 26.84 21.97 48.76
N LEU G 1014 25.78 22.32 48.03
CA LEU G 1014 24.50 22.57 48.67
C LEU G 1014 23.79 21.27 49.04
N PHE G 1015 24.22 20.15 48.48
CA PHE G 1015 23.63 18.85 48.74
C PHE G 1015 24.72 17.91 49.23
N GLY G 1016 24.44 17.17 50.31
CA GLY G 1016 25.50 16.48 51.03
C GLY G 1016 25.38 14.98 51.15
N THR G 1017 24.32 14.39 50.62
CA THR G 1017 24.16 12.93 50.70
C THR G 1017 24.94 12.25 49.60
N ILE G 1018 25.62 11.16 49.95
CA ILE G 1018 26.38 10.35 49.01
C ILE G 1018 26.13 8.89 49.34
N ILE G 1019 26.00 8.06 48.30
CA ILE G 1019 25.72 6.64 48.46
C ILE G 1019 26.90 5.84 47.92
N LEU G 1020 27.42 4.93 48.75
CA LEU G 1020 28.51 4.02 48.36
C LEU G 1020 28.06 2.60 48.66
N ASP G 1021 27.43 1.96 47.69
CA ASP G 1021 27.00 0.58 47.87
C ASP G 1021 28.21 -0.36 47.95
N GLU G 1022 28.05 -1.43 48.72
CA GLU G 1022 29.07 -2.47 48.87
C GLU G 1022 30.32 -1.94 49.59
N ALA G 1023 30.19 -0.81 50.26
CA ALA G 1023 31.24 -0.29 51.13
C ALA G 1023 32.59 -0.23 50.42
N PHE G 1024 33.45 -1.20 50.69
CA PHE G 1024 34.82 -1.22 50.17
C PHE G 1024 35.19 -2.62 49.72
N SER G 1025 34.25 -3.30 49.05
CA SER G 1025 34.42 -4.71 48.72
C SER G 1025 35.83 -5.05 48.26
N ARG G 1026 36.40 -4.24 47.38
CA ARG G 1026 37.72 -4.54 46.82
C ARG G 1026 38.85 -4.03 47.70
N SER G 1027 38.59 -3.08 48.60
CA SER G 1027 39.65 -2.35 49.26
C SER G 1027 40.31 -3.17 50.36
N SER G 1028 41.49 -2.70 50.76
CA SER G 1028 42.12 -3.16 51.99
C SER G 1028 41.69 -2.27 53.16
N HIS G 1029 42.24 -2.56 54.33
CA HIS G 1029 41.84 -1.84 55.54
C HIS G 1029 42.10 -0.35 55.45
N ALA G 1030 43.37 0.04 55.33
CA ALA G 1030 43.73 1.44 55.51
C ALA G 1030 43.20 2.32 54.38
N VAL G 1031 42.99 1.74 53.20
CA VAL G 1031 42.48 2.54 52.08
C VAL G 1031 41.08 3.05 52.38
N ALA G 1032 40.28 2.25 53.10
CA ALA G 1032 38.97 2.73 53.51
C ALA G 1032 39.08 3.93 54.44
N GLY G 1033 40.04 3.89 55.37
CA GLY G 1033 40.26 5.03 56.23
C GLY G 1033 40.67 6.27 55.45
N ARG G 1034 41.57 6.09 54.49
CA ARG G 1034 41.94 7.21 53.61
C ARG G 1034 40.71 7.77 52.91
N ILE G 1035 39.87 6.90 52.37
CA ILE G 1035 38.69 7.34 51.63
C ILE G 1035 37.75 8.12 52.55
N ILE G 1036 37.54 7.61 53.77
CA ILE G 1036 36.61 8.27 54.67
C ILE G 1036 37.17 9.60 55.15
N ALA G 1037 38.49 9.69 55.35
CA ALA G 1037 39.08 10.96 55.70
C ALA G 1037 38.89 11.98 54.58
N ALA G 1038 39.12 11.55 53.33
CA ALA G 1038 38.89 12.44 52.21
C ALA G 1038 37.45 12.91 52.17
N LEU G 1039 36.50 11.97 52.32
CA LEU G 1039 35.09 12.33 52.36
C LEU G 1039 34.82 13.35 53.45
N ARG G 1040 35.45 13.18 54.61
CA ARG G 1040 35.32 14.15 55.70
C ARG G 1040 35.80 15.52 55.27
N GLU G 1041 36.93 15.58 54.57
CA GLU G 1041 37.51 16.86 54.21
C GLU G 1041 36.56 17.69 53.35
N PHE G 1042 35.89 17.03 52.40
CA PHE G 1042 34.93 17.72 51.54
C PHE G 1042 33.57 17.91 52.20
N GLY G 1043 33.38 17.39 53.42
CA GLY G 1043 32.14 17.63 54.13
C GLY G 1043 30.91 17.01 53.50
N LEU G 1044 30.91 15.68 53.34
CA LEU G 1044 29.75 14.98 52.83
C LEU G 1044 29.08 14.18 53.94
N HIS G 1045 27.93 13.60 53.61
CA HIS G 1045 27.14 12.80 54.56
C HIS G 1045 27.04 11.38 54.00
N ALA G 1046 27.93 10.51 54.43
CA ALA G 1046 28.03 9.17 53.85
C ALA G 1046 26.89 8.28 54.31
N VAL G 1047 26.48 7.37 53.43
CA VAL G 1047 25.55 6.29 53.75
C VAL G 1047 26.07 5.04 53.07
N PHE G 1048 26.72 4.16 53.84
CA PHE G 1048 27.28 2.94 53.28
C PHE G 1048 26.29 1.79 53.34
N ILE G 1049 26.48 0.81 52.47
CA ILE G 1049 25.84 -0.50 52.56
C ILE G 1049 26.94 -1.55 52.65
N THR G 1050 26.81 -2.46 53.60
CA THR G 1050 27.69 -3.61 53.68
C THR G 1050 26.85 -4.84 54.01
N PRO G 1051 27.22 -6.02 53.49
CA PRO G 1051 26.55 -7.27 53.88
C PRO G 1051 27.12 -7.85 55.17
N ASN G 1052 27.14 -7.04 56.22
CA ASN G 1052 27.61 -7.41 57.55
C ASN G 1052 29.12 -7.58 57.61
N LYS G 1053 29.84 -7.07 56.63
CA LYS G 1053 31.30 -7.11 56.65
C LYS G 1053 31.85 -5.78 57.16
N GLU G 1054 33.09 -5.83 57.63
CA GLU G 1054 33.86 -4.64 58.03
C GLU G 1054 33.36 -4.03 59.34
N MET G 1055 32.78 -4.82 60.24
CA MET G 1055 32.22 -4.26 61.46
C MET G 1055 33.25 -3.46 62.26
N ARG G 1056 34.43 -4.04 62.46
CA ARG G 1056 35.44 -3.39 63.29
C ARG G 1056 35.72 -1.96 62.85
N LEU G 1057 35.45 -1.63 61.59
CA LEU G 1057 35.75 -0.31 61.06
C LEU G 1057 34.56 0.64 61.14
N LEU G 1058 33.35 0.17 60.83
CA LEU G 1058 32.19 1.05 60.88
C LEU G 1058 32.00 1.64 62.28
N ARG G 1059 32.46 0.92 63.30
CA ARG G 1059 32.24 1.37 64.67
C ARG G 1059 32.92 2.70 64.95
N ASP G 1060 33.92 3.07 64.17
CA ASP G 1060 34.78 4.21 64.48
C ASP G 1060 34.62 5.38 63.52
N HIS G 1061 33.70 5.30 62.55
CA HIS G 1061 33.43 6.42 61.66
C HIS G 1061 31.95 6.59 61.39
N THR G 1062 31.08 6.23 62.33
CA THR G 1062 29.65 6.38 62.17
C THR G 1062 29.00 6.56 63.54
N ARG G 1063 27.75 7.00 63.53
CA ARG G 1063 27.05 7.34 64.76
C ARG G 1063 25.73 6.60 64.95
N SER G 1064 25.27 5.82 63.97
CA SER G 1064 24.03 5.09 64.08
C SER G 1064 24.03 3.97 63.06
N ALA G 1065 22.88 3.31 62.91
CA ALA G 1065 22.76 2.21 61.98
C ALA G 1065 21.29 1.89 61.70
N ILE G 1066 21.08 1.17 60.61
CA ILE G 1066 19.80 0.54 60.29
C ILE G 1066 20.06 -0.93 60.04
N VAL G 1067 19.36 -1.79 60.75
CA VAL G 1067 19.49 -3.23 60.58
C VAL G 1067 18.33 -3.71 59.73
N VAL G 1068 18.51 -4.86 59.07
CA VAL G 1068 17.49 -5.42 58.21
C VAL G 1068 17.51 -6.94 58.35
N HIS G 1069 16.45 -7.58 57.86
CA HIS G 1069 16.43 -9.03 57.77
C HIS G 1069 15.17 -9.44 57.02
N ARG G 1070 15.23 -10.60 56.38
CA ARG G 1070 14.14 -11.13 55.58
C ARG G 1070 13.69 -12.46 56.17
N ARG G 1071 12.38 -12.65 56.25
CA ARG G 1071 11.78 -13.90 56.71
C ARG G 1071 10.63 -14.25 55.78
N GLY G 1072 10.70 -15.42 55.16
CA GLY G 1072 9.65 -15.83 54.25
C GLY G 1072 9.46 -14.84 53.13
N GLN G 1073 8.37 -14.08 53.18
CA GLN G 1073 8.10 -13.05 52.18
C GLN G 1073 7.78 -11.72 52.85
N ASN G 1074 8.58 -11.33 53.85
CA ASN G 1074 8.42 -10.02 54.47
C ASN G 1074 9.73 -9.60 55.12
N SER G 1075 9.93 -8.29 55.19
CA SER G 1075 11.14 -7.68 55.71
C SER G 1075 10.78 -6.57 56.68
N ASN G 1076 11.81 -5.98 57.29
CA ASN G 1076 11.61 -4.97 58.32
C ASN G 1076 12.89 -4.16 58.53
N MET G 1077 12.77 -3.08 59.31
CA MET G 1077 13.90 -2.25 59.69
C MET G 1077 13.82 -1.92 61.16
N ALA G 1078 14.90 -1.35 61.69
CA ALA G 1078 14.97 -0.95 63.09
C ALA G 1078 16.19 -0.07 63.27
N SER G 1079 16.02 1.01 64.03
CA SER G 1079 17.09 1.96 64.23
C SER G 1079 17.99 1.51 65.39
N LEU G 1080 19.09 2.23 65.57
CA LEU G 1080 20.04 2.03 66.65
C LEU G 1080 21.03 3.18 66.60
N SER G 1081 21.52 3.61 67.76
CA SER G 1081 22.38 4.78 67.80
C SER G 1081 23.25 4.75 69.05
N TRP G 1082 24.39 5.43 68.96
CA TRP G 1082 25.35 5.52 70.05
C TRP G 1082 25.89 6.94 70.12
N GLU G 1083 26.62 7.20 71.20
CA GLU G 1083 27.30 8.47 71.36
C GLU G 1083 28.43 8.30 72.38
N GLU G 1084 29.29 9.32 72.46
CA GLU G 1084 30.43 9.27 73.36
C GLU G 1084 30.10 10.06 74.63
N LEU G 1085 30.23 9.40 75.79
CA LEU G 1085 30.11 10.08 77.08
C LEU G 1085 31.49 10.68 77.39
N GLU G 1086 31.71 11.87 76.82
CA GLU G 1086 33.05 12.45 76.76
C GLU G 1086 33.59 12.89 78.12
N ARG G 1087 32.84 12.73 79.20
CA ARG G 1087 33.27 13.29 80.48
C ARG G 1087 34.65 12.79 80.88
N HIS G 1088 35.01 11.58 80.46
CA HIS G 1088 36.37 11.09 80.68
C HIS G 1088 36.56 9.81 79.88
N TYR G 1089 37.79 9.59 79.43
CA TYR G 1089 38.14 8.32 78.83
C TYR G 1089 38.62 7.34 79.89
N GLN G 1090 39.48 7.79 80.81
CA GLN G 1090 39.74 7.07 82.05
C GLN G 1090 40.24 8.11 83.06
N ARG G 1091 39.35 8.54 83.95
CA ARG G 1091 39.73 9.52 84.96
C ARG G 1091 40.83 8.97 85.84
N ARG G 1092 41.77 9.83 86.22
CA ARG G 1092 42.96 9.41 86.96
C ARG G 1092 43.75 8.37 86.17
N GLY G 1093 43.80 8.53 84.85
CA GLY G 1093 44.51 7.61 83.99
C GLY G 1093 44.88 8.29 82.69
N ASN G 1094 45.55 7.54 81.83
CA ASN G 1094 46.02 8.07 80.56
C ASN G 1094 44.84 8.38 79.65
N ALA G 1095 44.84 9.57 79.06
CA ALA G 1095 43.78 9.96 78.13
C ALA G 1095 44.31 10.96 77.11
N SER H 40 92.70 14.89 -7.23
CA SER H 40 93.96 14.12 -7.09
C SER H 40 93.70 12.62 -7.25
N GLU H 41 93.25 11.98 -6.19
CA GLU H 41 92.96 10.55 -6.23
C GLU H 41 91.68 10.30 -7.02
N THR H 42 91.56 9.08 -7.56
CA THR H 42 90.43 8.72 -8.40
C THR H 42 89.22 8.28 -7.57
N ARG H 43 89.18 8.67 -6.30
CA ARG H 43 88.08 8.26 -5.42
C ARG H 43 86.73 8.63 -6.04
N THR H 44 85.87 7.63 -6.19
CA THR H 44 84.52 7.88 -6.67
C THR H 44 83.67 8.49 -5.57
N LEU H 45 82.62 9.19 -5.96
CA LEU H 45 81.79 9.89 -4.98
C LEU H 45 81.14 8.89 -4.03
N GLN H 46 81.02 9.31 -2.76
CA GLN H 46 80.64 8.36 -1.71
C GLN H 46 79.27 7.74 -1.97
N LYS H 47 78.31 8.55 -2.42
CA LYS H 47 76.98 8.00 -2.68
C LYS H 47 77.01 6.96 -3.79
N ILE H 48 77.81 7.21 -4.83
CA ILE H 48 77.96 6.23 -5.91
C ILE H 48 78.54 4.93 -5.35
N ARG H 49 79.56 5.05 -4.50
CA ARG H 49 80.16 3.86 -3.89
C ARG H 49 79.14 3.11 -3.06
N GLU H 50 78.33 3.83 -2.28
CA GLU H 50 77.28 3.21 -1.48
C GLU H 50 76.33 2.41 -2.37
N ALA H 51 75.80 3.06 -3.41
CA ALA H 51 74.80 2.41 -4.24
C ALA H 51 75.39 1.18 -4.95
N THR H 52 76.59 1.33 -5.52
CA THR H 52 77.20 0.21 -6.23
C THR H 52 77.55 -0.92 -5.28
N GLN H 53 78.02 -0.60 -4.07
CA GLN H 53 78.33 -1.63 -3.10
C GLN H 53 77.08 -2.40 -2.70
N GLU H 54 75.97 -1.71 -2.48
CA GLU H 54 74.72 -2.41 -2.15
C GLU H 54 74.29 -3.30 -3.32
N LEU H 55 74.28 -2.75 -4.53
CA LEU H 55 73.88 -3.53 -5.69
C LEU H 55 74.74 -4.78 -5.82
N LEU H 56 76.05 -4.64 -5.62
CA LEU H 56 76.94 -5.80 -5.67
C LEU H 56 76.60 -6.78 -4.56
N LYS H 57 76.34 -6.27 -3.36
CA LYS H 57 76.06 -7.14 -2.21
C LYS H 57 74.87 -8.03 -2.47
N TYR H 58 73.82 -7.48 -3.08
CA TYR H 58 72.62 -8.26 -3.34
C TYR H 58 72.37 -8.55 -4.82
N GLY H 59 73.14 -7.95 -5.72
CA GLY H 59 73.04 -8.27 -7.13
C GLY H 59 71.83 -7.72 -7.85
N LEU H 60 70.91 -7.06 -7.13
CA LEU H 60 69.78 -6.42 -7.76
C LEU H 60 69.29 -5.30 -6.85
N LEU H 61 68.55 -4.37 -7.45
CA LEU H 61 68.14 -3.16 -6.73
C LEU H 61 66.84 -2.64 -7.34
N GLU H 62 65.80 -2.58 -6.54
CA GLU H 62 64.48 -2.13 -6.97
C GLU H 62 64.21 -0.73 -6.44
N GLU H 63 63.70 0.15 -7.30
CA GLU H 63 63.35 1.49 -6.86
C GLU H 63 62.27 1.45 -5.79
N ALA H 64 61.28 0.57 -5.96
CA ALA H 64 60.19 0.49 -5.00
C ALA H 64 60.69 0.22 -3.59
N SER H 65 61.81 -0.50 -3.46
CA SER H 65 62.35 -0.84 -2.15
C SER H 65 63.37 0.18 -1.66
N LYS H 66 64.35 0.52 -2.51
CA LYS H 66 65.44 1.42 -2.14
C LYS H 66 65.56 2.49 -3.22
N PRO H 67 64.61 3.43 -3.26
CA PRO H 67 64.61 4.41 -4.36
C PRO H 67 65.86 5.26 -4.43
N ASN H 68 66.46 5.61 -3.29
CA ASN H 68 67.62 6.49 -3.30
C ASN H 68 68.78 5.86 -4.07
N LEU H 69 69.13 4.61 -3.73
CA LEU H 69 70.23 3.95 -4.40
C LEU H 69 69.90 3.66 -5.86
N TYR H 70 68.64 3.32 -6.14
CA TYR H 70 68.22 3.08 -7.52
C TYR H 70 68.42 4.33 -8.37
N ARG H 71 68.02 5.48 -7.84
CA ARG H 71 68.17 6.74 -8.58
C ARG H 71 69.63 7.16 -8.65
N ILE H 72 70.43 6.81 -7.63
CA ILE H 72 71.86 7.04 -7.71
C ILE H 72 72.46 6.24 -8.86
N VAL H 73 72.05 4.97 -8.99
CA VAL H 73 72.55 4.14 -10.07
C VAL H 73 72.15 4.71 -11.42
N LEU H 74 70.86 5.03 -11.58
CA LEU H 74 70.39 5.57 -12.85
C LEU H 74 70.87 6.99 -13.11
N SER H 75 71.45 7.65 -12.11
CA SER H 75 72.09 8.94 -12.34
C SER H 75 73.50 8.80 -12.89
N HIS H 76 74.19 7.70 -12.56
CA HIS H 76 75.51 7.43 -13.09
C HIS H 76 75.57 6.00 -13.62
N PRO H 77 74.60 5.59 -14.45
CA PRO H 77 74.62 4.21 -14.95
C PRO H 77 75.87 3.91 -15.75
N GLU H 78 76.41 4.90 -16.46
CA GLU H 78 77.66 4.70 -17.17
C GLU H 78 78.82 4.49 -16.19
N GLU H 79 78.78 5.15 -15.04
CA GLU H 79 79.78 4.87 -14.00
C GLU H 79 79.68 3.42 -13.54
N VAL H 80 78.46 2.95 -13.30
CA VAL H 80 78.27 1.56 -12.88
C VAL H 80 78.79 0.62 -13.95
N THR H 81 78.52 0.93 -15.21
CA THR H 81 79.01 0.11 -16.30
C THR H 81 80.53 0.08 -16.33
N ARG H 82 81.16 1.26 -16.26
CA ARG H 82 82.60 1.37 -16.32
C ARG H 82 83.30 0.83 -15.09
N ILE H 83 82.56 0.60 -14.00
CA ILE H 83 83.11 -0.05 -12.83
C ILE H 83 82.94 -1.57 -12.92
N LEU H 84 81.79 -2.02 -13.40
CA LEU H 84 81.59 -3.45 -13.63
C LEU H 84 82.42 -3.95 -14.80
N GLU H 85 82.69 -3.09 -15.78
CA GLU H 85 83.52 -3.48 -16.91
C GLU H 85 84.89 -3.99 -16.47
N PRO H 86 85.59 -3.34 -15.54
CA PRO H 86 86.81 -3.96 -14.99
C PRO H 86 86.59 -5.36 -14.47
N LEU H 87 85.41 -5.64 -13.91
CA LEU H 87 85.10 -6.97 -13.38
C LEU H 87 84.50 -7.89 -14.42
N ASP H 88 84.41 -7.46 -15.68
CA ASP H 88 83.75 -8.23 -16.74
C ASP H 88 82.30 -8.49 -16.39
N LEU H 89 81.65 -7.49 -15.81
CA LEU H 89 80.24 -7.55 -15.43
C LEU H 89 79.52 -6.33 -15.99
N ASP H 90 78.20 -6.42 -16.08
CA ASP H 90 77.42 -5.36 -16.69
C ASP H 90 76.13 -5.15 -15.90
N ILE H 91 75.57 -3.96 -16.05
CA ILE H 91 74.38 -3.53 -15.31
C ILE H 91 73.17 -3.78 -16.20
N GLY H 92 72.20 -4.54 -15.68
CA GLY H 92 70.92 -4.70 -16.33
C GLY H 92 69.91 -3.72 -15.76
N ILE H 93 69.09 -3.15 -16.63
CA ILE H 93 68.14 -2.10 -16.26
C ILE H 93 66.77 -2.43 -16.83
N ASP H 94 65.74 -2.27 -16.01
CA ASP H 94 64.35 -2.41 -16.43
C ASP H 94 63.53 -1.40 -15.62
N GLU H 95 63.32 -0.23 -16.20
CA GLU H 95 62.63 0.84 -15.51
C GLU H 95 61.13 0.64 -15.45
N ILE H 96 60.57 -0.19 -16.34
CA ILE H 96 59.13 -0.46 -16.29
C ILE H 96 58.76 -1.10 -14.96
N ARG H 97 59.63 -1.97 -14.45
CA ARG H 97 59.46 -2.56 -13.13
C ARG H 97 60.37 -1.91 -12.09
N GLY H 98 61.03 -0.80 -12.43
CA GLY H 98 61.87 -0.11 -11.47
C GLY H 98 62.95 -0.99 -10.87
N LEU H 99 63.65 -1.73 -11.72
CA LEU H 99 64.57 -2.76 -11.27
C LEU H 99 65.95 -2.55 -11.86
N LEU H 100 66.98 -2.86 -11.07
CA LEU H 100 68.37 -2.88 -11.51
C LEU H 100 69.01 -4.17 -11.05
N TYR H 101 69.70 -4.84 -11.97
CA TYR H 101 70.37 -6.09 -11.64
C TYR H 101 71.69 -6.16 -12.38
N VAL H 102 72.61 -6.98 -11.86
CA VAL H 102 73.93 -7.13 -12.44
C VAL H 102 73.95 -8.42 -13.27
N LYS H 103 74.67 -8.38 -14.38
CA LYS H 103 74.76 -9.51 -15.30
C LYS H 103 76.18 -9.63 -15.82
N VAL H 104 76.58 -10.87 -16.12
CA VAL H 104 77.93 -11.10 -16.62
C VAL H 104 78.12 -10.34 -17.92
N ARG H 105 79.25 -9.66 -18.05
CA ARG H 105 79.57 -8.95 -19.28
C ARG H 105 80.22 -9.88 -20.29
N LEU H 106 80.26 -9.42 -21.53
CA LEU H 106 81.10 -10.05 -22.54
C LEU H 106 82.48 -9.42 -22.52
N ASP H 107 83.50 -10.23 -22.28
CA ASP H 107 84.87 -9.79 -22.48
C ASP H 107 85.14 -9.86 -23.98
N GLU H 108 86.39 -9.65 -24.39
CA GLU H 108 86.73 -9.94 -25.78
C GLU H 108 86.42 -11.39 -26.11
N THR H 109 86.46 -12.28 -25.11
CA THR H 109 85.78 -13.57 -25.13
C THR H 109 84.46 -13.43 -24.39
N PRO H 110 83.31 -13.80 -24.97
CA PRO H 110 82.03 -13.57 -24.27
C PRO H 110 81.87 -14.45 -23.04
N ALA H 111 82.84 -14.41 -22.13
CA ALA H 111 82.85 -15.16 -20.88
C ALA H 111 82.73 -16.67 -21.10
N GLN H 112 82.86 -17.13 -22.34
CA GLN H 112 82.66 -18.55 -22.65
C GLN H 112 81.34 -19.00 -22.02
N ASP H 113 81.37 -20.04 -21.21
CA ASP H 113 80.25 -20.33 -20.31
C ASP H 113 80.34 -19.34 -19.15
N GLU H 114 79.51 -18.29 -19.21
CA GLU H 114 79.68 -17.17 -18.30
C GLU H 114 79.60 -17.59 -16.84
N TRP H 115 78.95 -18.72 -16.55
CA TRP H 115 78.87 -19.18 -15.17
C TRP H 115 80.24 -19.51 -14.59
N ALA H 116 81.26 -19.66 -15.44
CA ALA H 116 82.63 -19.84 -14.97
C ALA H 116 83.27 -18.53 -14.56
N HIS H 117 82.54 -17.42 -14.60
CA HIS H 117 83.08 -16.14 -14.20
C HIS H 117 83.56 -16.23 -12.74
N PRO H 118 84.78 -15.75 -12.44
CA PRO H 118 85.33 -15.98 -11.09
C PRO H 118 84.49 -15.42 -9.96
N LEU H 119 83.86 -14.26 -10.16
CA LEU H 119 83.26 -13.52 -9.06
C LEU H 119 81.93 -14.10 -8.57
N VAL H 120 81.11 -14.63 -9.47
CA VAL H 120 79.78 -15.12 -9.05
C VAL H 120 79.98 -16.19 -8.00
N ARG H 121 79.24 -16.06 -6.89
CA ARG H 121 79.39 -16.97 -5.77
C ARG H 121 78.54 -18.23 -5.92
N ARG H 122 77.43 -18.14 -6.64
CA ARG H 122 76.45 -19.22 -6.66
C ARG H 122 76.79 -20.27 -7.71
N GLN H 123 76.03 -21.35 -7.67
CA GLN H 123 76.15 -22.42 -8.65
C GLN H 123 75.40 -22.07 -9.93
N ARG H 124 75.26 -23.06 -10.81
CA ARG H 124 74.49 -22.88 -12.03
C ARG H 124 73.07 -23.41 -11.87
N LEU H 125 72.15 -22.84 -12.63
CA LEU H 125 70.77 -23.29 -12.62
C LEU H 125 70.67 -24.69 -13.21
N ASN H 126 69.66 -25.43 -12.76
CA ASN H 126 69.47 -26.81 -13.19
C ASN H 126 68.01 -27.02 -13.61
N LEU H 127 67.69 -28.26 -13.99
CA LEU H 127 66.42 -28.53 -14.64
C LEU H 127 65.24 -28.19 -13.74
N GLU H 128 65.12 -28.85 -12.59
CA GLU H 128 63.97 -28.63 -11.71
C GLU H 128 63.78 -27.15 -11.40
N GLN H 129 64.89 -26.44 -11.17
CA GLN H 129 64.81 -25.01 -10.94
C GLN H 129 64.16 -24.30 -12.12
N SER H 130 64.56 -24.68 -13.33
CA SER H 130 63.99 -24.08 -14.52
C SER H 130 62.50 -24.40 -14.65
N LEU H 131 62.11 -25.64 -14.32
CA LEU H 131 60.70 -26.02 -14.35
C LEU H 131 59.88 -25.12 -13.44
N LEU H 132 60.30 -25.00 -12.18
CA LEU H 132 59.55 -24.19 -11.24
C LEU H 132 59.61 -22.72 -11.64
N VAL H 133 60.72 -22.28 -12.23
CA VAL H 133 60.81 -20.91 -12.73
C VAL H 133 59.78 -20.68 -13.83
N ALA H 134 59.62 -21.65 -14.72
CA ALA H 134 58.64 -21.52 -15.79
C ALA H 134 57.23 -21.43 -15.22
N ILE H 135 56.90 -22.26 -14.24
CA ILE H 135 55.56 -22.19 -13.65
C ILE H 135 55.35 -20.85 -12.96
N LEU H 136 56.36 -20.38 -12.21
CA LEU H 136 56.24 -19.09 -11.54
C LEU H 136 56.07 -17.97 -12.55
N ARG H 137 56.79 -18.04 -13.67
CA ARG H 137 56.65 -17.02 -14.70
C ARG H 137 55.27 -17.10 -15.35
N GLN H 138 54.72 -18.30 -15.48
CA GLN H 138 53.36 -18.42 -15.98
C GLN H 138 52.38 -17.69 -15.07
N HIS H 139 52.48 -17.94 -13.77
CA HIS H 139 51.61 -17.21 -12.83
C HIS H 139 51.90 -15.71 -12.87
N PHE H 140 53.16 -15.32 -13.03
CA PHE H 140 53.50 -13.91 -13.08
C PHE H 140 52.88 -13.23 -14.29
N VAL H 141 52.93 -13.88 -15.45
CA VAL H 141 52.34 -13.28 -16.66
C VAL H 141 50.83 -13.24 -16.54
N ALA H 142 50.22 -14.27 -15.94
CA ALA H 142 48.78 -14.21 -15.69
C ALA H 142 48.44 -13.01 -14.82
N TRP H 143 49.15 -12.85 -13.69
CA TRP H 143 48.91 -11.73 -12.81
C TRP H 143 49.20 -10.40 -13.51
N GLU H 144 50.13 -10.40 -14.45
CA GLU H 144 50.47 -9.17 -15.16
C GLU H 144 49.34 -8.77 -16.10
N GLN H 145 48.83 -9.73 -16.88
CA GLN H 145 47.65 -9.46 -17.69
C GLN H 145 46.49 -9.00 -16.81
N GLU H 146 46.43 -9.50 -15.56
CA GLU H 146 45.38 -9.09 -14.66
C GLU H 146 45.56 -7.68 -14.11
N SER H 147 46.79 -7.26 -13.82
CA SER H 147 47.02 -6.01 -13.10
C SER H 147 48.16 -5.17 -13.65
N GLY H 148 48.87 -5.66 -14.67
CA GLY H 148 49.97 -4.94 -15.24
C GLY H 148 51.33 -5.49 -14.82
N THR H 149 52.38 -4.90 -15.38
CA THR H 149 53.72 -5.46 -15.25
C THR H 149 54.52 -4.85 -14.10
N GLY H 150 54.39 -3.54 -13.86
CA GLY H 150 55.29 -2.87 -12.93
C GLY H 150 55.08 -3.20 -11.47
N ALA H 151 53.90 -3.67 -11.10
CA ALA H 151 53.60 -3.90 -9.69
C ALA H 151 54.25 -5.20 -9.20
N SER H 152 54.10 -5.46 -7.90
CA SER H 152 54.76 -6.59 -7.26
C SER H 152 53.87 -7.32 -6.26
N GLN H 153 52.56 -7.38 -6.50
CA GLN H 153 51.65 -7.99 -5.53
C GLN H 153 51.36 -9.46 -5.81
N ALA H 154 51.95 -10.04 -6.86
CA ALA H 154 51.65 -11.42 -7.22
C ALA H 154 52.05 -12.38 -6.12
N GLN H 155 51.26 -13.44 -5.95
CA GLN H 155 51.53 -14.46 -4.95
C GLN H 155 50.81 -15.75 -5.30
N ILE H 156 51.31 -16.85 -4.73
CA ILE H 156 50.64 -18.14 -4.73
C ILE H 156 51.09 -18.89 -3.49
N ALA H 157 50.31 -19.90 -3.12
CA ALA H 157 50.53 -20.61 -1.86
C ALA H 157 51.30 -21.90 -2.09
N ILE H 158 51.83 -22.45 -0.99
CA ILE H 158 52.59 -23.69 -1.05
C ILE H 158 51.74 -24.78 -1.69
N ASP H 159 50.49 -24.91 -1.23
CA ASP H 159 49.58 -25.88 -1.82
C ASP H 159 49.24 -25.58 -3.27
N ASP H 160 49.28 -24.31 -3.67
CA ASP H 160 49.10 -23.98 -5.09
C ASP H 160 50.28 -24.50 -5.91
N LEU H 161 51.50 -24.30 -5.42
CA LEU H 161 52.68 -24.80 -6.13
C LEU H 161 52.69 -26.31 -6.18
N LEU H 162 52.30 -26.97 -5.08
CA LEU H 162 52.59 -28.39 -4.93
C LEU H 162 52.06 -29.23 -6.07
N PRO H 163 50.80 -29.09 -6.50
CA PRO H 163 50.37 -29.85 -7.70
C PRO H 163 51.14 -29.47 -8.96
N GLN H 164 51.46 -28.19 -9.12
CA GLN H 164 52.08 -27.73 -10.36
C GLN H 164 53.40 -28.42 -10.62
N LEU H 165 54.12 -28.78 -9.56
CA LEU H 165 55.35 -29.55 -9.71
C LEU H 165 55.10 -31.04 -9.55
N GLN H 166 54.18 -31.42 -8.67
CA GLN H 166 53.86 -32.83 -8.44
C GLN H 166 53.45 -33.52 -9.74
N ILE H 167 52.85 -32.77 -10.67
CA ILE H 167 52.52 -33.34 -11.97
C ILE H 167 53.78 -33.90 -12.64
N TYR H 168 54.89 -33.16 -12.54
CA TYR H 168 56.13 -33.57 -13.20
C TYR H 168 56.93 -34.55 -12.34
N LEU H 169 57.03 -34.26 -11.04
CA LEU H 169 58.04 -34.88 -10.19
C LEU H 169 57.58 -36.20 -9.58
N GLY H 170 56.35 -36.64 -9.87
CA GLY H 170 55.82 -37.82 -9.21
C GLY H 170 55.48 -37.53 -7.76
N ASP H 171 54.95 -38.55 -7.09
CA ASP H 171 54.52 -38.37 -5.71
C ASP H 171 55.55 -38.98 -4.76
N PRO H 172 56.17 -38.20 -3.86
CA PRO H 172 57.10 -38.80 -2.90
C PRO H 172 56.47 -39.86 -2.02
N GLY H 173 55.19 -39.71 -1.67
CA GLY H 173 54.51 -40.63 -0.78
C GLY H 173 53.91 -39.97 0.45
N SER H 174 54.24 -38.72 0.72
CA SER H 174 53.68 -37.99 1.85
C SER H 174 53.67 -36.50 1.52
N GLU H 175 52.68 -35.80 2.07
CA GLU H 175 52.57 -34.37 1.80
C GLU H 175 53.77 -33.60 2.35
N SER H 176 54.24 -33.99 3.54
CA SER H 176 55.39 -33.31 4.13
C SER H 176 56.62 -33.45 3.24
N LYS H 177 56.79 -34.59 2.57
CA LYS H 177 57.97 -34.78 1.72
C LYS H 177 57.92 -33.87 0.50
N GLU H 178 56.76 -33.73 -0.13
CA GLU H 178 56.65 -32.82 -1.27
C GLU H 178 56.77 -31.37 -0.81
N ARG H 179 56.30 -31.04 0.38
CA ARG H 179 56.51 -29.70 0.93
C ARG H 179 58.01 -29.46 1.15
N THR H 180 58.73 -30.47 1.63
CA THR H 180 60.17 -30.35 1.78
C THR H 180 60.84 -30.12 0.44
N ARG H 181 60.40 -30.86 -0.58
CA ARG H 181 60.91 -30.65 -1.94
C ARG H 181 60.69 -29.20 -2.39
N LEU H 182 59.46 -28.71 -2.25
CA LEU H 182 59.15 -27.35 -2.69
C LEU H 182 59.96 -26.32 -1.92
N LEU H 183 60.09 -26.51 -0.61
CA LEU H 183 60.83 -25.54 0.20
C LEU H 183 62.32 -25.58 -0.13
N THR H 184 62.85 -26.77 -0.43
CA THR H 184 64.24 -26.86 -0.87
C THR H 184 64.44 -26.07 -2.16
N LEU H 185 63.52 -26.20 -3.11
CA LEU H 185 63.64 -25.41 -4.33
C LEU H 185 63.50 -23.92 -4.04
N LEU H 186 62.55 -23.55 -3.18
CA LEU H 186 62.28 -22.15 -2.92
C LEU H 186 63.44 -21.47 -2.21
N ASP H 187 64.09 -22.18 -1.29
CA ASP H 187 65.25 -21.62 -0.60
C ASP H 187 66.31 -21.20 -1.61
N GLN H 188 66.65 -22.09 -2.53
CA GLN H 188 67.63 -21.75 -3.55
C GLN H 188 67.15 -20.60 -4.42
N LEU H 189 65.92 -20.69 -4.93
CA LEU H 189 65.42 -19.65 -5.83
C LEU H 189 65.42 -18.29 -5.14
N LYS H 190 65.11 -18.24 -3.86
CA LYS H 190 65.30 -17.03 -3.08
C LYS H 190 66.78 -16.64 -3.05
N GLY H 191 67.66 -17.64 -2.92
CA GLY H 191 69.09 -17.35 -2.97
C GLY H 191 69.48 -16.66 -4.26
N HIS H 192 68.73 -16.89 -5.33
CA HIS H 192 68.94 -16.19 -6.59
C HIS H 192 68.11 -14.92 -6.72
N GLY H 193 67.28 -14.62 -5.73
CA GLY H 193 66.48 -13.41 -5.74
C GLY H 193 65.17 -13.51 -6.50
N LEU H 194 64.80 -14.70 -6.97
CA LEU H 194 63.56 -14.84 -7.72
C LEU H 194 62.32 -14.67 -6.85
N VAL H 195 62.34 -15.19 -5.63
CA VAL H 195 61.15 -15.25 -4.79
C VAL H 195 61.50 -14.81 -3.37
N THR H 196 60.48 -14.42 -2.62
CA THR H 196 60.64 -14.14 -1.20
C THR H 196 60.69 -15.45 -0.41
N SER H 197 60.89 -15.33 0.90
CA SER H 197 60.86 -16.51 1.75
C SER H 197 59.42 -16.95 1.99
N PRO H 198 59.20 -18.22 2.30
CA PRO H 198 57.84 -18.67 2.62
C PRO H 198 57.26 -17.89 3.79
N ASP H 199 56.07 -17.33 3.59
CA ASP H 199 55.44 -16.51 4.60
C ASP H 199 54.58 -17.37 5.53
N ALA H 200 53.96 -16.71 6.51
CA ALA H 200 53.10 -17.42 7.45
C ALA H 200 51.94 -18.10 6.74
N HIS H 201 51.43 -17.50 5.68
CA HIS H 201 50.35 -18.09 4.89
C HIS H 201 50.83 -19.16 3.93
N GLU H 202 52.11 -19.56 4.01
CA GLU H 202 52.68 -20.54 3.10
C GLU H 202 52.52 -20.09 1.64
N ARG H 203 52.84 -18.81 1.40
CA ARG H 203 52.84 -18.23 0.07
C ARG H 203 54.19 -17.58 -0.19
N ILE H 204 54.37 -17.09 -1.42
CA ILE H 204 55.58 -16.40 -1.83
C ILE H 204 55.22 -15.29 -2.80
N VAL H 205 56.04 -14.25 -2.84
CA VAL H 205 55.85 -13.09 -3.69
C VAL H 205 56.84 -13.17 -4.83
N ILE H 206 56.35 -13.06 -6.06
CA ILE H 206 57.21 -13.13 -7.23
C ILE H 206 58.00 -11.82 -7.34
N ARG H 207 59.32 -11.95 -7.53
CA ARG H 207 60.14 -10.76 -7.72
C ARG H 207 60.16 -10.37 -9.20
N PRO H 208 60.14 -9.08 -9.51
CA PRO H 208 60.06 -8.67 -10.93
C PRO H 208 61.21 -9.17 -11.78
N ILE H 209 62.38 -9.42 -11.20
CA ILE H 209 63.57 -9.83 -11.95
C ILE H 209 63.27 -11.06 -12.78
N ILE H 210 62.31 -11.87 -12.35
CA ILE H 210 61.96 -13.08 -13.09
C ILE H 210 61.57 -12.76 -14.53
N ALA H 211 61.16 -11.52 -14.79
CA ALA H 211 60.81 -11.14 -16.16
C ALA H 211 61.97 -11.34 -17.12
N HIS H 212 63.20 -11.29 -16.62
CA HIS H 212 64.39 -11.36 -17.46
C HIS H 212 65.07 -12.71 -17.44
N LEU H 213 65.06 -13.42 -16.31
CA LEU H 213 65.52 -14.80 -16.31
C LEU H 213 64.66 -15.63 -17.25
N ALA H 214 63.35 -15.38 -17.24
CA ALA H 214 62.42 -16.04 -18.16
C ALA H 214 62.20 -15.15 -19.40
N ASP H 215 63.31 -14.81 -20.03
CA ASP H 215 63.24 -14.04 -21.28
C ASP H 215 62.75 -14.96 -22.39
N PRO H 216 61.75 -14.54 -23.18
CA PRO H 216 61.27 -15.42 -24.25
C PRO H 216 62.37 -15.88 -25.19
N ILE H 217 63.36 -15.02 -25.48
CA ILE H 217 64.51 -15.46 -26.25
C ILE H 217 65.27 -16.55 -25.48
N ASN H 218 65.51 -16.32 -24.20
CA ASN H 218 66.15 -17.35 -23.38
C ASN H 218 65.28 -18.58 -23.24
N LEU H 219 63.95 -18.40 -23.20
CA LEU H 219 63.07 -19.57 -23.15
C LEU H 219 63.19 -20.39 -24.43
N GLN H 220 63.28 -19.75 -25.59
CA GLN H 220 63.46 -20.49 -26.83
C GLN H 220 64.82 -21.18 -26.86
N ALA H 221 65.86 -20.51 -26.37
CA ALA H 221 67.17 -21.14 -26.29
C ALA H 221 67.12 -22.36 -25.38
N LEU H 222 66.44 -22.24 -24.24
CA LEU H 222 66.30 -23.37 -23.32
C LEU H 222 65.46 -24.48 -23.94
N LEU H 223 64.49 -24.11 -24.78
CA LEU H 223 63.72 -25.12 -25.51
C LEU H 223 64.62 -25.89 -26.46
N ALA H 224 65.50 -25.18 -27.17
CA ALA H 224 66.46 -25.87 -28.04
C ALA H 224 67.39 -26.77 -27.22
N TRP H 225 67.84 -26.28 -26.06
CA TRP H 225 68.68 -27.09 -25.20
C TRP H 225 67.93 -28.33 -24.72
N LEU H 226 66.63 -28.18 -24.44
CA LEU H 226 65.80 -29.31 -24.05
C LEU H 226 65.68 -30.31 -25.19
N ARG H 227 65.58 -29.82 -26.43
CA ARG H 227 65.61 -30.72 -27.57
C ARG H 227 66.93 -31.46 -27.65
N GLU H 228 68.03 -30.79 -27.33
CA GLU H 228 69.32 -31.48 -27.23
C GLU H 228 69.29 -32.53 -26.15
N GLN H 229 68.65 -32.24 -25.01
CA GLN H 229 68.49 -33.25 -23.97
C GLN H 229 67.66 -34.43 -24.47
N ILE H 230 66.66 -34.17 -25.31
CA ILE H 230 65.92 -35.25 -25.94
C ILE H 230 66.84 -36.10 -26.80
N ALA H 231 67.67 -35.44 -27.62
CA ALA H 231 68.65 -36.17 -28.40
C ALA H 231 69.54 -37.03 -27.51
N GLN H 232 69.93 -36.51 -26.36
CA GLN H 232 70.66 -37.32 -25.38
C GLN H 232 69.82 -38.52 -24.96
N GLN H 233 68.55 -38.29 -24.63
CA GLN H 233 67.65 -39.39 -24.31
C GLN H 233 67.52 -40.35 -25.48
N THR H 234 67.55 -39.83 -26.70
CA THR H 234 67.50 -40.66 -27.89
C THR H 234 68.73 -41.56 -27.96
N SER I 40 82.44 4.62 -27.99
CA SER I 40 82.45 5.90 -27.22
C SER I 40 83.78 6.12 -26.53
N GLU I 41 84.22 5.13 -25.76
CA GLU I 41 85.46 5.23 -25.02
C GLU I 41 86.02 3.83 -24.77
N THR I 42 87.31 3.79 -24.44
CA THR I 42 88.03 2.52 -24.38
C THR I 42 87.60 1.69 -23.19
N ARG I 43 87.93 0.40 -23.25
CA ARG I 43 87.71 -0.53 -22.14
C ARG I 43 88.96 -0.62 -21.27
N THR I 44 88.78 -1.20 -20.08
CA THR I 44 89.92 -1.50 -19.23
C THR I 44 90.74 -2.64 -19.83
N LEU I 45 92.06 -2.60 -19.63
CA LEU I 45 92.94 -3.58 -20.21
C LEU I 45 92.65 -4.97 -19.64
N GLN I 46 92.75 -5.98 -20.50
CA GLN I 46 92.28 -7.33 -20.15
C GLN I 46 93.04 -7.88 -18.95
N LYS I 47 94.37 -7.82 -18.99
CA LYS I 47 95.17 -8.45 -17.95
C LYS I 47 94.95 -7.80 -16.59
N ILE I 48 94.80 -6.47 -16.55
CA ILE I 48 94.53 -5.80 -15.28
C ILE I 48 93.23 -6.30 -14.70
N ARG I 49 92.18 -6.36 -15.52
CA ARG I 49 90.89 -6.88 -15.07
C ARG I 49 91.04 -8.29 -14.52
N GLU I 50 91.68 -9.16 -15.29
CA GLU I 50 91.80 -10.56 -14.88
C GLU I 50 92.55 -10.70 -13.57
N ALA I 51 93.67 -9.98 -13.43
CA ALA I 51 94.48 -10.08 -12.22
C ALA I 51 93.71 -9.53 -11.01
N THR I 52 93.03 -8.40 -11.18
CA THR I 52 92.27 -7.83 -10.07
C THR I 52 91.18 -8.78 -9.61
N GLN I 53 90.45 -9.37 -10.57
CA GLN I 53 89.41 -10.32 -10.21
C GLN I 53 90.01 -11.55 -9.53
N GLU I 54 91.16 -12.00 -10.02
CA GLU I 54 91.83 -13.15 -9.40
C GLU I 54 92.16 -12.86 -7.94
N LEU I 55 92.78 -11.70 -7.69
CA LEU I 55 93.14 -11.36 -6.31
C LEU I 55 91.90 -11.23 -5.44
N LEU I 56 90.85 -10.60 -5.95
CA LEU I 56 89.63 -10.49 -5.16
C LEU I 56 89.05 -11.86 -4.83
N LYS I 57 89.08 -12.78 -5.80
CA LYS I 57 88.64 -14.15 -5.53
C LYS I 57 89.49 -14.81 -4.45
N TYR I 58 90.80 -14.60 -4.50
CA TYR I 58 91.72 -15.25 -3.57
C TYR I 58 92.09 -14.39 -2.38
N GLY I 59 91.86 -13.08 -2.44
CA GLY I 59 92.24 -12.19 -1.37
C GLY I 59 93.74 -11.92 -1.34
N LEU I 60 94.54 -12.98 -1.33
CA LEU I 60 95.99 -12.85 -1.29
C LEU I 60 96.59 -13.82 -2.30
N LEU I 61 97.75 -13.45 -2.85
CA LEU I 61 98.42 -14.26 -3.84
C LEU I 61 99.93 -14.03 -3.75
N GLU I 62 100.69 -14.92 -4.38
CA GLU I 62 102.15 -14.93 -4.27
C GLU I 62 102.78 -14.81 -5.64
N GLU I 63 103.91 -14.10 -5.70
CA GLU I 63 104.72 -14.10 -6.91
C GLU I 63 105.26 -15.49 -7.21
N ALA I 64 105.71 -16.20 -6.16
CA ALA I 64 106.16 -17.57 -6.33
C ALA I 64 105.05 -18.47 -6.87
N SER I 65 103.79 -18.10 -6.67
CA SER I 65 102.65 -18.85 -7.18
C SER I 65 102.29 -18.41 -8.60
N LYS I 66 101.98 -17.12 -8.77
CA LYS I 66 101.59 -16.57 -10.07
C LYS I 66 102.41 -15.31 -10.33
N PRO I 67 103.68 -15.45 -10.67
CA PRO I 67 104.53 -14.26 -10.82
C PRO I 67 104.05 -13.30 -11.90
N ASN I 68 103.43 -13.81 -12.96
CA ASN I 68 103.01 -12.95 -14.05
C ASN I 68 101.94 -11.96 -13.59
N LEU I 69 100.90 -12.45 -12.92
CA LEU I 69 99.88 -11.56 -12.39
C LEU I 69 100.47 -10.62 -11.34
N TYR I 70 101.38 -11.13 -10.52
CA TYR I 70 102.07 -10.31 -9.53
C TYR I 70 102.72 -9.09 -10.19
N ARG I 71 103.54 -9.34 -11.22
CA ARG I 71 104.23 -8.25 -11.89
C ARG I 71 103.24 -7.34 -12.61
N ILE I 72 102.21 -7.92 -13.22
CA ILE I 72 101.23 -7.11 -13.96
C ILE I 72 100.55 -6.13 -13.00
N VAL I 73 100.10 -6.62 -11.85
CA VAL I 73 99.44 -5.75 -10.89
C VAL I 73 100.40 -4.70 -10.37
N LEU I 74 101.62 -5.12 -9.99
CA LEU I 74 102.58 -4.15 -9.47
C LEU I 74 102.99 -3.13 -10.51
N SER I 75 102.81 -3.44 -11.80
CA SER I 75 103.06 -2.47 -12.86
C SER I 75 101.84 -1.60 -13.15
N HIS I 76 100.69 -1.92 -12.57
CA HIS I 76 99.48 -1.14 -12.75
C HIS I 76 98.78 -0.93 -11.42
N PRO I 77 99.50 -0.55 -10.35
CA PRO I 77 98.83 -0.36 -9.06
C PRO I 77 97.78 0.74 -9.10
N GLU I 78 98.03 1.82 -9.84
CA GLU I 78 97.04 2.89 -9.95
C GLU I 78 95.76 2.37 -10.56
N GLU I 79 95.87 1.59 -11.64
CA GLU I 79 94.69 1.02 -12.29
C GLU I 79 93.95 0.09 -11.35
N VAL I 80 94.69 -0.76 -10.63
CA VAL I 80 94.04 -1.72 -9.73
C VAL I 80 93.29 -0.98 -8.63
N THR I 81 93.94 -0.01 -7.98
CA THR I 81 93.28 0.71 -6.89
C THR I 81 92.09 1.50 -7.41
N ARG I 82 92.22 2.09 -8.60
CA ARG I 82 91.08 2.77 -9.21
C ARG I 82 89.93 1.79 -9.46
N ILE I 83 90.26 0.55 -9.80
CA ILE I 83 89.22 -0.47 -9.95
C ILE I 83 88.58 -0.79 -8.61
N LEU I 84 89.38 -0.77 -7.54
CA LEU I 84 88.93 -1.23 -6.24
C LEU I 84 88.37 -0.11 -5.36
N GLU I 85 88.85 1.12 -5.53
CA GLU I 85 88.36 2.19 -4.67
C GLU I 85 86.85 2.45 -4.77
N PRO I 86 86.19 2.25 -5.91
CA PRO I 86 84.71 2.37 -5.89
C PRO I 86 84.08 1.39 -4.93
N LEU I 87 84.69 0.22 -4.75
CA LEU I 87 84.28 -0.74 -3.72
C LEU I 87 84.78 -0.33 -2.34
N ASP I 88 85.54 0.76 -2.25
CA ASP I 88 86.21 1.16 -1.01
C ASP I 88 87.20 0.08 -0.57
N LEU I 89 87.76 -0.63 -1.54
CA LEU I 89 88.77 -1.65 -1.31
C LEU I 89 90.10 -1.19 -1.93
N ASP I 90 91.16 -1.90 -1.58
CA ASP I 90 92.49 -1.62 -2.11
C ASP I 90 93.35 -2.86 -1.84
N ILE I 91 94.63 -2.78 -2.19
CA ILE I 91 95.54 -3.91 -2.05
C ILE I 91 96.71 -3.53 -1.16
N GLY I 92 97.14 -4.48 -0.34
CA GLY I 92 98.39 -4.40 0.37
C GLY I 92 99.38 -5.40 -0.19
N ILE I 93 100.66 -5.03 -0.19
CA ILE I 93 101.71 -5.82 -0.80
C ILE I 93 102.86 -5.99 0.18
N ASP I 94 103.65 -7.04 -0.04
CA ASP I 94 104.86 -7.30 0.74
C ASP I 94 105.89 -7.91 -0.22
N GLU I 95 106.72 -7.04 -0.81
CA GLU I 95 107.74 -7.52 -1.74
C GLU I 95 108.84 -8.29 -1.03
N ILE I 96 109.07 -8.02 0.26
CA ILE I 96 110.07 -8.77 1.01
C ILE I 96 109.70 -10.25 1.06
N ARG I 97 108.43 -10.53 1.35
CA ARG I 97 107.93 -11.91 1.33
C ARG I 97 107.24 -12.27 0.02
N GLY I 98 107.16 -11.34 -0.93
CA GLY I 98 106.58 -11.63 -2.23
C GLY I 98 105.11 -11.96 -2.20
N LEU I 99 104.31 -11.20 -1.46
CA LEU I 99 102.88 -11.44 -1.34
C LEU I 99 102.10 -10.17 -1.64
N LEU I 100 100.97 -10.33 -2.34
CA LEU I 100 99.99 -9.28 -2.53
C LEU I 100 98.70 -9.68 -1.85
N TYR I 101 97.94 -8.69 -1.38
CA TYR I 101 96.71 -8.97 -0.67
C TYR I 101 95.80 -7.73 -0.69
N VAL I 102 94.52 -7.97 -0.43
CA VAL I 102 93.54 -6.88 -0.48
C VAL I 102 93.57 -6.07 0.82
N LYS I 103 92.94 -4.90 0.77
CA LYS I 103 92.82 -4.05 1.96
C LYS I 103 91.70 -3.05 1.73
N VAL I 104 90.93 -2.80 2.80
CA VAL I 104 89.83 -1.85 2.73
C VAL I 104 90.39 -0.43 2.58
N ARG I 105 89.63 0.41 1.87
CA ARG I 105 90.02 1.80 1.66
C ARG I 105 88.81 2.72 1.87
N LEU I 106 88.05 2.46 2.93
CA LEU I 106 86.98 3.36 3.30
C LEU I 106 87.54 4.72 3.73
N ASP I 107 86.65 5.66 4.00
CA ASP I 107 87.06 6.92 4.59
C ASP I 107 87.68 6.65 5.95
N GLU I 108 88.70 7.44 6.30
CA GLU I 108 89.52 7.14 7.46
C GLU I 108 88.71 7.19 8.75
N THR I 109 88.90 6.16 9.57
CA THR I 109 88.45 6.11 10.96
C THR I 109 87.05 6.74 11.19
N PRO I 110 86.00 6.11 10.68
CA PRO I 110 84.65 6.48 11.13
C PRO I 110 84.41 5.93 12.53
N ALA I 111 83.18 6.12 13.00
CA ALA I 111 82.81 5.55 14.31
C ALA I 111 83.02 4.05 14.35
N GLN I 112 82.97 3.38 13.20
CA GLN I 112 83.24 1.95 13.12
C GLN I 112 84.75 1.69 13.14
N ASP I 113 85.41 2.00 14.26
CA ASP I 113 86.81 1.61 14.39
C ASP I 113 86.95 0.10 14.34
N GLU I 114 86.05 -0.62 15.03
CA GLU I 114 85.83 -2.05 14.76
C GLU I 114 85.04 -2.09 13.46
N TRP I 115 85.76 -1.97 12.35
CA TRP I 115 85.16 -1.60 11.08
C TRP I 115 84.17 -2.65 10.61
N ALA I 116 83.23 -2.20 9.78
CA ALA I 116 82.31 -3.07 9.07
C ALA I 116 82.11 -2.51 7.67
N HIS I 117 82.15 -3.39 6.67
CA HIS I 117 82.06 -2.98 5.27
C HIS I 117 80.98 -3.81 4.59
N PRO I 118 80.19 -3.19 3.70
CA PRO I 118 79.11 -3.95 3.05
C PRO I 118 79.58 -5.24 2.38
N LEU I 119 80.54 -5.15 1.47
CA LEU I 119 81.01 -6.29 0.70
C LEU I 119 81.87 -7.26 1.51
N VAL I 120 82.15 -6.95 2.77
CA VAL I 120 83.04 -7.77 3.58
C VAL I 120 82.34 -8.21 4.85
N ARG I 121 81.98 -9.49 4.92
CA ARG I 121 81.44 -10.05 6.16
C ARG I 121 82.58 -10.49 7.06
N ARG I 122 82.62 -9.95 8.27
CA ARG I 122 83.73 -10.21 9.18
C ARG I 122 83.46 -11.46 10.01
N GLN I 123 84.51 -11.97 10.64
CA GLN I 123 84.45 -13.22 11.38
C GLN I 123 85.10 -13.04 12.74
N ARG I 124 84.69 -13.87 13.70
CA ARG I 124 85.26 -13.89 15.04
C ARG I 124 85.54 -15.36 15.37
N LEU I 125 86.80 -15.73 15.36
CA LEU I 125 87.17 -17.14 15.51
C LEU I 125 86.99 -17.60 16.95
N ASN I 126 87.01 -18.91 17.15
CA ASN I 126 86.70 -19.49 18.45
C ASN I 126 87.98 -19.67 19.28
N LEU I 127 87.81 -20.32 20.43
CA LEU I 127 88.93 -20.56 21.33
C LEU I 127 90.04 -21.35 20.65
N GLU I 128 89.70 -22.49 20.06
CA GLU I 128 90.72 -23.37 19.51
C GLU I 128 91.31 -22.80 18.22
N GLN I 129 90.47 -22.17 17.39
CA GLN I 129 90.97 -21.57 16.15
C GLN I 129 92.04 -20.52 16.46
N SER I 130 91.72 -19.58 17.34
CA SER I 130 92.66 -18.52 17.67
C SER I 130 93.84 -19.08 18.46
N LEU I 131 93.63 -20.15 19.23
CA LEU I 131 94.74 -20.82 19.89
C LEU I 131 95.76 -21.32 18.88
N LEU I 132 95.29 -22.05 17.87
CA LEU I 132 96.19 -22.53 16.82
C LEU I 132 96.82 -21.37 16.08
N VAL I 133 96.06 -20.28 15.88
CA VAL I 133 96.61 -19.12 15.20
C VAL I 133 97.77 -18.54 16.00
N ALA I 134 97.62 -18.47 17.32
CA ALA I 134 98.71 -17.97 18.16
C ALA I 134 99.92 -18.89 18.12
N ILE I 135 99.69 -20.21 18.12
CA ILE I 135 100.79 -21.15 17.99
C ILE I 135 101.54 -20.89 16.70
N LEU I 136 100.80 -20.78 15.60
CA LEU I 136 101.42 -20.54 14.30
C LEU I 136 102.15 -19.21 14.28
N ARG I 137 101.58 -18.19 14.93
CA ARG I 137 102.23 -16.88 14.99
C ARG I 137 103.57 -16.98 15.70
N GLN I 138 103.60 -17.65 16.85
CA GLN I 138 104.86 -17.73 17.59
C GLN I 138 105.91 -18.49 16.79
N HIS I 139 105.54 -19.61 16.18
CA HIS I 139 106.55 -20.38 15.45
C HIS I 139 106.96 -19.67 14.17
N PHE I 140 106.05 -18.91 13.55
CA PHE I 140 106.40 -18.11 12.39
C PHE I 140 107.37 -17.01 12.77
N VAL I 141 107.16 -16.39 13.93
CA VAL I 141 108.10 -15.39 14.43
C VAL I 141 109.48 -16.01 14.60
N ALA I 142 109.53 -17.20 15.21
CA ALA I 142 110.82 -17.87 15.38
C ALA I 142 111.46 -18.19 14.05
N TRP I 143 110.68 -18.70 13.10
CA TRP I 143 111.22 -19.08 11.79
C TRP I 143 111.80 -17.88 11.08
N GLU I 144 111.09 -16.75 11.09
CA GLU I 144 111.56 -15.57 10.36
C GLU I 144 112.88 -15.05 10.90
N GLN I 145 113.27 -15.43 12.12
CA GLN I 145 114.59 -15.11 12.63
C GLN I 145 115.60 -16.20 12.28
N GLU I 146 115.24 -17.47 12.47
CA GLU I 146 116.18 -18.55 12.20
C GLU I 146 116.19 -18.97 10.73
N SER I 147 115.27 -18.45 9.90
CA SER I 147 115.24 -18.80 8.49
C SER I 147 114.91 -17.63 7.58
N GLY I 148 114.91 -16.40 8.07
CA GLY I 148 114.72 -15.24 7.24
C GLY I 148 113.27 -14.82 7.11
N THR I 149 113.07 -13.52 6.85
CA THR I 149 111.74 -12.92 6.74
C THR I 149 111.12 -13.32 5.40
N GLY I 150 110.70 -14.58 5.33
CA GLY I 150 110.13 -15.10 4.10
C GLY I 150 111.13 -15.49 3.04
N ALA I 151 112.43 -15.34 3.31
CA ALA I 151 113.43 -15.82 2.36
C ALA I 151 113.27 -17.31 2.13
N SER I 152 113.11 -18.07 3.21
CA SER I 152 112.64 -19.45 3.14
C SER I 152 111.25 -19.49 3.74
N GLN I 153 110.27 -19.94 2.94
CA GLN I 153 108.89 -19.92 3.37
C GLN I 153 108.74 -20.64 4.70
N ALA I 154 108.06 -19.99 5.65
CA ALA I 154 107.95 -20.53 7.00
C ALA I 154 107.28 -21.90 6.97
N GLN I 155 107.90 -22.86 7.65
CA GLN I 155 107.45 -24.24 7.64
C GLN I 155 107.46 -24.80 9.06
N ILE I 156 106.63 -25.81 9.28
CA ILE I 156 106.61 -26.56 10.54
C ILE I 156 105.95 -27.90 10.27
N ALA I 157 106.37 -28.91 11.03
CA ALA I 157 105.83 -30.26 10.85
C ALA I 157 104.58 -30.45 11.69
N ILE I 158 103.72 -31.38 11.25
CA ILE I 158 102.53 -31.72 12.00
C ILE I 158 102.92 -32.21 13.39
N ASP I 159 103.94 -33.07 13.46
CA ASP I 159 104.43 -33.60 14.72
C ASP I 159 105.07 -32.53 15.60
N ASP I 160 105.33 -31.34 15.07
CA ASP I 160 105.79 -30.22 15.86
C ASP I 160 104.66 -29.32 16.34
N LEU I 161 103.67 -29.04 15.49
CA LEU I 161 102.52 -28.27 15.95
C LEU I 161 101.71 -29.04 16.99
N LEU I 162 101.55 -30.35 16.80
CA LEU I 162 100.72 -31.12 17.72
C LEU I 162 101.20 -31.02 19.16
N PRO I 163 102.49 -31.15 19.47
CA PRO I 163 102.93 -30.91 20.86
C PRO I 163 102.56 -29.55 21.40
N GLN I 164 102.65 -28.49 20.58
CA GLN I 164 102.32 -27.16 21.07
C GLN I 164 100.86 -27.09 21.50
N LEU I 165 99.96 -27.65 20.69
CA LEU I 165 98.56 -27.72 21.09
C LEU I 165 98.40 -28.59 22.33
N GLN I 166 99.07 -29.74 22.37
CA GLN I 166 98.98 -30.64 23.50
C GLN I 166 99.43 -29.99 24.80
N ILE I 167 100.26 -28.96 24.72
CA ILE I 167 100.65 -28.23 25.93
C ILE I 167 99.41 -27.77 26.68
N TYR I 168 98.43 -27.22 25.95
CA TYR I 168 97.25 -26.63 26.58
C TYR I 168 96.06 -27.58 26.57
N LEU I 169 95.75 -28.18 25.41
CA LEU I 169 94.59 -29.06 25.28
C LEU I 169 94.84 -30.46 25.79
N GLY I 170 96.09 -30.89 25.89
CA GLY I 170 96.40 -32.24 26.32
C GLY I 170 96.15 -33.25 25.22
N ASP I 171 96.32 -34.51 25.58
CA ASP I 171 96.12 -35.60 24.62
C ASP I 171 94.63 -35.78 24.37
N PRO I 172 94.14 -35.62 23.13
CA PRO I 172 92.71 -35.82 22.87
C PRO I 172 92.24 -37.25 23.04
N GLY I 173 93.14 -38.23 23.00
CA GLY I 173 92.75 -39.62 23.17
C GLY I 173 93.53 -40.58 22.29
N SER I 174 94.01 -40.09 21.14
CA SER I 174 94.77 -40.94 20.24
C SER I 174 95.53 -40.06 19.26
N GLU I 175 96.56 -40.65 18.64
CA GLU I 175 97.31 -39.94 17.62
C GLU I 175 96.43 -39.62 16.42
N SER I 176 95.55 -40.55 16.05
CA SER I 176 94.62 -40.28 14.95
C SER I 176 93.73 -39.09 15.28
N LYS I 177 93.24 -39.02 16.52
CA LYS I 177 92.43 -37.87 16.93
C LYS I 177 93.24 -36.58 16.89
N GLU I 178 94.50 -36.63 17.35
CA GLU I 178 95.36 -35.44 17.28
C GLU I 178 95.51 -34.96 15.84
N ARG I 179 95.83 -35.87 14.93
CA ARG I 179 96.01 -35.49 13.54
C ARG I 179 94.72 -34.97 12.94
N THR I 180 93.59 -35.61 13.24
CA THR I 180 92.30 -35.13 12.73
C THR I 180 92.02 -33.70 13.22
N ARG I 181 92.21 -33.46 14.52
CA ARG I 181 91.99 -32.14 15.09
C ARG I 181 92.85 -31.10 14.40
N LEU I 182 94.17 -31.34 14.34
CA LEU I 182 95.08 -30.34 13.80
C LEU I 182 94.83 -30.15 12.30
N LEU I 183 94.51 -31.23 11.58
CA LEU I 183 94.29 -31.11 10.15
C LEU I 183 92.99 -30.38 9.84
N THR I 184 91.94 -30.61 10.61
CA THR I 184 90.71 -29.85 10.43
C THR I 184 90.95 -28.38 10.69
N LEU I 185 91.67 -28.07 11.78
CA LEU I 185 91.96 -26.67 12.08
C LEU I 185 92.82 -26.04 10.99
N LEU I 186 93.82 -26.77 10.51
CA LEU I 186 94.69 -26.26 9.46
C LEU I 186 93.93 -26.04 8.17
N ASP I 187 93.00 -26.93 7.83
CA ASP I 187 92.17 -26.74 6.65
C ASP I 187 91.30 -25.50 6.79
N GLN I 188 90.71 -25.30 7.97
CA GLN I 188 89.89 -24.12 8.19
C GLN I 188 90.72 -22.85 8.05
N LEU I 189 91.93 -22.85 8.59
CA LEU I 189 92.82 -21.69 8.44
C LEU I 189 93.26 -21.51 7.00
N LYS I 190 93.46 -22.62 6.28
CA LYS I 190 93.78 -22.54 4.85
C LYS I 190 92.66 -21.87 4.09
N GLY I 191 91.40 -22.22 4.40
CA GLY I 191 90.28 -21.46 3.87
C GLY I 191 90.36 -20.01 4.24
N HIS I 192 91.02 -19.70 5.35
CA HIS I 192 91.30 -18.33 5.74
C HIS I 192 92.56 -17.78 5.09
N GLY I 193 93.23 -18.57 4.25
CA GLY I 193 94.41 -18.11 3.56
C GLY I 193 95.64 -17.97 4.41
N LEU I 194 95.73 -18.69 5.54
CA LEU I 194 96.82 -18.51 6.47
C LEU I 194 97.92 -19.56 6.32
N VAL I 195 97.57 -20.80 5.99
CA VAL I 195 98.53 -21.90 5.95
C VAL I 195 98.30 -22.73 4.70
N THR I 196 99.31 -23.53 4.37
CA THR I 196 99.23 -24.49 3.27
C THR I 196 99.04 -25.90 3.83
N SER I 197 98.66 -26.82 2.94
CA SER I 197 98.51 -28.20 3.34
C SER I 197 99.89 -28.81 3.62
N PRO I 198 99.96 -29.82 4.48
CA PRO I 198 101.25 -30.45 4.77
C PRO I 198 101.85 -31.08 3.52
N ASP I 199 103.17 -31.04 3.45
CA ASP I 199 103.89 -31.59 2.31
C ASP I 199 103.99 -33.11 2.46
N ALA I 200 104.80 -33.75 1.63
CA ALA I 200 105.01 -35.19 1.74
C ALA I 200 105.60 -35.58 3.09
N HIS I 201 106.28 -34.66 3.76
CA HIS I 201 106.83 -34.88 5.09
C HIS I 201 105.96 -34.25 6.17
N GLU I 202 104.68 -34.03 5.89
CA GLU I 202 103.74 -33.46 6.86
C GLU I 202 104.22 -32.11 7.37
N ARG I 203 104.84 -31.32 6.50
CA ARG I 203 105.29 -29.97 6.85
C ARG I 203 104.46 -28.96 6.08
N ILE I 204 103.75 -28.09 6.81
CA ILE I 204 102.99 -27.03 6.18
C ILE I 204 103.90 -25.83 5.88
N VAL I 205 103.40 -24.91 5.08
CA VAL I 205 104.07 -23.65 4.80
C VAL I 205 103.18 -22.51 5.30
N ILE I 206 103.77 -21.59 6.07
CA ILE I 206 103.03 -20.47 6.61
C ILE I 206 102.97 -19.37 5.56
N ARG I 207 101.76 -18.94 5.21
CA ARG I 207 101.61 -17.87 4.25
C ARG I 207 102.12 -16.56 4.87
N PRO I 208 102.66 -15.64 4.06
CA PRO I 208 103.12 -14.36 4.63
C PRO I 208 102.02 -13.54 5.27
N ILE I 209 100.76 -13.81 4.95
CA ILE I 209 99.67 -13.00 5.48
C ILE I 209 99.65 -13.01 7.00
N ILE I 210 100.17 -14.07 7.62
CA ILE I 210 100.22 -14.12 9.08
C ILE I 210 100.93 -12.89 9.62
N ALA I 211 102.00 -12.46 8.97
CA ALA I 211 102.70 -11.24 9.37
C ALA I 211 101.84 -9.99 9.18
N HIS I 212 100.74 -10.10 8.43
CA HIS I 212 99.92 -8.95 8.07
C HIS I 212 98.63 -8.85 8.88
N LEU I 213 98.52 -9.57 10.00
CA LEU I 213 97.34 -9.42 10.84
C LEU I 213 97.32 -8.03 11.46
N ALA I 214 96.12 -7.60 11.89
CA ALA I 214 95.92 -6.22 12.30
C ALA I 214 96.41 -5.98 13.73
N ASP I 215 95.81 -6.66 14.71
CA ASP I 215 96.08 -6.41 16.13
C ASP I 215 96.37 -7.72 16.85
N PRO I 216 97.56 -8.31 16.63
CA PRO I 216 97.92 -9.54 17.35
C PRO I 216 98.10 -9.33 18.84
N ILE I 217 98.15 -8.08 19.33
CA ILE I 217 98.23 -7.84 20.77
C ILE I 217 97.19 -8.68 21.49
N ASN I 218 96.02 -8.87 20.90
CA ASN I 218 95.05 -9.81 21.45
C ASN I 218 95.61 -11.23 21.44
N LEU I 219 96.31 -11.62 20.38
CA LEU I 219 96.95 -12.93 20.36
C LEU I 219 98.00 -13.04 21.46
N GLN I 220 98.78 -11.99 21.68
CA GLN I 220 99.80 -12.03 22.73
C GLN I 220 99.14 -12.17 24.10
N ALA I 221 98.08 -11.41 24.35
CA ALA I 221 97.37 -11.53 25.63
C ALA I 221 96.79 -12.93 25.79
N LEU I 222 96.21 -13.47 24.71
CA LEU I 222 95.64 -14.80 24.77
C LEU I 222 96.70 -15.85 25.07
N LEU I 223 97.88 -15.73 24.44
CA LEU I 223 98.93 -16.71 24.67
C LEU I 223 99.49 -16.60 26.08
N ALA I 224 99.61 -15.37 26.59
CA ALA I 224 100.00 -15.19 27.99
C ALA I 224 98.98 -15.85 28.91
N TRP I 225 97.70 -15.64 28.63
CA TRP I 225 96.64 -16.27 29.44
C TRP I 225 96.71 -17.79 29.36
N LEU I 226 96.97 -18.32 28.17
CA LEU I 226 97.02 -19.77 27.99
C LEU I 226 98.19 -20.38 28.73
N ARG I 227 99.38 -19.77 28.61
CA ARG I 227 100.54 -20.27 29.32
C ARG I 227 100.34 -20.16 30.83
N GLU I 228 99.74 -19.07 31.29
CA GLU I 228 99.43 -18.94 32.71
C GLU I 228 98.47 -20.04 33.16
N GLN I 229 97.44 -20.31 32.36
CA GLN I 229 96.45 -21.31 32.74
C GLN I 229 97.09 -22.70 32.82
N ILE I 230 97.88 -23.07 31.81
CA ILE I 230 98.51 -24.38 31.81
C ILE I 230 99.49 -24.50 32.96
N ALA I 231 100.27 -23.45 33.21
CA ALA I 231 101.18 -23.47 34.36
C ALA I 231 100.41 -23.66 35.66
N GLN I 232 99.25 -23.02 35.78
CA GLN I 232 98.42 -23.21 36.96
C GLN I 232 97.79 -24.60 36.98
N GLN I 233 97.28 -25.05 35.83
CA GLN I 233 96.59 -26.33 35.77
C GLN I 233 97.54 -27.47 35.43
N THR I 234 98.64 -27.57 36.17
CA THR I 234 99.59 -28.68 36.04
C THR I 234 100.24 -28.97 37.38
N MET J 5 6.86 -41.73 31.30
CA MET J 5 7.74 -41.41 30.14
C MET J 5 6.95 -40.60 29.12
N GLU J 6 7.61 -39.59 28.55
CA GLU J 6 7.03 -38.78 27.47
C GLU J 6 8.02 -38.54 26.35
N GLU J 7 9.19 -39.17 26.38
CA GLU J 7 10.18 -38.97 25.32
C GLU J 7 9.60 -39.30 23.95
N ASN J 8 8.78 -40.35 23.88
CA ASN J 8 8.19 -40.73 22.59
C ASN J 8 7.45 -39.55 21.97
N THR J 9 6.80 -38.72 22.80
CA THR J 9 6.08 -37.58 22.26
C THR J 9 7.02 -36.65 21.51
N ARG J 10 8.14 -36.27 22.13
CA ARG J 10 9.08 -35.37 21.47
C ARG J 10 9.66 -35.97 20.20
N GLN J 11 9.59 -37.29 20.06
CA GLN J 11 9.92 -37.93 18.78
C GLN J 11 8.68 -38.03 17.89
N ARG J 12 7.51 -38.25 18.51
CA ARG J 12 6.27 -38.40 17.74
C ARG J 12 5.89 -37.11 17.04
N THR J 13 5.89 -36.00 17.77
CA THR J 13 5.55 -34.72 17.16
C THR J 13 6.53 -34.36 16.05
N GLU J 14 7.82 -34.69 16.24
CA GLU J 14 8.80 -34.46 15.18
C GLU J 14 8.47 -35.32 13.95
N ASN J 15 8.15 -36.60 14.16
CA ASN J 15 7.76 -37.45 13.05
C ASN J 15 6.61 -36.83 12.28
N TYR J 16 5.57 -36.37 12.99
CA TYR J 16 4.40 -35.83 12.30
C TYR J 16 4.73 -34.53 11.59
N ILE J 17 5.46 -33.62 12.24
CA ILE J 17 5.78 -32.36 11.58
C ILE J 17 6.61 -32.61 10.33
N SER J 18 7.58 -33.52 10.41
CA SER J 18 8.35 -33.89 9.23
C SER J 18 7.42 -34.44 8.14
N ALA J 19 6.68 -35.50 8.46
CA ALA J 19 5.84 -36.15 7.46
C ALA J 19 4.88 -35.20 6.78
N LYS J 20 4.48 -34.12 7.45
CA LYS J 20 3.60 -33.14 6.83
C LYS J 20 4.37 -32.20 5.91
N ASN J 21 5.61 -32.56 5.61
CA ASN J 21 6.34 -32.08 4.45
C ASN J 21 6.97 -33.30 3.78
N GLN J 22 7.68 -33.08 2.67
CA GLN J 22 8.40 -34.17 2.04
C GLN J 22 7.46 -35.27 1.55
N HIS J 23 6.84 -36.03 2.45
CA HIS J 23 5.95 -37.10 2.04
C HIS J 23 4.83 -36.53 1.18
N PRO J 24 4.66 -36.97 -0.07
CA PRO J 24 3.71 -36.26 -0.96
C PRO J 24 2.27 -36.31 -0.49
N ALA J 25 1.70 -37.49 -0.25
CA ALA J 25 0.25 -37.61 -0.10
C ALA J 25 -0.31 -36.53 0.84
N TRP J 26 0.32 -36.34 2.00
CA TRP J 26 -0.14 -35.33 2.93
C TRP J 26 -0.02 -33.93 2.35
N ILE J 27 0.99 -33.66 1.53
CA ILE J 27 1.07 -32.38 0.85
C ILE J 27 -0.05 -32.25 -0.17
N LEU J 28 -0.38 -33.36 -0.84
CA LEU J 28 -1.40 -33.35 -1.90
C LEU J 28 -2.76 -33.04 -1.32
N LEU J 29 -3.15 -33.74 -0.25
CA LEU J 29 -4.46 -33.52 0.35
C LEU J 29 -4.62 -32.10 0.83
N ALA J 30 -3.51 -31.39 1.06
CA ALA J 30 -3.55 -30.08 1.69
C ALA J 30 -3.59 -28.93 0.68
N THR J 31 -3.31 -29.18 -0.59
CA THR J 31 -3.29 -28.12 -1.60
C THR J 31 -4.65 -28.04 -2.28
N ARG J 32 -5.14 -26.81 -2.45
CA ARG J 32 -6.51 -26.54 -2.87
C ARG J 32 -6.98 -27.49 -3.98
N ARG J 33 -6.18 -27.63 -5.03
CA ARG J 33 -6.58 -28.38 -6.22
C ARG J 33 -6.67 -29.88 -5.97
N ALA J 34 -6.50 -30.34 -4.74
CA ALA J 34 -6.50 -31.77 -4.47
C ALA J 34 -7.74 -32.50 -4.96
N PRO J 35 -8.97 -32.00 -4.78
CA PRO J 35 -10.15 -32.76 -5.21
C PRO J 35 -10.11 -33.09 -6.69
N LEU J 36 -9.89 -32.06 -7.49
CA LEU J 36 -9.81 -32.22 -8.94
C LEU J 36 -8.82 -33.31 -9.32
N VAL J 37 -7.58 -33.18 -8.87
CA VAL J 37 -6.52 -34.10 -9.30
C VAL J 37 -6.79 -35.50 -8.80
N LEU J 38 -7.30 -35.64 -7.57
CA LEU J 38 -7.67 -36.98 -7.09
C LEU J 38 -8.72 -37.59 -8.01
N SER J 39 -9.76 -36.82 -8.34
CA SER J 39 -10.79 -37.35 -9.23
C SER J 39 -10.19 -37.80 -10.56
N CYS J 40 -9.38 -36.94 -11.17
CA CYS J 40 -8.82 -37.24 -12.49
C CYS J 40 -7.96 -38.49 -12.45
N LEU J 41 -7.00 -38.53 -11.50
CA LEU J 41 -6.11 -39.68 -11.42
C LEU J 41 -6.89 -40.96 -11.15
N LYS J 42 -7.85 -40.91 -10.23
CA LYS J 42 -8.61 -42.11 -9.90
C LYS J 42 -9.36 -42.61 -11.12
N THR J 43 -10.10 -41.72 -11.79
CA THR J 43 -10.87 -42.15 -12.95
C THR J 43 -9.97 -42.70 -14.05
N LEU J 44 -8.79 -42.10 -14.23
CA LEU J 44 -7.86 -42.61 -15.24
C LEU J 44 -7.31 -43.98 -14.84
N PHE J 45 -6.62 -44.04 -13.70
CA PHE J 45 -5.97 -45.28 -13.30
C PHE J 45 -6.96 -46.42 -13.05
N GLU J 46 -8.24 -46.11 -12.88
CA GLU J 46 -9.22 -47.14 -12.59
C GLU J 46 -9.31 -48.21 -13.68
N LYS J 47 -8.91 -47.88 -14.91
CA LYS J 47 -9.13 -48.77 -16.05
C LYS J 47 -7.82 -49.23 -16.70
N SER J 48 -6.67 -49.00 -16.07
CA SER J 48 -5.41 -49.43 -16.66
C SER J 48 -4.34 -49.48 -15.57
N HIS J 49 -3.84 -50.68 -15.30
CA HIS J 49 -2.69 -50.82 -14.42
C HIS J 49 -1.38 -50.63 -15.18
N ASP J 50 -1.38 -50.93 -16.48
CA ASP J 50 -0.17 -50.85 -17.30
C ASP J 50 -0.06 -49.51 -18.03
N GLY J 51 -0.04 -48.43 -17.29
CA GLY J 51 0.26 -47.13 -17.85
C GLY J 51 -0.88 -46.49 -18.62
N ILE J 52 -0.81 -45.16 -18.78
CA ILE J 52 -1.78 -44.40 -19.55
C ILE J 52 -1.00 -43.32 -20.30
N PRO J 53 -1.31 -43.04 -21.57
CA PRO J 53 -0.53 -42.04 -22.31
C PRO J 53 -0.58 -40.68 -21.61
N LEU J 54 0.57 -40.02 -21.55
CA LEU J 54 0.66 -38.74 -20.86
C LEU J 54 -0.34 -37.75 -21.44
N GLU J 55 -0.31 -37.57 -22.77
CA GLU J 55 -1.16 -36.57 -23.41
C GLU J 55 -2.64 -36.83 -23.15
N GLU J 56 -3.04 -38.10 -23.09
CA GLU J 56 -4.45 -38.40 -22.81
C GLU J 56 -4.86 -37.90 -21.43
N ALA J 57 -4.02 -38.15 -20.43
CA ALA J 57 -4.29 -37.64 -19.09
C ALA J 57 -4.29 -36.12 -19.08
N ILE J 58 -3.34 -35.52 -19.82
CA ILE J 58 -3.32 -34.06 -19.93
C ILE J 58 -4.67 -33.56 -20.43
N GLN J 59 -5.19 -34.18 -21.49
CA GLN J 59 -6.45 -33.73 -22.07
C GLN J 59 -7.60 -33.91 -21.09
N SER J 60 -7.66 -35.07 -20.43
CA SER J 60 -8.73 -35.31 -19.46
C SER J 60 -8.70 -34.25 -18.35
N LEU J 61 -7.52 -34.02 -17.77
CA LEU J 61 -7.40 -33.08 -16.68
C LEU J 61 -7.74 -31.67 -17.14
N SER J 62 -7.28 -31.28 -18.33
CA SER J 62 -7.59 -29.96 -18.84
C SER J 62 -9.09 -29.80 -19.07
N SER J 63 -9.75 -30.81 -19.61
CA SER J 63 -11.19 -30.76 -19.76
C SER J 63 -11.87 -30.56 -18.42
N ILE J 64 -11.43 -31.28 -17.39
CA ILE J 64 -12.02 -31.11 -16.07
C ILE J 64 -11.79 -29.69 -15.56
N LEU J 65 -10.57 -29.16 -15.73
CA LEU J 65 -10.24 -27.85 -15.20
C LEU J 65 -11.17 -26.77 -15.75
N ILE J 66 -11.34 -26.73 -17.08
CA ILE J 66 -12.11 -25.65 -17.69
C ILE J 66 -13.55 -25.64 -17.17
N GLU J 67 -14.14 -26.82 -16.93
CA GLU J 67 -15.52 -26.84 -16.46
C GLU J 67 -15.69 -26.07 -15.15
N HIS J 68 -14.65 -26.07 -14.31
CA HIS J 68 -14.71 -25.42 -13.00
C HIS J 68 -14.07 -24.05 -12.98
N VAL J 69 -13.68 -23.52 -14.15
CA VAL J 69 -12.95 -22.25 -14.17
C VAL J 69 -13.75 -21.12 -13.55
N SER J 70 -15.08 -21.17 -13.65
CA SER J 70 -15.90 -20.12 -13.06
C SER J 70 -15.59 -19.90 -11.58
N GLN J 71 -15.27 -20.97 -10.85
CA GLN J 71 -14.82 -20.82 -9.48
C GLN J 71 -13.57 -19.95 -9.42
N GLU J 72 -13.45 -19.19 -8.33
CA GLU J 72 -12.27 -18.38 -8.08
C GLU J 72 -11.28 -19.08 -7.15
N GLN J 73 -11.67 -20.21 -6.57
CA GLN J 73 -10.80 -20.90 -5.62
C GLN J 73 -9.54 -21.41 -6.28
N TYR J 74 -9.65 -21.94 -7.50
CA TYR J 74 -8.63 -22.79 -8.10
C TYR J 74 -7.67 -22.02 -8.99
N ASP J 75 -7.92 -20.74 -9.25
CA ASP J 75 -7.04 -19.90 -10.05
C ASP J 75 -6.85 -20.45 -11.47
N ILE J 76 -7.82 -21.21 -11.98
CA ILE J 76 -7.74 -21.65 -13.36
C ILE J 76 -8.00 -20.47 -14.28
N ASN J 77 -7.31 -20.46 -15.43
CA ASN J 77 -7.45 -19.41 -16.43
C ASN J 77 -7.93 -20.00 -17.74
N GLN J 78 -8.94 -19.35 -18.33
CA GLN J 78 -9.52 -19.84 -19.57
C GLN J 78 -8.54 -19.83 -20.73
N ASP J 79 -7.53 -18.96 -20.68
CA ASP J 79 -6.71 -18.68 -21.85
C ASP J 79 -5.72 -19.79 -22.18
N ASN J 80 -5.47 -20.74 -21.27
CA ASN J 80 -4.47 -21.76 -21.56
C ASN J 80 -4.68 -23.01 -20.71
N PRO J 81 -5.77 -23.75 -20.91
CA PRO J 81 -5.96 -24.99 -20.16
C PRO J 81 -4.85 -26.01 -20.34
N PHE J 82 -4.33 -26.16 -21.55
CA PHE J 82 -3.37 -27.23 -21.81
C PHE J 82 -2.09 -27.02 -21.01
N LEU J 83 -1.55 -25.81 -21.05
CA LEU J 83 -0.31 -25.53 -20.32
C LEU J 83 -0.50 -25.73 -18.82
N GLN J 84 -1.63 -25.25 -18.29
CA GLN J 84 -1.87 -25.37 -16.85
C GLN J 84 -1.99 -26.83 -16.43
N ALA J 85 -2.79 -27.61 -17.16
CA ALA J 85 -2.93 -29.03 -16.82
C ALA J 85 -1.59 -29.75 -16.93
N SER J 86 -0.83 -29.45 -17.99
CA SER J 86 0.46 -30.11 -18.19
C SER J 86 1.38 -29.82 -17.01
N ARG J 87 1.54 -28.55 -16.65
CA ARG J 87 2.41 -28.21 -15.53
C ARG J 87 1.91 -28.85 -14.23
N GLU J 88 0.60 -28.84 -14.00
CA GLU J 88 0.08 -29.38 -12.76
C GLU J 88 0.41 -30.87 -12.64
N LEU J 89 0.18 -31.63 -13.72
CA LEU J 89 0.53 -33.04 -13.65
C LEU J 89 2.04 -33.23 -13.54
N ARG J 90 2.82 -32.41 -14.22
CA ARG J 90 4.27 -32.56 -14.19
C ARG J 90 4.82 -32.35 -12.79
N GLU J 91 4.33 -31.33 -12.09
CA GLU J 91 4.81 -31.05 -10.73
C GLU J 91 4.60 -32.27 -9.85
N TRP J 92 3.38 -32.83 -9.83
CA TRP J 92 3.14 -34.02 -9.04
C TRP J 92 4.05 -35.15 -9.46
N ILE J 93 4.20 -35.37 -10.76
CA ILE J 93 5.07 -36.44 -11.24
C ILE J 93 6.46 -36.28 -10.63
N LYS J 94 6.94 -35.03 -10.53
CA LYS J 94 8.28 -34.81 -10.01
C LYS J 94 8.38 -35.16 -8.53
N ARG J 95 7.30 -35.02 -7.78
CA ARG J 95 7.34 -35.35 -6.36
C ARG J 95 7.27 -36.85 -6.08
N ARG J 96 7.46 -37.69 -7.10
CA ARG J 96 7.47 -39.14 -6.93
C ARG J 96 6.12 -39.66 -6.46
N LEU J 97 5.07 -38.85 -6.58
CA LEU J 97 3.72 -39.37 -6.43
C LEU J 97 3.44 -40.43 -7.48
N ILE J 98 3.85 -40.18 -8.72
CA ILE J 98 3.69 -41.11 -9.83
C ILE J 98 4.89 -40.96 -10.76
N VAL J 99 5.52 -42.10 -11.09
CA VAL J 99 6.65 -42.09 -12.02
C VAL J 99 6.11 -42.18 -13.44
N GLU J 100 6.89 -41.64 -14.39
CA GLU J 100 6.56 -41.69 -15.80
C GLU J 100 7.52 -42.64 -16.51
N ARG J 101 6.99 -43.52 -17.33
CA ARG J 101 7.78 -44.43 -18.14
C ARG J 101 7.02 -44.77 -19.41
N ASP J 102 7.76 -44.98 -20.50
CA ASP J 102 7.16 -45.29 -21.80
C ASP J 102 6.10 -44.27 -22.16
N GLY J 103 6.36 -42.99 -21.88
CA GLY J 103 5.38 -41.96 -22.12
C GLY J 103 4.08 -42.15 -21.37
N ARG J 104 4.07 -43.01 -20.35
CA ARG J 104 2.87 -43.33 -19.59
C ARG J 104 3.11 -43.12 -18.10
N ILE J 105 2.15 -42.47 -17.45
CA ILE J 105 2.19 -42.39 -15.99
C ILE J 105 1.86 -43.76 -15.40
N PHE J 106 2.22 -43.94 -14.13
CA PHE J 106 1.95 -45.19 -13.42
C PHE J 106 1.65 -44.88 -11.97
N ALA J 107 0.73 -45.65 -11.39
CA ALA J 107 0.31 -45.43 -10.02
C ALA J 107 1.28 -46.07 -9.03
N THR J 108 1.33 -45.50 -7.83
CA THR J 108 2.23 -45.96 -6.78
C THR J 108 1.49 -46.05 -5.46
N ASP J 109 2.22 -46.46 -4.42
CA ASP J 109 1.62 -46.69 -3.11
C ASP J 109 1.06 -45.40 -2.51
N ALA J 110 1.79 -44.29 -2.63
CA ALA J 110 1.34 -43.04 -2.04
C ALA J 110 -0.05 -42.67 -2.52
N LEU J 111 -0.26 -42.71 -3.84
CA LEU J 111 -1.60 -42.46 -4.38
C LEU J 111 -2.59 -43.49 -3.85
N GLU J 112 -2.16 -44.73 -3.67
CA GLU J 112 -3.07 -45.77 -3.18
C GLU J 112 -3.64 -45.39 -1.83
N VAL J 113 -2.77 -45.02 -0.88
CA VAL J 113 -3.25 -44.65 0.45
C VAL J 113 -4.05 -43.36 0.40
N ALA J 114 -3.55 -42.36 -0.35
CA ALA J 114 -4.28 -41.11 -0.47
C ALA J 114 -5.71 -41.34 -0.93
N ILE J 115 -5.90 -42.29 -1.86
CA ILE J 115 -7.25 -42.65 -2.29
C ILE J 115 -7.98 -43.41 -1.19
N THR J 116 -7.30 -44.36 -0.54
CA THR J 116 -7.94 -45.16 0.49
C THR J 116 -8.57 -44.29 1.56
N PHE J 117 -7.94 -43.16 1.88
CA PHE J 117 -8.52 -42.24 2.84
C PHE J 117 -9.87 -41.71 2.37
N VAL J 118 -9.90 -41.11 1.19
CA VAL J 118 -11.07 -40.33 0.77
C VAL J 118 -12.32 -41.19 0.76
N GLU J 119 -12.23 -42.38 0.17
CA GLU J 119 -13.41 -43.22 -0.01
C GLU J 119 -14.08 -43.58 1.31
N SER J 120 -13.35 -43.53 2.42
CA SER J 120 -13.90 -43.88 3.71
C SER J 120 -14.55 -42.70 4.42
N LEU J 121 -14.64 -41.54 3.77
CA LEU J 121 -15.26 -40.35 4.36
C LEU J 121 -16.77 -40.51 4.35
N ASP J 122 -17.28 -41.20 5.36
CA ASP J 122 -18.72 -41.35 5.54
C ASP J 122 -19.31 -39.99 5.91
N ASN J 123 -20.08 -39.42 4.99
CA ASN J 123 -20.64 -38.09 5.18
C ASN J 123 -21.82 -38.07 6.14
N ARG J 124 -22.07 -39.16 6.87
CA ARG J 124 -23.16 -39.21 7.83
C ARG J 124 -22.88 -38.42 9.10
N PHE J 125 -21.86 -37.57 9.12
CA PHE J 125 -21.52 -36.85 10.34
C PHE J 125 -22.60 -35.81 10.65
N MET J 126 -22.38 -35.07 11.73
CA MET J 126 -23.40 -34.18 12.28
C MET J 126 -24.71 -34.93 12.41
N THR J 127 -24.68 -35.94 13.29
CA THR J 127 -25.75 -36.92 13.37
C THR J 127 -27.11 -36.26 13.38
N SER J 128 -28.09 -36.94 12.78
CA SER J 128 -29.45 -36.43 12.73
C SER J 128 -30.15 -36.51 14.07
N THR J 129 -29.51 -37.09 15.08
CA THR J 129 -30.10 -37.21 16.41
C THR J 129 -31.41 -38.01 16.34
N ALA J 130 -31.40 -39.04 15.50
CA ALA J 130 -32.52 -39.98 15.37
C ALA J 130 -33.82 -39.29 14.97
N SER J 131 -33.73 -38.12 14.35
CA SER J 131 -34.94 -37.47 13.85
C SER J 131 -35.45 -38.20 12.61
N ARG J 132 -36.78 -38.23 12.48
CA ARG J 132 -37.42 -39.07 11.46
C ARG J 132 -36.76 -38.92 10.10
N LEU J 133 -36.18 -37.75 9.81
CA LEU J 133 -35.51 -37.54 8.54
C LEU J 133 -34.50 -38.63 8.26
N SER J 134 -33.68 -38.97 9.25
CA SER J 134 -32.66 -40.00 9.06
C SER J 134 -33.28 -41.36 8.81
N THR J 135 -34.37 -41.67 9.53
CA THR J 135 -35.04 -42.95 9.30
C THR J 135 -35.55 -43.06 7.87
N VAL J 136 -36.16 -41.98 7.37
CA VAL J 136 -36.65 -41.99 5.99
C VAL J 136 -35.48 -42.15 5.02
N GLN J 137 -34.39 -41.41 5.25
CA GLN J 137 -33.22 -41.52 4.38
C GLN J 137 -32.68 -42.95 4.36
N ARG J 138 -32.61 -43.58 5.53
CA ARG J 138 -32.03 -44.92 5.61
C ARG J 138 -32.95 -45.96 4.98
N GLU J 139 -34.27 -45.79 5.12
CA GLU J 139 -35.17 -46.69 4.43
C GLU J 139 -35.03 -46.55 2.92
N ILE J 140 -34.86 -45.31 2.44
CA ILE J 140 -34.61 -45.12 1.01
C ILE J 140 -33.30 -45.80 0.62
N GLU J 141 -32.26 -45.66 1.45
CA GLU J 141 -31.03 -46.43 1.24
C GLU J 141 -31.36 -47.91 1.02
N ASN J 142 -31.99 -48.54 2.00
CA ASN J 142 -32.17 -49.99 1.95
C ASN J 142 -32.99 -50.41 0.73
N LEU J 143 -34.08 -49.69 0.44
CA LEU J 143 -34.87 -50.06 -0.73
C LEU J 143 -34.05 -49.90 -2.01
N GLU J 144 -33.26 -48.83 -2.11
CA GLU J 144 -32.47 -48.61 -3.31
C GLU J 144 -31.60 -49.83 -3.63
N THR J 145 -30.73 -50.22 -2.70
CA THR J 145 -29.84 -51.34 -2.95
C THR J 145 -30.62 -52.63 -3.16
N ARG J 146 -31.83 -52.72 -2.62
CA ARG J 146 -32.63 -53.92 -2.79
C ARG J 146 -32.96 -54.18 -4.26
N LEU J 147 -32.90 -53.16 -5.11
CA LEU J 147 -33.18 -53.30 -6.53
C LEU J 147 -31.91 -53.28 -7.38
N ASN J 148 -30.81 -53.82 -6.85
CA ASN J 148 -29.55 -53.89 -7.59
C ASN J 148 -28.76 -55.13 -7.20
N GLU J 181 19.82 -63.86 20.96
CA GLU J 181 20.51 -64.50 22.07
C GLU J 181 21.97 -64.08 22.11
N THR J 182 22.63 -64.34 23.24
CA THR J 182 23.94 -63.75 23.49
C THR J 182 24.96 -64.16 22.44
N HIS J 183 25.06 -65.46 22.14
CA HIS J 183 26.10 -65.94 21.23
C HIS J 183 26.01 -65.25 19.87
N GLN J 184 24.80 -64.97 19.40
CA GLN J 184 24.64 -64.32 18.11
C GLN J 184 24.93 -62.83 18.18
N ALA J 185 24.54 -62.20 19.30
CA ALA J 185 24.50 -60.74 19.37
C ALA J 185 25.83 -60.11 19.01
N VAL J 186 26.92 -60.61 19.60
CA VAL J 186 28.23 -60.01 19.37
C VAL J 186 28.56 -60.02 17.88
N GLU J 187 28.36 -61.16 17.23
CA GLU J 187 28.72 -61.28 15.82
C GLU J 187 27.84 -60.41 14.95
N HIS J 188 26.53 -60.40 15.21
CA HIS J 188 25.63 -59.58 14.41
C HIS J 188 25.98 -58.10 14.54
N ILE J 189 26.20 -57.64 15.77
CA ILE J 189 26.50 -56.23 15.99
C ILE J 189 27.84 -55.88 15.37
N ARG J 190 28.82 -56.78 15.47
CA ARG J 190 30.11 -56.52 14.85
C ARG J 190 29.99 -56.45 13.34
N ASP J 191 29.13 -57.27 12.76
CA ASP J 191 28.89 -57.18 11.32
C ASP J 191 28.29 -55.84 10.95
N VAL J 192 27.33 -55.36 11.76
CA VAL J 192 26.75 -54.04 11.49
C VAL J 192 27.83 -52.97 11.57
N TYR J 193 28.70 -53.05 12.57
CA TYR J 193 29.79 -52.08 12.68
C TYR J 193 30.69 -52.15 11.44
N ASN J 194 31.00 -53.36 10.98
CA ASN J 194 31.83 -53.49 9.78
C ASN J 194 31.18 -52.81 8.59
N LEU J 195 29.87 -53.02 8.44
CA LEU J 195 29.16 -52.37 7.32
C LEU J 195 29.22 -50.86 7.44
N ALA J 196 28.83 -50.32 8.59
CA ALA J 196 28.81 -48.87 8.76
C ALA J 196 30.21 -48.29 8.58
N SER J 197 31.21 -48.92 9.19
CA SER J 197 32.58 -48.44 9.06
C SER J 197 32.99 -48.31 7.60
N SER J 198 32.55 -49.26 6.76
CA SER J 198 32.98 -49.28 5.37
C SER J 198 32.64 -47.98 4.65
N LEU J 199 31.51 -47.37 4.98
CA LEU J 199 31.14 -46.13 4.29
C LEU J 199 32.27 -45.12 4.30
N ARG J 200 32.97 -45.02 5.43
CA ARG J 200 33.96 -43.97 5.62
C ARG J 200 35.21 -44.16 4.75
N ALA J 201 35.22 -45.15 3.85
CA ALA J 201 36.31 -45.32 2.91
C ALA J 201 35.91 -44.89 1.50
N ASP J 202 34.68 -45.22 1.09
CA ASP J 202 34.25 -44.88 -0.26
C ASP J 202 34.17 -43.39 -0.49
N PHE J 203 33.95 -42.59 0.55
CA PHE J 203 34.05 -41.15 0.38
C PHE J 203 35.46 -40.75 0.00
N ARG J 204 36.46 -41.38 0.63
CA ARG J 204 37.84 -41.17 0.22
C ARG J 204 38.06 -41.63 -1.22
N ARG J 205 37.41 -42.73 -1.62
CA ARG J 205 37.53 -43.16 -3.01
C ARG J 205 36.97 -42.11 -3.98
N VAL J 206 35.82 -41.52 -3.64
CA VAL J 206 35.26 -40.47 -4.48
C VAL J 206 36.20 -39.27 -4.54
N GLU J 207 36.78 -38.89 -3.39
CA GLU J 207 37.80 -37.86 -3.38
C GLU J 207 38.94 -38.19 -4.33
N ASP J 208 39.34 -39.46 -4.37
CA ASP J 208 40.41 -39.87 -5.27
C ASP J 208 40.02 -39.59 -6.72
N SER J 209 38.78 -39.93 -7.09
CA SER J 209 38.34 -39.68 -8.46
C SER J 209 38.37 -38.20 -8.78
N TRP J 210 37.90 -37.35 -7.85
CA TRP J 210 37.86 -35.93 -8.18
C TRP J 210 39.26 -35.32 -8.25
N ARG J 211 40.17 -35.75 -7.36
CA ARG J 211 41.56 -35.30 -7.47
C ARG J 211 42.16 -35.72 -8.80
N GLU J 212 41.92 -36.97 -9.21
CA GLU J 212 42.47 -37.46 -10.47
C GLU J 212 41.91 -36.66 -11.64
N ALA J 213 40.62 -36.35 -11.60
CA ALA J 213 40.02 -35.55 -12.67
C ALA J 213 40.64 -34.17 -12.72
N ASP J 214 40.87 -33.55 -11.56
CA ASP J 214 41.54 -32.25 -11.54
C ASP J 214 42.93 -32.34 -12.15
N ARG J 215 43.68 -33.38 -11.78
CA ARG J 215 45.02 -33.56 -12.32
C ARG J 215 44.97 -33.67 -13.84
N ALA J 216 44.08 -34.51 -14.36
CA ALA J 216 43.99 -34.71 -15.80
C ALA J 216 43.55 -33.43 -16.50
N LEU J 217 42.62 -32.69 -15.91
CA LEU J 217 42.16 -31.45 -16.53
C LEU J 217 43.28 -30.43 -16.63
N ARG J 218 44.08 -30.29 -15.57
CA ARG J 218 45.21 -29.38 -15.66
C ARG J 218 46.22 -29.86 -16.69
N GLN J 219 46.50 -31.17 -16.71
CA GLN J 219 47.38 -31.74 -17.72
C GLN J 219 46.93 -31.33 -19.12
N SER J 220 45.64 -31.53 -19.40
CA SER J 220 45.09 -31.20 -20.71
C SER J 220 45.10 -29.69 -20.99
N ILE J 221 44.85 -28.87 -19.97
CA ILE J 221 44.92 -27.43 -20.17
C ILE J 221 46.31 -27.02 -20.61
N ILE J 222 47.34 -27.62 -20.01
CA ILE J 222 48.70 -27.32 -20.47
C ILE J 222 48.83 -27.63 -21.95
N GLY J 223 48.07 -28.61 -22.46
CA GLY J 223 47.98 -28.82 -23.88
C GLY J 223 47.38 -27.62 -24.59
N GLU J 224 47.85 -27.33 -25.80
CA GLU J 224 47.46 -26.10 -26.49
C GLU J 224 46.19 -26.26 -27.31
N GLN J 225 45.63 -27.46 -27.38
CA GLN J 225 44.72 -27.80 -28.47
C GLN J 225 43.24 -27.65 -28.12
N TYR J 226 42.88 -27.33 -26.89
CA TYR J 226 41.47 -27.34 -26.49
C TYR J 226 40.82 -25.98 -26.68
N HIS J 227 39.58 -26.00 -27.16
CA HIS J 227 38.75 -24.82 -27.19
C HIS J 227 38.28 -24.46 -25.78
N ARG J 228 37.59 -23.33 -25.66
CA ARG J 228 36.87 -23.06 -24.42
C ARG J 228 35.79 -24.11 -24.20
N GLY J 229 35.07 -24.47 -25.27
CA GLY J 229 34.02 -25.47 -25.15
C GLY J 229 34.53 -26.78 -24.60
N ASP J 230 35.71 -27.22 -25.07
CA ASP J 230 36.27 -28.47 -24.57
C ASP J 230 36.40 -28.44 -23.06
N ILE J 231 36.99 -27.39 -22.51
CA ILE J 231 37.19 -27.29 -21.07
C ILE J 231 35.85 -27.26 -20.36
N VAL J 232 34.95 -26.38 -20.80
CA VAL J 232 33.72 -26.17 -20.04
C VAL J 232 32.78 -27.37 -20.18
N GLU J 233 33.05 -28.26 -21.15
CA GLU J 233 32.20 -29.43 -21.34
C GLU J 233 32.76 -30.65 -20.63
N ARG J 234 34.09 -30.77 -20.57
CA ARG J 234 34.69 -31.92 -19.90
C ARG J 234 34.31 -31.95 -18.43
N LEU J 235 34.09 -30.79 -17.81
CA LEU J 235 33.70 -30.77 -16.41
C LEU J 235 32.31 -31.39 -16.23
N LEU J 236 31.37 -31.05 -17.10
CA LEU J 236 30.06 -31.68 -17.03
C LEU J 236 30.15 -33.18 -17.31
N ASN J 237 31.01 -33.57 -18.25
CA ASN J 237 31.20 -34.99 -18.48
C ASN J 237 31.74 -35.70 -17.24
N ASP J 238 32.64 -35.05 -16.50
CA ASP J 238 33.09 -35.62 -15.23
C ASP J 238 31.93 -35.72 -14.25
N GLN J 239 31.16 -34.64 -14.08
CA GLN J 239 30.06 -34.67 -13.14
C GLN J 239 29.13 -35.84 -13.42
N ASP J 240 28.84 -36.11 -14.69
CA ASP J 240 28.04 -37.26 -15.05
C ASP J 240 28.84 -38.56 -15.05
N ALA J 241 30.16 -38.49 -14.91
CA ALA J 241 30.98 -39.70 -14.88
C ALA J 241 30.84 -40.41 -13.54
N LEU J 242 30.69 -39.66 -12.44
CA LEU J 242 30.64 -40.22 -11.10
C LEU J 242 29.21 -40.40 -10.59
N LEU J 243 28.27 -40.69 -11.49
CA LEU J 243 26.96 -41.23 -11.13
C LEU J 243 26.81 -42.65 -11.67
N ASN J 244 27.95 -43.33 -11.83
CA ASN J 244 27.96 -44.66 -12.44
C ASN J 244 28.47 -45.72 -11.48
N THR J 245 29.61 -45.46 -10.84
CA THR J 245 30.24 -46.45 -10.00
C THR J 245 29.42 -46.66 -8.72
N PRO J 246 29.63 -47.79 -8.03
CA PRO J 246 28.97 -47.96 -6.73
C PRO J 246 29.26 -46.82 -5.77
N GLU J 247 30.48 -46.28 -5.79
CA GLU J 247 30.83 -45.18 -4.91
C GLU J 247 30.01 -43.94 -5.24
N GLY J 248 29.98 -43.55 -6.51
CA GLY J 248 29.20 -42.38 -6.90
C GLY J 248 27.72 -42.57 -6.64
N ARG J 249 27.21 -43.76 -6.96
CA ARG J 249 25.82 -44.08 -6.63
C ARG J 249 25.56 -43.84 -5.14
N VAL J 250 26.43 -44.40 -4.30
CA VAL J 250 26.27 -44.24 -2.85
C VAL J 250 26.23 -42.77 -2.47
N PHE J 251 27.19 -41.99 -2.98
CA PHE J 251 27.32 -40.62 -2.52
C PHE J 251 26.12 -39.78 -2.96
N ASP J 252 25.78 -39.83 -4.25
CA ASP J 252 24.67 -39.01 -4.72
C ASP J 252 23.35 -39.47 -4.11
N SER J 253 23.23 -40.77 -3.82
CA SER J 253 22.07 -41.23 -3.07
C SER J 253 22.02 -40.62 -1.68
N PHE J 254 23.17 -40.53 -1.00
CA PHE J 254 23.18 -39.94 0.33
C PHE J 254 22.83 -38.45 0.28
N GLN J 255 23.39 -37.72 -0.66
CA GLN J 255 23.20 -36.26 -0.67
C GLN J 255 21.72 -35.91 -0.62
N GLN J 256 20.89 -36.57 -1.44
CA GLN J 256 19.46 -36.31 -1.37
C GLN J 256 18.90 -36.63 0.01
N GLN J 257 19.50 -37.55 0.74
CA GLN J 257 18.92 -37.95 2.01
C GLN J 257 19.22 -36.99 3.13
N LEU J 258 19.67 -35.77 2.81
CA LEU J 258 19.57 -34.64 3.72
C LEU J 258 18.41 -33.72 3.37
N ARG J 259 18.11 -33.58 2.08
CA ARG J 259 17.03 -32.71 1.65
C ARG J 259 15.67 -33.28 2.08
N GLN J 260 15.50 -34.60 1.99
CA GLN J 260 14.30 -35.28 2.44
C GLN J 260 14.72 -36.19 3.59
N SER J 261 14.74 -35.64 4.80
CA SER J 261 15.37 -36.31 5.92
C SER J 261 14.49 -37.41 6.50
N SER J 262 14.13 -38.38 5.66
CA SER J 262 13.38 -39.54 6.08
C SER J 262 14.18 -40.40 7.04
N GLU J 263 15.32 -40.92 6.57
CA GLU J 263 16.03 -41.96 7.31
C GLU J 263 17.03 -41.40 8.32
N LEU J 264 17.60 -40.22 8.07
CA LEU J 264 18.71 -39.75 8.90
C LEU J 264 18.28 -39.34 10.30
N LYS J 265 17.03 -39.61 10.68
CA LYS J 265 16.64 -39.74 12.08
C LYS J 265 16.49 -41.21 12.45
N ALA J 266 15.96 -42.02 11.54
CA ALA J 266 15.69 -43.42 11.82
C ALA J 266 16.98 -44.18 12.15
N MET J 267 18.03 -43.94 11.35
CA MET J 267 19.27 -44.68 11.54
C MET J 267 19.87 -44.40 12.91
N SER J 268 20.03 -43.12 13.25
CA SER J 268 20.55 -42.76 14.57
C SER J 268 19.66 -43.33 15.67
N GLU J 269 18.33 -43.21 15.50
CA GLU J 269 17.42 -43.65 16.56
C GLU J 269 17.56 -45.15 16.82
N ARG J 270 17.50 -45.95 15.75
CA ARG J 270 17.63 -47.39 15.91
C ARG J 270 19.00 -47.77 16.46
N LEU J 271 20.07 -47.10 16.02
CA LEU J 271 21.38 -47.36 16.60
C LEU J 271 21.36 -47.10 18.10
N ARG J 272 20.75 -45.98 18.51
CA ARG J 272 20.59 -45.72 19.94
C ARG J 272 19.87 -46.88 20.62
N VAL J 273 18.86 -47.45 19.95
CA VAL J 273 18.15 -48.59 20.52
C VAL J 273 19.10 -49.76 20.71
N ILE J 274 19.85 -50.12 19.66
CA ILE J 274 20.71 -51.29 19.73
C ILE J 274 21.75 -51.11 20.83
N LEU J 275 22.43 -49.97 20.85
CA LEU J 275 23.45 -49.74 21.87
C LEU J 275 22.87 -49.73 23.28
N SER J 276 21.55 -49.57 23.42
CA SER J 276 20.92 -49.66 24.73
C SER J 276 20.84 -51.09 25.24
N HIS J 277 21.05 -52.08 24.39
CA HIS J 277 21.01 -53.46 24.83
C HIS J 277 22.25 -53.78 25.65
N PRO J 278 22.11 -54.46 26.79
CA PRO J 278 23.30 -54.69 27.64
C PRO J 278 24.42 -55.44 26.93
N SER J 279 24.14 -56.62 26.38
CA SER J 279 25.19 -57.45 25.79
C SER J 279 26.06 -56.69 24.80
N ALA J 280 25.57 -55.59 24.23
CA ALA J 280 26.38 -54.81 23.31
C ALA J 280 27.71 -54.44 23.92
N SER J 281 27.75 -54.20 25.24
CA SER J 281 29.00 -53.84 25.90
C SER J 281 30.10 -54.84 25.59
N ASP J 282 29.81 -56.14 25.67
CA ASP J 282 30.79 -57.15 25.32
C ASP J 282 31.11 -57.17 23.83
N ALA J 283 30.12 -56.88 22.98
CA ALA J 283 30.34 -56.98 21.54
C ALA J 283 31.40 -56.01 21.06
N LEU J 284 31.35 -54.77 21.55
CA LEU J 284 32.20 -53.70 21.05
C LEU J 284 32.97 -53.05 22.19
N ASN J 285 34.20 -52.66 21.91
CA ASN J 285 34.94 -51.87 22.89
C ASN J 285 34.35 -50.47 22.97
N ARG J 286 34.67 -49.77 24.07
CA ARG J 286 33.97 -48.54 24.39
C ARG J 286 34.09 -47.50 23.28
N LEU J 287 35.29 -47.33 22.73
CA LEU J 287 35.48 -46.30 21.70
C LEU J 287 34.65 -46.59 20.47
N GLN J 288 34.58 -47.85 20.05
CA GLN J 288 33.71 -48.22 18.94
C GLN J 288 32.29 -47.73 19.19
N ARG J 289 31.76 -48.01 20.39
CA ARG J 289 30.39 -47.63 20.68
C ARG J 289 30.21 -46.12 20.64
N HIS J 290 31.12 -45.38 21.28
CA HIS J 290 31.00 -43.93 21.23
C HIS J 290 30.98 -43.43 19.79
N ASP J 291 31.90 -43.93 18.96
CA ASP J 291 31.95 -43.50 17.58
C ASP J 291 30.67 -43.83 16.85
N LEU J 292 30.14 -45.04 17.04
CA LEU J 292 28.97 -45.46 16.31
C LEU J 292 27.76 -44.62 16.70
N ARG J 293 27.63 -44.27 17.98
CA ARG J 293 26.48 -43.51 18.43
C ARG J 293 26.32 -42.22 17.63
N TRP J 294 27.42 -41.61 17.21
CA TRP J 294 27.39 -40.35 16.45
C TRP J 294 27.70 -40.57 14.97
N LEU J 295 27.20 -41.65 14.38
CA LEU J 295 27.54 -41.98 13.01
C LEU J 295 27.18 -40.84 12.05
N VAL J 296 25.96 -40.33 12.17
CA VAL J 296 25.46 -39.36 11.20
C VAL J 296 26.35 -38.11 11.17
N LYS J 297 26.70 -37.60 12.34
CA LYS J 297 27.52 -36.39 12.37
C LYS J 297 28.86 -36.64 11.69
N ARG J 298 29.49 -37.75 11.99
CA ARG J 298 30.82 -38.01 11.44
C ARG J 298 30.74 -38.17 9.93
N LEU J 299 29.67 -38.78 9.42
CA LEU J 299 29.52 -38.84 7.96
C LEU J 299 29.32 -37.44 7.38
N VAL J 300 28.46 -36.62 8.00
CA VAL J 300 28.22 -35.28 7.48
C VAL J 300 29.53 -34.50 7.41
N ASP J 301 30.32 -34.59 8.47
CA ASP J 301 31.57 -33.83 8.53
C ASP J 301 32.65 -34.43 7.65
N GLU J 302 32.55 -35.72 7.31
CA GLU J 302 33.48 -36.30 6.35
C GLU J 302 33.15 -35.85 4.93
N SER J 303 31.86 -35.77 4.61
CA SER J 303 31.45 -35.36 3.27
C SER J 303 31.99 -33.99 2.89
N GLN J 304 32.25 -33.13 3.88
CA GLN J 304 32.80 -31.82 3.58
C GLN J 304 34.09 -31.92 2.79
N THR J 305 34.90 -32.94 3.06
CA THR J 305 36.17 -33.08 2.35
C THR J 305 35.95 -33.22 0.86
N VAL J 306 35.00 -34.07 0.44
CA VAL J 306 34.82 -34.36 -0.98
C VAL J 306 34.41 -33.10 -1.74
N LEU J 307 33.43 -32.35 -1.22
CA LEU J 307 32.96 -31.18 -1.93
C LEU J 307 34.12 -30.29 -2.33
N GLN J 308 35.04 -30.03 -1.40
CA GLN J 308 36.24 -29.29 -1.76
C GLN J 308 37.07 -30.05 -2.78
N ALA J 309 37.19 -31.37 -2.63
CA ALA J 309 37.99 -32.14 -3.57
C ALA J 309 37.48 -31.99 -4.99
N ARG J 310 36.19 -31.71 -5.15
CA ARG J 310 35.64 -31.40 -6.46
C ARG J 310 35.85 -29.92 -6.80
N ALA J 311 35.79 -29.06 -5.78
CA ALA J 311 35.91 -27.63 -5.94
C ALA J 311 37.02 -27.24 -6.90
N ARG J 312 38.24 -27.72 -6.65
CA ARG J 312 39.41 -27.29 -7.43
C ARG J 312 39.08 -27.25 -8.92
N SER J 313 38.58 -28.35 -9.47
CA SER J 313 38.17 -28.35 -10.87
C SER J 313 37.05 -27.33 -11.11
N GLU J 314 36.15 -27.13 -10.15
CA GLU J 314 35.10 -26.14 -10.32
C GLU J 314 35.67 -24.73 -10.41
N ARG J 315 36.92 -24.53 -10.00
CA ARG J 315 37.58 -23.24 -10.05
C ARG J 315 38.56 -23.12 -11.21
N ASP J 316 39.07 -24.25 -11.70
CA ASP J 316 40.07 -24.22 -12.77
C ASP J 316 39.51 -23.57 -14.03
N VAL J 317 38.33 -23.99 -14.47
CA VAL J 317 37.81 -23.54 -15.75
C VAL J 317 37.71 -22.02 -15.77
N ARG J 318 37.26 -21.41 -14.67
CA ARG J 318 37.23 -19.95 -14.61
C ARG J 318 38.62 -19.38 -14.80
N GLY J 319 39.67 -20.18 -14.56
CA GLY J 319 41.03 -19.73 -14.78
C GLY J 319 41.39 -19.60 -16.25
N PHE J 320 40.57 -20.17 -17.15
CA PHE J 320 40.86 -20.11 -18.57
C PHE J 320 39.93 -19.17 -19.34
N MET J 321 38.71 -18.93 -18.84
CA MET J 321 37.78 -18.06 -19.54
C MET J 321 38.30 -16.63 -19.62
N LYS J 322 38.83 -16.11 -18.51
CA LYS J 322 39.17 -14.70 -18.44
C LYS J 322 40.43 -14.37 -19.24
N THR J 323 41.56 -14.97 -18.86
CA THR J 323 42.84 -14.56 -19.42
C THR J 323 43.08 -15.17 -20.80
N GLY J 324 42.22 -14.85 -21.76
CA GLY J 324 42.47 -15.24 -23.13
C GLY J 324 43.80 -14.68 -23.60
N LEU J 325 44.65 -15.54 -24.16
CA LEU J 325 45.99 -15.12 -24.52
C LEU J 325 45.95 -13.94 -25.49
N ALA J 326 46.79 -12.93 -25.22
CA ALA J 326 46.83 -11.73 -26.04
C ALA J 326 48.15 -11.01 -25.83
N ALA J 327 48.50 -10.18 -26.80
CA ALA J 327 49.67 -9.31 -26.73
C ALA J 327 50.92 -10.16 -26.48
N GLU J 328 51.97 -9.54 -25.93
CA GLU J 328 53.19 -10.28 -25.59
C GLU J 328 52.90 -11.43 -24.64
N HIS J 329 51.84 -11.29 -23.83
CA HIS J 329 51.47 -12.37 -22.92
C HIS J 329 51.11 -13.63 -23.68
N HIS J 330 50.44 -13.49 -24.83
CA HIS J 330 50.14 -14.66 -25.65
C HIS J 330 51.42 -15.40 -26.03
N ARG J 331 52.40 -14.67 -26.57
CA ARG J 331 53.64 -15.31 -27.00
C ARG J 331 54.36 -15.96 -25.84
N VAL J 332 54.47 -15.24 -24.72
CA VAL J 332 55.21 -15.76 -23.58
C VAL J 332 54.51 -17.00 -23.03
N GLY J 333 53.19 -16.95 -22.90
CA GLY J 333 52.46 -18.10 -22.39
C GLY J 333 52.54 -19.29 -23.33
N HIS J 334 52.49 -19.03 -24.63
CA HIS J 334 52.59 -20.13 -25.61
C HIS J 334 53.96 -20.78 -25.54
N LEU J 335 55.02 -19.97 -25.44
CA LEU J 335 56.36 -20.52 -25.30
C LEU J 335 56.47 -21.33 -24.01
N LEU J 336 55.91 -20.82 -22.92
CA LEU J 336 55.92 -21.55 -21.66
C LEU J 336 55.19 -22.87 -21.80
N ASN J 337 54.04 -22.87 -22.48
CA ASN J 337 53.27 -24.09 -22.68
C ASN J 337 54.06 -25.09 -23.51
N GLU J 338 54.72 -24.63 -24.58
CA GLU J 338 55.56 -25.51 -25.36
C GLU J 338 56.64 -26.14 -24.49
N PHE J 339 57.35 -25.31 -23.71
CA PHE J 339 58.39 -25.84 -22.84
C PHE J 339 57.82 -26.88 -21.89
N LEU J 340 56.71 -26.56 -21.23
CA LEU J 340 56.11 -27.48 -20.27
C LEU J 340 55.73 -28.80 -20.94
N ASN J 341 55.10 -28.73 -22.11
CA ASN J 341 54.70 -29.96 -22.81
C ASN J 341 55.92 -30.81 -23.15
N LEU J 342 56.96 -30.16 -23.67
CA LEU J 342 58.17 -30.89 -24.02
C LEU J 342 58.80 -31.53 -22.79
N ALA J 343 58.77 -30.83 -21.65
CA ALA J 343 59.39 -31.36 -20.44
C ALA J 343 58.80 -32.71 -20.05
N LEU J 344 57.55 -32.96 -20.42
CA LEU J 344 56.91 -34.23 -20.05
C LEU J 344 57.68 -35.43 -20.56
N LYS J 345 58.36 -35.31 -21.70
CA LYS J 345 59.04 -36.46 -22.30
C LYS J 345 60.09 -37.04 -21.38
N LEU J 346 60.65 -36.24 -20.48
CA LEU J 346 61.82 -36.64 -19.73
C LEU J 346 61.47 -37.58 -18.59
N ASP J 347 62.48 -38.31 -18.13
CA ASP J 347 62.40 -39.09 -16.89
C ASP J 347 62.99 -38.22 -15.78
N TRP J 348 62.12 -37.58 -14.99
CA TRP J 348 62.55 -36.57 -14.03
C TRP J 348 63.01 -37.19 -12.72
N GLN J 349 62.98 -38.51 -12.58
CA GLN J 349 63.27 -39.13 -11.28
C GLN J 349 64.73 -39.00 -10.90
N ARG J 350 65.64 -38.95 -11.87
CA ARG J 350 67.07 -38.94 -11.57
C ARG J 350 67.50 -37.59 -11.04
N GLN J 351 68.10 -37.58 -9.84
CA GLN J 351 68.59 -36.34 -9.25
C GLN J 351 69.61 -35.67 -10.16
N MET J 352 70.63 -36.42 -10.60
CA MET J 352 71.68 -35.84 -11.43
C MET J 352 71.08 -35.15 -12.65
N ILE J 353 70.07 -35.77 -13.27
CA ILE J 353 69.43 -35.15 -14.42
C ILE J 353 68.74 -33.86 -14.01
N ARG J 354 68.02 -33.87 -12.89
CA ARG J 354 67.40 -32.65 -12.40
C ARG J 354 68.45 -31.62 -12.01
N LYS J 355 69.66 -32.06 -11.69
CA LYS J 355 70.76 -31.16 -11.37
C LYS J 355 71.56 -30.74 -12.59
N GLN J 356 71.27 -31.31 -13.77
CA GLN J 356 72.03 -30.94 -14.96
C GLN J 356 71.89 -29.46 -15.24
N GLU J 357 73.00 -28.81 -15.57
CA GLU J 357 73.07 -27.36 -15.64
C GLU J 357 72.46 -26.87 -16.94
N VAL J 358 71.82 -25.70 -16.89
CA VAL J 358 71.02 -25.19 -18.00
C VAL J 358 71.72 -23.99 -18.64
N PRO J 359 71.35 -23.60 -19.87
CA PRO J 359 71.99 -22.45 -20.51
C PRO J 359 71.40 -21.10 -20.11
N LEU J 360 70.62 -21.02 -19.04
CA LEU J 360 69.99 -19.76 -18.69
C LEU J 360 71.05 -18.73 -18.32
N PRO J 361 70.80 -17.44 -18.57
CA PRO J 361 71.82 -16.42 -18.34
C PRO J 361 71.97 -16.08 -16.87
N ALA J 362 73.22 -15.86 -16.45
CA ALA J 362 73.51 -15.45 -15.08
C ALA J 362 73.19 -13.97 -14.94
N VAL J 363 72.01 -13.67 -14.40
CA VAL J 363 71.58 -12.31 -14.20
C VAL J 363 71.23 -12.13 -12.73
N GLY J 364 71.29 -10.88 -12.26
CA GLY J 364 71.14 -10.62 -10.84
C GLY J 364 72.20 -11.31 -10.02
N VAL J 365 73.45 -11.28 -10.47
CA VAL J 365 74.54 -12.04 -9.84
C VAL J 365 74.81 -11.47 -8.47
N ALA J 366 74.84 -12.33 -7.46
CA ALA J 366 75.20 -11.90 -6.11
C ALA J 366 76.71 -12.04 -5.93
N VAL J 367 77.38 -10.89 -5.75
CA VAL J 367 78.82 -10.84 -5.54
C VAL J 367 79.04 -10.24 -4.16
N THR J 368 79.72 -10.98 -3.29
CA THR J 368 79.92 -10.55 -1.91
C THR J 368 80.86 -11.53 -1.23
N GLY J 369 81.17 -11.24 0.03
CA GLY J 369 82.03 -12.11 0.80
C GLY J 369 83.49 -12.06 0.41
N ILE J 370 84.09 -10.88 0.42
CA ILE J 370 85.50 -10.76 0.05
C ILE J 370 86.34 -11.47 1.11
N PRO J 371 87.32 -12.33 0.72
CA PRO J 371 88.16 -13.03 1.69
C PRO J 371 89.35 -12.21 2.20
N ALA J 372 89.06 -11.02 2.73
CA ALA J 372 90.11 -10.14 3.20
C ALA J 372 90.61 -10.58 4.57
N ILE J 373 91.88 -10.28 4.84
CA ILE J 373 92.47 -10.69 6.12
C ILE J 373 91.81 -9.94 7.27
N GLU J 374 91.48 -8.66 7.06
CA GLU J 374 90.84 -7.87 8.10
C GLU J 374 89.54 -8.49 8.58
N ARG J 375 88.87 -9.28 7.73
CA ARG J 375 87.61 -9.91 8.13
C ARG J 375 87.80 -10.84 9.31
N LEU J 376 89.03 -11.33 9.52
CA LEU J 376 89.29 -12.29 10.58
C LEU J 376 89.51 -11.58 11.91
N ARG J 377 88.80 -12.05 12.93
CA ARG J 377 89.05 -11.63 14.30
C ARG J 377 89.05 -12.85 15.19
N PHE J 378 89.81 -12.76 16.29
CA PHE J 378 89.85 -13.82 17.29
C PHE J 378 88.83 -13.53 18.38
N LYS J 379 88.59 -14.52 19.23
CA LYS J 379 87.85 -14.28 20.46
C LYS J 379 88.47 -13.08 21.18
N GLU J 380 87.66 -12.36 21.93
CA GLU J 380 88.10 -11.11 22.53
C GLU J 380 87.80 -11.01 24.02
N VAL J 381 87.63 -12.14 24.70
CA VAL J 381 87.40 -12.17 26.15
C VAL J 381 87.97 -13.46 26.71
N ASP J 382 88.35 -13.41 28.00
CA ASP J 382 88.88 -14.57 28.69
C ASP J 382 88.36 -14.70 30.12
N ASP J 383 87.32 -13.96 30.49
CA ASP J 383 86.86 -13.95 31.86
C ASP J 383 86.13 -15.26 32.21
N GLU J 384 85.95 -15.49 33.51
CA GLU J 384 85.24 -16.67 33.99
C GLU J 384 84.87 -16.46 35.44
N ALA J 385 83.63 -16.82 35.79
CA ALA J 385 83.17 -16.74 37.16
C ALA J 385 81.84 -17.46 37.27
N GLU J 386 81.45 -17.78 38.50
CA GLU J 386 80.24 -18.54 38.79
C GLU J 386 79.28 -17.68 39.60
N GLN J 387 77.99 -17.76 39.28
CA GLN J 387 76.93 -17.19 40.11
C GLN J 387 76.57 -18.23 41.17
N THR J 388 77.32 -18.19 42.27
CA THR J 388 77.29 -19.28 43.25
C THR J 388 75.87 -19.59 43.68
N LEU J 389 75.68 -20.82 44.17
CA LEU J 389 74.36 -21.30 44.59
C LEU J 389 74.09 -20.83 46.00
N ASP J 390 73.08 -19.98 46.16
CA ASP J 390 72.66 -19.51 47.48
C ASP J 390 71.38 -20.23 47.88
N LEU J 391 71.57 -21.42 48.44
CA LEU J 391 70.45 -22.24 48.91
C LEU J 391 70.17 -22.02 50.39
N SER J 392 70.48 -20.83 50.90
CA SER J 392 70.15 -20.51 52.28
C SER J 392 68.66 -20.65 52.51
N ASN J 393 68.28 -21.44 53.53
CA ASN J 393 66.88 -21.74 53.78
C ASN J 393 66.22 -20.55 54.45
N HIS J 394 65.69 -19.65 53.63
CA HIS J 394 65.01 -18.47 54.13
C HIS J 394 63.67 -18.85 54.75
N ALA J 395 63.17 -17.98 55.62
CA ALA J 395 61.86 -18.14 56.21
C ALA J 395 61.34 -16.78 56.63
N ALA J 396 60.02 -16.68 56.76
CA ALA J 396 59.41 -15.42 57.14
C ALA J 396 59.71 -15.10 58.60
N ASP J 397 59.53 -13.82 58.96
CA ASP J 397 59.82 -13.34 60.31
C ASP J 397 58.54 -12.68 60.83
N LEU J 398 57.75 -13.45 61.56
CA LEU J 398 56.44 -13.05 62.05
C LEU J 398 56.47 -11.83 62.95
N THR J 399 57.64 -11.36 63.38
CA THR J 399 57.73 -10.19 64.24
C THR J 399 57.76 -8.88 63.48
N GLN J 400 57.42 -8.90 62.18
CA GLN J 400 57.67 -7.76 61.30
C GLN J 400 56.40 -7.10 60.78
N ILE J 401 55.23 -7.75 60.92
CA ILE J 401 53.99 -7.24 60.36
C ILE J 401 53.08 -6.76 61.49
N GLY J 402 52.22 -5.79 61.15
CA GLY J 402 51.51 -5.01 62.13
C GLY J 402 50.06 -5.42 62.34
N ASP J 403 49.33 -4.55 63.05
CA ASP J 403 48.02 -4.87 63.57
C ASP J 403 46.94 -4.96 62.49
N ASP J 404 47.15 -4.40 61.30
CA ASP J 404 46.20 -4.62 60.22
C ASP J 404 46.03 -6.11 59.97
N PHE J 405 47.04 -6.91 60.27
CA PHE J 405 46.96 -8.36 60.22
C PHE J 405 46.39 -8.92 61.52
N TRP J 406 46.98 -8.55 62.65
CA TRP J 406 46.68 -9.23 63.92
C TRP J 406 45.24 -8.98 64.36
N ASP J 407 44.77 -7.73 64.27
CA ASP J 407 43.37 -7.45 64.58
C ASP J 407 42.45 -8.29 63.72
N ALA J 408 42.74 -8.40 62.42
CA ALA J 408 41.94 -9.27 61.56
C ALA J 408 41.94 -10.69 62.07
N PHE J 409 43.11 -11.19 62.50
CA PHE J 409 43.15 -12.52 63.10
C PHE J 409 42.22 -12.63 64.29
N ASN J 410 41.93 -11.50 64.94
CA ASN J 410 41.05 -11.47 66.10
C ASN J 410 39.62 -11.20 65.67
N GLY J 411 39.09 -12.05 64.80
CA GLY J 411 37.70 -11.91 64.41
C GLY J 411 36.78 -12.24 65.57
N LEU J 412 35.60 -11.59 65.57
CA LEU J 412 34.59 -11.84 66.59
C LEU J 412 33.69 -12.98 66.14
N ASP J 413 33.79 -14.12 66.81
CA ASP J 413 32.94 -15.26 66.48
C ASP J 413 31.47 -14.87 66.64
N ARG J 414 30.60 -15.63 65.96
CA ARG J 414 29.16 -15.47 66.09
C ARG J 414 28.53 -16.66 66.79
N GLU J 415 29.12 -17.85 66.67
CA GLU J 415 28.52 -19.06 67.22
C GLU J 415 28.61 -19.07 68.74
N VAL J 416 29.75 -18.70 69.31
CA VAL J 416 29.88 -18.65 70.76
C VAL J 416 28.82 -17.74 71.35
N LEU J 417 28.59 -16.60 70.71
CA LEU J 417 27.57 -15.67 71.19
C LEU J 417 26.21 -16.33 71.17
N ILE J 418 25.88 -17.07 70.11
CA ILE J 418 24.58 -17.73 70.01
C ILE J 418 24.42 -18.75 71.12
N GLN J 419 25.47 -19.55 71.35
CA GLN J 419 25.41 -20.55 72.42
C GLN J 419 25.17 -19.86 73.76
N GLN J 420 25.84 -18.74 73.99
CA GLN J 420 25.64 -18.03 75.26
C GLN J 420 24.25 -17.41 75.35
N THR J 421 23.70 -16.92 74.24
CA THR J 421 22.33 -16.43 74.26
C THR J 421 21.38 -17.51 74.74
N LEU J 422 21.44 -18.68 74.10
CA LEU J 422 20.55 -19.77 74.49
C LEU J 422 20.82 -20.19 75.93
N GLN J 423 22.09 -20.28 76.31
CA GLN J 423 22.46 -20.69 77.67
C GLN J 423 21.84 -19.77 78.71
N LEU J 424 22.01 -18.46 78.55
CA LEU J 424 21.51 -17.51 79.53
C LEU J 424 19.99 -17.47 79.53
N LEU J 425 19.37 -17.40 78.33
CA LEU J 425 17.93 -17.27 78.27
C LEU J 425 17.23 -18.49 78.83
N ALA J 426 17.79 -19.68 78.60
CA ALA J 426 17.22 -20.89 79.18
C ALA J 426 17.18 -20.79 80.70
N LYS J 427 18.27 -20.33 81.32
CA LYS J 427 18.30 -20.19 82.77
C LYS J 427 17.29 -19.14 83.23
N GLU J 428 17.24 -17.99 82.56
CA GLU J 428 16.35 -16.93 83.03
C GLU J 428 14.89 -17.26 82.78
N ASN J 429 14.59 -18.00 81.72
CA ASN J 429 13.23 -18.46 81.44
C ASN J 429 12.23 -17.29 81.46
N ARG J 430 12.59 -16.21 80.78
CA ARG J 430 11.74 -15.02 80.74
C ARG J 430 12.22 -14.14 79.60
N PRO J 431 11.40 -13.20 79.16
CA PRO J 431 11.87 -12.22 78.17
C PRO J 431 12.95 -11.33 78.77
N VAL J 432 14.09 -11.26 78.08
CA VAL J 432 15.24 -10.48 78.53
C VAL J 432 15.45 -9.34 77.55
N GLY J 433 15.54 -8.11 78.08
CA GLY J 433 15.78 -6.97 77.24
C GLY J 433 17.22 -6.91 76.75
N LEU J 434 17.39 -6.26 75.60
CA LEU J 434 18.72 -6.12 75.02
C LEU J 434 19.68 -5.47 76.00
N ALA J 435 19.22 -4.45 76.73
CA ALA J 435 20.10 -3.75 77.66
C ALA J 435 20.67 -4.70 78.69
N GLU J 436 19.81 -5.44 79.40
CA GLU J 436 20.31 -6.42 80.36
C GLU J 436 21.18 -7.46 79.67
N LEU J 437 20.71 -7.97 78.53
CA LEU J 437 21.42 -9.05 77.86
C LEU J 437 22.86 -8.68 77.59
N ALA J 438 23.10 -7.51 77.01
CA ALA J 438 24.47 -7.04 76.81
C ALA J 438 25.15 -6.78 78.15
N GLU J 439 24.41 -6.19 79.10
CA GLU J 439 25.00 -5.91 80.42
C GLU J 439 25.37 -7.19 81.16
N LEU J 440 24.65 -8.28 80.88
CA LEU J 440 24.98 -9.57 81.49
C LEU J 440 26.14 -10.26 80.77
N LEU J 441 26.48 -9.83 79.57
CA LEU J 441 27.57 -10.41 78.80
C LEU J 441 28.31 -9.30 78.07
N PRO J 442 28.77 -8.28 78.77
CA PRO J 442 29.32 -7.10 78.10
C PRO J 442 30.39 -7.49 77.10
N PRO J 443 30.14 -7.30 75.80
CA PRO J 443 31.15 -7.69 74.80
C PRO J 443 32.05 -6.54 74.42
N ALA J 444 33.36 -6.80 74.29
CA ALA J 444 34.28 -5.77 73.84
C ALA J 444 33.89 -5.29 72.43
N HIS J 445 33.90 -6.20 71.47
CA HIS J 445 33.39 -5.91 70.14
C HIS J 445 31.86 -5.89 70.21
N ASP J 446 31.27 -4.70 70.26
CA ASP J 446 29.90 -4.56 70.72
C ASP J 446 28.85 -4.59 69.61
N LEU J 447 28.95 -3.67 68.64
CA LEU J 447 27.83 -3.44 67.71
C LEU J 447 27.33 -4.74 67.09
N GLU J 448 28.25 -5.62 66.67
CA GLU J 448 27.84 -6.84 66.00
C GLU J 448 26.95 -7.70 66.90
N THR J 449 27.19 -7.67 68.20
CA THR J 449 26.34 -8.44 69.11
C THR J 449 24.91 -7.93 69.09
N PHE J 450 24.72 -6.61 69.15
CA PHE J 450 23.39 -6.05 69.07
C PHE J 450 22.73 -6.39 67.75
N ALA J 451 23.49 -6.29 66.66
CA ALA J 451 22.93 -6.64 65.35
C ALA J 451 22.48 -8.09 65.31
N VAL J 452 23.30 -9.00 65.84
CA VAL J 452 22.95 -10.41 65.82
C VAL J 452 21.68 -10.65 66.64
N TRP J 453 21.60 -10.05 67.82
CA TRP J 453 20.42 -10.24 68.66
C TRP J 453 19.17 -9.72 67.94
N ILE J 454 19.27 -8.54 67.34
CA ILE J 454 18.11 -7.97 66.65
C ILE J 454 17.67 -8.86 65.51
N GLY J 455 18.61 -9.37 64.72
CA GLY J 455 18.27 -10.26 63.63
C GLY J 455 17.59 -11.53 64.12
N MET J 456 18.15 -12.12 65.18
CA MET J 456 17.53 -13.30 65.77
C MET J 456 16.11 -13.02 66.19
N ALA J 457 15.86 -11.80 66.68
CA ALA J 457 14.49 -11.45 67.07
C ALA J 457 13.55 -11.57 65.87
N ARG J 458 13.95 -11.04 64.72
CA ARG J 458 13.10 -11.15 63.54
C ARG J 458 12.91 -12.60 63.13
N GLU J 459 14.00 -13.37 63.12
CA GLU J 459 13.92 -14.74 62.63
C GLU J 459 13.05 -15.61 63.54
N ALA J 460 13.04 -15.33 64.83
CA ALA J 460 12.31 -16.15 65.79
C ALA J 460 10.88 -15.68 66.02
N GLY J 461 10.46 -14.58 65.39
CA GLY J 461 9.10 -14.10 65.55
C GLY J 461 8.87 -13.18 66.72
N ILE J 462 9.90 -12.89 67.52
CA ILE J 462 9.79 -11.96 68.62
C ILE J 462 9.91 -10.55 68.05
N GLU J 463 8.79 -9.82 68.05
CA GLU J 463 8.76 -8.50 67.44
C GLU J 463 9.62 -7.51 68.21
N VAL J 464 10.24 -6.61 67.48
CA VAL J 464 11.04 -5.53 68.05
C VAL J 464 10.50 -4.22 67.50
N ILE J 465 10.55 -3.17 68.32
CA ILE J 465 9.80 -1.94 68.08
C ILE J 465 10.74 -0.74 68.14
N ASP J 466 10.74 0.05 67.05
CA ASP J 466 11.59 1.23 67.00
C ASP J 466 11.19 2.28 68.03
N SER J 467 9.89 2.53 68.18
CA SER J 467 9.39 3.68 68.92
C SER J 467 9.97 3.79 70.33
N GLN J 468 9.65 2.83 71.19
CA GLN J 468 10.00 2.91 72.61
C GLN J 468 11.51 2.74 72.77
N ARG J 469 12.21 3.85 72.94
CA ARG J 469 13.65 3.81 73.12
C ARG J 469 14.01 3.28 74.51
N GLU J 470 15.29 2.96 74.68
CA GLU J 470 15.84 2.57 75.97
C GLU J 470 17.35 2.56 75.84
N PHE J 471 18.03 2.73 76.97
CA PHE J 471 19.43 3.15 76.96
C PHE J 471 20.28 2.22 77.82
N ALA J 472 21.58 2.20 77.51
CA ALA J 472 22.56 1.43 78.25
C ALA J 472 23.94 1.96 77.92
N GLU J 473 24.93 1.55 78.71
CA GLU J 473 26.29 2.02 78.56
C GLU J 473 27.28 0.86 78.55
N LEU J 474 28.38 1.06 77.84
CA LEU J 474 29.51 0.13 77.83
C LEU J 474 30.78 0.94 77.57
N SER J 475 31.93 0.31 77.85
CA SER J 475 33.22 0.98 77.69
C SER J 475 34.12 0.12 76.79
N ASP J 476 35.07 0.79 76.15
CA ASP J 476 35.93 0.19 75.13
C ASP J 476 37.34 -0.01 75.68
N GLY J 477 38.25 -0.40 74.78
CA GLY J 477 39.62 -0.73 75.16
C GLY J 477 40.37 0.42 75.81
N GLU J 478 39.99 1.67 75.54
CA GLU J 478 40.64 2.82 76.15
C GLU J 478 39.76 3.46 77.21
N GLY J 479 38.85 2.69 77.81
CA GLY J 479 38.01 3.18 78.88
C GLY J 479 36.88 4.08 78.44
N ARG J 480 36.93 4.63 77.23
CA ARG J 480 35.86 5.49 76.75
C ARG J 480 34.53 4.75 76.81
N ARG J 481 33.51 5.41 77.35
CA ARG J 481 32.20 4.80 77.56
C ARG J 481 31.25 5.25 76.47
N TRP J 482 30.58 4.28 75.83
CA TRP J 482 29.61 4.53 74.78
C TRP J 482 28.21 4.42 75.36
N ARG J 483 27.34 5.36 74.99
CA ARG J 483 25.94 5.33 75.42
C ARG J 483 25.09 4.91 74.23
N PHE J 484 24.78 3.62 74.15
CA PHE J 484 23.96 3.10 73.07
C PHE J 484 22.51 3.52 73.26
N ASN J 485 21.78 3.60 72.15
CA ASN J 485 20.34 3.83 72.15
C ASN J 485 19.71 2.72 71.31
N LEU J 486 18.82 1.95 71.90
CA LEU J 486 18.37 0.68 71.35
C LEU J 486 16.87 0.65 71.26
N PRO J 487 16.30 -0.35 70.58
CA PRO J 487 14.85 -0.48 70.55
C PRO J 487 14.35 -1.35 71.69
N THR J 488 13.05 -1.19 72.00
CA THR J 488 12.46 -1.92 73.12
C THR J 488 12.07 -3.32 72.68
N THR J 489 12.48 -4.32 73.45
CA THR J 489 12.11 -5.70 73.17
C THR J 489 12.60 -6.58 74.29
N GLY J 490 12.00 -7.76 74.38
CA GLY J 490 12.45 -8.78 75.31
C GLY J 490 12.52 -10.12 74.61
N LEU J 491 13.60 -10.84 74.85
CA LEU J 491 13.91 -12.07 74.14
C LEU J 491 13.61 -13.25 75.06
N GLU J 492 12.80 -14.19 74.56
CA GLU J 492 12.35 -15.34 75.32
C GLU J 492 13.04 -16.60 74.82
N SER J 493 13.52 -17.41 75.76
CA SER J 493 14.27 -18.62 75.39
C SER J 493 13.43 -19.54 74.52
N GLN J 494 12.10 -19.50 74.70
CA GLN J 494 11.23 -20.45 73.99
C GLN J 494 11.38 -20.32 72.48
N ALA J 495 11.05 -19.15 71.93
CA ALA J 495 11.06 -18.99 70.48
C ALA J 495 12.46 -19.21 69.91
N LEU J 496 13.47 -18.63 70.56
CA LEU J 496 14.83 -18.74 70.04
C LEU J 496 15.33 -20.18 70.02
N MET J 497 15.13 -20.92 71.12
CA MET J 497 15.55 -22.32 71.15
C MET J 497 14.73 -23.16 70.19
N ASP J 498 13.48 -22.78 69.93
CA ASP J 498 12.64 -23.54 69.00
C ASP J 498 13.11 -23.36 67.57
N ILE J 499 13.37 -22.12 67.16
CA ILE J 499 13.69 -21.85 65.76
C ILE J 499 15.08 -22.41 65.43
N ASP J 500 15.23 -22.86 64.18
CA ASP J 500 16.51 -23.35 63.70
C ASP J 500 17.48 -22.20 63.43
N TRP J 501 18.76 -22.53 63.41
CA TRP J 501 19.82 -21.56 63.15
C TRP J 501 20.85 -22.19 62.22
N GLU J 502 21.22 -21.45 61.18
CA GLU J 502 22.24 -21.91 60.24
C GLU J 502 23.61 -21.90 60.90
N MET K 1 41.91 44.00 3.52
CA MET K 1 42.35 44.24 2.16
C MET K 1 41.40 45.20 1.46
N TYR K 2 41.95 46.17 0.74
CA TYR K 2 41.13 47.16 0.07
C TYR K 2 40.34 46.54 -1.07
N SER K 3 39.03 46.82 -1.09
CA SER K 3 38.21 46.51 -2.24
C SER K 3 38.46 47.55 -3.33
N PRO K 4 38.12 47.23 -4.57
CA PRO K 4 38.29 48.25 -5.64
C PRO K 4 37.56 49.55 -5.33
N ASP K 5 36.43 49.47 -4.64
CA ASP K 5 35.66 50.67 -4.32
C ASP K 5 36.46 51.61 -3.44
N GLU K 6 37.21 51.08 -2.48
CA GLU K 6 38.01 51.93 -1.60
C GLU K 6 39.06 52.69 -2.39
N LEU K 7 39.75 52.02 -3.31
CA LEU K 7 40.77 52.69 -4.11
C LEU K 7 40.15 53.69 -5.07
N ARG K 8 38.99 53.37 -5.63
CA ARG K 8 38.29 54.33 -6.48
C ARG K 8 37.92 55.57 -5.68
N GLU K 9 37.45 55.39 -4.45
CA GLU K 9 37.10 56.51 -3.59
C GLU K 9 38.32 57.34 -3.27
N LYS K 10 39.46 56.69 -3.01
CA LYS K 10 40.69 57.43 -2.74
C LYS K 10 41.12 58.26 -3.95
N LEU K 11 41.02 57.67 -5.14
CA LEU K 11 41.34 58.42 -6.35
C LEU K 11 40.39 59.60 -6.55
N ALA K 12 39.10 59.41 -6.25
CA ALA K 12 38.17 60.52 -6.32
C ALA K 12 38.54 61.62 -5.33
N ARG K 13 38.90 61.24 -4.11
CA ARG K 13 39.39 62.22 -3.14
C ARG K 13 40.56 63.00 -3.71
N GLN K 14 41.51 62.31 -4.32
CA GLN K 14 42.62 62.99 -4.98
C GLN K 14 42.12 63.96 -6.04
N TRP K 15 41.09 63.56 -6.78
CA TRP K 15 40.55 64.43 -7.84
C TRP K 15 40.05 65.76 -7.27
N ASP K 16 39.59 65.75 -6.02
CA ASP K 16 39.11 67.00 -5.42
C ASP K 16 40.18 68.08 -5.45
N SER K 17 41.46 67.68 -5.42
CA SER K 17 42.55 68.65 -5.44
C SER K 17 42.73 69.17 -6.86
N ALA K 18 42.52 70.47 -7.04
CA ALA K 18 42.79 71.08 -8.34
C ALA K 18 44.27 70.99 -8.69
N LYS K 19 45.14 71.06 -7.68
CA LYS K 19 46.58 70.95 -7.95
C LYS K 19 46.92 69.57 -8.50
N LEU K 20 46.30 68.51 -7.98
CA LEU K 20 46.60 67.17 -8.48
C LEU K 20 46.17 67.03 -9.94
N ARG K 21 44.99 67.55 -10.30
CA ARG K 21 44.56 67.51 -11.69
C ARG K 21 45.51 68.32 -12.57
N ALA K 22 45.87 69.52 -12.13
CA ALA K 22 46.72 70.38 -12.93
C ALA K 22 48.10 69.76 -13.15
N GLU K 23 48.64 69.10 -12.11
CA GLU K 23 49.95 68.47 -12.26
C GLU K 23 49.86 67.20 -13.10
N ARG K 24 48.80 66.41 -12.93
CA ARG K 24 48.64 65.19 -13.70
C ARG K 24 48.39 65.48 -15.17
N LEU K 25 47.93 66.68 -15.51
CA LEU K 25 47.92 67.12 -16.91
C LEU K 25 49.26 67.72 -17.34
N LEU K 26 49.78 68.68 -16.57
CA LEU K 26 51.00 69.39 -16.94
C LEU K 26 52.26 68.55 -16.73
N SER K 27 52.23 67.58 -15.83
CA SER K 27 53.40 66.78 -15.48
C SER K 27 53.06 65.31 -15.68
N PRO K 28 53.18 64.81 -16.91
CA PRO K 28 52.90 63.38 -17.16
C PRO K 28 53.77 62.45 -16.33
N GLY K 29 54.80 62.94 -15.65
CA GLY K 29 55.56 62.12 -14.74
C GLY K 29 54.73 61.55 -13.61
N ASN K 30 53.53 62.11 -13.39
CA ASN K 30 52.60 61.55 -12.40
C ASN K 30 52.13 60.16 -12.78
N TRP K 31 52.34 59.72 -14.01
CA TRP K 31 51.88 58.43 -14.49
C TRP K 31 53.06 57.50 -14.75
N PRO K 32 52.86 56.18 -14.62
CA PRO K 32 51.63 55.48 -14.24
C PRO K 32 51.29 55.64 -12.76
N LEU K 33 50.04 55.45 -12.39
CA LEU K 33 49.57 55.61 -11.02
C LEU K 33 49.05 54.28 -10.50
N CYS K 34 49.32 53.99 -9.23
CA CYS K 34 48.98 52.70 -8.65
C CYS K 34 48.58 52.87 -7.20
N LEU K 35 47.88 51.86 -6.68
CA LEU K 35 47.49 51.81 -5.28
C LEU K 35 47.57 50.37 -4.80
N PRO K 36 48.19 50.10 -3.65
CA PRO K 36 48.22 48.73 -3.14
C PRO K 36 46.85 48.28 -2.66
N ILE K 37 46.65 46.97 -2.67
CA ILE K 37 45.33 46.41 -2.33
C ILE K 37 45.19 46.04 -0.87
N GLY K 38 46.25 45.57 -0.22
CA GLY K 38 46.18 45.22 1.19
C GLY K 38 47.23 44.23 1.64
N LYS K 39 47.05 43.67 2.84
CA LYS K 39 48.03 42.79 3.48
C LYS K 39 47.33 41.50 3.88
N PRO K 40 47.20 40.54 2.96
CA PRO K 40 46.72 39.21 3.35
C PRO K 40 47.63 38.59 4.39
N SER K 41 47.02 37.89 5.35
CA SER K 41 47.78 37.28 6.44
C SER K 41 47.07 36.01 6.88
N THR K 42 47.82 35.15 7.57
CA THR K 42 47.26 33.88 8.02
C THR K 42 46.10 34.10 8.99
N LYS K 43 46.21 35.08 9.88
CA LYS K 43 45.13 35.37 10.81
C LYS K 43 43.82 35.62 10.07
N ILE K 44 43.88 36.39 8.97
CA ILE K 44 42.69 36.60 8.15
C ILE K 44 42.35 35.33 7.39
N PHE K 45 43.36 34.70 6.79
CA PHE K 45 43.11 33.57 5.90
C PHE K 45 42.44 32.40 6.64
N ALA K 46 42.90 32.10 7.85
CA ALA K 46 42.49 30.88 8.53
C ALA K 46 41.03 30.89 8.97
N GLU K 47 40.42 32.05 9.18
CA GLU K 47 39.08 32.12 9.76
C GLU K 47 38.10 32.84 8.84
N GLN K 48 38.61 33.71 7.97
CA GLN K 48 37.79 34.36 6.95
C GLN K 48 37.84 33.60 5.63
N THR K 49 37.96 32.27 5.72
CA THR K 49 38.21 31.44 4.54
C THR K 49 37.37 31.87 3.34
N GLN K 50 36.05 31.85 3.49
CA GLN K 50 35.18 32.18 2.36
C GLN K 50 35.18 33.67 2.06
N ARG K 51 35.27 34.52 3.07
CA ARG K 51 35.27 35.96 2.83
C ARG K 51 36.50 36.38 2.03
N VAL K 52 37.67 35.83 2.36
CA VAL K 52 38.88 36.17 1.61
C VAL K 52 38.75 35.71 0.16
N LEU K 53 38.22 34.51 -0.05
CA LEU K 53 38.01 34.02 -1.41
C LEU K 53 37.05 34.92 -2.17
N GLN K 54 36.01 35.43 -1.49
CA GLN K 54 35.06 36.29 -2.16
C GLN K 54 35.67 37.65 -2.50
N HIS K 55 36.54 38.17 -1.61
CA HIS K 55 37.28 39.38 -1.93
C HIS K 55 38.18 39.16 -3.14
N VAL K 56 38.85 38.00 -3.19
CA VAL K 56 39.69 37.68 -4.34
C VAL K 56 38.85 37.57 -5.60
N GLN K 57 37.64 37.04 -5.47
CA GLN K 57 36.72 37.00 -6.60
C GLN K 57 36.40 38.42 -7.09
N ARG K 58 36.04 39.30 -6.16
CA ARG K 58 35.71 40.67 -6.52
C ARG K 58 36.87 41.33 -7.24
N TRP K 59 38.10 41.08 -6.79
CA TRP K 59 39.25 41.67 -7.46
C TRP K 59 39.55 40.98 -8.79
N ARG K 60 39.16 39.71 -8.93
CA ARG K 60 39.34 39.01 -10.19
C ARG K 60 38.51 39.65 -11.30
N GLN K 61 37.38 40.26 -10.95
CA GLN K 61 36.46 40.82 -11.94
C GLN K 61 36.85 42.22 -12.39
N VAL K 62 37.89 42.81 -11.80
CA VAL K 62 38.33 44.15 -12.17
C VAL K 62 39.05 44.09 -13.51
N ALA K 63 38.74 45.04 -14.39
CA ALA K 63 39.39 45.13 -15.69
C ALA K 63 40.06 46.46 -15.95
N VAL K 64 39.53 47.57 -15.43
CA VAL K 64 40.19 48.86 -15.61
C VAL K 64 41.58 48.81 -14.99
N GLY K 65 42.56 49.40 -15.68
CA GLY K 65 43.93 49.27 -15.22
C GLY K 65 44.37 47.82 -15.26
N HIS K 66 45.14 47.42 -14.26
CA HIS K 66 45.52 46.03 -14.12
C HIS K 66 45.74 45.73 -12.64
N VAL K 67 45.68 44.43 -12.30
CA VAL K 67 45.78 43.96 -10.93
C VAL K 67 47.01 43.07 -10.81
N GLU K 68 47.86 43.38 -9.84
CA GLU K 68 49.03 42.55 -9.58
C GLU K 68 48.61 41.29 -8.83
N TRP K 69 49.14 40.14 -9.24
CA TRP K 69 48.78 38.86 -8.66
C TRP K 69 50.03 38.03 -8.37
N GLU K 70 49.98 37.27 -7.28
CA GLU K 70 51.04 36.33 -6.94
C GLU K 70 50.55 35.46 -5.80
N ALA K 71 51.28 34.38 -5.55
CA ALA K 71 50.85 33.35 -4.60
C ALA K 71 51.47 33.62 -3.23
N VAL K 72 50.62 33.63 -2.20
CA VAL K 72 51.05 33.86 -0.82
C VAL K 72 50.82 32.59 -0.01
N SER K 73 51.79 32.23 0.81
CA SER K 73 51.69 31.03 1.62
C SER K 73 51.04 31.34 2.97
N PHE K 74 50.27 30.37 3.47
CA PHE K 74 49.64 30.47 4.77
C PHE K 74 49.69 29.10 5.44
N ARG K 75 49.67 29.10 6.78
CA ARG K 75 49.84 27.85 7.50
C ARG K 75 48.58 26.99 7.44
N ALA K 76 47.41 27.62 7.31
CA ALA K 76 46.18 26.86 7.10
C ALA K 76 46.11 26.25 5.71
N SER K 77 46.95 26.68 4.79
CA SER K 77 46.97 26.19 3.42
C SER K 77 48.19 25.31 3.20
N ASP K 78 48.01 24.26 2.39
CA ASP K 78 49.11 23.35 2.11
C ASP K 78 50.07 23.90 1.06
N THR K 79 49.68 24.94 0.34
CA THR K 79 50.50 25.49 -0.73
C THR K 79 50.20 26.98 -0.85
N PRO K 80 51.08 27.74 -1.49
CA PRO K 80 50.79 29.16 -1.72
C PRO K 80 49.58 29.33 -2.61
N VAL K 81 48.86 30.43 -2.41
CA VAL K 81 47.61 30.71 -3.11
C VAL K 81 47.69 32.10 -3.70
N LEU K 82 47.25 32.23 -4.95
CA LEU K 82 47.28 33.53 -5.65
C LEU K 82 46.47 34.59 -4.89
N MET K 83 47.08 35.74 -4.68
CA MET K 83 46.51 36.93 -4.02
C MET K 83 46.74 38.16 -4.88
N PRO K 84 45.84 39.14 -4.80
CA PRO K 84 46.09 40.42 -5.47
C PRO K 84 46.77 41.42 -4.57
N LEU K 85 47.72 42.20 -5.12
CA LEU K 85 48.53 43.10 -4.30
C LEU K 85 48.52 44.55 -4.75
N ARG K 86 48.30 44.83 -6.03
CA ARG K 86 48.35 46.20 -6.52
C ARG K 86 47.35 46.38 -7.65
N TRP K 87 46.86 47.61 -7.78
CA TRP K 87 45.98 48.02 -8.88
C TRP K 87 46.61 49.23 -9.54
N ILE K 88 46.89 49.13 -10.84
CA ILE K 88 47.72 50.09 -11.55
C ILE K 88 46.87 50.79 -12.61
N LEU K 89 46.96 52.12 -12.65
CA LEU K 89 46.34 52.95 -13.68
C LEU K 89 47.45 53.71 -14.40
N ASN K 90 47.41 53.71 -15.72
CA ASN K 90 48.55 54.14 -16.52
C ASN K 90 48.42 55.54 -17.11
N SER K 91 47.20 56.06 -17.23
CA SER K 91 46.98 57.32 -17.94
C SER K 91 45.89 58.10 -17.24
N PRO K 92 45.78 59.40 -17.50
CA PRO K 92 44.64 60.16 -16.96
C PRO K 92 43.30 59.57 -17.39
N SER K 93 43.24 58.95 -18.57
CA SER K 93 42.02 58.31 -19.00
C SER K 93 41.61 57.20 -18.02
N GLU K 94 42.59 56.42 -17.55
CA GLU K 94 42.29 55.41 -16.55
C GLU K 94 41.78 56.03 -15.26
N TRP K 95 42.37 57.16 -14.84
CA TRP K 95 41.89 57.84 -13.65
C TRP K 95 40.44 58.30 -13.81
N ILE K 96 40.11 58.87 -14.97
CA ILE K 96 38.73 59.28 -15.24
C ILE K 96 37.81 58.06 -15.21
N ASN K 97 38.25 56.96 -15.81
CA ASN K 97 37.44 55.73 -15.81
C ASN K 97 37.16 55.28 -14.39
N ALA K 98 38.19 55.30 -13.53
CA ALA K 98 37.99 54.90 -12.14
C ALA K 98 37.02 55.85 -11.44
N ALA K 99 37.15 57.15 -11.67
CA ALA K 99 36.28 58.12 -11.02
C ALA K 99 34.84 57.97 -11.48
N ALA K 100 34.61 57.95 -12.79
CA ALA K 100 33.27 57.79 -13.37
C ALA K 100 32.29 58.78 -12.76
N ASP K 101 32.55 60.07 -13.00
CA ASP K 101 31.77 61.15 -12.42
C ASP K 101 31.54 62.21 -13.49
N PRO K 102 30.30 62.65 -13.70
CA PRO K 102 30.08 63.67 -14.74
C PRO K 102 30.87 64.95 -14.53
N VAL K 103 30.95 65.44 -13.30
CA VAL K 103 31.73 66.67 -13.07
C VAL K 103 33.21 66.41 -13.30
N VAL K 104 33.68 65.18 -13.08
CA VAL K 104 35.06 64.84 -13.42
C VAL K 104 35.29 65.05 -14.91
N SER K 105 34.37 64.57 -15.74
CA SER K 105 34.47 64.77 -17.17
C SER K 105 34.43 66.26 -17.52
N ARG K 106 33.50 67.00 -16.91
CA ARG K 106 33.40 68.43 -17.18
C ARG K 106 34.74 69.11 -16.92
N GLU K 107 35.30 68.90 -15.73
CA GLU K 107 36.54 69.57 -15.36
C GLU K 107 37.71 69.11 -16.23
N PHE K 108 37.77 67.80 -16.52
CA PHE K 108 38.85 67.29 -17.35
C PHE K 108 38.86 67.96 -18.72
N ARG K 109 37.71 67.94 -19.40
CA ARG K 109 37.63 68.55 -20.72
C ARG K 109 37.83 70.06 -20.63
N LEU K 110 37.25 70.71 -19.63
CA LEU K 110 37.35 72.16 -19.50
C LEU K 110 38.81 72.59 -19.33
N LEU K 111 39.56 71.89 -18.48
CA LEU K 111 40.95 72.25 -18.26
C LEU K 111 41.82 71.90 -19.46
N GLU K 112 41.57 70.74 -20.08
CA GLU K 112 42.33 70.40 -21.29
C GLU K 112 42.06 71.39 -22.41
N GLY K 113 40.90 72.05 -22.40
CA GLY K 113 40.64 73.10 -23.36
C GLY K 113 41.25 74.43 -22.96
N ILE K 114 41.25 74.73 -21.66
CA ILE K 114 41.80 76.00 -21.18
C ILE K 114 43.27 76.10 -21.53
N ILE K 115 44.04 75.05 -21.24
CA ILE K 115 45.46 75.06 -21.57
C ILE K 115 45.66 75.17 -23.08
N GLU K 116 44.74 74.63 -23.88
CA GLU K 116 44.80 74.74 -25.32
C GLU K 116 44.10 75.99 -25.85
N GLN K 117 43.13 76.52 -25.10
CA GLN K 117 42.36 77.67 -25.55
C GLN K 117 42.75 78.93 -24.78
N MET L 1 -27.30 53.00 -15.60
CA MET L 1 -27.09 52.82 -14.16
C MET L 1 -25.95 53.68 -13.65
N TYR L 2 -26.29 54.79 -13.02
CA TYR L 2 -25.29 55.69 -12.48
C TYR L 2 -24.79 55.18 -11.13
N SER L 3 -23.48 54.97 -11.04
CA SER L 3 -22.83 54.81 -9.75
C SER L 3 -22.76 56.19 -9.09
N PRO L 4 -22.47 56.24 -7.79
CA PRO L 4 -22.35 57.54 -7.13
C PRO L 4 -21.31 58.44 -7.78
N ASP L 5 -20.34 57.85 -8.50
CA ASP L 5 -19.27 58.64 -9.09
C ASP L 5 -19.81 59.62 -10.13
N GLU L 6 -20.71 59.17 -11.01
CA GLU L 6 -21.22 60.06 -12.06
C GLU L 6 -22.04 61.19 -11.46
N LEU L 7 -22.87 60.89 -10.45
CA LEU L 7 -23.66 61.95 -9.81
C LEU L 7 -22.75 62.95 -9.12
N ARG L 8 -21.71 62.46 -8.43
CA ARG L 8 -20.76 63.35 -7.80
C ARG L 8 -20.05 64.23 -8.82
N GLU L 9 -19.68 63.64 -9.96
CA GLU L 9 -19.03 64.42 -11.02
C GLU L 9 -19.97 65.49 -11.57
N LYS L 10 -21.25 65.15 -11.74
CA LYS L 10 -22.21 66.15 -12.20
C LYS L 10 -22.35 67.29 -11.19
N LEU L 11 -22.40 66.95 -9.90
CA LEU L 11 -22.47 67.99 -8.88
C LEU L 11 -21.22 68.87 -8.91
N ALA L 12 -20.04 68.27 -9.10
CA ALA L 12 -18.82 69.06 -9.22
C ALA L 12 -18.87 69.96 -10.44
N ARG L 13 -19.35 69.45 -11.57
CA ARG L 13 -19.51 70.27 -12.76
C ARG L 13 -20.40 71.47 -12.47
N GLN L 14 -21.50 71.24 -11.76
CA GLN L 14 -22.34 72.36 -11.31
C GLN L 14 -21.53 73.32 -10.45
N TRP L 15 -20.67 72.79 -9.58
CA TRP L 15 -19.86 73.64 -8.71
C TRP L 15 -18.94 74.54 -9.51
N ASP L 16 -18.54 74.12 -10.71
CA ASP L 16 -17.66 74.96 -11.52
C ASP L 16 -18.29 76.32 -11.80
N SER L 17 -19.62 76.38 -11.83
CA SER L 17 -20.32 77.64 -12.07
C SER L 17 -20.33 78.47 -10.80
N ALA L 18 -19.65 79.61 -10.83
CA ALA L 18 -19.69 80.52 -9.69
C ALA L 18 -21.11 80.99 -9.41
N LYS L 19 -21.92 81.17 -10.47
CA LYS L 19 -23.31 81.58 -10.28
C LYS L 19 -24.11 80.53 -9.55
N LEU L 20 -23.86 79.25 -9.84
CA LEU L 20 -24.59 78.20 -9.12
C LEU L 20 -24.24 78.19 -7.64
N ARG L 21 -22.96 78.38 -7.30
CA ARG L 21 -22.58 78.48 -5.90
C ARG L 21 -23.25 79.69 -5.25
N ALA L 22 -23.23 80.83 -5.95
CA ALA L 22 -23.80 82.05 -5.40
C ALA L 22 -25.29 81.90 -5.15
N GLU L 23 -26.00 81.23 -6.07
CA GLU L 23 -27.43 81.05 -5.90
C GLU L 23 -27.73 80.03 -4.81
N ARG L 24 -26.95 78.95 -4.75
CA ARG L 24 -27.17 77.92 -3.74
C ARG L 24 -26.82 78.40 -2.34
N LEU L 25 -26.05 79.47 -2.21
CA LEU L 25 -25.89 80.15 -0.93
C LEU L 25 -26.98 81.21 -0.70
N LEU L 26 -27.20 82.09 -1.67
CA LEU L 26 -28.14 83.19 -1.53
C LEU L 26 -29.59 82.76 -1.65
N SER L 27 -29.86 81.61 -2.27
CA SER L 27 -31.22 81.13 -2.50
C SER L 27 -31.33 79.71 -1.93
N PRO L 28 -31.54 79.59 -0.62
CA PRO L 28 -31.69 78.26 -0.02
C PRO L 28 -32.81 77.43 -0.65
N GLY L 29 -33.72 78.05 -1.40
CA GLY L 29 -34.71 77.29 -2.15
C GLY L 29 -34.12 76.27 -3.10
N ASN L 30 -32.81 76.36 -3.38
CA ASN L 30 -32.13 75.36 -4.18
C ASN L 30 -32.07 74.00 -3.49
N TRP L 31 -32.38 73.93 -2.20
CA TRP L 31 -32.28 72.72 -1.43
C TRP L 31 -33.67 72.22 -1.03
N PRO L 32 -33.84 70.90 -0.85
CA PRO L 32 -32.84 69.83 -1.00
C PRO L 32 -32.51 69.54 -2.45
N LEU L 33 -31.35 68.93 -2.71
CA LEU L 33 -30.90 68.64 -4.06
C LEU L 33 -30.77 67.13 -4.22
N CYS L 34 -31.18 66.63 -5.39
CA CYS L 34 -31.23 65.20 -5.63
C CYS L 34 -30.87 64.90 -7.08
N LEU L 35 -30.47 63.66 -7.32
CA LEU L 35 -30.17 63.16 -8.65
C LEU L 35 -30.67 61.72 -8.77
N PRO L 36 -31.18 61.33 -9.94
CA PRO L 36 -31.62 59.95 -10.12
C PRO L 36 -30.44 59.01 -10.29
N ILE L 37 -30.70 57.72 -10.01
CA ILE L 37 -29.64 56.72 -10.09
C ILE L 37 -29.71 55.93 -11.40
N GLY L 38 -30.90 55.50 -11.81
CA GLY L 38 -31.03 54.74 -13.04
C GLY L 38 -32.45 54.21 -13.18
N LYS L 39 -32.68 53.51 -14.29
CA LYS L 39 -33.99 52.95 -14.62
C LYS L 39 -33.85 51.44 -14.83
N PRO L 40 -34.01 50.65 -13.77
CA PRO L 40 -33.95 49.19 -13.93
C PRO L 40 -35.01 48.67 -14.88
N SER L 41 -34.64 47.64 -15.65
CA SER L 41 -35.55 47.00 -16.57
C SER L 41 -35.13 45.54 -16.71
N THR L 42 -36.09 44.70 -17.10
CA THR L 42 -35.81 43.28 -17.25
C THR L 42 -34.73 43.03 -18.29
N LYS L 43 -34.65 43.88 -19.31
CA LYS L 43 -33.60 43.73 -20.32
C LYS L 43 -32.21 43.74 -19.69
N ILE L 44 -32.03 44.45 -18.58
CA ILE L 44 -30.76 44.48 -17.87
C ILE L 44 -30.76 43.33 -16.86
N PHE L 45 -31.83 43.24 -16.06
CA PHE L 45 -31.86 42.29 -14.97
C PHE L 45 -31.71 40.85 -15.45
N ALA L 46 -32.25 40.54 -16.62
CA ALA L 46 -32.40 39.14 -17.04
C ALA L 46 -31.08 38.40 -17.12
N GLU L 47 -30.02 39.01 -17.66
CA GLU L 47 -28.76 38.30 -17.83
C GLU L 47 -27.59 39.06 -17.20
N GLN L 48 -27.82 40.30 -16.77
CA GLN L 48 -26.80 41.07 -16.08
C GLN L 48 -26.93 40.85 -14.58
N THR L 49 -27.43 39.67 -14.19
CA THR L 49 -27.81 39.42 -12.80
C THR L 49 -26.70 39.83 -11.85
N GLN L 50 -25.50 39.26 -12.01
CA GLN L 50 -24.43 39.55 -11.07
C GLN L 50 -23.99 41.01 -11.16
N ARG L 51 -23.94 41.57 -12.36
CA ARG L 51 -23.56 42.97 -12.50
C ARG L 51 -24.56 43.89 -11.80
N VAL L 52 -25.86 43.62 -11.98
CA VAL L 52 -26.87 44.43 -11.33
C VAL L 52 -26.78 44.29 -9.82
N LEU L 53 -26.56 43.05 -9.35
CA LEU L 53 -26.41 42.82 -7.92
C LEU L 53 -25.21 43.58 -7.36
N GLN L 54 -24.12 43.65 -8.12
CA GLN L 54 -22.94 44.37 -7.66
C GLN L 54 -23.16 45.88 -7.66
N HIS L 55 -23.89 46.39 -8.66
CA HIS L 55 -24.27 47.79 -8.65
C HIS L 55 -25.13 48.12 -7.43
N VAL L 56 -26.08 47.24 -7.12
CA VAL L 56 -26.90 47.41 -5.92
C VAL L 56 -26.04 47.35 -4.67
N GLN L 57 -25.05 46.46 -4.66
CA GLN L 57 -24.12 46.40 -3.53
C GLN L 57 -23.40 47.72 -3.36
N ARG L 58 -22.88 48.27 -4.46
CA ARG L 58 -22.15 49.52 -4.38
C ARG L 58 -23.02 50.65 -3.85
N TRP L 59 -24.28 50.71 -4.29
CA TRP L 59 -25.16 51.76 -3.79
C TRP L 59 -25.60 51.50 -2.36
N ARG L 60 -25.62 50.23 -1.94
CA ARG L 60 -25.97 49.92 -0.56
C ARG L 60 -24.97 50.52 0.42
N GLN L 61 -23.72 50.70 0.00
CA GLN L 61 -22.66 51.16 0.87
C GLN L 61 -22.63 52.68 1.00
N VAL L 62 -23.45 53.40 0.25
CA VAL L 62 -23.48 54.85 0.31
C VAL L 62 -24.17 55.30 1.58
N ALA L 63 -23.62 56.34 2.22
CA ALA L 63 -24.20 56.87 3.46
C ALA L 63 -24.45 58.37 3.35
N VAL L 64 -23.57 59.08 2.65
CA VAL L 64 -23.74 60.52 2.49
C VAL L 64 -25.06 60.80 1.81
N GLY L 65 -25.74 61.87 2.25
CA GLY L 65 -27.07 62.14 1.74
C GLY L 65 -28.01 61.02 2.12
N HIS L 66 -28.92 60.69 1.18
CA HIS L 66 -29.81 59.55 1.35
C HIS L 66 -30.03 58.91 -0.01
N VAL L 67 -30.34 57.62 0.01
CA VAL L 67 -30.56 56.83 -1.20
C VAL L 67 -31.98 56.29 -1.15
N GLU L 68 -32.73 56.52 -2.23
CA GLU L 68 -34.09 56.00 -2.33
C GLU L 68 -34.06 54.53 -2.72
N TRP L 69 -34.94 53.74 -2.10
CA TRP L 69 -35.00 52.30 -2.35
C TRP L 69 -36.45 51.85 -2.49
N GLU L 70 -36.68 50.87 -3.36
CA GLU L 70 -37.99 50.27 -3.52
C GLU L 70 -37.85 49.05 -4.43
N ALA L 71 -38.89 48.23 -4.47
CA ALA L 71 -38.85 46.94 -5.14
C ALA L 71 -39.39 47.05 -6.57
N VAL L 72 -38.63 46.52 -7.52
CA VAL L 72 -39.00 46.54 -8.93
C VAL L 72 -39.20 45.12 -9.41
N SER L 73 -40.33 44.86 -10.07
CA SER L 73 -40.62 43.55 -10.61
C SER L 73 -39.91 43.36 -11.95
N PHE L 74 -39.53 42.12 -12.24
CA PHE L 74 -38.91 41.76 -13.50
C PHE L 74 -39.45 40.40 -13.96
N ARG L 75 -39.42 40.18 -15.27
CA ARG L 75 -39.97 38.95 -15.81
C ARG L 75 -39.20 37.72 -15.32
N ALA L 76 -37.87 37.82 -15.27
CA ALA L 76 -37.04 36.69 -14.85
C ALA L 76 -37.08 36.44 -13.35
N SER L 77 -37.54 37.41 -12.56
CA SER L 77 -37.60 37.29 -11.11
C SER L 77 -38.99 36.88 -10.68
N ASP L 78 -39.07 35.97 -9.70
CA ASP L 78 -40.34 35.49 -9.21
C ASP L 78 -41.06 36.52 -8.33
N THR L 79 -40.35 37.53 -7.84
CA THR L 79 -40.95 38.53 -6.97
C THR L 79 -40.22 39.85 -7.19
N PRO L 80 -40.81 40.97 -6.78
CA PRO L 80 -40.12 42.25 -6.90
C PRO L 80 -38.85 42.28 -6.04
N VAL L 81 -37.86 43.04 -6.51
CA VAL L 81 -36.56 43.12 -5.87
C VAL L 81 -36.23 44.58 -5.61
N LEU L 82 -35.75 44.87 -4.40
CA LEU L 82 -35.41 46.24 -4.03
C LEU L 82 -34.36 46.81 -4.98
N MET L 83 -34.54 48.08 -5.34
CA MET L 83 -33.62 48.78 -6.24
C MET L 83 -33.41 50.21 -5.77
N PRO L 84 -32.24 50.79 -6.04
CA PRO L 84 -32.03 52.20 -5.72
C PRO L 84 -32.40 53.09 -6.90
N LEU L 85 -33.00 54.25 -6.59
CA LEU L 85 -33.55 55.09 -7.64
C LEU L 85 -33.07 56.53 -7.56
N ARG L 86 -32.78 57.03 -6.36
CA ARG L 86 -32.42 58.44 -6.18
C ARG L 86 -31.38 58.58 -5.10
N TRP L 87 -30.57 59.63 -5.23
CA TRP L 87 -29.59 60.03 -4.23
C TRP L 87 -29.83 61.50 -3.91
N ILE L 88 -30.03 61.81 -2.63
CA ILE L 88 -30.53 63.10 -2.19
C ILE L 88 -29.48 63.78 -1.31
N LEU L 89 -29.21 65.05 -1.59
CA LEU L 89 -28.37 65.90 -0.76
C LEU L 89 -29.23 67.05 -0.26
N ASN L 90 -29.14 67.37 1.03
CA ASN L 90 -30.10 68.24 1.67
C ASN L 90 -29.60 69.65 1.92
N SER L 91 -28.28 69.86 2.01
CA SER L 91 -27.75 71.16 2.42
C SER L 91 -26.49 71.44 1.61
N PRO L 92 -26.04 72.69 1.57
CA PRO L 92 -24.75 72.98 0.93
C PRO L 92 -23.62 72.19 1.54
N SER L 93 -23.72 71.85 2.83
CA SER L 93 -22.69 71.02 3.45
C SER L 93 -22.60 69.66 2.77
N GLU L 94 -23.75 69.06 2.45
CA GLU L 94 -23.74 67.80 1.74
C GLU L 94 -23.12 67.93 0.35
N TRP L 95 -23.44 69.03 -0.35
CA TRP L 95 -22.87 69.25 -1.67
C TRP L 95 -21.34 69.39 -1.58
N ILE L 96 -20.85 70.13 -0.58
CA ILE L 96 -19.41 70.26 -0.39
C ILE L 96 -18.80 68.90 -0.07
N ASN L 97 -19.46 68.13 0.79
CA ASN L 97 -18.99 66.78 1.09
C ASN L 97 -18.84 65.96 -0.19
N ALA L 98 -19.82 66.05 -1.09
CA ALA L 98 -19.73 65.33 -2.35
C ALA L 98 -18.56 65.84 -3.19
N ALA L 99 -18.40 67.16 -3.28
CA ALA L 99 -17.32 67.71 -4.11
C ALA L 99 -15.95 67.34 -3.54
N ALA L 100 -15.72 67.63 -2.25
CA ALA L 100 -14.52 67.19 -1.57
C ALA L 100 -13.23 67.58 -2.28
N ASP L 101 -12.97 68.89 -2.40
CA ASP L 101 -11.72 69.37 -2.96
C ASP L 101 -11.21 70.51 -2.09
N PRO L 102 -9.89 70.74 -2.06
CA PRO L 102 -9.39 71.89 -1.28
C PRO L 102 -9.84 73.23 -1.84
N VAL L 103 -9.89 73.36 -3.18
CA VAL L 103 -10.40 74.59 -3.78
C VAL L 103 -11.87 74.76 -3.46
N VAL L 104 -12.62 73.66 -3.36
CA VAL L 104 -14.02 73.75 -2.98
C VAL L 104 -14.15 74.37 -1.60
N SER L 105 -13.35 73.89 -0.65
CA SER L 105 -13.39 74.47 0.70
C SER L 105 -12.96 75.93 0.68
N ARG L 106 -11.89 76.24 -0.05
CA ARG L 106 -11.43 77.61 -0.14
C ARG L 106 -12.55 78.53 -0.61
N GLU L 107 -13.17 78.18 -1.73
CA GLU L 107 -14.22 79.05 -2.30
C GLU L 107 -15.44 79.10 -1.39
N PHE L 108 -15.85 77.97 -0.82
CA PHE L 108 -17.03 77.97 0.04
C PHE L 108 -16.83 78.91 1.23
N ARG L 109 -15.73 78.73 1.96
CA ARG L 109 -15.49 79.58 3.12
C ARG L 109 -15.25 81.03 2.71
N LEU L 110 -14.52 81.24 1.62
CA LEU L 110 -14.21 82.60 1.19
C LEU L 110 -15.47 83.36 0.82
N LEU L 111 -16.40 82.68 0.13
CA LEU L 111 -17.64 83.35 -0.25
C LEU L 111 -18.56 83.54 0.96
N GLU L 112 -18.66 82.54 1.83
CA GLU L 112 -19.46 82.73 3.03
C GLU L 112 -18.91 83.83 3.93
N GLY L 113 -17.63 84.15 3.80
CA GLY L 113 -17.07 85.30 4.49
C GLY L 113 -17.28 86.60 3.76
N ILE L 114 -17.16 86.57 2.43
CA ILE L 114 -17.30 87.78 1.62
C ILE L 114 -18.69 88.39 1.80
N ILE L 115 -19.72 87.55 1.77
CA ILE L 115 -21.09 88.05 1.90
C ILE L 115 -21.25 88.86 3.18
N GLU L 116 -20.50 88.52 4.23
CA GLU L 116 -20.50 89.27 5.49
C GLU L 116 -19.30 90.20 5.61
N GLN L 117 -18.18 89.87 4.99
CA GLN L 117 -16.96 90.67 5.09
C GLN L 117 -16.87 91.67 3.94
PB ADP Q . -50.96 -6.00 -43.99
O1B ADP Q . -50.03 -5.03 -44.70
O2B ADP Q . -52.02 -6.62 -44.87
O3B ADP Q . -50.35 -6.99 -43.01
PA ADP Q . -53.38 -4.69 -43.04
O1A ADP Q . -54.01 -4.21 -44.31
O2A ADP Q . -54.19 -5.46 -42.04
O3A ADP Q . -51.86 -4.93 -43.00
O5' ADP Q . -53.27 -3.06 -42.30
C5' ADP Q . -54.21 -2.68 -41.42
C4' ADP Q . -55.45 -2.36 -42.33
O4' ADP Q . -56.46 -1.79 -41.50
C3' ADP Q . -55.15 -1.28 -43.35
O3' ADP Q . -56.22 -1.28 -44.25
C2' ADP Q . -55.12 0.00 -42.48
O2' ADP Q . -55.47 1.15 -43.19
C1' ADP Q . -56.27 -0.40 -41.45
N9 ADP Q . -56.05 -0.08 -40.04
C8 ADP Q . -56.46 -0.76 -38.87
N7 ADP Q . -56.06 -0.16 -37.74
C5 ADP Q . -55.36 0.98 -38.18
C6 ADP Q . -54.70 2.02 -37.53
N6 ADP Q . -54.67 2.02 -36.14
N1 ADP Q . -54.08 3.03 -38.20
C2 ADP Q . -54.15 2.95 -39.57
N3 ADP Q . -54.75 2.03 -40.35
C4 ADP Q . -55.35 1.04 -39.61
H5'1 ADP Q . -53.91 -1.80 -40.82
H5'2 ADP Q . -54.52 -3.41 -40.63
H4' ADP Q . -55.85 -3.31 -42.76
H3' ADP Q . -54.18 -1.50 -43.85
HO3' ADP Q . -57.01 -1.15 -43.72
H2' ADP Q . -54.11 0.12 -42.06
HO2' ADP Q . -55.99 1.70 -42.59
H1' ADP Q . -57.20 0.20 -41.70
H8 ADP Q . -57.04 -1.69 -38.93
HN61 ADP Q . -53.95 1.54 -35.63
HN62 ADP Q . -55.41 2.51 -35.68
H2 ADP Q . -53.65 3.78 -40.08
PB ADP R . -24.46 -11.82 -45.99
O1B ADP R . -24.17 -10.74 -47.00
O2B ADP R . -25.35 -11.36 -44.86
O3B ADP R . -24.71 -13.19 -46.59
PA ADP R . -21.58 -12.45 -45.91
O1A ADP R . -20.56 -11.36 -45.97
O2A ADP R . -21.52 -13.60 -46.85
O3A ADP R . -22.93 -12.09 -45.23
O5' ADP R . -21.04 -13.39 -44.48
C5' ADP R . -19.73 -13.64 -44.31
C4' ADP R . -19.60 -15.14 -44.70
O4' ADP R . -18.23 -15.48 -44.71
C3' ADP R . -20.21 -16.06 -43.65
O3' ADP R . -20.34 -17.30 -44.25
C2' ADP R . -19.14 -16.05 -42.52
O2' ADP R . -19.08 -17.26 -41.83
C1' ADP R . -17.84 -15.85 -43.40
N9 ADP R . -16.89 -14.83 -42.96
C8 ADP R . -16.18 -13.87 -43.71
N7 ADP R . -15.39 -13.10 -42.93
C5 ADP R . -15.60 -13.58 -41.63
C6 ADP R . -15.09 -13.22 -40.38
N6 ADP R . -14.17 -12.18 -40.31
N1 ADP R . -15.46 -13.87 -39.24
C2 ADP R . -16.37 -14.88 -39.39
N3 ADP R . -16.95 -15.35 -40.51
C4 ADP R . -16.54 -14.67 -41.62
H5'1 ADP R . -19.36 -13.43 -43.28
H5'2 ADP R . -19.01 -13.05 -44.95
H4' ADP R . -19.99 -15.29 -45.73
H3' ADP R . -21.19 -15.63 -43.33
HO3' ADP R . -20.76 -17.16 -45.09
H2' ADP R . -19.39 -15.24 -41.80
HO2' ADP R . -18.64 -17.08 -40.99
H1' ADP R . -17.23 -16.79 -43.37
H8 ADP R . -16.28 -13.79 -44.79
HN61 ADP R . -13.85 -11.83 -39.42
HN62 ADP R . -13.85 -11.81 -41.18
H2 ADP R . -16.65 -15.37 -38.44
PB ADP S . 48.14 -10.20 45.98
O1B ADP S . 47.60 -8.82 46.27
O2B ADP S . 48.89 -10.85 47.13
O3B ADP S . 47.27 -11.16 45.20
PA ADP S . 50.91 -10.19 45.00
O1A ADP S . 51.66 -9.78 46.22
O2A ADP S . 51.35 -11.38 44.20
O3A ADP S . 49.42 -9.81 44.87
O5' ADP S . 51.46 -8.80 44.00
C5' ADP S . 52.43 -8.97 43.09
C4' ADP S . 53.74 -8.62 43.87
O4' ADP S . 54.82 -8.57 42.92
C3' ADP S . 53.70 -7.22 44.49
O3' ADP S . 54.75 -7.15 45.38
C2' ADP S . 53.93 -6.34 43.24
O2' ADP S . 54.40 -5.06 43.55
C1' ADP S . 55.08 -7.22 42.58
N9 ADP S . 55.21 -7.20 41.11
C8 ADP S . 55.80 -8.14 40.26
N7 ADP S . 55.73 -7.77 38.96
C5 ADP S . 55.08 -6.54 38.98
C6 ADP S . 54.71 -5.63 37.98
N6 ADP S . 55.01 -5.93 36.65
N1 ADP S . 54.07 -4.47 38.26
C2 ADP S . 53.82 -4.23 39.59
N3 ADP S . 54.11 -4.99 40.67
C4 ADP S . 54.75 -6.15 40.31
H5'1 ADP S . 52.30 -8.34 42.18
H5'2 ADP S . 52.54 -10.00 42.66
H4' ADP S . 53.97 -9.43 44.60
H3' ADP S . 52.71 -7.06 44.97
HO3' ADP S . 54.46 -7.56 46.18
H2' ADP S . 52.98 -6.26 42.67
HO2' ADP S . 54.51 -5.03 44.51
H1' ADP S . 56.07 -6.84 42.95
H8 ADP S . 56.24 -9.07 40.63
HN61 ADP S . 54.29 -5.97 35.96
HN62 ADP S . 55.97 -6.11 36.44
H2 ADP S . 53.30 -3.28 39.78
PB ADP T . 21.18 -7.02 48.80
O1B ADP T . 20.63 -5.90 49.66
O2B ADP T . 22.15 -6.56 47.74
O3B ADP T . 21.52 -8.29 49.57
PA ADP T . 18.41 -7.96 48.49
O1A ADP T . 17.53 -6.82 48.91
O2A ADP T . 18.25 -9.30 49.11
O3A ADP T . 19.78 -7.56 47.91
O5' ADP T . 17.70 -8.42 46.91
C5' ADP T . 16.37 -8.22 46.70
C4' ADP T . 15.71 -9.55 47.20
O4' ADP T . 14.30 -9.39 47.14
C3' ADP T . 15.98 -10.73 46.26
O3' ADP T . 15.69 -11.88 46.98
C2' ADP T . 15.00 -10.48 45.08
O2' ADP T . 14.57 -11.68 44.49
C1' ADP T . 13.80 -9.80 45.88
N9 ADP T . 13.19 -8.62 45.28
C8 ADP T . 12.81 -7.41 45.85
N7 ADP T . 12.26 -6.56 44.96
C5 ADP T . 12.29 -7.27 43.75
C6 ADP T . 11.87 -6.94 42.44
N6 ADP T . 11.30 -5.70 42.21
N1 ADP T . 12.01 -7.83 41.42
C2 ADP T . 12.57 -9.04 41.74
N3 ADP T . 13.03 -9.49 42.92
C4 ADP T . 12.86 -8.55 43.92
H5'1 ADP T . 16.11 -7.99 45.65
H5'2 ADP T . 15.89 -7.37 47.27
H4' ADP T . 15.98 -9.74 48.26
H3' ADP T . 17.06 -10.68 45.94
HO3' ADP T . 16.45 -12.45 46.90
H2' ADP T . 15.50 -9.86 44.32
HO2' ADP T . 14.18 -11.45 43.65
H1' ADP T . 12.96 -10.53 45.94
H8 ADP T . 12.96 -7.20 46.91
HN61 ADP T . 11.61 -5.12 41.46
HN62 ADP T . 10.56 -5.42 42.83
H2 ADP T . 12.66 -9.72 40.87
#